data_8OMV
#
_entry.id   8OMV
#
_cell.length_a   226.293
_cell.length_b   136.802
_cell.length_c   204.358
_cell.angle_alpha   90.00
_cell.angle_beta   91.45
_cell.angle_gamma   90.00
#
_symmetry.space_group_name_H-M   'C 1 2 1'
#
_entity_poly.entity_id   1
_entity_poly.type   'polypeptide(L)'
_entity_poly.pdbx_seq_one_letter_code
;GHMSWSPSLTTQTCGAWEMKERLGTGGFGNVIRWHNQETGEQIAIKQCRQELSPRNRERWCLEIQIMRRLTHPNVVAARD
VPEGMQNLAPNDLPLLAMEYCQGGDLRKYLNQFENCCGLREGAILTLLSDIASALRYLHENRIIHRDLKPENIVLQQGEQ
RLIHKIIDLGYAKELDQGELCTEFVGTLQYLAPELLEQQKYTVTVDYWSFGTLAFECITGFRPFLPNWQPVQWHSKVRQK
SEVDIVVSEDLNGTVKFSSSLPYPNNLNSVLAERLEKWLQLMLMWHPRQRGTDPTYGPNGCFKALDDILNLKLVHILNMV
TGTIHTYPVTEDESLQSLKARIQQDTGIPEEDQELLQEAGLALIPDKPATQCISDGKLNEGHTLDMDLVFLFDNSKITYE
TQISPRPQPESVSCILQEPKRNLAFFQLRKVWGQVWHSIQTLKEDCNRLQQGQRAAMMNLLRNNSCLSKMKNSMASMSQQ
LKAKLDFFKTSIQIDLEKYSEQTEFGITSDKLLLAWREMEQAVELCGRENEVKLLVERMMALQTDIVDLQRSPMGRKQGG
TLDDLEEQARELYRRLREKPRDQRTEGDSQEMVRLLLQAIQSFEKKVRVIYTQLSKTVVCKQKALELLPKVEEVVSLMNE
DEKTVVRLQEKRQKELWNLLKIACSKVRGPV
;
_entity_poly.pdbx_strand_id   A,B,C,D,E
#
# COMPACT_ATOMS: atom_id res chain seq x y z
N THR A 10 70.56 -29.86 35.42
CA THR A 10 70.78 -28.48 35.04
C THR A 10 69.95 -27.52 35.90
N THR A 11 70.07 -27.67 37.21
CA THR A 11 69.41 -26.80 38.19
C THR A 11 67.90 -26.78 37.99
N GLN A 12 67.29 -27.95 38.20
CA GLN A 12 65.85 -28.09 38.07
C GLN A 12 65.11 -27.80 39.38
N THR A 13 65.61 -28.33 40.50
CA THR A 13 65.00 -28.10 41.80
C THR A 13 66.06 -28.26 42.87
N CYS A 14 65.83 -27.62 44.03
CA CYS A 14 66.76 -27.79 45.15
C CYS A 14 66.01 -27.68 46.47
N GLY A 15 65.42 -28.80 46.90
CA GLY A 15 64.75 -28.89 48.18
C GLY A 15 63.26 -29.12 48.07
N ALA A 16 62.48 -28.24 48.68
CA ALA A 16 61.03 -28.26 48.57
C ALA A 16 60.51 -27.27 47.54
N TRP A 17 61.20 -26.14 47.36
CA TRP A 17 60.79 -25.14 46.39
C TRP A 17 61.22 -25.58 45.00
N GLU A 18 60.26 -25.83 44.12
CA GLU A 18 60.52 -26.21 42.74
C GLU A 18 60.10 -25.11 41.80
N MET A 19 60.93 -24.84 40.80
CA MET A 19 60.59 -23.84 39.80
C MET A 19 59.50 -24.37 38.88
N LYS A 20 58.56 -23.51 38.50
CA LYS A 20 57.49 -23.89 37.59
C LYS A 20 57.55 -23.14 36.26
N GLU A 21 57.51 -21.81 36.29
CA GLU A 21 57.45 -21.04 35.05
C GLU A 21 57.82 -19.59 35.36
N ARG A 22 57.73 -18.75 34.33
CA ARG A 22 58.12 -17.35 34.43
C ARG A 22 57.17 -16.58 35.34
N GLY A 29 61.25 -13.34 31.03
CA GLY A 29 61.77 -14.23 32.04
C GLY A 29 62.50 -13.51 33.16
N ASN A 30 61.89 -12.43 33.66
CA ASN A 30 62.49 -11.66 34.73
C ASN A 30 62.25 -12.31 36.09
N VAL A 31 60.98 -12.59 36.40
CA VAL A 31 60.60 -13.17 37.69
C VAL A 31 60.23 -14.63 37.46
N ILE A 32 60.53 -15.47 38.44
CA ILE A 32 60.30 -16.91 38.32
C ILE A 32 59.53 -17.38 39.55
N ARG A 33 58.55 -18.26 39.32
CA ARG A 33 57.70 -18.75 40.39
C ARG A 33 58.28 -20.03 40.96
N TRP A 34 58.23 -20.15 42.29
CA TRP A 34 58.77 -21.30 43.02
C TRP A 34 57.67 -21.80 43.93
N HIS A 35 57.26 -23.06 43.76
CA HIS A 35 56.17 -23.63 44.53
C HIS A 35 56.74 -24.62 45.53
N ASN A 36 56.27 -24.54 46.78
CA ASN A 36 56.71 -25.43 47.84
C ASN A 36 55.84 -26.67 47.87
N GLN A 37 56.48 -27.84 47.98
CA GLN A 37 55.78 -29.11 47.95
C GLN A 37 55.29 -29.54 49.34
N GLU A 38 55.47 -28.70 50.34
CA GLU A 38 54.96 -28.94 51.68
C GLU A 38 54.03 -27.85 52.18
N THR A 39 54.36 -26.58 51.92
CA THR A 39 53.48 -25.48 52.32
C THR A 39 52.45 -25.14 51.26
N GLY A 40 52.84 -25.15 49.99
CA GLY A 40 51.93 -24.86 48.91
C GLY A 40 51.90 -23.37 48.63
N GLU A 41 53.05 -22.72 48.77
CA GLU A 41 53.18 -21.28 48.58
C GLU A 41 54.02 -20.99 47.34
N GLN A 42 53.44 -20.26 46.40
CA GLN A 42 54.12 -19.87 45.15
C GLN A 42 54.79 -18.52 45.36
N ILE A 43 56.07 -18.53 45.67
CA ILE A 43 56.85 -17.32 45.90
C ILE A 43 57.51 -16.91 44.59
N ALA A 44 57.44 -15.63 44.25
CA ALA A 44 58.01 -15.14 42.99
C ALA A 44 59.36 -14.50 43.27
N ILE A 45 60.43 -15.11 42.80
CA ILE A 45 61.78 -14.62 43.02
C ILE A 45 62.20 -13.80 41.82
N LYS A 46 62.69 -12.58 42.07
CA LYS A 46 63.24 -11.76 40.99
C LYS A 46 64.74 -12.01 40.92
N GLN A 47 65.17 -12.71 39.87
CA GLN A 47 66.57 -13.06 39.71
C GLN A 47 67.34 -11.97 38.97
N CYS A 48 68.60 -11.78 39.36
CA CYS A 48 69.48 -10.84 38.68
C CYS A 48 70.45 -11.58 37.77
N ARG A 49 70.66 -11.03 36.57
CA ARG A 49 71.63 -11.57 35.62
C ARG A 49 73.04 -11.13 36.03
N GLN A 50 74.04 -11.66 35.31
CA GLN A 50 75.45 -11.51 35.68
C GLN A 50 76.13 -10.28 35.08
N GLU A 51 75.80 -9.90 33.84
CA GLU A 51 76.45 -8.73 33.23
C GLU A 51 75.63 -7.49 33.54
N LEU A 52 76.01 -6.79 34.60
CA LEU A 52 75.38 -5.55 35.05
C LEU A 52 76.46 -4.48 35.22
N SER A 53 76.08 -3.22 34.98
CA SER A 53 77.04 -2.15 35.25
C SER A 53 77.02 -1.80 36.75
N PRO A 54 78.18 -1.40 37.29
CA PRO A 54 78.28 -1.17 38.75
C PRO A 54 77.25 -0.20 39.33
N ARG A 55 77.02 0.94 38.69
CA ARG A 55 76.04 1.90 39.18
C ARG A 55 74.66 1.25 39.22
N ASN A 56 74.35 0.47 38.20
CA ASN A 56 73.10 -0.29 38.21
C ASN A 56 73.11 -1.32 39.33
N ARG A 57 74.29 -1.84 39.70
CA ARG A 57 74.34 -2.80 40.80
C ARG A 57 74.00 -2.15 42.13
N GLU A 58 74.55 -0.97 42.40
CA GLU A 58 74.21 -0.28 43.64
C GLU A 58 72.73 0.08 43.64
N ARG A 59 72.20 0.51 42.48
CA ARG A 59 70.79 0.85 42.43
C ARG A 59 69.87 -0.36 42.59
N TRP A 60 70.27 -1.54 42.08
CA TRP A 60 69.43 -2.71 42.31
C TRP A 60 69.45 -3.15 43.77
N CYS A 61 70.60 -3.05 44.45
CA CYS A 61 70.58 -3.32 45.89
C CYS A 61 69.67 -2.34 46.62
N LEU A 62 69.73 -1.05 46.22
CA LEU A 62 68.87 -0.05 46.85
C LEU A 62 67.40 -0.36 46.61
N GLU A 63 67.03 -0.74 45.38
CA GLU A 63 65.64 -1.07 45.12
C GLU A 63 65.20 -2.31 45.88
N ILE A 64 66.10 -3.29 46.05
CA ILE A 64 65.77 -4.46 46.85
C ILE A 64 65.38 -4.04 48.27
N GLN A 65 66.19 -3.16 48.87
CA GLN A 65 65.87 -2.74 50.24
C GLN A 65 64.59 -1.91 50.29
N ILE A 66 64.39 -1.03 49.30
CA ILE A 66 63.21 -0.17 49.30
C ILE A 66 61.95 -1.00 49.11
N MET A 67 62.01 -2.04 48.26
CA MET A 67 60.86 -2.91 48.13
C MET A 67 60.65 -3.71 49.40
N ARG A 68 61.74 -4.03 50.10
CA ARG A 68 61.62 -4.78 51.35
C ARG A 68 60.91 -3.96 52.44
N ARG A 69 61.00 -2.63 52.38
CA ARG A 69 60.33 -1.87 53.45
C ARG A 69 58.82 -1.70 53.17
N LEU A 70 58.44 -1.44 51.92
CA LEU A 70 57.05 -1.13 51.60
C LEU A 70 56.15 -2.37 51.72
N THR A 71 55.04 -2.22 52.46
CA THR A 71 54.09 -3.31 52.68
C THR A 71 52.64 -2.83 52.60
N HIS A 72 52.32 -2.00 51.60
CA HIS A 72 50.96 -1.51 51.47
C HIS A 72 50.04 -2.61 50.94
N PRO A 73 48.80 -2.69 51.44
CA PRO A 73 47.92 -3.80 51.01
C PRO A 73 47.52 -3.76 49.54
N ASN A 74 47.39 -2.59 48.93
CA ASN A 74 46.96 -2.50 47.54
C ASN A 74 48.11 -2.63 46.56
N VAL A 75 49.29 -3.01 47.02
CA VAL A 75 50.43 -3.31 46.16
C VAL A 75 51.02 -4.62 46.68
N VAL A 76 51.69 -5.35 45.78
CA VAL A 76 52.31 -6.61 46.17
C VAL A 76 53.31 -6.38 47.29
N ALA A 77 53.34 -7.32 48.24
CA ALA A 77 54.18 -7.20 49.43
C ALA A 77 55.37 -8.14 49.33
N ALA A 78 56.45 -7.75 50.01
CA ALA A 78 57.69 -8.53 50.05
C ALA A 78 57.63 -9.56 51.16
N ARG A 79 57.98 -10.81 50.82
CA ARG A 79 58.04 -11.88 51.80
C ARG A 79 59.48 -12.33 51.95
N ASP A 80 59.77 -12.97 53.08
CA ASP A 80 61.14 -13.34 53.41
C ASP A 80 61.66 -14.43 52.47
N VAL A 81 62.92 -14.31 52.10
CA VAL A 81 63.56 -15.38 51.33
C VAL A 81 63.79 -16.58 52.24
N PRO A 82 63.44 -17.80 51.82
CA PRO A 82 63.60 -18.95 52.70
C PRO A 82 65.07 -19.23 53.00
N GLU A 83 65.31 -19.82 54.17
CA GLU A 83 66.65 -20.16 54.61
C GLU A 83 67.23 -21.29 53.76
N GLY A 84 68.44 -21.08 53.25
CA GLY A 84 69.10 -22.03 52.39
C GLY A 84 69.00 -21.74 50.91
N MET A 85 68.66 -20.50 50.53
CA MET A 85 68.59 -20.07 49.14
C MET A 85 69.79 -19.26 48.69
N GLN A 86 70.69 -18.88 49.61
CA GLN A 86 71.87 -18.13 49.20
C GLN A 86 72.82 -18.98 48.36
N ASN A 87 72.78 -20.30 48.51
CA ASN A 87 73.66 -21.17 47.72
C ASN A 87 73.28 -21.15 46.25
N LEU A 88 71.99 -21.16 45.93
CA LEU A 88 71.52 -21.18 44.54
C LEU A 88 71.27 -19.77 44.02
N ALA A 89 72.34 -19.01 43.90
CA ALA A 89 72.27 -17.63 43.42
C ALA A 89 73.19 -17.45 42.23
N PRO A 90 72.68 -17.00 41.08
CA PRO A 90 73.57 -16.73 39.93
C PRO A 90 74.42 -15.49 40.13
N ASN A 91 73.93 -14.50 40.86
CA ASN A 91 74.67 -13.28 41.16
C ASN A 91 75.16 -13.33 42.61
N ASP A 92 76.24 -12.59 42.88
CA ASP A 92 76.88 -12.67 44.19
C ASP A 92 76.15 -11.86 45.26
N LEU A 93 75.00 -11.29 44.94
CA LEU A 93 74.19 -10.51 45.86
C LEU A 93 72.81 -11.15 46.03
N PRO A 94 72.21 -11.08 47.22
CA PRO A 94 70.97 -11.82 47.46
C PRO A 94 69.79 -11.24 46.69
N LEU A 95 69.04 -12.13 46.05
CA LEU A 95 67.82 -11.80 45.32
C LEU A 95 66.61 -11.82 46.25
N LEU A 96 65.57 -11.08 45.87
CA LEU A 96 64.41 -10.88 46.71
C LEU A 96 63.15 -11.52 46.15
N ALA A 97 62.29 -11.93 47.08
CA ALA A 97 61.05 -12.64 46.85
C ALA A 97 59.86 -11.69 46.84
N MET A 98 58.75 -12.17 46.26
CA MET A 98 57.52 -11.40 46.12
C MET A 98 56.35 -12.36 46.18
N GLU A 99 55.15 -11.80 46.14
CA GLU A 99 53.91 -12.56 46.27
C GLU A 99 53.28 -12.78 44.90
N TYR A 100 52.84 -14.01 44.66
CA TYR A 100 52.19 -14.38 43.41
C TYR A 100 50.69 -14.17 43.51
N CYS A 101 50.11 -13.56 42.48
CA CYS A 101 48.68 -13.28 42.42
C CYS A 101 48.04 -14.19 41.38
N GLN A 102 47.02 -14.93 41.79
CA GLN A 102 46.38 -15.89 40.89
C GLN A 102 45.50 -15.22 39.84
N GLY A 103 45.08 -13.98 40.05
CA GLY A 103 44.17 -13.31 39.15
C GLY A 103 44.69 -13.11 37.75
N GLY A 104 45.76 -12.33 37.61
CA GLY A 104 46.36 -12.02 36.34
C GLY A 104 46.30 -10.54 36.02
N ASP A 105 47.02 -10.18 34.96
CA ASP A 105 47.14 -8.78 34.57
C ASP A 105 45.82 -8.21 34.08
N LEU A 106 45.71 -6.87 34.16
CA LEU A 106 44.54 -6.17 33.68
C LEU A 106 44.42 -6.21 32.16
N ARG A 107 45.54 -6.46 31.46
CA ARG A 107 45.52 -6.46 30.00
C ARG A 107 44.59 -7.54 29.46
N LYS A 108 44.61 -8.74 30.05
CA LYS A 108 43.72 -9.80 29.59
C LYS A 108 42.26 -9.43 29.83
N TYR A 109 41.97 -8.77 30.96
CA TYR A 109 40.61 -8.32 31.21
C TYR A 109 40.18 -7.29 30.18
N LEU A 110 41.10 -6.42 29.77
CA LEU A 110 40.78 -5.40 28.77
C LEU A 110 40.60 -6.01 27.39
N ASN A 111 41.30 -7.10 27.09
CA ASN A 111 41.25 -7.74 25.78
C ASN A 111 40.14 -8.78 25.66
N GLN A 112 39.29 -8.91 26.67
CA GLN A 112 38.19 -9.86 26.60
C GLN A 112 37.14 -9.39 25.59
N PHE A 113 36.41 -10.36 25.03
CA PHE A 113 35.40 -10.06 24.03
C PHE A 113 34.18 -9.36 24.61
N GLU A 114 34.02 -9.35 25.93
CA GLU A 114 32.90 -8.68 26.57
C GLU A 114 33.23 -7.27 27.04
N ASN A 115 34.50 -6.99 27.34
CA ASN A 115 34.94 -5.66 27.75
C ASN A 115 35.70 -4.94 26.64
N CYS A 116 35.32 -5.18 25.39
CA CYS A 116 36.00 -4.53 24.27
C CYS A 116 35.73 -3.02 24.26
N CYS A 117 34.59 -2.60 24.79
CA CYS A 117 34.20 -1.19 24.86
C CYS A 117 34.30 -0.65 26.28
N GLY A 118 35.33 -1.06 27.00
CA GLY A 118 35.53 -0.64 28.37
C GLY A 118 34.96 -1.62 29.38
N LEU A 119 35.33 -1.41 30.63
CA LEU A 119 34.90 -2.27 31.73
C LEU A 119 33.52 -1.82 32.24
N ARG A 120 32.94 -2.66 33.10
CA ARG A 120 31.69 -2.29 33.74
C ARG A 120 31.92 -1.18 34.77
N GLU A 121 30.82 -0.54 35.18
CA GLU A 121 30.92 0.59 36.08
C GLU A 121 31.58 0.21 37.40
N GLY A 122 31.15 -0.91 38.00
CA GLY A 122 31.73 -1.32 39.26
C GLY A 122 33.22 -1.62 39.14
N ALA A 123 33.63 -2.22 38.02
CA ALA A 123 35.04 -2.53 37.82
C ALA A 123 35.88 -1.25 37.78
N ILE A 124 35.41 -0.23 37.07
CA ILE A 124 36.14 1.03 37.00
C ILE A 124 36.18 1.72 38.36
N LEU A 125 35.06 1.71 39.08
CA LEU A 125 35.03 2.31 40.42
C LEU A 125 36.03 1.63 41.35
N THR A 126 36.04 0.28 41.34
CA THR A 126 36.97 -0.45 42.19
C THR A 126 38.41 -0.20 41.77
N LEU A 127 38.69 -0.13 40.46
CA LEU A 127 40.04 0.16 40.00
C LEU A 127 40.51 1.51 40.50
N LEU A 128 39.66 2.54 40.38
CA LEU A 128 40.04 3.87 40.85
C LEU A 128 40.27 3.87 42.35
N SER A 129 39.33 3.28 43.12
CA SER A 129 39.44 3.30 44.57
C SER A 129 40.63 2.49 45.07
N ASP A 130 41.07 1.51 44.31
CA ASP A 130 42.20 0.68 44.72
C ASP A 130 43.54 1.23 44.25
N ILE A 131 43.57 1.98 43.16
CA ILE A 131 44.81 2.54 42.66
C ILE A 131 45.13 3.88 43.33
N ALA A 132 44.13 4.72 43.57
CA ALA A 132 44.40 6.03 44.16
C ALA A 132 44.92 5.92 45.59
N SER A 133 44.32 5.03 46.39
CA SER A 133 44.71 4.90 47.79
C SER A 133 46.11 4.30 47.94
N ALA A 134 46.60 3.60 46.93
CA ALA A 134 47.96 3.09 46.95
C ALA A 134 48.96 4.10 46.37
N LEU A 135 48.55 4.82 45.32
CA LEU A 135 49.43 5.82 44.74
C LEU A 135 49.66 6.99 45.69
N ARG A 136 48.67 7.32 46.53
CA ARG A 136 48.88 8.37 47.51
C ARG A 136 49.96 7.97 48.52
N TYR A 137 49.92 6.72 48.99
CA TYR A 137 50.94 6.25 49.92
C TYR A 137 52.30 6.13 49.24
N LEU A 138 52.32 5.76 47.96
CA LEU A 138 53.58 5.73 47.24
C LEU A 138 54.18 7.13 47.14
N HIS A 139 53.35 8.13 46.86
CA HIS A 139 53.83 9.51 46.79
C HIS A 139 54.17 10.07 48.16
N GLU A 140 53.62 9.49 49.24
CA GLU A 140 53.92 9.98 50.57
C GLU A 140 55.35 9.65 50.99
N ASN A 141 55.86 8.49 50.57
CA ASN A 141 57.20 8.05 50.93
C ASN A 141 58.26 8.52 49.94
N ARG A 142 57.94 9.53 49.12
CA ARG A 142 58.89 10.08 48.14
C ARG A 142 59.39 9.01 47.18
N ILE A 143 58.50 8.10 46.80
CA ILE A 143 58.81 7.03 45.86
C ILE A 143 57.86 7.16 44.68
N ILE A 144 58.43 7.21 43.47
CA ILE A 144 57.66 7.37 42.25
C ILE A 144 57.89 6.14 41.37
N HIS A 145 56.80 5.57 40.88
CA HIS A 145 56.90 4.37 40.04
C HIS A 145 57.47 4.71 38.66
N ARG A 146 57.10 5.87 38.12
CA ARG A 146 57.63 6.42 36.87
C ARG A 146 57.15 5.62 35.67
N ASP A 147 56.55 4.46 35.91
CA ASP A 147 56.03 3.62 34.84
C ASP A 147 54.80 2.89 35.36
N LEU A 148 53.74 2.88 34.57
CA LEU A 148 52.51 2.20 34.97
C LEU A 148 51.76 1.77 33.73
N LYS A 149 51.48 0.48 33.62
CA LYS A 149 50.78 -0.10 32.50
C LYS A 149 49.82 -1.16 33.03
N PRO A 150 48.83 -1.57 32.22
CA PRO A 150 47.93 -2.64 32.68
C PRO A 150 48.63 -3.95 32.96
N GLU A 151 49.83 -4.15 32.44
CA GLU A 151 50.56 -5.40 32.71
C GLU A 151 51.05 -5.44 34.15
N ASN A 152 51.30 -4.28 34.76
CA ASN A 152 51.74 -4.25 36.16
C ASN A 152 50.60 -4.41 37.14
N ILE A 153 49.36 -4.21 36.71
CA ILE A 153 48.20 -4.25 37.59
C ILE A 153 47.56 -5.63 37.48
N VAL A 154 47.54 -6.35 38.60
CA VAL A 154 46.95 -7.68 38.68
C VAL A 154 45.69 -7.60 39.55
N LEU A 155 44.70 -8.41 39.19
CA LEU A 155 43.42 -8.43 39.90
C LEU A 155 43.42 -9.62 40.86
N GLN A 156 44.00 -9.39 42.05
CA GLN A 156 44.05 -10.43 43.06
C GLN A 156 42.68 -10.63 43.69
N GLN A 157 42.27 -11.88 43.82
CA GLN A 157 40.96 -12.21 44.38
C GLN A 157 40.98 -11.93 45.88
N GLY A 158 40.27 -10.89 46.30
CA GLY A 158 40.22 -10.49 47.69
C GLY A 158 39.18 -11.26 48.48
N GLU A 159 38.98 -10.81 49.72
CA GLU A 159 38.04 -11.47 50.62
C GLU A 159 36.60 -11.27 50.15
N GLN A 160 36.26 -10.05 49.73
CA GLN A 160 34.92 -9.72 49.28
C GLN A 160 34.89 -9.29 47.82
N ARG A 161 35.78 -8.39 47.43
CA ARG A 161 35.87 -7.89 46.07
C ARG A 161 37.31 -8.03 45.57
N LEU A 162 37.48 -7.91 44.26
CA LEU A 162 38.80 -8.03 43.68
C LEU A 162 39.64 -6.79 43.98
N ILE A 163 40.89 -7.01 44.37
CA ILE A 163 41.81 -5.94 44.74
C ILE A 163 42.86 -5.80 43.64
N HIS A 164 43.08 -4.57 43.19
CA HIS A 164 44.07 -4.29 42.16
C HIS A 164 45.42 -4.05 42.83
N LYS A 165 46.34 -5.00 42.67
CA LYS A 165 47.69 -4.89 43.20
C LYS A 165 48.67 -4.65 42.05
N ILE A 166 49.87 -4.23 42.41
CA ILE A 166 50.90 -3.91 41.43
C ILE A 166 52.14 -4.75 41.76
N ILE A 167 52.52 -5.63 40.85
CA ILE A 167 53.72 -6.44 41.02
C ILE A 167 54.82 -5.94 40.09
N TYR A 171 61.58 0.51 37.04
CA TYR A 171 62.31 1.77 37.15
C TYR A 171 61.72 2.62 38.26
N ALA A 172 62.59 3.27 39.04
CA ALA A 172 62.15 4.23 40.06
C ALA A 172 63.34 4.98 40.63
N LYS A 173 63.23 6.31 40.71
CA LYS A 173 64.17 7.15 41.43
C LYS A 173 63.51 7.66 42.72
N GLU A 174 64.26 7.66 43.82
CA GLU A 174 63.76 8.21 45.07
C GLU A 174 64.21 9.66 45.21
N LEU A 175 63.28 10.51 45.66
CA LEU A 175 63.56 11.93 45.82
C LEU A 175 63.80 12.29 47.28
N GLY A 186 53.17 2.00 21.72
CA GLY A 186 52.96 0.70 22.33
C GLY A 186 53.35 0.63 23.79
N THR A 187 54.33 1.46 24.17
CA THR A 187 54.85 1.50 25.53
C THR A 187 55.07 2.95 25.97
N LEU A 188 54.29 3.86 25.40
CA LEU A 188 54.39 5.29 25.68
C LEU A 188 53.03 5.93 25.89
N GLN A 189 51.94 5.24 25.56
CA GLN A 189 50.61 5.75 25.89
C GLN A 189 50.39 5.78 27.39
N TYR A 190 50.87 4.75 28.09
CA TYR A 190 50.78 4.66 29.53
C TYR A 190 51.98 5.29 30.21
N LEU A 191 52.79 6.01 29.44
CA LEU A 191 53.91 6.79 29.93
C LEU A 191 53.57 8.26 29.69
N ALA A 192 53.87 9.11 30.65
CA ALA A 192 53.55 10.51 30.47
C ALA A 192 54.56 11.21 29.57
N PRO A 193 54.14 12.29 28.90
CA PRO A 193 55.07 12.99 28.01
C PRO A 193 56.30 13.52 28.70
N GLU A 194 56.23 13.84 29.99
CA GLU A 194 57.41 14.40 30.65
C GLU A 194 58.54 13.38 30.73
N LEU A 195 58.23 12.08 30.74
CA LEU A 195 59.28 11.07 30.73
C LEU A 195 59.67 10.61 29.34
N LEU A 196 58.75 10.59 28.37
CA LEU A 196 59.07 10.02 27.07
C LEU A 196 59.80 11.00 26.16
N GLU A 197 59.66 12.31 26.37
CA GLU A 197 60.45 13.28 25.63
C GLU A 197 61.84 13.46 26.23
N GLN A 198 62.26 12.49 27.05
CA GLN A 198 63.55 12.53 27.76
C GLN A 198 63.71 13.85 28.51
N GLN A 199 62.64 14.27 29.18
CA GLN A 199 62.59 15.46 30.01
C GLN A 199 62.53 15.06 31.48
N LYS A 200 62.87 16.01 32.35
CA LYS A 200 62.80 15.78 33.80
C LYS A 200 61.33 15.74 34.23
N TYR A 201 60.87 14.58 34.69
CA TYR A 201 59.47 14.35 35.05
C TYR A 201 59.30 14.39 36.57
N THR A 202 58.24 15.06 37.01
CA THR A 202 57.84 15.06 38.41
C THR A 202 56.81 13.95 38.65
N VAL A 203 56.14 13.99 39.80
CA VAL A 203 55.17 12.93 40.12
C VAL A 203 54.01 12.94 39.14
N THR A 204 53.80 14.04 38.42
CA THR A 204 52.71 14.11 37.45
C THR A 204 52.89 13.06 36.36
N VAL A 205 54.11 12.55 36.18
CA VAL A 205 54.35 11.49 35.20
C VAL A 205 53.51 10.27 35.52
N ASP A 206 53.24 10.03 36.81
CA ASP A 206 52.29 8.98 37.18
C ASP A 206 50.87 9.40 36.87
N TYR A 207 50.52 10.66 37.21
CA TYR A 207 49.15 11.13 37.05
C TYR A 207 48.68 10.98 35.61
N TRP A 208 49.44 11.50 34.66
CA TRP A 208 49.13 11.30 33.25
C TRP A 208 49.05 9.82 32.92
N SER A 209 50.03 9.04 33.40
CA SER A 209 50.01 7.60 33.14
C SER A 209 48.76 6.95 33.69
N PHE A 210 48.16 7.53 34.73
CA PHE A 210 46.87 7.05 35.20
C PHE A 210 45.75 7.50 34.28
N GLY A 211 45.76 8.78 33.90
CA GLY A 211 44.66 9.34 33.12
C GLY A 211 44.43 8.59 31.82
N THR A 212 45.51 8.30 31.10
CA THR A 212 45.38 7.48 29.89
C THR A 212 44.80 6.11 30.21
N LEU A 213 45.33 5.46 31.25
CA LEU A 213 44.89 4.12 31.60
C LEU A 213 43.38 4.06 31.80
N ALA A 214 42.85 4.93 32.67
CA ALA A 214 41.42 4.97 32.92
C ALA A 214 40.62 5.12 31.65
N PHE A 215 41.15 5.86 30.66
CA PHE A 215 40.43 6.04 29.41
C PHE A 215 40.17 4.69 28.74
N GLU A 216 41.20 3.86 28.62
CA GLU A 216 40.98 2.56 28.00
C GLU A 216 40.12 1.66 28.87
N CYS A 217 39.96 2.00 30.15
CA CYS A 217 39.07 1.25 31.03
C CYS A 217 37.62 1.66 30.85
N ILE A 218 37.34 2.76 30.15
CA ILE A 218 35.99 3.28 29.98
C ILE A 218 35.52 3.13 28.54
N THR A 219 36.35 3.55 27.59
CA THR A 219 35.98 3.52 26.18
C THR A 219 36.44 2.24 25.47
N GLY A 220 37.64 1.75 25.79
CA GLY A 220 38.17 0.53 25.21
C GLY A 220 39.40 0.72 24.36
N PHE A 221 39.65 1.92 23.84
CA PHE A 221 40.81 2.18 23.00
C PHE A 221 41.72 3.20 23.68
N ARG A 222 42.96 3.25 23.20
CA ARG A 222 43.92 4.18 23.78
C ARG A 222 43.49 5.62 23.53
N PRO A 223 43.66 6.52 24.50
CA PRO A 223 43.16 7.89 24.33
C PRO A 223 43.94 8.70 23.31
N PHE A 224 45.26 8.61 23.33
CA PHE A 224 46.13 9.48 22.55
C PHE A 224 46.72 8.74 21.35
N LEU A 225 46.21 9.08 20.17
CA LEU A 225 46.76 8.70 18.87
C LEU A 225 46.83 7.21 18.58
N PRO A 226 45.70 6.58 18.26
CA PRO A 226 45.70 5.14 17.97
C PRO A 226 46.53 4.82 16.72
N ASN A 227 47.50 3.93 16.88
CA ASN A 227 48.39 3.48 15.80
C ASN A 227 49.23 4.63 15.22
N TRP A 228 49.66 5.55 16.08
CA TRP A 228 50.55 6.63 15.66
C TRP A 228 51.97 6.41 16.19
N GLN A 229 52.95 6.78 15.37
CA GLN A 229 54.35 6.67 15.76
C GLN A 229 54.66 7.66 16.88
N PRO A 230 55.62 7.33 17.75
CA PRO A 230 55.96 8.26 18.84
C PRO A 230 56.60 9.56 18.37
N VAL A 231 57.12 9.59 17.14
CA VAL A 231 57.80 10.79 16.64
C VAL A 231 56.83 11.96 16.55
N GLN A 232 55.76 11.78 15.79
CA GLN A 232 54.71 12.78 15.65
C GLN A 232 53.78 12.86 16.84
N TRP A 233 53.86 11.90 17.76
CA TRP A 233 52.98 11.89 18.93
C TRP A 233 53.24 13.11 19.81
N HIS A 234 54.51 13.49 19.98
CA HIS A 234 54.83 14.64 20.82
C HIS A 234 54.25 15.92 20.23
N SER A 235 54.34 16.07 18.90
CA SER A 235 53.78 17.25 18.25
C SER A 235 52.26 17.26 18.34
N LYS A 236 51.62 16.11 18.16
CA LYS A 236 50.16 16.07 18.20
C LYS A 236 49.61 16.20 19.62
N VAL A 237 50.43 15.93 20.64
CA VAL A 237 49.98 16.25 21.98
C VAL A 237 50.19 17.73 22.27
N ARG A 238 51.25 18.33 21.71
CA ARG A 238 51.43 19.77 21.89
C ARG A 238 50.35 20.57 21.18
N GLN A 239 49.80 20.04 20.08
CA GLN A 239 48.83 20.80 19.32
C GLN A 239 47.45 20.83 19.97
N LYS A 240 47.05 19.76 20.66
CA LYS A 240 45.71 19.68 21.22
C LYS A 240 45.54 20.66 22.38
N SER A 241 44.31 21.13 22.56
CA SER A 241 43.98 21.99 23.68
C SER A 241 43.82 21.15 24.95
N GLU A 242 43.87 21.85 26.10
CA GLU A 242 43.79 21.15 27.38
C GLU A 242 42.43 20.54 27.62
N VAL A 243 41.39 21.05 26.96
CA VAL A 243 40.05 20.51 27.15
C VAL A 243 39.84 19.23 26.35
N ASP A 244 40.45 19.14 25.18
CA ASP A 244 40.31 17.94 24.35
C ASP A 244 41.00 16.76 25.03
N ILE A 245 40.25 15.67 25.21
CA ILE A 245 40.75 14.49 25.89
C ILE A 245 41.04 13.35 24.92
N VAL A 246 40.22 13.18 23.88
CA VAL A 246 40.38 12.06 22.96
C VAL A 246 40.94 12.57 21.64
N VAL A 247 42.03 11.96 21.19
CA VAL A 247 42.72 12.32 19.96
C VAL A 247 42.71 11.08 19.07
N SER A 248 41.91 11.10 18.00
CA SER A 248 41.74 9.91 17.18
C SER A 248 41.42 10.30 15.75
N GLU A 249 41.65 9.37 14.83
CA GLU A 249 41.33 9.56 13.42
C GLU A 249 40.15 8.68 13.03
N ASP A 250 39.24 9.26 12.25
CA ASP A 250 38.01 8.59 11.82
C ASP A 250 38.30 7.66 10.65
N LEU A 251 37.23 7.19 9.99
CA LEU A 251 37.36 6.24 8.90
C LEU A 251 38.14 6.82 7.72
N ASN A 252 37.99 8.12 7.46
CA ASN A 252 38.70 8.74 6.35
C ASN A 252 40.19 8.89 6.65
N GLY A 253 40.52 9.26 7.87
CA GLY A 253 41.91 9.48 8.25
C GLY A 253 42.19 10.92 8.63
N THR A 254 41.18 11.59 9.19
CA THR A 254 41.29 12.97 9.62
C THR A 254 41.45 13.01 11.12
N VAL A 255 42.48 13.70 11.60
CA VAL A 255 42.73 13.81 13.03
C VAL A 255 41.61 14.61 13.68
N LYS A 256 41.19 14.19 14.87
CA LYS A 256 40.11 14.84 15.59
C LYS A 256 40.45 14.88 17.08
N PHE A 257 40.18 16.02 17.70
CA PHE A 257 40.39 16.26 19.11
C PHE A 257 39.01 16.55 19.72
N SER A 258 38.46 15.58 20.43
CA SER A 258 37.14 15.76 21.05
C SER A 258 37.30 15.91 22.55
N SER A 259 36.55 16.86 23.10
CA SER A 259 36.58 17.22 24.52
C SER A 259 35.63 16.39 25.36
N SER A 260 34.55 15.87 24.78
CA SER A 260 33.60 15.08 25.52
C SER A 260 34.05 13.63 25.56
N LEU A 261 33.57 12.90 26.55
CA LEU A 261 33.93 11.50 26.70
C LEU A 261 33.24 10.70 25.60
N PRO A 262 33.97 9.98 24.76
CA PRO A 262 33.34 9.31 23.62
C PRO A 262 32.44 8.16 24.06
N TYR A 263 31.54 7.80 23.17
CA TYR A 263 30.60 6.70 23.32
C TYR A 263 31.11 5.46 22.59
N PRO A 264 30.63 4.27 22.96
CA PRO A 264 29.72 3.95 24.06
C PRO A 264 30.43 3.59 25.36
N ASN A 265 30.30 4.43 26.38
CA ASN A 265 30.83 4.14 27.70
C ASN A 265 29.75 3.52 28.58
N ASN A 266 30.19 2.83 29.63
CA ASN A 266 29.29 2.16 30.56
C ASN A 266 28.95 3.02 31.77
N LEU A 267 29.10 4.33 31.66
CA LEU A 267 28.84 5.26 32.75
C LEU A 267 27.46 5.89 32.61
N ASN A 268 26.97 6.45 33.71
CA ASN A 268 25.71 7.18 33.69
C ASN A 268 26.00 8.65 33.34
N SER A 269 25.00 9.51 33.53
CA SER A 269 25.14 10.91 33.10
C SER A 269 26.17 11.65 33.94
N VAL A 270 25.91 11.77 35.25
CA VAL A 270 26.80 12.55 36.11
C VAL A 270 28.17 11.90 36.21
N LEU A 271 28.22 10.56 36.21
CA LEU A 271 29.51 9.88 36.21
C LEU A 271 30.33 10.28 35.00
N ALA A 272 29.72 10.20 33.80
CA ALA A 272 30.43 10.54 32.58
C ALA A 272 30.88 12.00 32.59
N GLU A 273 30.00 12.91 33.02
CA GLU A 273 30.34 14.33 33.01
C GLU A 273 31.46 14.65 33.99
N ARG A 274 31.32 14.19 35.24
CA ARG A 274 32.32 14.47 36.26
C ARG A 274 33.65 13.82 35.93
N LEU A 275 33.63 12.60 35.37
CA LEU A 275 34.88 11.95 35.02
C LEU A 275 35.50 12.58 33.77
N GLU A 276 34.68 13.16 32.88
CA GLU A 276 35.23 13.92 31.78
C GLU A 276 35.96 15.17 32.28
N LYS A 277 35.34 15.87 33.24
CA LYS A 277 36.02 17.03 33.82
C LYS A 277 37.30 16.61 34.54
N TRP A 278 37.25 15.49 35.25
CA TRP A 278 38.44 15.01 35.94
C TRP A 278 39.53 14.59 34.96
N LEU A 279 39.14 13.98 33.84
CA LEU A 279 40.12 13.62 32.81
C LEU A 279 40.76 14.85 32.19
N GLN A 280 39.97 15.91 31.96
CA GLN A 280 40.54 17.16 31.49
C GLN A 280 41.51 17.72 32.53
N LEU A 281 41.19 17.55 33.82
CA LEU A 281 42.11 18.00 34.87
C LEU A 281 43.34 17.11 34.98
N MET A 282 43.27 15.87 34.49
CA MET A 282 44.37 14.91 34.61
C MET A 282 45.23 14.83 33.36
N LEU A 283 44.70 15.23 32.20
CA LEU A 283 45.41 15.16 30.93
C LEU A 283 45.72 16.60 30.51
N MET A 284 46.85 17.11 31.01
CA MET A 284 47.32 18.43 30.64
C MET A 284 48.78 18.33 30.20
N TRP A 285 49.20 19.29 29.38
CA TRP A 285 50.56 19.24 28.85
C TRP A 285 51.56 19.84 29.83
N HIS A 286 51.23 21.00 30.41
CA HIS A 286 52.15 21.66 31.31
C HIS A 286 52.33 20.84 32.57
N PRO A 287 53.56 20.70 33.08
CA PRO A 287 53.77 19.84 34.25
C PRO A 287 53.15 20.40 35.52
N ARG A 288 53.27 21.71 35.76
CA ARG A 288 52.75 22.29 36.98
C ARG A 288 51.23 22.35 36.99
N GLN A 289 50.60 22.45 35.80
CA GLN A 289 49.15 22.51 35.73
C GLN A 289 48.49 21.14 35.80
N ARG A 290 49.23 20.07 35.54
CA ARG A 290 48.63 18.73 35.58
C ARG A 290 48.32 18.34 37.02
N GLY A 291 47.09 17.89 37.25
CA GLY A 291 46.64 17.53 38.58
C GLY A 291 46.28 18.70 39.47
N THR A 292 46.47 19.93 39.01
CA THR A 292 46.18 21.12 39.82
C THR A 292 44.67 21.32 39.85
N ASP A 293 44.04 20.95 40.96
CA ASP A 293 42.61 21.14 41.11
C ASP A 293 42.32 22.56 41.59
N PRO A 294 41.33 23.24 41.01
CA PRO A 294 41.02 24.61 41.42
C PRO A 294 40.31 24.70 42.77
N THR A 295 40.21 23.59 43.48
CA THR A 295 39.60 23.54 44.80
C THR A 295 40.52 22.97 45.87
N TYR A 296 41.32 21.97 45.53
CA TYR A 296 42.22 21.33 46.49
C TYR A 296 43.69 21.62 46.18
N GLY A 297 43.96 22.78 45.59
CA GLY A 297 45.32 23.19 45.32
C GLY A 297 45.99 22.36 44.25
N PRO A 298 47.31 22.48 44.15
CA PRO A 298 48.05 21.71 43.13
C PRO A 298 48.24 20.26 43.55
N ASN A 299 48.16 19.37 42.56
CA ASN A 299 48.33 17.92 42.76
C ASN A 299 47.34 17.40 43.80
N GLY A 300 46.12 17.90 43.75
CA GLY A 300 45.08 17.47 44.67
C GLY A 300 44.05 16.60 43.99
N CYS A 301 44.51 15.72 43.09
CA CYS A 301 43.59 14.85 42.36
C CYS A 301 43.06 13.73 43.23
N PHE A 302 43.81 13.31 44.25
CA PHE A 302 43.35 12.23 45.12
C PHE A 302 42.04 12.60 45.80
N LYS A 303 41.98 13.77 46.43
CA LYS A 303 40.78 14.17 47.15
C LYS A 303 39.64 14.50 46.21
N ALA A 304 39.94 15.05 45.02
CA ALA A 304 38.89 15.28 44.04
C ALA A 304 38.27 13.97 43.58
N LEU A 305 39.08 12.96 43.29
CA LEU A 305 38.56 11.65 42.91
C LEU A 305 37.80 11.00 44.07
N ASP A 306 38.25 11.22 45.30
CA ASP A 306 37.51 10.72 46.46
C ASP A 306 36.14 11.39 46.55
N ASP A 307 36.07 12.69 46.27
CA ASP A 307 34.79 13.38 46.24
C ASP A 307 33.90 12.83 45.13
N ILE A 308 34.49 12.47 43.99
CA ILE A 308 33.72 11.86 42.92
C ILE A 308 33.17 10.51 43.35
N LEU A 309 33.99 9.71 44.04
CA LEU A 309 33.55 8.38 44.45
C LEU A 309 32.50 8.44 45.55
N ASN A 310 32.66 9.38 46.49
CA ASN A 310 31.75 9.48 47.63
C ASN A 310 30.35 9.94 47.24
N LEU A 311 30.16 10.45 46.03
CA LEU A 311 28.86 10.94 45.59
C LEU A 311 27.87 9.78 45.51
N LYS A 312 26.84 9.80 46.35
CA LYS A 312 25.77 8.81 46.30
C LYS A 312 24.87 9.13 45.12
N LEU A 313 25.01 8.37 44.04
CA LEU A 313 24.21 8.59 42.83
C LEU A 313 22.98 7.69 42.86
N VAL A 314 21.83 8.26 42.52
CA VAL A 314 20.57 7.53 42.47
C VAL A 314 20.04 7.60 41.04
N HIS A 315 19.67 6.45 40.50
CA HIS A 315 19.18 6.34 39.13
C HIS A 315 17.67 6.18 39.14
N ILE A 316 16.97 7.04 38.39
CA ILE A 316 15.52 7.00 38.26
C ILE A 316 15.18 6.83 36.78
N LEU A 317 14.36 5.84 36.48
CA LEU A 317 13.95 5.55 35.11
C LEU A 317 12.54 6.09 34.92
N ASN A 318 12.42 7.20 34.19
CA ASN A 318 11.12 7.74 33.82
C ASN A 318 10.51 6.88 32.72
N MET A 319 9.39 6.24 33.02
CA MET A 319 8.77 5.30 32.11
C MET A 319 7.91 5.97 31.05
N VAL A 320 7.45 7.20 31.30
CA VAL A 320 6.67 7.92 30.29
C VAL A 320 7.53 8.20 29.06
N THR A 321 8.76 8.66 29.27
CA THR A 321 9.73 8.83 28.20
C THR A 321 10.75 7.70 28.14
N GLY A 322 10.79 6.85 29.15
CA GLY A 322 11.74 5.73 29.16
C GLY A 322 13.18 6.17 29.22
N THR A 323 13.49 7.20 30.00
CA THR A 323 14.84 7.76 30.07
C THR A 323 15.39 7.61 31.47
N ILE A 324 16.70 7.36 31.56
CA ILE A 324 17.37 7.19 32.84
C ILE A 324 18.03 8.49 33.24
N HIS A 325 17.73 8.97 34.45
CA HIS A 325 18.28 10.20 34.99
C HIS A 325 19.02 9.86 36.28
N THR A 326 20.26 10.34 36.39
CA THR A 326 21.08 10.10 37.56
C THR A 326 21.19 11.39 38.36
N TYR A 327 20.96 11.30 39.67
CA TYR A 327 20.97 12.45 40.54
C TYR A 327 21.96 12.23 41.68
N PRO A 328 22.81 13.20 41.99
CA PRO A 328 23.68 13.08 43.17
C PRO A 328 22.98 13.56 44.43
N VAL A 329 22.84 12.70 45.43
CA VAL A 329 22.11 13.04 46.65
C VAL A 329 23.11 13.13 47.79
N THR A 330 23.10 14.25 48.50
CA THR A 330 23.96 14.45 49.65
C THR A 330 23.46 13.64 50.85
N GLU A 331 24.18 13.75 51.95
CA GLU A 331 23.86 12.98 53.14
C GLU A 331 22.50 13.36 53.73
N ASP A 332 22.07 14.59 53.54
CA ASP A 332 20.84 15.09 54.15
C ASP A 332 19.98 15.86 53.14
N GLU A 333 19.80 15.29 51.95
CA GLU A 333 18.94 15.89 50.94
C GLU A 333 17.51 15.40 51.17
N SER A 334 16.59 16.34 51.39
CA SER A 334 15.22 15.97 51.70
C SER A 334 14.54 15.26 50.53
N LEU A 335 13.64 14.34 50.84
CA LEU A 335 12.96 13.61 49.78
C LEU A 335 12.11 14.54 48.93
N GLN A 336 11.41 15.49 49.56
CA GLN A 336 10.56 16.40 48.82
C GLN A 336 11.37 17.33 47.92
N SER A 337 12.56 17.74 48.37
CA SER A 337 13.40 18.59 47.54
C SER A 337 13.87 17.86 46.29
N LEU A 338 14.29 16.60 46.44
CA LEU A 338 14.69 15.83 45.27
C LEU A 338 13.50 15.55 44.36
N LYS A 339 12.32 15.34 44.93
CA LYS A 339 11.13 15.19 44.11
C LYS A 339 10.82 16.47 43.34
N ALA A 340 11.04 17.63 43.96
CA ALA A 340 10.88 18.90 43.26
C ALA A 340 11.88 19.04 42.12
N ARG A 341 13.12 18.64 42.35
CA ARG A 341 14.11 18.67 41.27
C ARG A 341 13.73 17.75 40.12
N ILE A 342 13.21 16.55 40.44
CA ILE A 342 12.77 15.63 39.40
C ILE A 342 11.57 16.22 38.64
N GLN A 343 10.67 16.88 39.37
CA GLN A 343 9.53 17.54 38.73
C GLN A 343 10.01 18.64 37.79
N GLN A 344 11.02 19.40 38.20
CA GLN A 344 11.57 20.43 37.32
C GLN A 344 12.21 19.83 36.09
N ASP A 345 12.92 18.71 36.24
CA ASP A 345 13.60 18.09 35.11
C ASP A 345 12.62 17.35 34.22
N THR A 346 11.94 16.34 34.76
CA THR A 346 11.02 15.54 33.95
C THR A 346 9.77 16.34 33.61
N GLY A 347 9.01 16.74 34.62
CA GLY A 347 7.83 17.56 34.41
C GLY A 347 6.57 17.01 35.04
N ILE A 348 6.71 15.99 35.87
CA ILE A 348 5.58 15.40 36.59
C ILE A 348 5.61 15.94 38.02
N PRO A 349 4.51 16.48 38.52
CA PRO A 349 4.53 17.07 39.86
C PRO A 349 4.76 16.02 40.93
N GLU A 350 5.13 16.52 42.12
CA GLU A 350 5.47 15.62 43.22
C GLU A 350 4.27 14.77 43.63
N GLU A 351 3.05 15.31 43.49
CA GLU A 351 1.85 14.56 43.85
C GLU A 351 1.63 13.38 42.91
N ASP A 352 1.86 13.59 41.61
CA ASP A 352 1.64 12.57 40.60
C ASP A 352 2.84 11.65 40.40
N GLN A 353 3.91 11.83 41.17
CA GLN A 353 5.09 10.98 41.04
C GLN A 353 4.87 9.68 41.79
N GLU A 354 5.20 8.56 41.14
CA GLU A 354 5.10 7.23 41.75
C GLU A 354 6.47 6.57 41.66
N LEU A 355 7.18 6.51 42.79
CA LEU A 355 8.49 5.89 42.85
C LEU A 355 8.32 4.44 43.30
N LEU A 356 8.79 3.50 42.47
CA LEU A 356 8.60 2.08 42.74
C LEU A 356 9.92 1.34 42.61
N GLN A 357 10.03 0.25 43.36
CA GLN A 357 11.20 -0.60 43.36
C GLN A 357 10.96 -1.80 42.44
N GLU A 358 11.88 -2.76 42.46
CA GLU A 358 11.81 -3.89 41.54
C GLU A 358 10.65 -4.82 41.82
N ALA A 359 10.09 -4.80 43.03
CA ALA A 359 9.02 -5.73 43.42
C ALA A 359 7.79 -4.98 43.91
N GLY A 360 7.55 -3.78 43.40
CA GLY A 360 6.39 -3.01 43.78
C GLY A 360 6.43 -2.42 45.16
N LEU A 361 7.60 -1.99 45.62
CA LEU A 361 7.74 -1.36 46.92
C LEU A 361 7.78 0.15 46.73
N ALA A 362 6.92 0.86 47.45
CA ALA A 362 6.88 2.31 47.37
C ALA A 362 7.96 2.95 48.24
N LEU A 363 8.50 4.05 47.77
CA LEU A 363 9.51 4.80 48.51
C LEU A 363 8.80 5.54 49.65
N ILE A 364 8.85 4.94 50.84
CA ILE A 364 8.08 5.42 51.99
C ILE A 364 8.70 6.68 52.58
N PRO A 365 7.93 7.77 52.69
CA PRO A 365 8.46 8.99 53.28
C PRO A 365 8.38 9.00 54.80
N ASP A 366 9.42 9.51 55.43
CA ASP A 366 10.50 10.20 54.73
C ASP A 366 11.87 9.68 55.10
N LYS A 367 12.01 8.36 55.12
CA LYS A 367 13.31 7.75 55.34
C LYS A 367 14.21 8.02 54.13
N PRO A 368 15.49 8.33 54.35
CA PRO A 368 16.38 8.70 53.23
C PRO A 368 16.38 7.65 52.12
N ALA A 369 16.68 8.10 50.90
CA ALA A 369 16.59 7.24 49.72
C ALA A 369 17.74 6.25 49.70
N THR A 370 17.74 5.35 50.67
CA THR A 370 18.69 4.25 50.83
C THR A 370 18.45 3.08 49.89
N GLN A 371 17.53 3.18 48.92
CA GLN A 371 17.28 2.03 48.06
C GLN A 371 18.49 1.66 47.20
N CYS A 372 19.39 2.60 46.95
CA CYS A 372 20.63 2.29 46.24
C CYS A 372 21.62 1.67 47.21
N ILE A 373 21.21 0.64 47.95
CA ILE A 373 21.96 0.15 49.10
C ILE A 373 22.98 -0.86 48.60
N SER A 374 24.19 -0.38 48.32
CA SER A 374 25.28 -1.29 47.97
C SER A 374 25.74 -2.08 49.18
N ASP A 375 25.57 -1.54 50.39
CA ASP A 375 25.91 -2.26 51.61
C ASP A 375 24.99 -3.44 51.84
N GLY A 376 23.83 -3.47 51.19
CA GLY A 376 22.92 -4.58 51.32
C GLY A 376 23.45 -5.84 50.66
N LYS A 377 22.53 -6.79 50.46
CA LYS A 377 22.90 -8.07 49.86
C LYS A 377 23.45 -7.88 48.45
N LEU A 378 22.71 -7.15 47.61
CA LEU A 378 23.13 -6.85 46.24
C LEU A 378 23.52 -8.10 45.46
N THR A 383 26.02 -3.17 39.92
CA THR A 383 25.41 -2.82 38.65
C THR A 383 24.29 -1.82 38.84
N LEU A 384 24.30 -0.74 38.06
CA LEU A 384 23.28 0.29 38.19
C LEU A 384 21.90 -0.17 37.73
N ASP A 385 21.75 -1.42 37.31
CA ASP A 385 20.46 -1.96 36.87
C ASP A 385 19.68 -2.68 37.97
N MET A 386 20.22 -2.81 39.17
CA MET A 386 19.52 -3.45 40.28
C MET A 386 19.06 -2.47 41.34
N ASP A 387 19.84 -1.42 41.61
CA ASP A 387 19.48 -0.40 42.58
C ASP A 387 18.67 0.73 41.97
N LEU A 388 17.98 0.46 40.86
CA LEU A 388 17.23 1.45 40.12
C LEU A 388 15.79 1.54 40.63
N VAL A 389 15.23 2.75 40.56
CA VAL A 389 13.87 3.03 40.98
C VAL A 389 13.10 3.60 39.80
N PHE A 390 11.95 3.01 39.50
CA PHE A 390 11.12 3.42 38.39
C PHE A 390 10.18 4.54 38.82
N LEU A 391 9.87 5.42 37.87
CA LEU A 391 9.02 6.58 38.11
C LEU A 391 7.83 6.52 37.17
N PHE A 392 6.63 6.55 37.74
CA PHE A 392 5.38 6.52 37.00
C PHE A 392 4.57 7.77 37.28
N ASP A 393 3.61 8.05 36.40
CA ASP A 393 2.77 9.22 36.47
C ASP A 393 1.31 8.82 36.71
N ASN A 394 0.65 9.55 37.59
CA ASN A 394 -0.76 9.30 37.89
C ASN A 394 -1.69 10.02 36.91
N SER A 395 -1.25 11.16 36.39
CA SER A 395 -2.10 11.96 35.50
C SER A 395 -2.37 11.22 34.19
N LYS A 396 -1.33 10.69 33.57
CA LYS A 396 -1.49 10.03 32.27
C LYS A 396 -2.23 8.71 32.44
N ILE A 397 -3.19 8.47 31.55
CA ILE A 397 -4.00 7.26 31.63
C ILE A 397 -3.41 6.15 30.75
N THR A 398 -2.94 6.49 29.56
CA THR A 398 -2.32 5.54 28.65
C THR A 398 -0.98 6.07 28.19
N TYR A 399 -0.06 5.15 27.92
CA TYR A 399 1.29 5.51 27.51
C TYR A 399 1.46 5.22 26.03
N GLU A 400 2.46 5.89 25.43
CA GLU A 400 2.68 5.77 24.00
C GLU A 400 3.44 4.49 23.68
N THR A 401 3.25 4.02 22.43
CA THR A 401 3.87 2.78 21.99
C THR A 401 5.35 2.93 21.67
N GLN A 402 5.84 4.16 21.51
CA GLN A 402 7.23 4.41 21.16
C GLN A 402 7.85 5.37 22.16
N ILE A 403 9.09 5.10 22.54
CA ILE A 403 9.87 5.96 23.41
C ILE A 403 11.17 6.41 22.72
N SER A 404 11.19 6.37 21.38
CA SER A 404 12.31 6.77 20.53
C SER A 404 13.49 5.81 20.69
N PRO A 405 14.31 5.63 19.65
CA PRO A 405 15.47 4.73 19.76
C PRO A 405 16.67 5.40 20.40
N ARG A 406 17.80 4.70 20.44
CA ARG A 406 18.99 5.19 21.13
C ARG A 406 19.99 5.80 20.14
N PRO A 407 20.67 6.87 20.54
CA PRO A 407 21.67 7.49 19.67
C PRO A 407 22.88 6.59 19.47
N GLN A 408 23.55 6.78 18.34
CA GLN A 408 24.70 5.99 17.95
C GLN A 408 25.86 6.90 17.53
N PRO A 409 27.10 6.48 17.76
CA PRO A 409 28.25 7.32 17.45
C PRO A 409 28.38 7.57 15.95
N GLU A 410 29.33 8.46 15.62
CA GLU A 410 29.51 8.88 14.23
C GLU A 410 30.01 7.73 13.35
N SER A 411 30.93 6.91 13.86
CA SER A 411 31.44 5.80 13.06
C SER A 411 30.35 4.79 12.74
N VAL A 412 29.49 4.49 13.72
CA VAL A 412 28.41 3.54 13.51
C VAL A 412 27.44 4.06 12.45
N SER A 413 27.08 5.34 12.55
CA SER A 413 26.17 5.92 11.56
C SER A 413 26.81 5.94 10.18
N CYS A 414 28.09 6.27 10.10
CA CYS A 414 28.78 6.32 8.82
C CYS A 414 28.89 4.95 8.17
N ILE A 415 29.06 3.89 8.98
CA ILE A 415 29.10 2.55 8.42
C ILE A 415 27.70 2.01 8.14
N LEU A 416 26.67 2.56 8.80
CA LEU A 416 25.30 2.15 8.50
C LEU A 416 24.79 2.77 7.20
N GLN A 417 25.18 4.02 6.93
CA GLN A 417 24.76 4.65 5.67
C GLN A 417 25.34 3.94 4.45
N GLU A 418 26.45 3.21 4.61
CA GLU A 418 27.06 2.46 3.51
C GLU A 418 27.65 1.18 4.08
N PRO A 419 26.87 0.10 4.13
CA PRO A 419 27.37 -1.16 4.67
C PRO A 419 28.40 -1.85 3.79
N LYS A 420 28.55 -1.44 2.53
CA LYS A 420 29.47 -2.07 1.59
C LYS A 420 30.80 -1.33 1.50
N ARG A 421 31.30 -0.83 2.63
CA ARG A 421 32.57 -0.11 2.67
C ARG A 421 33.65 -1.06 3.22
N ASN A 422 34.57 -1.45 2.34
CA ASN A 422 35.67 -2.36 2.70
C ASN A 422 36.76 -1.53 3.36
N LEU A 423 36.69 -1.41 4.68
CA LEU A 423 37.66 -0.66 5.46
C LEU A 423 38.70 -1.61 6.08
N ALA A 424 39.74 -1.01 6.64
CA ALA A 424 40.85 -1.77 7.20
C ALA A 424 40.37 -2.65 8.35
N PHE A 425 41.17 -3.67 8.67
CA PHE A 425 40.79 -4.63 9.71
C PHE A 425 40.69 -3.97 11.07
N PHE A 426 41.63 -3.09 11.41
CA PHE A 426 41.63 -2.49 12.75
C PHE A 426 40.51 -1.47 12.92
N GLN A 427 40.05 -0.85 11.82
CA GLN A 427 38.87 0.01 11.90
C GLN A 427 37.59 -0.81 11.97
N LEU A 428 37.55 -1.91 11.22
CA LEU A 428 36.38 -2.80 11.25
C LEU A 428 36.19 -3.41 12.63
N ARG A 429 37.29 -3.77 13.30
CA ARG A 429 37.20 -4.27 14.66
C ARG A 429 36.49 -3.27 15.56
N LYS A 430 36.92 -2.00 15.51
CA LYS A 430 36.35 -0.97 16.36
C LYS A 430 34.86 -0.79 16.07
N VAL A 431 34.50 -0.66 14.79
CA VAL A 431 33.10 -0.36 14.46
C VAL A 431 32.21 -1.55 14.78
N TRP A 432 32.68 -2.77 14.53
CA TRP A 432 31.87 -3.95 14.84
C TRP A 432 31.69 -4.12 16.34
N GLY A 433 32.76 -3.87 17.12
CA GLY A 433 32.62 -3.89 18.57
C GLY A 433 31.62 -2.86 19.07
N GLN A 434 31.66 -1.66 18.50
CA GLN A 434 30.70 -0.62 18.90
C GLN A 434 29.27 -1.03 18.56
N VAL A 435 29.07 -1.65 17.39
CA VAL A 435 27.74 -2.10 17.01
C VAL A 435 27.24 -3.17 17.97
N TRP A 436 28.10 -4.13 18.32
CA TRP A 436 27.71 -5.16 19.28
C TRP A 436 27.38 -4.55 20.64
N HIS A 437 28.17 -3.57 21.08
CA HIS A 437 27.89 -2.92 22.35
C HIS A 437 26.55 -2.19 22.32
N SER A 438 26.22 -1.56 21.19
CA SER A 438 24.93 -0.90 21.06
C SER A 438 23.78 -1.90 21.12
N ILE A 439 23.94 -3.06 20.49
CA ILE A 439 22.91 -4.10 20.55
C ILE A 439 22.72 -4.55 21.99
N GLN A 440 23.82 -4.78 22.70
CA GLN A 440 23.74 -5.20 24.09
C GLN A 440 23.07 -4.13 24.96
N THR A 441 23.37 -2.86 24.69
CA THR A 441 22.73 -1.77 25.43
C THR A 441 21.22 -1.75 25.19
N LEU A 442 20.79 -1.97 23.95
CA LEU A 442 19.37 -2.04 23.66
C LEU A 442 18.71 -3.19 24.41
N LYS A 443 19.38 -4.35 24.46
CA LYS A 443 18.86 -5.47 25.22
C LYS A 443 18.73 -5.12 26.71
N GLU A 444 19.73 -4.45 27.26
CA GLU A 444 19.68 -4.05 28.67
C GLU A 444 18.52 -3.10 28.93
N ASP A 445 18.30 -2.14 28.02
CA ASP A 445 17.20 -1.20 28.20
C ASP A 445 15.86 -1.92 28.14
N CYS A 446 15.72 -2.89 27.22
CA CYS A 446 14.49 -3.68 27.17
C CYS A 446 14.27 -4.42 28.48
N ASN A 447 15.33 -4.99 29.05
CA ASN A 447 15.21 -5.66 30.34
C ASN A 447 14.78 -4.71 31.44
N ARG A 448 15.33 -3.49 31.44
CA ARG A 448 14.95 -2.50 32.44
C ARG A 448 13.46 -2.18 32.36
N LEU A 449 12.97 -1.96 31.13
CA LEU A 449 11.56 -1.63 30.95
C LEU A 449 10.66 -2.78 31.37
N GLN A 450 11.04 -4.02 31.01
CA GLN A 450 10.23 -5.17 31.41
C GLN A 450 10.19 -5.32 32.93
N GLN A 451 11.33 -5.11 33.60
CA GLN A 451 11.35 -5.19 35.05
C GLN A 451 10.47 -4.12 35.69
N GLY A 452 10.50 -2.90 35.13
CA GLY A 452 9.62 -1.86 35.65
C GLY A 452 8.15 -2.21 35.50
N GLN A 453 7.77 -2.75 34.34
CA GLN A 453 6.39 -3.16 34.15
C GLN A 453 6.00 -4.27 35.13
N ARG A 454 6.90 -5.24 35.35
CA ARG A 454 6.61 -6.32 36.29
C ARG A 454 6.45 -5.78 37.71
N ALA A 455 7.27 -4.80 38.09
CA ALA A 455 7.14 -4.20 39.41
C ALA A 455 5.80 -3.49 39.58
N ALA A 456 5.39 -2.74 38.54
CA ALA A 456 4.07 -2.12 38.59
C ALA A 456 2.97 -3.17 38.75
N MET A 457 3.10 -4.28 38.03
CA MET A 457 2.12 -5.35 38.14
C MET A 457 2.08 -5.95 39.55
N MET A 458 3.24 -6.10 40.19
CA MET A 458 3.28 -6.60 41.56
C MET A 458 2.57 -5.64 42.52
N ASN A 459 2.84 -4.34 42.36
CA ASN A 459 2.16 -3.35 43.20
C ASN A 459 0.66 -3.43 43.02
N LEU A 460 0.20 -3.57 41.78
CA LEU A 460 -1.23 -3.71 41.52
C LEU A 460 -1.79 -5.00 42.15
N LEU A 461 -1.02 -6.09 42.10
CA LEU A 461 -1.50 -7.37 42.64
C LEU A 461 -1.72 -7.30 44.14
N ARG A 462 -0.84 -6.59 44.87
CA ARG A 462 -1.05 -6.44 46.30
C ARG A 462 -2.40 -5.79 46.60
N ASN A 463 -2.70 -4.68 45.92
CA ASN A 463 -3.98 -4.01 46.10
C ASN A 463 -5.14 -4.90 45.70
N ASN A 464 -4.95 -5.70 44.64
CA ASN A 464 -6.02 -6.60 44.21
C ASN A 464 -6.34 -7.65 45.27
N SER A 465 -5.31 -8.21 45.90
CA SER A 465 -5.54 -9.18 46.98
C SER A 465 -6.28 -8.53 48.14
N CYS A 466 -5.86 -7.33 48.53
CA CYS A 466 -6.55 -6.63 49.62
C CYS A 466 -8.00 -6.36 49.26
N LEU A 467 -8.27 -5.95 48.02
CA LEU A 467 -9.63 -5.67 47.58
C LEU A 467 -10.48 -6.94 47.54
N SER A 468 -9.87 -8.07 47.18
CA SER A 468 -10.62 -9.33 47.22
C SER A 468 -11.02 -9.68 48.64
N LYS A 469 -10.11 -9.50 49.60
CA LYS A 469 -10.46 -9.75 50.99
C LYS A 469 -11.59 -8.83 51.45
N MET A 470 -11.52 -7.55 51.07
CA MET A 470 -12.58 -6.61 51.43
C MET A 470 -13.91 -6.98 50.76
N LYS A 471 -13.85 -7.48 49.53
CA LYS A 471 -15.05 -7.94 48.84
C LYS A 471 -15.71 -9.09 49.60
N ASN A 472 -14.91 -10.06 50.05
CA ASN A 472 -15.47 -11.17 50.82
C ASN A 472 -16.10 -10.67 52.12
N SER A 473 -15.43 -9.74 52.80
CA SER A 473 -15.99 -9.21 54.05
C SER A 473 -17.31 -8.49 53.80
N MET A 474 -17.38 -7.69 52.74
CA MET A 474 -18.62 -6.97 52.43
C MET A 474 -19.75 -7.93 52.05
N ALA A 475 -19.43 -8.99 51.31
CA ALA A 475 -20.45 -9.98 50.98
C ALA A 475 -20.97 -10.67 52.23
N SER A 476 -20.08 -11.01 53.15
CA SER A 476 -20.51 -11.61 54.41
C SER A 476 -21.45 -10.68 55.16
N MET A 477 -21.08 -9.40 55.26
CA MET A 477 -21.93 -8.44 55.97
C MET A 477 -23.30 -8.30 55.31
N SER A 478 -23.33 -8.24 53.98
CA SER A 478 -24.60 -8.09 53.28
C SER A 478 -25.50 -9.31 53.49
N GLN A 479 -24.93 -10.51 53.43
CA GLN A 479 -25.74 -11.70 53.64
C GLN A 479 -26.24 -11.80 55.08
N GLN A 480 -25.42 -11.38 56.04
CA GLN A 480 -25.87 -11.34 57.42
C GLN A 480 -27.04 -10.37 57.59
N LEU A 481 -26.94 -9.20 56.95
CA LEU A 481 -28.02 -8.22 57.01
C LEU A 481 -29.30 -8.77 56.39
N LYS A 482 -29.18 -9.48 55.27
CA LYS A 482 -30.35 -10.06 54.62
C LYS A 482 -31.02 -11.10 55.53
N ALA A 483 -30.22 -11.98 56.14
CA ALA A 483 -30.78 -12.98 57.04
C ALA A 483 -31.47 -12.34 58.24
N LYS A 484 -30.85 -11.31 58.81
CA LYS A 484 -31.46 -10.63 59.95
C LYS A 484 -32.78 -9.96 59.56
N LEU A 485 -32.82 -9.33 58.37
CA LEU A 485 -34.06 -8.71 57.92
C LEU A 485 -35.16 -9.74 57.73
N ASP A 486 -34.83 -10.89 57.14
CA ASP A 486 -35.83 -11.95 56.96
C ASP A 486 -36.37 -12.42 58.31
N PHE A 487 -35.47 -12.65 59.27
CA PHE A 487 -35.87 -13.10 60.60
C PHE A 487 -36.79 -12.06 61.25
N PHE A 488 -36.40 -10.78 61.20
CA PHE A 488 -37.17 -9.72 61.81
C PHE A 488 -38.56 -9.62 61.19
N LYS A 489 -38.64 -9.67 59.86
CA LYS A 489 -39.93 -9.54 59.20
C LYS A 489 -40.83 -10.73 59.51
N THR A 490 -40.26 -11.94 59.57
CA THR A 490 -41.06 -13.10 59.95
C THR A 490 -41.64 -12.92 61.35
N SER A 491 -40.79 -12.50 62.30
CA SER A 491 -41.25 -12.34 63.68
C SER A 491 -42.32 -11.27 63.78
N ILE A 492 -42.13 -10.13 63.11
CA ILE A 492 -43.10 -9.05 63.21
C ILE A 492 -44.40 -9.41 62.50
N GLN A 493 -44.32 -10.20 61.42
CA GLN A 493 -45.54 -10.66 60.75
C GLN A 493 -46.35 -11.57 61.67
N ILE A 494 -45.68 -12.49 62.37
CA ILE A 494 -46.40 -13.35 63.32
C ILE A 494 -47.00 -12.52 64.45
N ASP A 495 -46.25 -11.53 64.94
CA ASP A 495 -46.76 -10.68 66.01
C ASP A 495 -47.99 -9.88 65.56
N LEU A 496 -47.95 -9.34 64.34
CA LEU A 496 -49.11 -8.61 63.82
C LEU A 496 -50.30 -9.54 63.64
N GLU A 497 -50.06 -10.77 63.18
CA GLU A 497 -51.17 -11.72 63.04
C GLU A 497 -51.81 -12.02 64.38
N LYS A 498 -51.00 -12.19 65.43
CA LYS A 498 -51.54 -12.45 66.75
C LYS A 498 -52.15 -11.22 67.42
N TYR A 499 -51.79 -10.02 66.96
CA TYR A 499 -52.36 -8.80 67.52
C TYR A 499 -53.87 -8.75 67.33
N SER A 500 -54.37 -9.31 66.23
CA SER A 500 -55.79 -9.18 65.92
C SER A 500 -56.67 -9.89 66.95
N GLU A 501 -56.24 -11.06 67.44
CA GLU A 501 -57.06 -11.80 68.40
C GLU A 501 -57.23 -11.04 69.71
N GLN A 502 -56.23 -10.24 70.09
CA GLN A 502 -56.31 -9.47 71.33
C GLN A 502 -57.17 -8.22 71.21
N THR A 503 -57.41 -7.74 69.99
CA THR A 503 -58.14 -6.50 69.76
C THR A 503 -59.65 -6.67 69.86
N GLU A 504 -60.12 -7.75 70.48
CA GLU A 504 -61.54 -8.06 70.50
C GLU A 504 -62.10 -8.38 71.88
N PHE A 505 -61.29 -8.29 72.95
CA PHE A 505 -61.72 -8.78 74.25
C PHE A 505 -61.60 -7.78 75.38
N GLY A 506 -61.11 -6.57 75.12
CA GLY A 506 -61.14 -5.52 76.13
C GLY A 506 -59.80 -4.93 76.50
N ILE A 507 -58.77 -5.77 76.62
CA ILE A 507 -57.42 -5.28 76.97
C ILE A 507 -56.71 -5.01 75.65
N THR A 508 -57.00 -3.84 75.08
CA THR A 508 -56.28 -3.38 73.89
C THR A 508 -56.39 -1.85 73.86
N SER A 509 -55.34 -1.18 74.30
CA SER A 509 -55.24 0.28 74.21
C SER A 509 -54.32 0.61 73.05
N ASP A 510 -54.88 1.19 71.99
CA ASP A 510 -54.13 1.41 70.76
C ASP A 510 -53.27 2.67 70.86
N LYS A 511 -52.50 2.78 71.94
CA LYS A 511 -51.53 3.85 72.11
C LYS A 511 -50.16 3.49 71.56
N LEU A 512 -49.97 2.25 71.12
CA LEU A 512 -48.65 1.81 70.66
C LEU A 512 -48.72 0.99 69.37
N LEU A 513 -49.88 0.92 68.72
CA LEU A 513 -49.95 0.31 67.39
C LEU A 513 -49.13 1.10 66.38
N LEU A 514 -48.99 2.40 66.61
CA LEU A 514 -48.18 3.26 65.74
C LEU A 514 -46.76 2.72 65.62
N ALA A 515 -46.16 2.34 66.75
CA ALA A 515 -44.80 1.81 66.72
C ALA A 515 -44.72 0.52 65.93
N TRP A 516 -45.71 -0.36 66.09
CA TRP A 516 -45.71 -1.64 65.37
C TRP A 516 -45.77 -1.41 63.86
N ARG A 517 -46.71 -0.58 63.41
CA ARG A 517 -46.85 -0.34 61.98
C ARG A 517 -45.63 0.41 61.44
N GLU A 518 -45.08 1.33 62.23
CA GLU A 518 -43.87 2.04 61.83
C GLU A 518 -42.70 1.09 61.66
N MET A 519 -42.53 0.14 62.58
CA MET A 519 -41.49 -0.86 62.45
C MET A 519 -41.67 -1.66 61.16
N GLU A 520 -42.90 -2.13 60.91
CA GLU A 520 -43.15 -2.94 59.72
C GLU A 520 -42.82 -2.16 58.45
N GLN A 521 -43.25 -0.91 58.37
CA GLN A 521 -43.02 -0.12 57.17
C GLN A 521 -41.60 0.40 57.06
N ALA A 522 -40.86 0.45 58.17
CA ALA A 522 -39.52 1.02 58.15
C ALA A 522 -38.43 0.00 57.89
N VAL A 523 -38.59 -1.24 58.36
CA VAL A 523 -37.52 -2.21 58.12
C VAL A 523 -37.45 -2.63 56.66
N GLU A 524 -38.53 -2.47 55.90
CA GLU A 524 -38.50 -2.79 54.48
C GLU A 524 -37.57 -1.84 53.71
N LEU A 525 -37.33 -0.65 54.23
CA LEU A 525 -36.51 0.33 53.52
C LEU A 525 -35.06 -0.16 53.36
N CYS A 526 -34.53 -0.80 54.39
CA CYS A 526 -33.14 -1.25 54.34
C CYS A 526 -32.97 -2.39 53.33
N GLY A 527 -31.73 -2.58 52.89
CA GLY A 527 -31.40 -3.63 51.93
C GLY A 527 -30.88 -3.07 50.63
N ARG A 528 -29.57 -3.21 50.41
CA ARG A 528 -28.90 -2.68 49.23
C ARG A 528 -28.36 -3.81 48.34
N GLU A 529 -29.13 -4.90 48.25
CA GLU A 529 -28.70 -6.08 47.49
C GLU A 529 -28.28 -5.72 46.07
N ASN A 530 -29.03 -4.82 45.41
CA ASN A 530 -28.70 -4.44 44.05
C ASN A 530 -27.38 -3.67 43.98
N GLU A 531 -27.17 -2.72 44.90
CA GLU A 531 -25.92 -1.98 44.94
C GLU A 531 -24.74 -2.91 45.23
N VAL A 532 -24.93 -3.84 46.17
CA VAL A 532 -23.90 -4.82 46.48
C VAL A 532 -23.59 -5.66 45.25
N LYS A 533 -24.63 -6.07 44.52
CA LYS A 533 -24.44 -6.86 43.31
C LYS A 533 -23.64 -6.08 42.27
N LEU A 534 -23.97 -4.80 42.08
CA LEU A 534 -23.22 -3.97 41.14
C LEU A 534 -21.75 -3.88 41.54
N LEU A 535 -21.49 -3.61 42.83
CA LEU A 535 -20.12 -3.49 43.28
C LEU A 535 -19.37 -4.81 43.14
N VAL A 536 -20.04 -5.92 43.43
CA VAL A 536 -19.40 -7.23 43.30
C VAL A 536 -19.08 -7.53 41.84
N GLU A 537 -19.98 -7.18 40.92
CA GLU A 537 -19.71 -7.41 39.51
C GLU A 537 -18.55 -6.55 39.03
N ARG A 538 -18.48 -5.29 39.48
CA ARG A 538 -17.36 -4.43 39.11
C ARG A 538 -16.04 -4.97 39.67
N MET A 539 -16.04 -5.42 40.93
CA MET A 539 -14.83 -5.97 41.52
C MET A 539 -14.41 -7.26 40.82
N MET A 540 -15.38 -8.10 40.45
CA MET A 540 -15.07 -9.33 39.74
C MET A 540 -14.48 -9.03 38.36
N ALA A 541 -15.06 -8.06 37.65
CA ALA A 541 -14.51 -7.65 36.37
C ALA A 541 -13.09 -7.11 36.53
N LEU A 542 -12.85 -6.33 37.59
CA LEU A 542 -11.50 -5.83 37.84
C LEU A 542 -10.53 -6.97 38.11
N GLN A 543 -10.93 -7.95 38.91
CA GLN A 543 -10.06 -9.09 39.21
C GLN A 543 -9.76 -9.90 37.95
N THR A 544 -10.77 -10.09 37.11
CA THR A 544 -10.57 -10.79 35.84
C THR A 544 -9.61 -10.01 34.95
N ASP A 545 -9.72 -8.68 34.95
CA ASP A 545 -8.76 -7.86 34.19
C ASP A 545 -7.36 -8.00 34.76
N ILE A 546 -7.24 -8.13 36.09
CA ILE A 546 -5.91 -8.31 36.70
C ILE A 546 -5.29 -9.61 36.21
N VAL A 547 -6.06 -10.70 36.24
CA VAL A 547 -5.55 -12.01 35.83
C VAL A 547 -5.47 -12.16 34.32
N ASP A 548 -6.12 -11.27 33.56
CA ASP A 548 -6.18 -11.42 32.11
C ASP A 548 -4.80 -11.43 31.46
N LEU A 549 -3.94 -10.47 31.82
CA LEU A 549 -2.59 -10.41 31.28
C LEU A 549 -1.52 -10.62 32.34
N GLN A 550 -1.87 -11.32 33.43
CA GLN A 550 -0.88 -11.62 34.45
C GLN A 550 0.17 -12.61 33.95
N ARG A 551 -0.24 -13.57 33.12
CA ARG A 551 0.67 -14.58 32.61
C ARG A 551 1.13 -14.28 31.19
N SER A 552 1.03 -13.04 30.75
CA SER A 552 1.53 -12.67 29.42
C SER A 552 3.02 -12.30 29.52
N PRO A 553 3.44 -11.48 30.50
CA PRO A 553 4.89 -11.36 30.75
C PRO A 553 5.34 -12.32 31.85
N MET A 554 6.64 -12.56 31.94
CA MET A 554 7.22 -13.44 32.96
C MET A 554 8.72 -13.18 33.00
N GLY A 555 9.45 -14.02 33.73
CA GLY A 555 10.90 -13.94 33.69
C GLY A 555 11.46 -14.20 32.31
N ARG A 556 10.88 -15.16 31.59
CA ARG A 556 11.25 -15.39 30.21
C ARG A 556 10.74 -14.25 29.34
N LYS A 557 11.39 -14.06 28.20
CA LYS A 557 11.08 -12.95 27.33
C LYS A 557 11.27 -13.36 25.87
N GLN A 558 10.37 -12.87 25.01
CA GLN A 558 10.60 -12.97 23.57
C GLN A 558 11.85 -12.21 23.16
N GLY A 559 12.29 -11.25 23.97
CA GLY A 559 13.55 -10.58 23.74
C GLY A 559 14.74 -11.52 23.67
N GLY A 560 14.58 -12.74 24.18
CA GLY A 560 15.63 -13.74 24.02
C GLY A 560 16.00 -13.93 22.56
N THR A 561 15.01 -13.86 21.66
CA THR A 561 15.32 -13.99 20.24
C THR A 561 16.26 -12.87 19.80
N LEU A 562 16.00 -11.64 20.27
CA LEU A 562 16.89 -10.54 19.97
C LEU A 562 18.27 -10.85 20.54
N ASP A 563 18.31 -11.39 21.77
CA ASP A 563 19.58 -11.75 22.36
C ASP A 563 20.28 -12.81 21.52
N ASP A 564 19.50 -13.76 20.98
CA ASP A 564 20.09 -14.76 20.12
C ASP A 564 20.70 -14.09 18.89
N LEU A 565 19.98 -13.10 18.33
CA LEU A 565 20.55 -12.36 17.22
C LEU A 565 21.82 -11.64 17.67
N GLU A 566 21.78 -11.04 18.85
CA GLU A 566 22.97 -10.39 19.37
C GLU A 566 24.09 -11.41 19.52
N GLU A 567 23.76 -12.61 20.00
CA GLU A 567 24.77 -13.64 20.13
C GLU A 567 25.39 -13.95 18.79
N GLN A 568 24.56 -14.07 17.75
CA GLN A 568 25.11 -14.36 16.44
C GLN A 568 26.13 -13.29 16.06
N ALA A 569 25.77 -12.02 16.27
CA ALA A 569 26.68 -10.96 15.88
C ALA A 569 28.00 -11.08 16.62
N ARG A 570 27.94 -11.26 17.95
CA ARG A 570 29.20 -11.31 18.68
C ARG A 570 30.03 -12.49 18.24
N GLU A 571 29.39 -13.65 18.02
CA GLU A 571 30.18 -14.80 17.57
C GLU A 571 30.83 -14.50 16.24
N LEU A 572 30.07 -13.92 15.30
CA LEU A 572 30.68 -13.59 14.02
C LEU A 572 31.81 -12.60 14.24
N TYR A 573 31.55 -11.60 15.09
CA TYR A 573 32.56 -10.59 15.35
C TYR A 573 33.82 -11.21 15.95
N ARG A 574 33.65 -12.16 16.87
CA ARG A 574 34.83 -12.79 17.43
C ARG A 574 35.52 -13.71 16.42
N ARG A 575 34.74 -14.43 15.59
CA ARG A 575 35.35 -15.40 14.69
C ARG A 575 36.28 -14.74 13.69
N LEU A 576 35.86 -13.60 13.13
CA LEU A 576 36.70 -12.86 12.21
C LEU A 576 37.98 -12.36 12.88
N ARG A 577 37.94 -12.13 14.19
CA ARG A 577 39.12 -11.69 14.92
C ARG A 577 40.08 -12.82 15.24
N GLU A 578 39.81 -14.04 14.75
CA GLU A 578 40.69 -15.17 14.97
C GLU A 578 41.57 -15.51 13.76
N LYS A 579 41.17 -15.06 12.56
CA LYS A 579 41.94 -15.36 11.36
C LYS A 579 43.36 -14.83 11.45
N PRO A 580 44.37 -15.63 11.14
CA PRO A 580 45.77 -15.18 11.24
C PRO A 580 46.07 -14.04 10.28
N ARG A 581 47.29 -13.52 10.41
CA ARG A 581 47.70 -12.33 9.64
C ARG A 581 47.72 -12.58 8.13
N ASP A 582 47.82 -13.82 7.69
CA ASP A 582 47.80 -14.08 6.25
C ASP A 582 46.39 -14.06 5.67
N GLN A 583 45.36 -14.25 6.50
CA GLN A 583 43.98 -14.18 6.07
C GLN A 583 43.28 -12.90 6.53
N ARG A 584 44.04 -11.93 7.06
CA ARG A 584 43.48 -10.69 7.59
C ARG A 584 43.22 -9.72 6.45
N THR A 585 42.13 -9.98 5.71
CA THR A 585 41.74 -9.16 4.58
C THR A 585 40.58 -8.25 4.94
N GLU A 586 40.41 -7.19 4.15
CA GLU A 586 39.34 -6.22 4.35
C GLU A 586 38.07 -6.68 3.66
N GLY A 587 36.93 -6.35 4.28
CA GLY A 587 35.64 -6.71 3.73
C GLY A 587 34.51 -5.79 4.13
N ASP A 588 33.29 -6.14 3.74
CA ASP A 588 32.11 -5.33 4.03
C ASP A 588 31.42 -5.81 5.30
N SER A 589 30.48 -5.00 5.78
CA SER A 589 29.77 -5.28 7.02
C SER A 589 28.25 -5.38 6.80
N GLN A 590 27.84 -6.08 5.75
CA GLN A 590 26.42 -6.18 5.44
C GLN A 590 25.66 -6.97 6.51
N GLU A 591 26.23 -8.10 6.94
CA GLU A 591 25.50 -9.00 7.83
C GLU A 591 25.22 -8.36 9.19
N MET A 592 26.21 -7.64 9.74
CA MET A 592 26.02 -7.04 11.05
C MET A 592 25.02 -5.89 10.98
N VAL A 593 25.01 -5.14 9.88
CA VAL A 593 24.01 -4.09 9.70
C VAL A 593 22.62 -4.70 9.61
N ARG A 594 22.48 -5.80 8.87
CA ARG A 594 21.19 -6.48 8.79
C ARG A 594 20.73 -6.95 10.17
N LEU A 595 21.64 -7.53 10.95
CA LEU A 595 21.29 -7.99 12.29
C LEU A 595 20.88 -6.83 13.18
N LEU A 596 21.59 -5.70 13.08
CA LEU A 596 21.24 -4.53 13.88
C LEU A 596 19.85 -4.00 13.53
N LEU A 597 19.53 -3.95 12.23
CA LEU A 597 18.21 -3.48 11.83
C LEU A 597 17.12 -4.43 12.32
N GLN A 598 17.36 -5.74 12.22
CA GLN A 598 16.40 -6.71 12.74
C GLN A 598 16.20 -6.53 14.24
N ALA A 599 17.29 -6.31 14.98
CA ALA A 599 17.20 -6.12 16.41
C ALA A 599 16.43 -4.85 16.75
N ILE A 600 16.65 -3.77 16.00
CA ILE A 600 15.91 -2.54 16.26
C ILE A 600 14.41 -2.74 16.03
N GLN A 601 14.06 -3.40 14.91
CA GLN A 601 12.64 -3.62 14.62
C GLN A 601 11.99 -4.46 15.72
N SER A 602 12.64 -5.55 16.12
CA SER A 602 12.08 -6.39 17.17
C SER A 602 12.03 -5.67 18.51
N PHE A 603 13.01 -4.80 18.79
CA PHE A 603 13.01 -4.01 20.02
C PHE A 603 11.80 -3.11 20.08
N GLU A 604 11.52 -2.39 18.99
CA GLU A 604 10.33 -1.52 18.99
C GLU A 604 9.05 -2.35 19.07
N LYS A 605 9.03 -3.50 18.41
CA LYS A 605 7.86 -4.36 18.45
C LYS A 605 7.57 -4.85 19.87
N LYS A 606 8.63 -5.17 20.63
CA LYS A 606 8.45 -5.62 22.01
C LYS A 606 8.09 -4.46 22.94
N VAL A 607 8.69 -3.28 22.70
CA VAL A 607 8.39 -2.12 23.53
C VAL A 607 6.93 -1.72 23.38
N ARG A 608 6.36 -1.90 22.20
CA ARG A 608 4.94 -1.60 22.01
C ARG A 608 4.06 -2.41 22.95
N VAL A 609 4.31 -3.72 23.04
CA VAL A 609 3.53 -4.58 23.92
C VAL A 609 3.80 -4.25 25.38
N ILE A 610 5.06 -3.95 25.71
CA ILE A 610 5.40 -3.59 27.09
C ILE A 610 4.59 -2.38 27.54
N TYR A 611 4.53 -1.34 26.71
CA TYR A 611 3.80 -0.15 27.10
C TYR A 611 2.29 -0.35 27.05
N THR A 612 1.80 -1.21 26.16
CA THR A 612 0.38 -1.57 26.19
C THR A 612 0.01 -2.18 27.53
N GLN A 613 0.80 -3.16 27.98
CA GLN A 613 0.53 -3.79 29.28
C GLN A 613 0.70 -2.80 30.43
N LEU A 614 1.67 -1.88 30.31
CA LEU A 614 1.85 -0.87 31.35
C LEU A 614 0.63 0.03 31.47
N SER A 615 0.07 0.46 30.33
CA SER A 615 -1.14 1.27 30.35
C SER A 615 -2.31 0.50 30.95
N LYS A 616 -2.46 -0.77 30.57
CA LYS A 616 -3.52 -1.59 31.17
C LYS A 616 -3.35 -1.71 32.68
N THR A 617 -2.09 -1.80 33.13
CA THR A 617 -1.83 -1.94 34.56
C THR A 617 -2.18 -0.65 35.31
N VAL A 618 -1.79 0.50 34.76
CA VAL A 618 -2.06 1.75 35.47
C VAL A 618 -3.56 2.05 35.48
N VAL A 619 -4.26 1.75 34.39
CA VAL A 619 -5.70 1.99 34.38
C VAL A 619 -6.41 1.09 35.38
N CYS A 620 -5.96 -0.18 35.50
CA CYS A 620 -6.60 -1.06 36.47
C CYS A 620 -6.28 -0.66 37.91
N LYS A 621 -5.07 -0.16 38.15
CA LYS A 621 -4.76 0.36 39.49
C LYS A 621 -5.65 1.55 39.84
N GLN A 622 -5.86 2.46 38.89
CA GLN A 622 -6.74 3.59 39.14
C GLN A 622 -8.18 3.13 39.35
N LYS A 623 -8.61 2.10 38.63
CA LYS A 623 -9.96 1.56 38.83
C LYS A 623 -10.12 0.98 40.23
N ALA A 624 -9.10 0.28 40.72
CA ALA A 624 -9.16 -0.26 42.08
C ALA A 624 -9.23 0.86 43.11
N LEU A 625 -8.40 1.89 42.95
CA LEU A 625 -8.44 3.02 43.88
C LEU A 625 -9.74 3.80 43.77
N GLU A 626 -10.45 3.69 42.64
CA GLU A 626 -11.77 4.31 42.53
C GLU A 626 -12.84 3.48 43.22
N LEU A 627 -12.75 2.15 43.12
CA LEU A 627 -13.76 1.27 43.71
C LEU A 627 -13.58 1.09 45.21
N LEU A 628 -12.43 1.44 45.79
CA LEU A 628 -12.25 1.30 47.23
C LEU A 628 -13.23 2.13 48.06
N PRO A 629 -13.33 3.46 47.91
CA PRO A 629 -14.21 4.23 48.81
C PRO A 629 -15.69 3.93 48.64
N LYS A 630 -16.11 3.45 47.46
CA LYS A 630 -17.49 3.03 47.29
C LYS A 630 -17.86 1.97 48.32
N VAL A 631 -17.07 0.90 48.39
CA VAL A 631 -17.33 -0.17 49.34
C VAL A 631 -17.12 0.32 50.76
N GLU A 632 -16.15 1.24 50.96
CA GLU A 632 -15.95 1.80 52.30
C GLU A 632 -17.22 2.44 52.84
N GLU A 633 -17.81 3.35 52.05
CA GLU A 633 -19.03 4.02 52.52
C GLU A 633 -20.20 3.04 52.60
N VAL A 634 -20.29 2.09 51.67
CA VAL A 634 -21.40 1.14 51.71
C VAL A 634 -21.38 0.33 53.01
N VAL A 635 -20.21 -0.17 53.40
CA VAL A 635 -20.13 -0.96 54.63
C VAL A 635 -20.32 -0.08 55.86
N SER A 636 -19.80 1.16 55.82
CA SER A 636 -20.00 2.07 56.95
C SER A 636 -21.47 2.40 57.15
N LEU A 637 -22.27 2.32 56.08
CA LEU A 637 -23.71 2.52 56.22
C LEU A 637 -24.42 1.24 56.67
N MET A 638 -24.00 0.09 56.12
CA MET A 638 -24.65 -1.17 56.48
C MET A 638 -24.45 -1.53 57.95
N ASN A 639 -23.34 -1.08 58.54
CA ASN A 639 -23.13 -1.31 59.96
C ASN A 639 -24.23 -0.65 60.80
N GLU A 640 -24.50 0.63 60.53
CA GLU A 640 -25.55 1.33 61.25
C GLU A 640 -26.93 0.77 60.92
N ASP A 641 -27.12 0.28 59.68
CA ASP A 641 -28.39 -0.37 59.35
C ASP A 641 -28.63 -1.60 60.24
N GLU A 642 -27.61 -2.43 60.39
CA GLU A 642 -27.71 -3.60 61.27
C GLU A 642 -27.98 -3.18 62.71
N LYS A 643 -27.30 -2.13 63.18
CA LYS A 643 -27.55 -1.60 64.51
C LYS A 643 -29.01 -1.21 64.70
N THR A 644 -29.58 -0.51 63.70
CA THR A 644 -30.97 -0.07 63.82
C THR A 644 -31.94 -1.26 63.81
N VAL A 645 -31.65 -2.29 63.02
CA VAL A 645 -32.50 -3.48 63.03
C VAL A 645 -32.50 -4.13 64.42
N VAL A 646 -31.31 -4.26 65.02
CA VAL A 646 -31.23 -4.85 66.36
C VAL A 646 -32.00 -4.01 67.36
N ARG A 647 -31.86 -2.69 67.28
CA ARG A 647 -32.57 -1.81 68.21
C ARG A 647 -34.09 -1.95 68.06
N LEU A 648 -34.58 -2.04 66.82
CA LEU A 648 -36.01 -2.17 66.61
C LEU A 648 -36.55 -3.49 67.16
N GLN A 649 -35.81 -4.59 66.97
CA GLN A 649 -36.23 -5.86 67.54
C GLN A 649 -36.27 -5.78 69.07
N GLU A 650 -35.25 -5.18 69.67
CA GLU A 650 -35.21 -5.05 71.13
C GLU A 650 -36.38 -4.21 71.62
N LYS A 651 -36.72 -3.14 70.89
CA LYS A 651 -37.87 -2.31 71.26
C LYS A 651 -39.18 -3.08 71.17
N ARG A 652 -39.35 -3.90 70.11
CA ARG A 652 -40.58 -4.69 70.03
C ARG A 652 -40.70 -5.66 71.19
N GLN A 653 -39.60 -6.35 71.52
CA GLN A 653 -39.65 -7.31 72.61
C GLN A 653 -39.93 -6.62 73.94
N LYS A 654 -39.28 -5.48 74.18
CA LYS A 654 -39.56 -4.72 75.40
C LYS A 654 -41.01 -4.25 75.45
N GLU A 655 -41.54 -3.81 74.31
CA GLU A 655 -42.92 -3.34 74.23
C GLU A 655 -43.88 -4.45 74.61
N LEU A 656 -43.73 -5.63 74.00
CA LEU A 656 -44.63 -6.74 74.30
C LEU A 656 -44.49 -7.17 75.76
N TRP A 657 -43.25 -7.24 76.26
CA TRP A 657 -43.03 -7.59 77.66
C TRP A 657 -43.76 -6.62 78.58
N ASN A 658 -43.54 -5.32 78.40
CA ASN A 658 -44.12 -4.33 79.31
C ASN A 658 -45.64 -4.37 79.24
N LEU A 659 -46.20 -4.47 78.03
CA LEU A 659 -47.65 -4.51 77.89
C LEU A 659 -48.24 -5.71 78.61
N LEU A 660 -47.68 -6.91 78.37
CA LEU A 660 -48.20 -8.10 79.02
C LEU A 660 -48.08 -8.01 80.54
N LYS A 661 -46.91 -7.63 81.04
CA LYS A 661 -46.70 -7.59 82.49
C LYS A 661 -47.65 -6.60 83.16
N ILE A 662 -47.75 -5.39 82.64
CA ILE A 662 -48.61 -4.40 83.28
C ILE A 662 -50.07 -4.81 83.18
N ALA A 663 -50.51 -5.26 82.01
CA ALA A 663 -51.91 -5.64 81.83
C ALA A 663 -52.30 -6.81 82.73
N CYS A 664 -51.42 -7.80 82.86
CA CYS A 664 -51.75 -8.96 83.70
C CYS A 664 -51.68 -8.62 85.19
N SER A 665 -50.70 -7.82 85.59
CA SER A 665 -50.58 -7.47 86.99
C SER A 665 -51.66 -6.49 87.44
N LYS A 666 -52.28 -5.76 86.51
CA LYS A 666 -53.36 -4.86 86.89
C LYS A 666 -54.55 -5.62 87.46
N VAL A 667 -54.84 -6.81 86.92
CA VAL A 667 -55.98 -7.58 87.40
C VAL A 667 -55.64 -8.29 88.69
N ARG A 668 -54.66 -9.19 88.65
CA ARG A 668 -54.22 -9.96 89.82
C ARG A 668 -55.37 -10.66 90.53
N THR B 10 -3.02 -19.62 -34.67
CA THR B 10 -3.86 -20.25 -35.70
C THR B 10 -5.06 -20.95 -35.08
N THR B 11 -6.00 -20.16 -34.57
CA THR B 11 -7.22 -20.67 -33.95
C THR B 11 -8.39 -20.56 -34.91
N GLN B 12 -9.20 -21.61 -34.97
CA GLN B 12 -10.36 -21.67 -35.84
C GLN B 12 -11.58 -22.08 -35.04
N THR B 13 -12.70 -21.40 -35.30
CA THR B 13 -13.96 -21.66 -34.61
C THR B 13 -15.04 -22.00 -35.63
N CYS B 14 -16.18 -22.47 -35.12
CA CYS B 14 -17.36 -22.79 -35.92
C CYS B 14 -18.57 -22.06 -35.35
N GLY B 15 -18.46 -20.75 -35.20
CA GLY B 15 -19.56 -19.97 -34.67
C GLY B 15 -19.20 -19.30 -33.37
N ALA B 16 -19.91 -19.67 -32.31
CA ALA B 16 -19.64 -19.20 -30.97
C ALA B 16 -18.72 -20.14 -30.21
N TRP B 17 -18.73 -21.42 -30.57
CA TRP B 17 -17.90 -22.42 -29.93
C TRP B 17 -16.46 -22.27 -30.41
N GLU B 18 -15.54 -22.07 -29.47
CA GLU B 18 -14.13 -21.92 -29.77
C GLU B 18 -13.40 -23.21 -29.42
N MET B 19 -12.47 -23.60 -30.30
CA MET B 19 -11.73 -24.83 -30.12
C MET B 19 -10.74 -24.72 -28.96
N LYS B 20 -10.60 -25.80 -28.22
CA LYS B 20 -9.63 -25.92 -27.14
C LYS B 20 -8.64 -27.02 -27.51
N GLU B 21 -7.72 -27.32 -26.59
CA GLU B 21 -6.67 -28.26 -26.88
C GLU B 21 -7.09 -29.68 -26.53
N ARG B 22 -6.23 -30.64 -26.85
CA ARG B 22 -6.51 -32.06 -26.64
C ARG B 22 -6.73 -32.38 -25.17
N ASN B 30 -7.41 -38.04 -28.56
CA ASN B 30 -8.63 -38.68 -29.03
C ASN B 30 -9.80 -37.69 -29.05
N VAL B 31 -10.06 -37.07 -27.90
CA VAL B 31 -11.18 -36.16 -27.73
C VAL B 31 -10.65 -34.74 -27.63
N ILE B 32 -11.40 -33.78 -28.18
CA ILE B 32 -11.00 -32.38 -28.20
C ILE B 32 -12.16 -31.54 -27.67
N ARG B 33 -11.85 -30.55 -26.85
CA ARG B 33 -12.86 -29.74 -26.18
C ARG B 33 -13.18 -28.47 -26.96
N TRP B 34 -14.46 -28.09 -26.93
CA TRP B 34 -14.95 -26.86 -27.55
C TRP B 34 -15.74 -26.10 -26.50
N HIS B 35 -15.29 -24.89 -26.18
CA HIS B 35 -15.91 -24.08 -25.14
C HIS B 35 -16.62 -22.91 -25.79
N ASN B 36 -17.86 -22.66 -25.38
CA ASN B 36 -18.63 -21.54 -25.92
C ASN B 36 -18.37 -20.29 -25.10
N GLN B 37 -18.00 -19.20 -25.78
CA GLN B 37 -17.69 -17.95 -25.10
C GLN B 37 -18.89 -17.03 -24.95
N GLU B 38 -20.07 -17.47 -25.39
CA GLU B 38 -21.31 -16.74 -25.18
C GLU B 38 -22.37 -17.54 -24.44
N THR B 39 -22.52 -18.83 -24.74
CA THR B 39 -23.44 -19.66 -23.96
C THR B 39 -22.75 -20.29 -22.76
N GLY B 40 -21.49 -20.71 -22.91
CA GLY B 40 -20.72 -21.26 -21.82
C GLY B 40 -20.78 -22.76 -21.62
N GLU B 41 -20.84 -23.52 -22.71
CA GLU B 41 -20.90 -24.98 -22.64
C GLU B 41 -19.61 -25.57 -23.22
N GLN B 42 -18.87 -26.30 -22.39
CA GLN B 42 -17.63 -26.95 -22.80
C GLN B 42 -17.96 -28.39 -23.19
N ILE B 43 -18.22 -28.61 -24.47
CA ILE B 43 -18.56 -29.93 -25.01
C ILE B 43 -17.32 -30.58 -25.59
N ALA B 44 -17.08 -31.84 -25.25
CA ALA B 44 -15.92 -32.59 -25.72
C ALA B 44 -16.34 -33.50 -26.87
N ILE B 45 -15.82 -33.23 -28.07
CA ILE B 45 -16.15 -34.02 -29.25
C ILE B 45 -15.04 -35.03 -29.49
N LYS B 46 -15.43 -36.30 -29.66
CA LYS B 46 -14.50 -37.38 -29.98
C LYS B 46 -14.46 -37.55 -31.51
N GLN B 47 -13.31 -37.25 -32.11
CA GLN B 47 -13.18 -37.35 -33.55
C GLN B 47 -12.84 -38.78 -33.98
N CYS B 48 -13.38 -39.18 -35.13
CA CYS B 48 -13.13 -40.49 -35.72
C CYS B 48 -12.11 -40.41 -36.85
N ARG B 49 -11.32 -41.47 -36.98
CA ARG B 49 -10.34 -41.54 -38.06
C ARG B 49 -11.04 -41.66 -39.41
N GLN B 50 -10.27 -41.48 -40.48
CA GLN B 50 -10.81 -41.44 -41.83
C GLN B 50 -10.76 -42.80 -42.50
N GLU B 51 -9.70 -43.57 -42.25
CA GLU B 51 -9.55 -44.92 -42.80
C GLU B 51 -10.15 -45.91 -41.81
N LEU B 52 -11.34 -46.41 -42.13
CA LEU B 52 -12.06 -47.34 -41.29
C LEU B 52 -12.22 -48.69 -41.99
N SER B 53 -12.08 -49.76 -41.23
CA SER B 53 -12.35 -51.09 -41.72
C SER B 53 -13.85 -51.38 -41.59
N PRO B 54 -14.40 -52.18 -42.50
CA PRO B 54 -15.87 -52.40 -42.47
C PRO B 54 -16.40 -52.87 -41.12
N ARG B 55 -15.80 -53.91 -40.54
CA ARG B 55 -16.27 -54.36 -39.23
C ARG B 55 -16.01 -53.30 -38.16
N ASN B 56 -14.85 -52.63 -38.23
CA ASN B 56 -14.58 -51.55 -37.28
C ASN B 56 -15.51 -50.37 -37.50
N ARG B 57 -15.90 -50.10 -38.75
CA ARG B 57 -16.83 -49.01 -39.01
C ARG B 57 -18.21 -49.33 -38.44
N GLU B 58 -18.66 -50.57 -38.62
CA GLU B 58 -19.94 -50.98 -38.07
C GLU B 58 -19.91 -50.92 -36.54
N ARG B 59 -18.79 -51.32 -35.94
CA ARG B 59 -18.68 -51.25 -34.48
C ARG B 59 -18.64 -49.80 -34.01
N TRP B 60 -18.04 -48.90 -34.79
CA TRP B 60 -18.05 -47.48 -34.43
C TRP B 60 -19.46 -46.91 -34.48
N CYS B 61 -20.23 -47.27 -35.51
CA CYS B 61 -21.64 -46.85 -35.56
C CYS B 61 -22.42 -47.42 -34.39
N LEU B 62 -22.17 -48.68 -34.05
CA LEU B 62 -22.83 -49.31 -32.92
C LEU B 62 -22.50 -48.57 -31.62
N GLU B 63 -21.24 -48.17 -31.45
CA GLU B 63 -20.85 -47.40 -30.26
C GLU B 63 -21.53 -46.05 -30.24
N ILE B 64 -21.65 -45.40 -31.40
CA ILE B 64 -22.36 -44.12 -31.48
C ILE B 64 -23.79 -44.28 -31.00
N GLN B 65 -24.47 -45.32 -31.46
CA GLN B 65 -25.86 -45.52 -31.03
C GLN B 65 -25.94 -45.91 -29.56
N ILE B 66 -24.99 -46.70 -29.08
CA ILE B 66 -25.01 -47.17 -27.69
C ILE B 66 -24.81 -46.02 -26.73
N MET B 67 -23.97 -45.04 -27.11
CA MET B 67 -23.68 -43.93 -26.20
C MET B 67 -24.93 -43.12 -25.88
N ARG B 68 -25.87 -43.00 -26.81
CA ARG B 68 -27.09 -42.25 -26.53
C ARG B 68 -27.94 -42.91 -25.45
N ARG B 69 -27.80 -44.21 -25.25
CA ARG B 69 -28.63 -44.91 -24.27
C ARG B 69 -28.11 -44.70 -22.85
N LEU B 70 -26.80 -44.81 -22.64
CA LEU B 70 -26.23 -44.72 -21.30
C LEU B 70 -26.22 -43.26 -20.84
N THR B 71 -26.86 -42.99 -19.71
CA THR B 71 -26.91 -41.66 -19.13
C THR B 71 -26.77 -41.71 -17.60
N HIS B 72 -25.85 -42.52 -17.11
CA HIS B 72 -25.71 -42.65 -15.67
C HIS B 72 -25.03 -41.42 -15.09
N PRO B 73 -25.45 -40.95 -13.91
CA PRO B 73 -24.84 -39.74 -13.34
C PRO B 73 -23.39 -39.91 -12.93
N ASN B 74 -22.98 -41.11 -12.51
CA ASN B 74 -21.61 -41.33 -12.06
C ASN B 74 -20.66 -41.65 -13.20
N VAL B 75 -21.12 -41.52 -14.45
CA VAL B 75 -20.27 -41.63 -15.62
C VAL B 75 -20.59 -40.45 -16.53
N VAL B 76 -19.60 -40.06 -17.35
CA VAL B 76 -19.83 -38.97 -18.28
C VAL B 76 -20.92 -39.36 -19.26
N ALA B 77 -21.80 -38.41 -19.56
CA ALA B 77 -22.97 -38.64 -20.40
C ALA B 77 -22.75 -38.06 -21.79
N ALA B 78 -23.45 -38.63 -22.77
CA ALA B 78 -23.37 -38.18 -24.15
C ALA B 78 -24.29 -36.99 -24.35
N ARG B 79 -23.78 -35.94 -24.96
CA ARG B 79 -24.54 -34.73 -25.20
C ARG B 79 -24.81 -34.53 -26.69
N ASP B 80 -25.81 -33.72 -26.99
CA ASP B 80 -26.25 -33.53 -28.36
C ASP B 80 -25.18 -32.84 -29.20
N VAL B 81 -25.09 -33.25 -30.46
CA VAL B 81 -24.18 -32.61 -31.40
C VAL B 81 -24.68 -31.20 -31.71
N PRO B 82 -23.83 -30.18 -31.69
CA PRO B 82 -24.30 -28.81 -31.96
C PRO B 82 -24.80 -28.68 -33.38
N GLU B 83 -25.74 -27.75 -33.57
CA GLU B 83 -26.29 -27.50 -34.89
C GLU B 83 -25.22 -26.85 -35.76
N GLY B 84 -24.93 -27.47 -36.90
CA GLY B 84 -23.92 -26.96 -37.81
C GLY B 84 -22.53 -27.53 -37.64
N MET B 85 -22.38 -28.65 -36.94
CA MET B 85 -21.07 -29.25 -36.77
C MET B 85 -20.81 -30.45 -37.69
N GLN B 86 -21.86 -30.99 -38.31
CA GLN B 86 -21.65 -32.05 -39.29
C GLN B 86 -21.06 -31.52 -40.58
N ASN B 87 -21.27 -30.23 -40.88
CA ASN B 87 -20.73 -29.64 -42.09
C ASN B 87 -19.20 -29.61 -42.06
N LEU B 88 -18.62 -29.31 -40.90
CA LEU B 88 -17.16 -29.27 -40.76
C LEU B 88 -16.65 -30.63 -40.27
N ALA B 89 -16.91 -31.65 -41.08
CA ALA B 89 -16.50 -33.02 -40.80
C ALA B 89 -15.79 -33.57 -42.02
N PRO B 90 -14.55 -34.06 -41.90
CA PRO B 90 -13.89 -34.66 -43.06
C PRO B 90 -14.48 -35.99 -43.46
N ASN B 91 -14.99 -36.76 -42.49
CA ASN B 91 -15.63 -38.04 -42.74
C ASN B 91 -17.14 -37.90 -42.56
N ASP B 92 -17.88 -38.79 -43.22
CA ASP B 92 -19.33 -38.74 -43.24
C ASP B 92 -19.96 -39.30 -41.97
N LEU B 93 -19.18 -39.53 -40.92
CA LEU B 93 -19.73 -40.13 -39.72
C LEU B 93 -19.79 -39.11 -38.58
N PRO B 94 -20.87 -39.12 -37.80
CA PRO B 94 -21.07 -38.09 -36.77
C PRO B 94 -20.15 -38.28 -35.58
N LEU B 95 -19.53 -37.18 -35.15
CA LEU B 95 -18.76 -37.17 -33.92
C LEU B 95 -19.69 -36.88 -32.76
N LEU B 96 -19.30 -37.33 -31.57
CA LEU B 96 -20.18 -37.26 -30.40
C LEU B 96 -19.65 -36.27 -29.37
N ALA B 97 -20.59 -35.61 -28.70
CA ALA B 97 -20.29 -34.59 -27.71
C ALA B 97 -20.37 -35.18 -26.30
N MET B 98 -19.70 -34.52 -25.37
CA MET B 98 -19.64 -34.98 -23.99
C MET B 98 -19.51 -33.77 -23.07
N GLU B 99 -19.45 -34.04 -21.77
CA GLU B 99 -19.34 -33.00 -20.76
C GLU B 99 -17.89 -32.89 -20.31
N TYR B 100 -17.41 -31.65 -20.20
CA TYR B 100 -16.05 -31.39 -19.75
C TYR B 100 -16.01 -31.28 -18.23
N CYS B 101 -15.06 -31.97 -17.61
CA CYS B 101 -14.88 -31.96 -16.17
C CYS B 101 -13.63 -31.20 -15.81
N GLN B 102 -13.77 -30.20 -14.94
CA GLN B 102 -12.63 -29.35 -14.58
C GLN B 102 -11.64 -30.05 -13.67
N GLY B 103 -12.06 -31.12 -12.99
CA GLY B 103 -11.21 -31.78 -12.02
C GLY B 103 -9.93 -32.39 -12.57
N GLY B 104 -10.06 -33.38 -13.43
CA GLY B 104 -8.92 -34.05 -14.01
C GLY B 104 -8.88 -35.53 -13.63
N ASP B 105 -7.96 -36.23 -14.29
CA ASP B 105 -7.83 -37.67 -14.10
C ASP B 105 -7.36 -38.00 -12.68
N LEU B 106 -7.67 -39.22 -12.26
CA LEU B 106 -7.25 -39.70 -10.95
C LEU B 106 -5.74 -39.92 -10.89
N ARG B 107 -5.08 -40.08 -12.03
CA ARG B 107 -3.64 -40.32 -12.05
C ARG B 107 -2.87 -39.16 -11.44
N LYS B 108 -3.28 -37.93 -11.75
CA LYS B 108 -2.60 -36.76 -11.18
C LYS B 108 -2.79 -36.69 -9.67
N TYR B 109 -3.98 -37.04 -9.19
CA TYR B 109 -4.21 -37.08 -7.75
C TYR B 109 -3.37 -38.16 -7.09
N LEU B 110 -3.20 -39.29 -7.75
CA LEU B 110 -2.38 -40.37 -7.19
C LEU B 110 -0.90 -40.01 -7.18
N ASN B 111 -0.45 -39.20 -8.14
CA ASN B 111 0.95 -38.82 -8.26
C ASN B 111 1.29 -37.58 -7.43
N GLN B 112 0.36 -37.09 -6.63
CA GLN B 112 0.63 -35.94 -5.79
C GLN B 112 1.58 -36.32 -4.65
N PHE B 113 2.32 -35.32 -4.17
CA PHE B 113 3.31 -35.56 -3.12
C PHE B 113 2.66 -35.87 -1.78
N GLU B 114 1.38 -35.61 -1.61
CA GLU B 114 0.69 -35.90 -0.36
C GLU B 114 -0.03 -37.24 -0.37
N ASN B 115 -0.44 -37.72 -1.55
CA ASN B 115 -1.11 -39.01 -1.68
C ASN B 115 -0.18 -40.07 -2.26
N CYS B 116 1.12 -39.98 -1.96
CA CYS B 116 2.09 -40.96 -2.46
C CYS B 116 1.87 -42.32 -1.84
N CYS B 117 1.33 -42.38 -0.62
CA CYS B 117 1.06 -43.63 0.08
C CYS B 117 -0.44 -43.91 0.15
N GLY B 118 -1.14 -43.62 -0.94
CA GLY B 118 -2.56 -43.82 -1.01
C GLY B 118 -3.34 -42.57 -0.65
N LEU B 119 -4.64 -42.62 -0.94
CA LEU B 119 -5.52 -41.49 -0.66
C LEU B 119 -5.99 -41.53 0.79
N ARG B 120 -6.64 -40.44 1.20
CA ARG B 120 -7.24 -40.42 2.53
C ARG B 120 -8.45 -41.33 2.57
N GLU B 121 -8.91 -41.63 3.78
CA GLU B 121 -9.98 -42.59 3.98
C GLU B 121 -11.25 -42.16 3.25
N GLY B 122 -11.65 -40.90 3.41
CA GLY B 122 -12.86 -40.42 2.75
C GLY B 122 -12.76 -40.48 1.24
N ALA B 123 -11.59 -40.18 0.69
CA ALA B 123 -11.42 -40.24 -0.76
C ALA B 123 -11.65 -41.65 -1.28
N ILE B 124 -11.10 -42.64 -0.59
CA ILE B 124 -11.28 -44.03 -1.01
C ILE B 124 -12.74 -44.45 -0.87
N LEU B 125 -13.39 -44.05 0.23
CA LEU B 125 -14.80 -44.40 0.41
C LEU B 125 -15.66 -43.80 -0.71
N THR B 126 -15.44 -42.53 -1.04
CA THR B 126 -16.21 -41.90 -2.10
C THR B 126 -15.91 -42.54 -3.45
N LEU B 127 -14.64 -42.89 -3.70
CA LEU B 127 -14.29 -43.57 -4.95
C LEU B 127 -15.04 -44.89 -5.09
N LEU B 128 -15.05 -45.69 -4.03
CA LEU B 128 -15.77 -46.97 -4.08
C LEU B 128 -17.25 -46.75 -4.30
N SER B 129 -17.85 -45.84 -3.52
CA SER B 129 -19.30 -45.63 -3.61
C SER B 129 -19.71 -45.03 -4.94
N ASP B 130 -18.81 -44.33 -5.61
CA ASP B 130 -19.13 -43.72 -6.90
C ASP B 130 -18.82 -44.63 -8.08
N ILE B 131 -17.87 -45.55 -7.94
CA ILE B 131 -17.53 -46.45 -9.04
C ILE B 131 -18.42 -47.69 -9.03
N ALA B 132 -18.73 -48.25 -7.86
CA ALA B 132 -19.53 -49.48 -7.82
C ALA B 132 -20.95 -49.24 -8.32
N SER B 133 -21.56 -48.13 -7.89
CA SER B 133 -22.94 -47.84 -8.27
C SER B 133 -23.08 -47.53 -9.75
N ALA B 134 -21.99 -47.15 -10.41
CA ALA B 134 -21.98 -46.93 -11.85
C ALA B 134 -21.66 -48.21 -12.61
N LEU B 135 -20.75 -49.03 -12.07
CA LEU B 135 -20.43 -50.29 -12.72
C LEU B 135 -21.60 -51.26 -12.67
N ARG B 136 -22.43 -51.19 -11.61
CA ARG B 136 -23.62 -52.01 -11.57
C ARG B 136 -24.58 -51.65 -12.70
N TYR B 137 -24.76 -50.35 -12.94
CA TYR B 137 -25.62 -49.91 -14.03
C TYR B 137 -25.03 -50.27 -15.38
N LEU B 138 -23.70 -50.22 -15.50
CA LEU B 138 -23.05 -50.64 -16.74
C LEU B 138 -23.29 -52.13 -17.00
N HIS B 139 -23.16 -52.96 -15.96
CA HIS B 139 -23.39 -54.39 -16.11
C HIS B 139 -24.86 -54.74 -16.29
N GLU B 140 -25.77 -53.86 -15.86
CA GLU B 140 -27.19 -54.14 -16.02
C GLU B 140 -27.63 -54.05 -17.48
N ASN B 141 -27.03 -53.14 -18.25
CA ASN B 141 -27.39 -52.96 -19.65
C ASN B 141 -26.58 -53.85 -20.58
N ARG B 142 -25.97 -54.91 -20.05
CA ARG B 142 -25.19 -55.87 -20.84
C ARG B 142 -24.05 -55.18 -21.59
N ILE B 143 -23.43 -54.19 -20.93
CA ILE B 143 -22.30 -53.46 -21.49
C ILE B 143 -21.11 -53.63 -20.55
N ILE B 144 -19.97 -54.06 -21.12
CA ILE B 144 -18.74 -54.26 -20.37
C ILE B 144 -17.69 -53.31 -20.90
N HIS B 145 -17.02 -52.58 -20.00
CA HIS B 145 -16.01 -51.63 -20.42
C HIS B 145 -14.75 -52.33 -20.92
N ARG B 146 -14.37 -53.44 -20.28
CA ARG B 146 -13.26 -54.30 -20.68
C ARG B 146 -11.91 -53.61 -20.44
N ASP B 147 -11.94 -52.32 -20.13
CA ASP B 147 -10.73 -51.54 -19.87
C ASP B 147 -11.04 -50.51 -18.79
N LEU B 148 -10.14 -50.39 -17.81
CA LEU B 148 -10.34 -49.43 -16.74
C LEU B 148 -8.98 -49.03 -16.18
N LYS B 149 -8.71 -47.74 -16.17
CA LYS B 149 -7.46 -47.19 -15.65
C LYS B 149 -7.77 -45.93 -14.88
N PRO B 150 -6.85 -45.46 -14.02
CA PRO B 150 -7.07 -44.19 -13.34
C PRO B 150 -7.16 -43.01 -14.29
N GLU B 151 -6.70 -43.16 -15.53
CA GLU B 151 -6.82 -42.08 -16.51
C GLU B 151 -8.26 -41.91 -16.98
N ASN B 152 -9.07 -42.97 -16.93
CA ASN B 152 -10.47 -42.87 -17.32
C ASN B 152 -11.35 -42.27 -16.25
N ILE B 153 -10.88 -42.24 -14.99
CA ILE B 153 -11.68 -41.75 -13.88
C ILE B 153 -11.30 -40.30 -13.61
N VAL B 154 -12.26 -39.41 -13.76
CA VAL B 154 -12.07 -37.97 -13.54
C VAL B 154 -12.85 -37.58 -12.28
N LEU B 155 -12.29 -36.63 -11.53
CA LEU B 155 -12.89 -36.15 -10.28
C LEU B 155 -13.63 -34.85 -10.55
N GLN B 156 -14.87 -34.98 -11.01
CA GLN B 156 -15.68 -33.80 -11.30
C GLN B 156 -16.13 -33.17 -9.99
N GLN B 157 -15.96 -31.84 -9.89
CA GLN B 157 -16.35 -31.12 -8.69
C GLN B 157 -17.87 -31.05 -8.62
N GLY B 158 -18.47 -31.80 -7.70
CA GLY B 158 -19.90 -31.84 -7.55
C GLY B 158 -20.44 -30.73 -6.67
N GLU B 159 -21.74 -30.81 -6.38
CA GLU B 159 -22.39 -29.80 -5.56
C GLU B 159 -21.91 -29.88 -4.11
N GLN B 160 -21.75 -31.08 -3.59
CA GLN B 160 -21.33 -31.30 -2.21
C GLN B 160 -19.99 -31.99 -2.10
N ARG B 161 -19.81 -33.09 -2.82
CA ARG B 161 -18.56 -33.85 -2.82
C ARG B 161 -18.13 -34.11 -4.26
N LEU B 162 -16.87 -34.51 -4.41
CA LEU B 162 -16.34 -34.81 -5.73
C LEU B 162 -16.91 -36.13 -6.24
N ILE B 163 -17.31 -36.15 -7.50
CA ILE B 163 -17.95 -37.30 -8.13
C ILE B 163 -16.95 -37.93 -9.10
N HIS B 164 -16.81 -39.25 -9.02
CA HIS B 164 -15.92 -40.01 -9.88
C HIS B 164 -16.67 -40.39 -11.16
N LYS B 165 -16.33 -39.75 -12.28
CA LYS B 165 -16.94 -40.06 -13.56
C LYS B 165 -15.94 -40.80 -14.43
N ILE B 166 -16.44 -41.43 -15.50
CA ILE B 166 -15.63 -42.26 -16.38
C ILE B 166 -15.74 -41.73 -17.81
N ILE B 167 -14.61 -41.31 -18.36
CA ILE B 167 -14.52 -40.84 -19.74
C ILE B 167 -13.76 -41.89 -20.56
N ASP B 168 -13.80 -41.74 -21.89
CA ASP B 168 -12.99 -42.53 -22.83
C ASP B 168 -13.26 -44.04 -22.70
N LEU B 169 -14.47 -44.41 -23.11
CA LEU B 169 -14.87 -45.81 -23.11
C LEU B 169 -14.15 -46.59 -24.22
N GLY B 170 -14.34 -47.91 -24.20
CA GLY B 170 -13.72 -48.80 -25.18
C GLY B 170 -14.70 -49.53 -26.07
N TYR B 171 -14.54 -50.84 -26.23
CA TYR B 171 -15.38 -51.67 -27.07
C TYR B 171 -16.08 -52.73 -26.22
N ALA B 172 -17.11 -53.34 -26.80
CA ALA B 172 -17.84 -54.42 -26.12
C ALA B 172 -18.77 -55.13 -27.09
N LYS B 173 -18.78 -56.46 -27.01
CA LYS B 173 -19.78 -57.28 -27.65
C LYS B 173 -21.15 -56.97 -27.07
N GLU B 174 -22.19 -57.04 -27.91
CA GLU B 174 -23.54 -56.80 -27.43
C GLU B 174 -24.13 -58.10 -26.92
N LEU B 175 -24.72 -58.06 -25.75
CA LEU B 175 -25.30 -59.25 -25.12
C LEU B 175 -26.82 -59.21 -25.19
N VAL B 185 -5.41 -53.97 -27.90
CA VAL B 185 -6.17 -53.11 -28.81
C VAL B 185 -5.99 -51.64 -28.42
N GLY B 186 -5.31 -51.38 -27.31
CA GLY B 186 -4.87 -50.04 -27.01
C GLY B 186 -3.47 -49.97 -26.44
N THR B 187 -3.28 -49.25 -25.33
CA THR B 187 -1.95 -49.13 -24.73
C THR B 187 -2.11 -48.74 -23.26
N LEU B 188 -1.72 -49.65 -22.36
CA LEU B 188 -1.89 -49.45 -20.92
C LEU B 188 -1.34 -50.67 -20.20
N GLN B 189 -1.01 -50.49 -18.92
CA GLN B 189 -0.51 -51.57 -18.07
C GLN B 189 -1.57 -52.20 -17.16
N TYR B 190 -2.81 -51.73 -17.18
CA TYR B 190 -3.86 -52.31 -16.33
C TYR B 190 -4.58 -53.39 -17.12
N LEU B 191 -3.92 -54.54 -17.22
CA LEU B 191 -4.44 -55.69 -17.95
C LEU B 191 -4.80 -56.85 -17.03
N ALA B 192 -5.94 -57.47 -17.28
CA ALA B 192 -6.33 -58.71 -16.63
C ALA B 192 -5.71 -59.87 -17.38
N PRO B 193 -5.50 -61.02 -16.71
CA PRO B 193 -4.91 -62.17 -17.41
C PRO B 193 -5.70 -62.63 -18.62
N GLU B 194 -7.03 -62.46 -18.60
CA GLU B 194 -7.86 -62.85 -19.72
C GLU B 194 -7.60 -62.03 -20.97
N LEU B 195 -7.02 -60.83 -20.81
CA LEU B 195 -6.67 -60.05 -21.99
C LEU B 195 -5.39 -60.57 -22.62
N LEU B 196 -4.57 -61.28 -21.85
CA LEU B 196 -3.36 -61.91 -22.37
C LEU B 196 -3.69 -63.25 -23.01
N GLU B 197 -4.59 -64.01 -22.39
CA GLU B 197 -4.98 -65.31 -22.94
C GLU B 197 -6.04 -65.22 -24.03
N GLN B 198 -6.71 -64.07 -24.19
CA GLN B 198 -7.75 -63.90 -25.21
C GLN B 198 -8.72 -65.06 -25.22
N GLN B 199 -9.15 -65.46 -24.02
CA GLN B 199 -10.10 -66.54 -23.80
C GLN B 199 -11.47 -65.97 -23.46
N LYS B 200 -12.46 -66.86 -23.38
CA LYS B 200 -13.83 -66.43 -23.12
C LYS B 200 -13.92 -65.76 -21.75
N TYR B 201 -14.14 -64.45 -21.76
CA TYR B 201 -14.15 -63.60 -20.58
C TYR B 201 -15.57 -63.21 -20.20
N THR B 202 -15.87 -63.27 -18.91
CA THR B 202 -17.11 -62.74 -18.38
C THR B 202 -16.87 -61.30 -17.89
N VAL B 203 -17.85 -60.74 -17.18
CA VAL B 203 -17.74 -59.37 -16.69
C VAL B 203 -16.65 -59.22 -15.64
N THR B 204 -16.18 -60.33 -15.06
CA THR B 204 -15.19 -60.29 -13.98
C THR B 204 -13.89 -59.61 -14.39
N VAL B 205 -13.63 -59.52 -15.70
CA VAL B 205 -12.43 -58.82 -16.15
C VAL B 205 -12.42 -57.38 -15.68
N ASP B 206 -13.61 -56.78 -15.53
CA ASP B 206 -13.68 -55.45 -14.92
C ASP B 206 -13.33 -55.52 -13.45
N TYR B 207 -13.86 -56.51 -12.72
CA TYR B 207 -13.65 -56.61 -11.28
C TYR B 207 -12.17 -56.62 -10.96
N TRP B 208 -11.40 -57.50 -11.62
CA TRP B 208 -9.96 -57.52 -11.45
C TRP B 208 -9.36 -56.13 -11.72
N SER B 209 -9.73 -55.54 -12.86
CA SER B 209 -9.19 -54.22 -13.21
C SER B 209 -9.57 -53.18 -12.15
N PHE B 210 -10.65 -53.41 -11.42
CA PHE B 210 -10.98 -52.53 -10.31
C PHE B 210 -10.10 -52.82 -9.10
N GLY B 211 -9.96 -54.11 -8.74
CA GLY B 211 -9.26 -54.45 -7.52
C GLY B 211 -7.84 -53.94 -7.48
N THR B 212 -7.09 -54.17 -8.57
CA THR B 212 -5.72 -53.66 -8.64
C THR B 212 -5.72 -52.15 -8.44
N LEU B 213 -6.64 -51.46 -9.11
CA LEU B 213 -6.73 -50.02 -8.96
C LEU B 213 -6.88 -49.67 -7.49
N ALA B 214 -7.84 -50.30 -6.82
CA ALA B 214 -8.08 -50.02 -5.40
C ALA B 214 -6.80 -50.19 -4.59
N PHE B 215 -5.98 -51.18 -4.95
CA PHE B 215 -4.73 -51.37 -4.21
C PHE B 215 -3.86 -50.13 -4.27
N GLU B 216 -3.65 -49.60 -5.48
CA GLU B 216 -2.84 -48.39 -5.61
C GLU B 216 -3.51 -47.19 -4.97
N CYS B 217 -4.82 -47.27 -4.70
CA CYS B 217 -5.54 -46.21 -4.02
C CYS B 217 -5.38 -46.26 -2.51
N ILE B 218 -4.86 -47.36 -1.97
CA ILE B 218 -4.74 -47.55 -0.53
C ILE B 218 -3.28 -47.51 -0.08
N THR B 219 -2.42 -48.27 -0.77
CA THR B 219 -1.01 -48.37 -0.43
C THR B 219 -0.16 -47.37 -1.22
N GLY B 220 -0.49 -47.15 -2.48
CA GLY B 220 0.21 -46.22 -3.34
C GLY B 220 0.89 -46.85 -4.52
N PHE B 221 1.21 -48.15 -4.47
CA PHE B 221 1.88 -48.84 -5.54
C PHE B 221 0.98 -49.93 -6.11
N ARG B 222 1.30 -50.37 -7.32
CA ARG B 222 0.53 -51.42 -7.98
C ARG B 222 0.71 -52.74 -7.22
N PRO B 223 -0.35 -53.54 -7.08
CA PRO B 223 -0.23 -54.75 -6.26
C PRO B 223 0.67 -55.81 -6.85
N PHE B 224 0.58 -56.05 -8.16
CA PHE B 224 1.26 -57.15 -8.82
C PHE B 224 2.45 -56.63 -9.63
N LEU B 225 3.67 -56.89 -9.14
CA LEU B 225 4.90 -56.67 -9.89
C LEU B 225 5.12 -55.21 -10.29
N PRO B 226 5.59 -54.37 -9.36
CA PRO B 226 5.77 -52.94 -9.65
C PRO B 226 6.75 -52.66 -10.78
N ASN B 227 6.22 -52.16 -11.89
CA ASN B 227 6.99 -51.82 -13.09
C ASN B 227 7.71 -53.04 -13.67
N TRP B 228 7.06 -54.20 -13.61
CA TRP B 228 7.56 -55.41 -14.22
C TRP B 228 6.74 -55.74 -15.47
N GLN B 229 7.42 -56.32 -16.45
CA GLN B 229 6.77 -56.68 -17.70
C GLN B 229 5.70 -57.74 -17.46
N PRO B 230 4.63 -57.74 -18.27
CA PRO B 230 3.56 -58.74 -18.08
C PRO B 230 3.98 -60.17 -18.37
N VAL B 231 5.12 -60.39 -19.03
CA VAL B 231 5.53 -61.73 -19.43
C VAL B 231 5.68 -62.63 -18.22
N GLN B 232 6.56 -62.25 -17.28
CA GLN B 232 6.67 -63.02 -16.04
C GLN B 232 5.53 -62.72 -15.08
N TRP B 233 4.80 -61.63 -15.33
CA TRP B 233 3.67 -61.27 -14.47
C TRP B 233 2.56 -62.30 -14.58
N HIS B 234 2.26 -62.78 -15.79
CA HIS B 234 1.21 -63.78 -15.94
C HIS B 234 1.59 -65.08 -15.22
N SER B 235 2.86 -65.47 -15.32
CA SER B 235 3.31 -66.70 -14.66
C SER B 235 3.23 -66.55 -13.16
N LYS B 236 3.62 -65.39 -12.62
CA LYS B 236 3.57 -65.21 -11.18
C LYS B 236 2.16 -65.00 -10.65
N VAL B 237 1.22 -64.64 -11.53
CA VAL B 237 -0.17 -64.61 -11.11
C VAL B 237 -0.75 -66.03 -11.14
N ARG B 238 -0.32 -66.85 -12.10
CA ARG B 238 -0.79 -68.24 -12.12
C ARG B 238 -0.22 -69.03 -10.95
N GLN B 239 0.97 -68.68 -10.47
CA GLN B 239 1.59 -69.41 -9.37
C GLN B 239 0.98 -69.06 -8.02
N LYS B 240 0.57 -67.81 -7.82
CA LYS B 240 0.12 -67.36 -6.51
C LYS B 240 -1.22 -67.99 -6.14
N SER B 241 -1.43 -68.15 -4.83
CA SER B 241 -2.69 -68.62 -4.30
C SER B 241 -3.72 -67.48 -4.28
N GLU B 242 -5.00 -67.86 -4.15
CA GLU B 242 -6.08 -66.87 -4.19
C GLU B 242 -6.08 -65.96 -2.97
N VAL B 243 -5.48 -66.39 -1.86
CA VAL B 243 -5.49 -65.56 -0.65
C VAL B 243 -4.43 -64.46 -0.73
N ASP B 244 -3.29 -64.73 -1.35
CA ASP B 244 -2.25 -63.72 -1.47
C ASP B 244 -2.70 -62.60 -2.38
N ILE B 245 -2.65 -61.37 -1.88
CA ILE B 245 -3.10 -60.21 -2.64
C ILE B 245 -1.94 -59.39 -3.18
N VAL B 246 -0.84 -59.27 -2.43
CA VAL B 246 0.29 -58.46 -2.86
C VAL B 246 1.44 -59.38 -3.26
N VAL B 247 1.95 -59.17 -4.48
CA VAL B 247 3.05 -59.95 -5.04
C VAL B 247 4.16 -58.97 -5.36
N SER B 248 5.24 -59.01 -4.59
CA SER B 248 6.29 -58.00 -4.74
C SER B 248 7.63 -58.55 -4.31
N GLU B 249 8.70 -57.89 -4.77
CA GLU B 249 10.05 -58.24 -4.39
C GLU B 249 10.62 -57.16 -3.48
N ASP B 250 11.33 -57.59 -2.44
CA ASP B 250 11.89 -56.67 -1.45
C ASP B 250 13.19 -56.06 -1.99
N LEU B 251 13.96 -55.43 -1.10
CA LEU B 251 15.18 -54.77 -1.51
C LEU B 251 16.20 -55.74 -2.08
N ASN B 252 16.23 -56.98 -1.58
CA ASN B 252 17.17 -57.96 -2.08
C ASN B 252 16.77 -58.44 -3.47
N GLY B 253 15.48 -58.67 -3.69
CA GLY B 253 14.99 -59.18 -4.95
C GLY B 253 14.36 -60.55 -4.85
N THR B 254 13.76 -60.85 -3.69
CA THR B 254 13.10 -62.12 -3.46
C THR B 254 11.60 -61.95 -3.58
N VAL B 255 10.97 -62.78 -4.41
CA VAL B 255 9.53 -62.70 -4.61
C VAL B 255 8.81 -63.05 -3.31
N LYS B 256 7.72 -62.33 -3.04
CA LYS B 256 6.93 -62.53 -1.84
C LYS B 256 5.47 -62.38 -2.19
N PHE B 257 4.66 -63.28 -1.64
CA PHE B 257 3.20 -63.30 -1.81
C PHE B 257 2.60 -63.13 -0.43
N SER B 258 2.09 -61.94 -0.14
CA SER B 258 1.49 -61.66 1.16
C SER B 258 -0.01 -61.51 1.01
N SER B 259 -0.74 -62.13 1.96
CA SER B 259 -2.19 -62.14 1.97
C SER B 259 -2.77 -60.93 2.70
N SER B 260 -2.03 -60.34 3.63
CA SER B 260 -2.52 -59.19 4.38
C SER B 260 -2.26 -57.91 3.60
N LEU B 261 -3.05 -56.88 3.92
CA LEU B 261 -2.93 -55.60 3.24
C LEU B 261 -1.68 -54.87 3.73
N PRO B 262 -0.76 -54.49 2.85
CA PRO B 262 0.50 -53.90 3.31
C PRO B 262 0.31 -52.51 3.91
N TYR B 263 1.32 -52.08 4.66
CA TYR B 263 1.46 -50.80 5.31
C TYR B 263 2.32 -49.86 4.48
N PRO B 264 2.22 -48.53 4.69
CA PRO B 264 1.29 -47.80 5.57
C PRO B 264 0.02 -47.32 4.87
N ASN B 265 -1.14 -47.88 5.23
CA ASN B 265 -2.42 -47.42 4.73
C ASN B 265 -3.05 -46.45 5.72
N ASN B 266 -3.99 -45.64 5.21
CA ASN B 266 -4.70 -44.65 6.02
C ASN B 266 -6.02 -45.18 6.57
N LEU B 267 -6.18 -46.49 6.65
CA LEU B 267 -7.41 -47.12 7.11
C LEU B 267 -7.30 -47.53 8.58
N ASN B 268 -8.47 -47.76 9.18
CA ASN B 268 -8.55 -48.26 10.54
C ASN B 268 -8.55 -49.79 10.52
N SER B 269 -8.88 -50.41 11.66
CA SER B 269 -8.80 -51.85 11.79
C SER B 269 -9.86 -52.56 10.95
N VAL B 270 -11.14 -52.29 11.22
CA VAL B 270 -12.21 -53.01 10.53
C VAL B 270 -12.22 -52.69 9.05
N LEU B 271 -11.90 -51.44 8.68
CA LEU B 271 -11.80 -51.09 7.27
C LEU B 271 -10.75 -51.94 6.58
N ALA B 272 -9.55 -52.02 7.16
CA ALA B 272 -8.47 -52.80 6.56
C ALA B 272 -8.86 -54.28 6.45
N GLU B 273 -9.46 -54.84 7.49
CA GLU B 273 -9.81 -56.26 7.48
C GLU B 273 -10.87 -56.56 6.44
N ARG B 274 -11.96 -55.78 6.44
CA ARG B 274 -13.05 -56.04 5.50
C ARG B 274 -12.59 -55.81 4.06
N LEU B 275 -11.76 -54.80 3.83
CA LEU B 275 -11.28 -54.55 2.48
C LEU B 275 -10.24 -55.56 2.05
N GLU B 276 -9.49 -56.14 2.99
CA GLU B 276 -8.59 -57.24 2.64
C GLU B 276 -9.38 -58.47 2.21
N LYS B 277 -10.44 -58.79 2.94
CA LYS B 277 -11.28 -59.92 2.54
C LYS B 277 -11.94 -59.66 1.18
N TRP B 278 -12.41 -58.42 0.97
CA TRP B 278 -13.01 -58.08 -0.32
C TRP B 278 -12.00 -58.14 -1.45
N LEU B 279 -10.76 -57.71 -1.19
CA LEU B 279 -9.71 -57.79 -2.21
C LEU B 279 -9.37 -59.23 -2.55
N GLN B 280 -9.32 -60.10 -1.53
CA GLN B 280 -9.15 -61.53 -1.82
C GLN B 280 -10.31 -62.06 -2.66
N LEU B 281 -11.51 -61.55 -2.40
CA LEU B 281 -12.67 -61.96 -3.20
C LEU B 281 -12.64 -61.37 -4.61
N MET B 282 -11.89 -60.29 -4.83
CA MET B 282 -11.85 -59.63 -6.13
C MET B 282 -10.66 -60.06 -6.99
N LEU B 283 -9.61 -60.60 -6.40
CA LEU B 283 -8.40 -61.00 -7.12
C LEU B 283 -8.35 -62.52 -7.12
N MET B 284 -9.00 -63.12 -8.11
CA MET B 284 -8.99 -64.56 -8.31
C MET B 284 -8.59 -64.85 -9.74
N TRP B 285 -8.07 -66.07 -9.95
CA TRP B 285 -7.57 -66.45 -11.26
C TRP B 285 -8.69 -66.93 -12.17
N HIS B 286 -9.55 -67.81 -11.66
CA HIS B 286 -10.63 -68.35 -12.49
C HIS B 286 -11.66 -67.26 -12.80
N PRO B 287 -12.12 -67.18 -14.04
CA PRO B 287 -13.06 -66.08 -14.38
C PRO B 287 -14.42 -66.22 -13.71
N ARG B 288 -15.00 -67.42 -13.69
CA ARG B 288 -16.33 -67.57 -13.11
C ARG B 288 -16.29 -67.49 -11.60
N GLN B 289 -15.18 -67.87 -10.98
CA GLN B 289 -15.06 -67.82 -9.52
C GLN B 289 -14.73 -66.43 -9.00
N ARG B 290 -14.25 -65.53 -9.86
CA ARG B 290 -13.92 -64.18 -9.42
C ARG B 290 -15.19 -63.40 -9.13
N GLY B 291 -15.22 -62.74 -7.96
CA GLY B 291 -16.38 -62.00 -7.53
C GLY B 291 -17.47 -62.84 -6.91
N THR B 292 -17.32 -64.16 -6.86
CA THR B 292 -18.33 -65.05 -6.29
C THR B 292 -18.26 -64.94 -4.76
N ASP B 293 -19.21 -64.21 -4.19
CA ASP B 293 -19.26 -64.02 -2.75
C ASP B 293 -19.95 -65.21 -2.08
N PRO B 294 -19.39 -65.73 -0.99
CA PRO B 294 -20.00 -66.87 -0.30
C PRO B 294 -21.25 -66.53 0.51
N THR B 295 -21.76 -65.30 0.38
CA THR B 295 -22.97 -64.86 1.05
C THR B 295 -24.01 -64.31 0.09
N TYR B 296 -23.58 -63.61 -0.96
CA TYR B 296 -24.49 -63.00 -1.92
C TYR B 296 -24.38 -63.65 -3.30
N GLY B 297 -24.05 -64.95 -3.35
CA GLY B 297 -24.00 -65.68 -4.59
C GLY B 297 -22.87 -65.24 -5.51
N PRO B 298 -22.96 -65.63 -6.78
CA PRO B 298 -21.90 -65.26 -7.73
C PRO B 298 -22.06 -63.83 -8.20
N ASN B 299 -20.91 -63.17 -8.41
CA ASN B 299 -20.87 -61.77 -8.84
C ASN B 299 -21.64 -60.87 -7.89
N GLY B 300 -21.53 -61.13 -6.60
CA GLY B 300 -22.21 -60.33 -5.60
C GLY B 300 -21.28 -59.41 -4.84
N CYS B 301 -20.29 -58.85 -5.53
CA CYS B 301 -19.36 -57.94 -4.89
C CYS B 301 -19.99 -56.59 -4.62
N PHE B 302 -20.99 -56.20 -5.42
CA PHE B 302 -21.66 -54.92 -5.21
C PHE B 302 -22.30 -54.86 -3.83
N LYS B 303 -23.06 -55.89 -3.48
CA LYS B 303 -23.75 -55.89 -2.19
C LYS B 303 -22.79 -56.06 -1.03
N ALA B 304 -21.71 -56.81 -1.22
CA ALA B 304 -20.69 -56.91 -0.18
C ALA B 304 -20.02 -55.57 0.08
N LEU B 305 -19.68 -54.84 -0.98
CA LEU B 305 -19.08 -53.52 -0.81
C LEU B 305 -20.08 -52.54 -0.21
N ASP B 306 -21.36 -52.64 -0.56
CA ASP B 306 -22.37 -51.80 0.06
C ASP B 306 -22.49 -52.08 1.55
N ASP B 307 -22.43 -53.37 1.93
CA ASP B 307 -22.44 -53.72 3.34
C ASP B 307 -21.21 -53.19 4.06
N ILE B 308 -20.05 -53.21 3.38
CA ILE B 308 -18.84 -52.66 3.99
C ILE B 308 -18.97 -51.16 4.19
N LEU B 309 -19.52 -50.45 3.20
CA LEU B 309 -19.62 -48.99 3.30
C LEU B 309 -20.65 -48.58 4.35
N ASN B 310 -21.76 -49.29 4.43
CA ASN B 310 -22.84 -48.94 5.35
C ASN B 310 -22.47 -49.16 6.81
N LEU B 311 -21.37 -49.85 7.09
CA LEU B 311 -20.97 -50.14 8.47
C LEU B 311 -20.63 -48.84 9.20
N LYS B 312 -21.41 -48.51 10.22
CA LYS B 312 -21.11 -47.36 11.08
C LYS B 312 -19.97 -47.73 12.01
N LEU B 313 -18.77 -47.23 11.69
CA LEU B 313 -17.58 -47.51 12.47
C LEU B 313 -17.36 -46.39 13.49
N VAL B 314 -17.04 -46.77 14.73
CA VAL B 314 -16.80 -45.83 15.81
C VAL B 314 -15.36 -46.03 16.29
N HIS B 315 -14.63 -44.93 16.42
CA HIS B 315 -13.23 -44.95 16.83
C HIS B 315 -13.12 -44.51 18.29
N ILE B 316 -12.48 -45.33 19.11
CA ILE B 316 -12.28 -45.05 20.53
C ILE B 316 -10.79 -45.02 20.79
N LEU B 317 -10.32 -43.94 21.40
CA LEU B 317 -8.91 -43.75 21.72
C LEU B 317 -8.70 -44.02 23.20
N ASN B 318 -8.12 -45.18 23.51
CA ASN B 318 -7.74 -45.51 24.87
C ASN B 318 -6.49 -44.69 25.25
N MET B 319 -6.66 -43.79 26.23
CA MET B 319 -5.59 -42.88 26.60
C MET B 319 -4.57 -43.49 27.54
N VAL B 320 -4.93 -44.55 28.27
CA VAL B 320 -3.97 -45.20 29.14
C VAL B 320 -2.84 -45.83 28.31
N THR B 321 -3.20 -46.52 27.24
CA THR B 321 -2.24 -47.07 26.29
C THR B 321 -2.12 -46.24 25.02
N GLY B 322 -3.01 -45.28 24.81
CA GLY B 322 -2.97 -44.44 23.62
C GLY B 322 -3.22 -45.17 22.32
N THR B 323 -4.17 -46.10 22.29
CA THR B 323 -4.42 -46.93 21.12
C THR B 323 -5.82 -46.68 20.57
N ILE B 324 -5.95 -46.74 19.24
CA ILE B 324 -7.22 -46.51 18.57
C ILE B 324 -7.87 -47.85 18.23
N HIS B 325 -9.13 -48.01 18.65
CA HIS B 325 -9.91 -49.21 18.39
C HIS B 325 -11.14 -48.85 17.59
N THR B 326 -11.41 -49.61 16.53
CA THR B 326 -12.55 -49.37 15.66
C THR B 326 -13.60 -50.45 15.90
N TYR B 327 -14.85 -50.03 16.11
CA TYR B 327 -15.93 -50.95 16.42
C TYR B 327 -17.08 -50.77 15.43
N PRO B 328 -17.64 -51.85 14.89
CA PRO B 328 -18.82 -51.74 14.02
C PRO B 328 -20.11 -51.72 14.83
N VAL B 329 -20.89 -50.64 14.73
CA VAL B 329 -22.09 -50.46 15.53
C VAL B 329 -23.30 -50.46 14.59
N THR B 330 -24.31 -51.25 14.93
CA THR B 330 -25.54 -51.28 14.15
C THR B 330 -26.33 -49.99 14.38
N GLU B 331 -27.47 -49.88 13.71
CA GLU B 331 -28.25 -48.64 13.78
C GLU B 331 -28.79 -48.40 15.19
N ASP B 332 -29.06 -49.45 15.95
CA ASP B 332 -29.64 -49.31 17.28
C ASP B 332 -28.93 -50.23 18.27
N GLU B 333 -27.60 -50.20 18.27
CA GLU B 333 -26.82 -50.98 19.22
C GLU B 333 -26.68 -50.17 20.52
N SER B 334 -27.09 -50.78 21.63
CA SER B 334 -27.12 -50.08 22.91
C SER B 334 -25.71 -49.66 23.32
N LEU B 335 -25.64 -48.53 24.04
CA LEU B 335 -24.36 -48.01 24.49
C LEU B 335 -23.67 -48.97 25.46
N GLN B 336 -24.45 -49.58 26.36
CA GLN B 336 -23.86 -50.45 27.38
C GLN B 336 -23.24 -51.69 26.77
N SER B 337 -23.84 -52.24 25.71
CA SER B 337 -23.27 -53.42 25.08
C SER B 337 -21.93 -53.12 24.44
N LEU B 338 -21.81 -51.99 23.74
CA LEU B 338 -20.53 -51.62 23.15
C LEU B 338 -19.51 -51.27 24.23
N LYS B 339 -19.94 -50.67 25.34
CA LYS B 339 -19.02 -50.44 26.44
C LYS B 339 -18.53 -51.77 27.02
N ALA B 340 -19.40 -52.78 27.06
CA ALA B 340 -18.96 -54.11 27.49
C ALA B 340 -17.94 -54.69 26.52
N ARG B 341 -18.15 -54.50 25.22
CA ARG B 341 -17.17 -54.97 24.24
C ARG B 341 -15.82 -54.28 24.44
N ILE B 342 -15.85 -52.98 24.70
CA ILE B 342 -14.62 -52.23 24.95
C ILE B 342 -13.95 -52.72 26.23
N GLN B 343 -14.75 -53.02 27.25
CA GLN B 343 -14.21 -53.57 28.49
C GLN B 343 -13.53 -54.91 28.25
N GLN B 344 -14.14 -55.75 27.42
CA GLN B 344 -13.52 -57.03 27.09
C GLN B 344 -12.22 -56.84 26.32
N ASP B 345 -12.19 -55.87 25.40
CA ASP B 345 -10.98 -55.63 24.62
C ASP B 345 -9.91 -54.92 25.42
N THR B 346 -10.21 -53.71 25.91
CA THR B 346 -9.21 -52.94 26.63
C THR B 346 -8.93 -53.53 28.00
N GLY B 347 -9.96 -53.59 28.85
CA GLY B 347 -9.82 -54.18 30.16
C GLY B 347 -10.29 -53.28 31.29
N ILE B 348 -10.92 -52.17 30.94
CA ILE B 348 -11.45 -51.22 31.91
C ILE B 348 -12.96 -51.44 32.03
N PRO B 349 -13.49 -51.63 33.23
CA PRO B 349 -14.94 -51.87 33.36
C PRO B 349 -15.76 -50.66 32.95
N GLU B 350 -17.05 -50.92 32.72
CA GLU B 350 -17.94 -49.86 32.25
C GLU B 350 -18.09 -48.74 33.27
N GLU B 351 -18.02 -49.06 34.56
CA GLU B 351 -18.14 -48.04 35.59
C GLU B 351 -16.96 -47.07 35.57
N ASP B 352 -15.75 -47.59 35.37
CA ASP B 352 -14.55 -46.76 35.36
C ASP B 352 -14.26 -46.15 33.99
N GLN B 353 -15.13 -46.37 33.01
CA GLN B 353 -14.94 -45.82 31.67
C GLN B 353 -15.40 -44.36 31.63
N GLU B 354 -14.57 -43.50 31.05
CA GLU B 354 -14.88 -42.08 30.88
C GLU B 354 -14.78 -41.74 29.40
N LEU B 355 -15.93 -41.60 28.74
CA LEU B 355 -15.98 -41.28 27.32
C LEU B 355 -16.13 -39.77 27.16
N LEU B 356 -15.19 -39.16 26.44
CA LEU B 356 -15.17 -37.72 26.26
C LEU B 356 -15.05 -37.36 24.79
N GLN B 357 -15.62 -36.21 24.45
CA GLN B 357 -15.64 -35.66 23.10
C GLN B 357 -14.53 -34.62 22.96
N GLU B 358 -14.55 -33.89 21.84
CA GLU B 358 -13.47 -32.96 21.50
C GLU B 358 -13.36 -31.78 22.44
N ALA B 359 -14.44 -31.43 23.15
CA ALA B 359 -14.46 -30.25 24.00
C ALA B 359 -14.88 -30.60 25.43
N GLY B 360 -14.57 -31.81 25.87
CA GLY B 360 -14.94 -32.21 27.21
C GLY B 360 -16.44 -32.45 27.32
N LEU B 361 -17.04 -33.01 26.28
CA LEU B 361 -18.46 -33.28 26.24
C LEU B 361 -18.70 -34.73 26.61
N ALA B 362 -19.58 -34.96 27.57
CA ALA B 362 -19.89 -36.33 27.98
C ALA B 362 -20.87 -36.94 26.98
N LEU B 363 -20.72 -38.23 26.74
CA LEU B 363 -21.58 -38.93 25.81
C LEU B 363 -22.96 -39.15 26.44
N ILE B 364 -23.93 -39.47 25.59
CA ILE B 364 -25.32 -39.61 26.02
C ILE B 364 -25.41 -40.90 26.81
N PRO B 365 -25.86 -40.86 28.06
CA PRO B 365 -25.92 -42.07 28.91
C PRO B 365 -27.18 -42.89 28.69
N ASP B 366 -27.34 -43.39 27.46
CA ASP B 366 -28.15 -44.55 27.04
C ASP B 366 -28.51 -44.45 25.56
N LYS B 367 -28.72 -43.25 25.05
CA LYS B 367 -28.90 -43.12 23.61
C LYS B 367 -27.56 -43.44 22.96
N PRO B 368 -27.53 -44.25 21.90
CA PRO B 368 -26.24 -44.68 21.34
C PRO B 368 -25.37 -43.49 20.93
N ALA B 369 -24.06 -43.67 21.06
CA ALA B 369 -23.09 -42.61 20.78
C ALA B 369 -22.81 -42.47 19.28
N THR B 370 -23.67 -42.98 18.42
CA THR B 370 -23.45 -42.84 16.99
C THR B 370 -23.68 -41.42 16.51
N GLN B 371 -24.10 -40.54 17.42
CA GLN B 371 -24.18 -39.10 17.17
C GLN B 371 -22.81 -38.47 17.08
N CYS B 372 -21.74 -39.20 17.44
CA CYS B 372 -20.40 -38.63 17.31
C CYS B 372 -20.01 -38.39 15.85
N ILE B 373 -20.76 -38.95 14.90
CA ILE B 373 -20.61 -38.65 13.49
C ILE B 373 -21.93 -38.06 12.98
N SER B 374 -22.60 -37.26 13.82
CA SER B 374 -23.94 -36.78 13.53
C SER B 374 -24.04 -36.10 12.18
N ASP B 375 -22.95 -35.47 11.73
CA ASP B 375 -22.93 -34.90 10.37
C ASP B 375 -23.24 -35.97 9.33
N GLY B 376 -22.57 -37.11 9.41
CA GLY B 376 -22.92 -38.27 8.61
C GLY B 376 -22.81 -38.10 7.11
N LYS B 377 -22.09 -37.09 6.64
CA LYS B 377 -21.93 -36.83 5.22
C LYS B 377 -20.66 -37.42 4.66
N LEU B 378 -19.96 -38.26 5.44
CA LEU B 378 -18.70 -38.91 5.08
C LEU B 378 -17.81 -37.97 4.26
N ASN B 379 -17.37 -36.90 4.95
CA ASN B 379 -16.62 -35.84 4.31
C ASN B 379 -15.45 -36.39 3.50
N GLU B 380 -15.31 -35.88 2.27
CA GLU B 380 -14.28 -36.37 1.37
C GLU B 380 -12.90 -36.25 1.99
N GLY B 381 -12.65 -35.15 2.69
CA GLY B 381 -11.47 -35.04 3.53
C GLY B 381 -11.74 -35.64 4.90
N HIS B 382 -11.71 -36.97 4.99
CA HIS B 382 -12.05 -37.65 6.23
C HIS B 382 -11.16 -37.17 7.37
N THR B 383 -11.78 -36.87 8.51
CA THR B 383 -11.08 -36.37 9.69
C THR B 383 -11.39 -37.28 10.86
N LEU B 384 -10.64 -38.38 10.97
CA LEU B 384 -10.84 -39.30 12.08
C LEU B 384 -10.30 -38.75 13.41
N ASP B 385 -9.81 -37.51 13.45
CA ASP B 385 -9.32 -36.90 14.67
C ASP B 385 -10.41 -36.15 15.41
N MET B 386 -11.60 -36.03 14.81
CA MET B 386 -12.78 -35.45 15.44
C MET B 386 -13.87 -36.47 15.70
N ASP B 387 -14.03 -37.47 14.85
CA ASP B 387 -15.09 -38.45 15.01
C ASP B 387 -14.72 -39.57 15.97
N LEU B 388 -13.64 -39.40 16.73
CA LEU B 388 -13.19 -40.37 17.72
C LEU B 388 -13.62 -39.91 19.10
N VAL B 389 -13.75 -40.87 20.02
CA VAL B 389 -14.13 -40.60 21.39
C VAL B 389 -13.00 -41.06 22.29
N PHE B 390 -12.55 -40.18 23.18
CA PHE B 390 -11.45 -40.53 24.07
C PHE B 390 -11.97 -41.29 25.29
N LEU B 391 -11.16 -42.22 25.76
CA LEU B 391 -11.53 -43.09 26.88
C LEU B 391 -10.50 -42.93 27.99
N PHE B 392 -10.97 -42.58 29.18
CA PHE B 392 -10.16 -42.41 30.36
C PHE B 392 -10.61 -43.38 31.43
N ASP B 393 -9.75 -43.59 32.43
CA ASP B 393 -10.01 -44.53 33.50
C ASP B 393 -10.14 -43.80 34.83
N ASN B 394 -11.12 -44.20 35.64
CA ASN B 394 -11.32 -43.60 36.95
C ASN B 394 -10.46 -44.25 38.02
N SER B 395 -10.15 -45.53 37.87
CA SER B 395 -9.37 -46.24 38.89
C SER B 395 -7.96 -45.70 38.99
N LYS B 396 -7.27 -45.56 37.85
CA LYS B 396 -5.89 -45.12 37.85
C LYS B 396 -5.80 -43.64 38.19
N ILE B 397 -4.82 -43.30 39.03
CA ILE B 397 -4.63 -41.92 39.47
C ILE B 397 -3.66 -41.17 38.56
N THR B 398 -2.61 -41.83 38.10
CA THR B 398 -1.64 -41.25 37.18
C THR B 398 -1.48 -42.15 35.97
N TYR B 399 -1.19 -41.54 34.83
CA TYR B 399 -1.10 -42.29 33.58
C TYR B 399 0.35 -42.43 33.15
N GLU B 400 0.60 -43.45 32.35
CA GLU B 400 1.95 -43.73 31.89
C GLU B 400 2.28 -42.88 30.67
N THR B 401 3.57 -42.57 30.53
CA THR B 401 4.01 -41.75 29.39
C THR B 401 4.12 -42.59 28.12
N GLN B 402 4.57 -43.83 28.25
CA GLN B 402 4.86 -44.67 27.10
C GLN B 402 3.58 -45.28 26.56
N ILE B 403 3.37 -45.15 25.25
CA ILE B 403 2.20 -45.69 24.57
C ILE B 403 2.61 -46.60 23.42
N SER B 404 3.87 -47.02 23.39
CA SER B 404 4.50 -47.82 22.34
C SER B 404 4.58 -47.03 21.03
N PRO B 405 5.60 -47.27 20.21
CA PRO B 405 5.71 -46.54 18.94
C PRO B 405 4.87 -47.16 17.84
N ARG B 406 5.02 -46.64 16.61
CA ARG B 406 4.16 -47.12 15.53
C ARG B 406 4.89 -48.19 14.72
N PRO B 407 4.17 -49.22 14.25
CA PRO B 407 4.83 -50.27 13.46
C PRO B 407 5.31 -49.74 12.12
N GLN B 408 6.35 -50.39 11.59
CA GLN B 408 6.95 -49.98 10.34
C GLN B 408 7.11 -51.16 9.40
N PRO B 409 6.96 -50.94 8.09
CA PRO B 409 7.06 -52.03 7.12
C PRO B 409 8.48 -52.61 7.07
N GLU B 410 8.61 -53.69 6.31
CA GLU B 410 9.88 -54.40 6.23
C GLU B 410 10.95 -53.56 5.55
N SER B 411 10.59 -52.85 4.48
CA SER B 411 11.57 -52.03 3.78
C SER B 411 12.07 -50.89 4.66
N VAL B 412 11.17 -50.26 5.43
CA VAL B 412 11.57 -49.17 6.30
C VAL B 412 12.53 -49.65 7.38
N SER B 413 12.21 -50.78 8.01
CA SER B 413 13.10 -51.33 9.03
C SER B 413 14.43 -51.74 8.43
N CYS B 414 14.41 -52.34 7.24
CA CYS B 414 15.64 -52.79 6.60
C CYS B 414 16.53 -51.62 6.22
N ILE B 415 15.94 -50.49 5.81
CA ILE B 415 16.76 -49.32 5.49
C ILE B 415 17.16 -48.56 6.75
N LEU B 416 16.43 -48.75 7.86
CA LEU B 416 16.85 -48.13 9.11
C LEU B 416 18.03 -48.88 9.72
N GLN B 417 18.07 -50.20 9.58
CA GLN B 417 19.21 -50.97 10.07
C GLN B 417 20.49 -50.63 9.32
N GLU B 418 20.39 -50.13 8.10
CA GLU B 418 21.57 -49.73 7.32
C GLU B 418 21.21 -48.54 6.45
N PRO B 419 21.37 -47.32 6.97
CA PRO B 419 21.04 -46.12 6.18
C PRO B 419 21.97 -45.87 5.01
N LYS B 420 23.12 -46.55 4.94
CA LYS B 420 24.12 -46.32 3.90
C LYS B 420 23.98 -47.30 2.75
N ARG B 421 22.75 -47.65 2.38
CA ARG B 421 22.49 -48.57 1.28
C ARG B 421 22.09 -47.76 0.05
N ASN B 422 22.98 -47.74 -0.95
CA ASN B 422 22.74 -47.00 -2.19
C ASN B 422 21.85 -47.85 -3.09
N LEU B 423 20.55 -47.68 -2.96
CA LEU B 423 19.57 -48.42 -3.74
C LEU B 423 19.09 -47.60 -4.93
N ALA B 424 18.35 -48.26 -5.82
CA ALA B 424 17.90 -47.65 -7.05
C ALA B 424 16.97 -46.47 -6.78
N PHE B 425 16.81 -45.62 -7.79
CA PHE B 425 15.99 -44.42 -7.64
C PHE B 425 14.54 -44.76 -7.34
N PHE B 426 13.98 -45.75 -8.05
CA PHE B 426 12.57 -46.08 -7.86
C PHE B 426 12.31 -46.81 -6.54
N GLN B 427 13.31 -47.48 -5.97
CA GLN B 427 13.16 -48.03 -4.62
C GLN B 427 13.32 -46.96 -3.57
N LEU B 428 14.25 -46.02 -3.78
CA LEU B 428 14.45 -44.92 -2.85
C LEU B 428 13.21 -44.03 -2.78
N ARG B 429 12.56 -43.81 -3.92
CA ARG B 429 11.32 -43.05 -3.94
C ARG B 429 10.29 -43.67 -3.00
N LYS B 430 10.09 -44.99 -3.13
CA LYS B 430 9.12 -45.70 -2.31
C LYS B 430 9.46 -45.62 -0.83
N VAL B 431 10.71 -45.92 -0.48
CA VAL B 431 11.06 -45.99 0.95
C VAL B 431 11.03 -44.60 1.58
N TRP B 432 11.47 -43.58 0.85
CA TRP B 432 11.44 -42.21 1.38
C TRP B 432 10.00 -41.73 1.55
N GLY B 433 9.12 -42.06 0.60
CA GLY B 433 7.72 -41.75 0.77
C GLY B 433 7.12 -42.42 1.99
N GLN B 434 7.49 -43.69 2.23
CA GLN B 434 7.00 -44.40 3.40
C GLN B 434 7.49 -43.74 4.69
N VAL B 435 8.76 -43.31 4.71
CA VAL B 435 9.30 -42.65 5.90
C VAL B 435 8.56 -41.34 6.16
N TRP B 436 8.33 -40.55 5.11
CA TRP B 436 7.60 -39.30 5.27
C TRP B 436 6.18 -39.54 5.77
N HIS B 437 5.51 -40.57 5.25
CA HIS B 437 4.17 -40.89 5.71
C HIS B 437 4.17 -41.31 7.18
N SER B 438 5.20 -42.06 7.60
CA SER B 438 5.30 -42.45 9.01
C SER B 438 5.49 -41.23 9.91
N ILE B 439 6.31 -40.27 9.47
CA ILE B 439 6.52 -39.06 10.25
C ILE B 439 5.21 -38.28 10.38
N GLN B 440 4.48 -38.14 9.28
CA GLN B 440 3.20 -37.43 9.33
C GLN B 440 2.20 -38.15 10.23
N THR B 441 2.20 -39.49 10.21
CA THR B 441 1.32 -40.25 11.07
C THR B 441 1.65 -40.01 12.54
N LEU B 442 2.93 -39.99 12.88
CA LEU B 442 3.32 -39.70 14.26
C LEU B 442 2.87 -38.31 14.69
N LYS B 443 3.01 -37.33 13.79
CA LYS B 443 2.54 -35.97 14.11
C LYS B 443 1.04 -35.97 14.36
N GLU B 444 0.27 -36.69 13.53
CA GLU B 444 -1.17 -36.77 13.73
C GLU B 444 -1.52 -37.41 15.06
N ASP B 445 -0.79 -38.46 15.44
CA ASP B 445 -1.04 -39.11 16.72
C ASP B 445 -0.78 -38.16 17.88
N CYS B 446 0.30 -37.37 17.79
CA CYS B 446 0.57 -36.38 18.82
C CYS B 446 -0.56 -35.36 18.92
N ASN B 447 -1.07 -34.91 17.77
CA ASN B 447 -2.18 -33.96 17.78
C ASN B 447 -3.42 -34.55 18.44
N ARG B 448 -3.72 -35.82 18.13
CA ARG B 448 -4.88 -36.47 18.74
C ARG B 448 -4.75 -36.57 20.25
N LEU B 449 -3.56 -36.97 20.73
CA LEU B 449 -3.36 -37.08 22.18
C LEU B 449 -3.48 -35.71 22.86
N GLN B 450 -2.92 -34.68 22.21
CA GLN B 450 -3.02 -33.33 22.75
C GLN B 450 -4.47 -32.87 22.84
N GLN B 451 -5.25 -33.17 21.81
CA GLN B 451 -6.67 -32.83 21.82
C GLN B 451 -7.42 -33.57 22.93
N GLY B 452 -7.08 -34.84 23.15
CA GLY B 452 -7.71 -35.58 24.23
C GLY B 452 -7.45 -34.98 25.60
N GLN B 453 -6.19 -34.60 25.87
CA GLN B 453 -5.89 -33.98 27.15
C GLN B 453 -6.62 -32.65 27.30
N ARG B 454 -6.69 -31.87 26.21
CA ARG B 454 -7.39 -30.59 26.27
C ARG B 454 -8.87 -30.80 26.57
N ALA B 455 -9.48 -31.83 25.99
CA ALA B 455 -10.88 -32.13 26.28
C ALA B 455 -11.07 -32.51 27.75
N ALA B 456 -10.15 -33.31 28.30
CA ALA B 456 -10.23 -33.63 29.72
C ALA B 456 -10.17 -32.38 30.58
N MET B 457 -9.29 -31.44 30.21
CA MET B 457 -9.20 -30.18 30.94
C MET B 457 -10.49 -29.37 30.83
N MET B 458 -11.13 -29.41 29.65
CA MET B 458 -12.40 -28.70 29.50
C MET B 458 -13.47 -29.25 30.43
N ASN B 459 -13.56 -30.58 30.52
CA ASN B 459 -14.51 -31.18 31.45
C ASN B 459 -14.21 -30.79 32.89
N LEU B 460 -12.92 -30.79 33.25
CA LEU B 460 -12.54 -30.38 34.60
C LEU B 460 -12.93 -28.93 34.87
N LEU B 461 -12.76 -28.06 33.87
CA LEU B 461 -13.12 -26.65 34.05
C LEU B 461 -14.63 -26.49 34.26
N ARG B 462 -15.43 -27.25 33.52
CA ARG B 462 -16.88 -27.22 33.75
C ARG B 462 -17.22 -27.60 35.18
N ASN B 463 -16.64 -28.72 35.65
CA ASN B 463 -16.88 -29.15 37.03
C ASN B 463 -16.42 -28.09 38.03
N ASN B 464 -15.29 -27.44 37.75
CA ASN B 464 -14.78 -26.42 38.64
C ASN B 464 -15.71 -25.22 38.71
N SER B 465 -16.28 -24.80 37.59
CA SER B 465 -17.25 -23.71 37.60
C SER B 465 -18.47 -24.08 38.44
N CYS B 466 -18.99 -25.30 38.27
CA CYS B 466 -20.13 -25.71 39.08
C CYS B 466 -19.77 -25.73 40.57
N LEU B 467 -18.58 -26.21 40.90
CA LEU B 467 -18.17 -26.28 42.30
C LEU B 467 -17.96 -24.89 42.89
N SER B 468 -17.48 -23.93 42.09
CA SER B 468 -17.36 -22.56 42.57
C SER B 468 -18.72 -21.95 42.87
N LYS B 469 -19.70 -22.19 41.99
CA LYS B 469 -21.05 -21.69 42.27
C LYS B 469 -21.60 -22.31 43.55
N MET B 470 -21.40 -23.60 43.74
CA MET B 470 -21.87 -24.26 44.97
C MET B 470 -21.13 -23.72 46.19
N LYS B 471 -19.83 -23.42 46.05
CA LYS B 471 -19.07 -22.83 47.15
C LYS B 471 -19.66 -21.49 47.56
N ASN B 472 -19.98 -20.64 46.58
CA ASN B 472 -20.57 -19.34 46.90
C ASN B 472 -21.92 -19.51 47.59
N SER B 473 -22.75 -20.44 47.10
CA SER B 473 -24.04 -20.67 47.73
C SER B 473 -23.89 -21.13 49.18
N MET B 474 -22.95 -22.07 49.42
CA MET B 474 -22.74 -22.58 50.76
C MET B 474 -22.19 -21.51 51.70
N ALA B 475 -21.30 -20.65 51.20
CA ALA B 475 -20.79 -19.56 52.02
C ALA B 475 -21.91 -18.59 52.40
N SER B 476 -22.79 -18.28 51.45
CA SER B 476 -23.92 -17.41 51.75
C SER B 476 -24.81 -18.03 52.83
N MET B 477 -25.10 -19.32 52.70
CA MET B 477 -25.95 -19.97 53.69
C MET B 477 -25.30 -19.99 55.07
N SER B 478 -23.99 -20.25 55.12
CA SER B 478 -23.31 -20.31 56.41
C SER B 478 -23.30 -18.94 57.09
N GLN B 479 -23.06 -17.88 56.32
CA GLN B 479 -23.05 -16.54 56.93
C GLN B 479 -24.45 -16.14 57.38
N GLN B 480 -25.47 -16.50 56.61
CA GLN B 480 -26.85 -16.23 57.03
C GLN B 480 -27.18 -16.98 58.32
N LEU B 481 -26.73 -18.24 58.43
CA LEU B 481 -26.96 -19.01 59.65
C LEU B 481 -26.25 -18.38 60.84
N LYS B 482 -25.02 -17.91 60.65
CA LYS B 482 -24.29 -17.26 61.73
C LYS B 482 -25.03 -16.01 62.22
N ALA B 483 -25.50 -15.19 61.27
CA ALA B 483 -26.25 -13.99 61.65
C ALA B 483 -27.53 -14.35 62.40
N LYS B 484 -28.27 -15.34 61.91
CA LYS B 484 -29.52 -15.71 62.56
C LYS B 484 -29.26 -16.27 63.95
N LEU B 485 -28.20 -17.07 64.12
CA LEU B 485 -27.88 -17.59 65.44
C LEU B 485 -27.54 -16.46 66.41
N ASP B 486 -26.73 -15.49 65.97
CA ASP B 486 -26.39 -14.37 66.85
C ASP B 486 -27.64 -13.58 67.23
N PHE B 487 -28.50 -13.30 66.25
CA PHE B 487 -29.70 -12.51 66.53
C PHE B 487 -30.65 -13.25 67.46
N PHE B 488 -30.85 -14.55 67.21
CA PHE B 488 -31.73 -15.35 68.06
C PHE B 488 -31.18 -15.45 69.48
N LYS B 489 -29.87 -15.62 69.62
CA LYS B 489 -29.28 -15.70 70.95
C LYS B 489 -29.46 -14.39 71.71
N THR B 490 -29.25 -13.26 71.03
CA THR B 490 -29.45 -11.96 71.69
C THR B 490 -30.91 -11.79 72.11
N SER B 491 -31.84 -12.14 71.22
CA SER B 491 -33.26 -11.98 71.52
C SER B 491 -33.66 -12.84 72.72
N ILE B 492 -33.23 -14.10 72.74
CA ILE B 492 -33.60 -14.99 73.84
C ILE B 492 -32.91 -14.57 75.13
N GLN B 493 -31.69 -14.03 75.04
CA GLN B 493 -31.01 -13.54 76.25
C GLN B 493 -31.79 -12.38 76.87
N ILE B 494 -32.25 -11.45 76.02
CA ILE B 494 -33.05 -10.33 76.54
C ILE B 494 -34.37 -10.83 77.12
N ASP B 495 -35.00 -11.82 76.46
CA ASP B 495 -36.24 -12.38 76.98
C ASP B 495 -36.03 -13.02 78.34
N LEU B 496 -34.95 -13.78 78.51
CA LEU B 496 -34.67 -14.41 79.79
C LEU B 496 -34.35 -13.38 80.86
N GLU B 497 -33.64 -12.31 80.49
CA GLU B 497 -33.37 -11.24 81.45
C GLU B 497 -34.66 -10.58 81.91
N LYS B 498 -35.58 -10.30 80.98
CA LYS B 498 -36.82 -9.63 81.34
C LYS B 498 -37.83 -10.54 82.01
N TYR B 499 -37.66 -11.87 81.89
CA TYR B 499 -38.59 -12.77 82.55
C TYR B 499 -38.53 -12.65 84.07
N SER B 500 -37.32 -12.43 84.62
CA SER B 500 -37.16 -12.38 86.06
C SER B 500 -37.73 -11.12 86.69
N GLU B 501 -38.07 -10.10 85.89
CA GLU B 501 -38.60 -8.86 86.42
C GLU B 501 -40.12 -8.84 86.51
N GLN B 502 -40.80 -9.88 86.03
CA GLN B 502 -42.25 -9.98 86.15
C GLN B 502 -42.67 -10.96 87.22
N THR B 503 -41.72 -11.57 87.93
CA THR B 503 -42.02 -12.62 88.90
C THR B 503 -42.57 -12.09 90.22
N GLU B 504 -42.45 -10.79 90.48
CA GLU B 504 -42.88 -10.26 91.77
C GLU B 504 -44.39 -10.05 91.83
N PHE B 505 -45.00 -9.59 90.73
CA PHE B 505 -46.42 -9.26 90.74
C PHE B 505 -47.22 -9.86 89.58
N GLY B 506 -46.57 -10.45 88.59
CA GLY B 506 -47.28 -11.08 87.49
C GLY B 506 -47.69 -12.51 87.80
N ILE B 507 -47.53 -13.39 86.82
CA ILE B 507 -47.77 -14.82 87.00
C ILE B 507 -46.48 -15.55 86.65
N THR B 508 -45.95 -16.29 87.61
CA THR B 508 -44.65 -16.93 87.49
C THR B 508 -44.82 -18.45 87.39
N SER B 509 -43.87 -19.09 86.72
CA SER B 509 -43.86 -20.54 86.61
C SER B 509 -42.46 -21.00 86.25
N ASP B 510 -42.17 -22.25 86.62
CA ASP B 510 -40.97 -22.94 86.16
C ASP B 510 -41.27 -23.93 85.06
N LYS B 511 -42.50 -23.93 84.55
CA LYS B 511 -42.87 -24.83 83.46
C LYS B 511 -42.24 -24.39 82.15
N LEU B 512 -42.51 -23.15 81.74
CA LEU B 512 -42.00 -22.61 80.50
C LEU B 512 -40.67 -21.88 80.66
N LEU B 513 -40.21 -21.69 81.90
CA LEU B 513 -38.85 -21.19 82.11
C LEU B 513 -37.83 -22.18 81.59
N LEU B 514 -38.11 -23.48 81.71
CA LEU B 514 -37.16 -24.51 81.29
C LEU B 514 -37.07 -24.60 79.77
N ALA B 515 -38.15 -24.25 79.05
CA ALA B 515 -38.11 -24.33 77.59
C ALA B 515 -37.09 -23.35 77.00
N TRP B 516 -37.02 -22.14 77.56
CA TRP B 516 -36.05 -21.16 77.07
C TRP B 516 -34.62 -21.65 77.31
N ARG B 517 -34.36 -22.28 78.46
CA ARG B 517 -33.03 -22.82 78.71
C ARG B 517 -32.73 -24.02 77.81
N GLU B 518 -33.75 -24.83 77.50
CA GLU B 518 -33.55 -25.93 76.57
C GLU B 518 -33.17 -25.42 75.18
N MET B 519 -33.84 -24.37 74.71
CA MET B 519 -33.42 -23.75 73.45
C MET B 519 -32.04 -23.11 73.57
N GLU B 520 -31.73 -22.55 74.74
CA GLU B 520 -30.42 -21.96 75.00
C GLU B 520 -29.31 -22.99 74.88
N GLN B 521 -29.59 -24.25 75.24
CA GLN B 521 -28.61 -25.32 75.01
C GLN B 521 -28.67 -25.86 73.59
N ALA B 522 -29.86 -25.88 72.99
CA ALA B 522 -30.02 -26.42 71.64
C ALA B 522 -29.30 -25.56 70.60
N VAL B 523 -29.23 -24.25 70.82
CA VAL B 523 -28.48 -23.40 69.90
C VAL B 523 -26.99 -23.70 69.99
N GLU B 524 -26.49 -23.99 71.20
CA GLU B 524 -25.11 -24.43 71.35
C GLU B 524 -24.88 -25.82 70.75
N LEU B 525 -25.92 -26.64 70.64
CA LEU B 525 -25.76 -27.93 70.00
C LEU B 525 -25.35 -27.79 68.52
N CYS B 526 -25.79 -26.73 67.86
CA CYS B 526 -25.56 -26.57 66.43
C CYS B 526 -24.31 -25.72 66.15
N GLY B 527 -24.07 -25.46 64.87
CA GLY B 527 -22.95 -24.65 64.43
C GLY B 527 -21.94 -25.42 63.60
N ARG B 528 -21.93 -25.17 62.29
CA ARG B 528 -21.03 -25.86 61.37
C ARG B 528 -19.98 -24.92 60.79
N GLU B 529 -19.68 -23.82 61.49
CA GLU B 529 -18.75 -22.82 60.97
C GLU B 529 -17.35 -23.37 60.73
N ASN B 530 -16.84 -24.19 61.66
CA ASN B 530 -15.48 -24.71 61.51
C ASN B 530 -15.35 -25.67 60.34
N GLU B 531 -16.31 -26.59 60.19
CA GLU B 531 -16.28 -27.51 59.05
C GLU B 531 -16.41 -26.73 57.74
N VAL B 532 -17.27 -25.72 57.72
CA VAL B 532 -17.43 -24.87 56.54
C VAL B 532 -16.11 -24.19 56.20
N LYS B 533 -15.41 -23.68 57.22
CA LYS B 533 -14.12 -23.03 56.98
C LYS B 533 -13.11 -24.02 56.41
N LEU B 534 -13.06 -25.23 56.95
CA LEU B 534 -12.15 -26.25 56.42
C LEU B 534 -12.44 -26.51 54.95
N LEU B 535 -13.72 -26.70 54.62
CA LEU B 535 -14.09 -26.94 53.22
C LEU B 535 -13.73 -25.75 52.35
N VAL B 536 -13.87 -24.53 52.88
CA VAL B 536 -13.56 -23.35 52.09
C VAL B 536 -12.08 -23.29 51.74
N GLU B 537 -11.19 -23.56 52.71
CA GLU B 537 -9.77 -23.54 52.34
C GLU B 537 -9.42 -24.70 51.40
N ARG B 538 -10.02 -25.87 51.60
CA ARG B 538 -9.74 -26.97 50.67
C ARG B 538 -10.18 -26.63 49.26
N MET B 539 -11.38 -26.05 49.11
CA MET B 539 -11.87 -25.66 47.79
C MET B 539 -11.02 -24.55 47.19
N MET B 540 -10.55 -23.61 48.02
CA MET B 540 -9.71 -22.53 47.52
C MET B 540 -8.39 -23.06 47.00
N ALA B 541 -7.77 -23.99 47.73
CA ALA B 541 -6.54 -24.61 47.24
C ALA B 541 -6.79 -25.37 45.94
N LEU B 542 -7.90 -26.10 45.87
CA LEU B 542 -8.21 -26.84 44.66
C LEU B 542 -8.39 -25.91 43.46
N GLN B 543 -9.14 -24.82 43.64
CA GLN B 543 -9.35 -23.89 42.53
C GLN B 543 -8.05 -23.20 42.12
N THR B 544 -7.19 -22.85 43.09
CA THR B 544 -5.92 -22.23 42.73
C THR B 544 -5.05 -23.16 41.91
N ASP B 545 -4.96 -24.44 42.29
CA ASP B 545 -4.18 -25.36 41.45
C ASP B 545 -4.85 -25.58 40.09
N ILE B 546 -6.19 -25.55 40.06
CA ILE B 546 -6.90 -25.69 38.78
C ILE B 546 -6.52 -24.56 37.83
N VAL B 547 -6.49 -23.33 38.34
CA VAL B 547 -6.15 -22.22 37.45
C VAL B 547 -4.65 -22.22 37.15
N ASP B 548 -3.86 -22.79 38.06
CA ASP B 548 -2.42 -22.91 37.84
C ASP B 548 -2.16 -23.79 36.63
N LEU B 549 -2.91 -24.88 36.49
CA LEU B 549 -2.73 -25.73 35.33
C LEU B 549 -3.67 -25.36 34.19
N GLN B 550 -4.55 -24.38 34.41
CA GLN B 550 -5.34 -23.80 33.34
C GLN B 550 -4.48 -22.86 32.50
N ARG B 551 -3.56 -22.14 33.15
CA ARG B 551 -2.67 -21.22 32.43
C ARG B 551 -1.93 -21.93 31.30
N SER B 552 -1.35 -23.10 31.57
CA SER B 552 -0.60 -23.90 30.61
C SER B 552 -1.25 -23.95 29.24
N PRO B 553 -0.57 -23.46 28.20
CA PRO B 553 -1.18 -23.41 26.86
C PRO B 553 -1.02 -24.73 26.13
N MET B 554 -2.05 -25.11 25.37
CA MET B 554 -2.00 -26.36 24.64
C MET B 554 -2.41 -26.22 23.17
N GLY B 555 -3.35 -25.33 22.88
CA GLY B 555 -3.95 -25.30 21.54
C GLY B 555 -2.93 -25.05 20.44
N ARG B 556 -2.16 -23.97 20.57
CA ARG B 556 -1.04 -23.73 19.66
C ARG B 556 0.05 -24.72 20.00
N LYS B 557 0.31 -25.67 19.10
CA LYS B 557 1.26 -26.76 19.33
C LYS B 557 2.56 -26.21 19.87
N GLN B 558 2.86 -26.53 21.13
CA GLN B 558 3.94 -25.89 21.87
C GLN B 558 5.24 -26.65 21.62
N GLY B 559 6.29 -25.91 21.28
CA GLY B 559 7.48 -26.55 20.77
C GLY B 559 7.14 -27.26 19.48
N GLY B 560 6.61 -26.52 18.50
CA GLY B 560 6.16 -27.12 17.27
C GLY B 560 7.27 -27.61 16.37
N THR B 561 8.22 -28.33 16.99
CA THR B 561 9.34 -28.90 16.24
C THR B 561 8.87 -29.98 15.26
N LEU B 562 7.86 -30.76 15.65
CA LEU B 562 7.39 -31.86 14.81
C LEU B 562 6.89 -31.36 13.45
N ASP B 563 6.16 -30.25 13.42
CA ASP B 563 5.66 -29.76 12.13
C ASP B 563 6.82 -29.31 11.23
N ASP B 564 7.83 -28.65 11.78
CA ASP B 564 8.98 -28.26 10.95
C ASP B 564 9.74 -29.49 10.45
N LEU B 565 9.86 -30.53 11.29
CA LEU B 565 10.49 -31.76 10.82
C LEU B 565 9.70 -32.38 9.67
N GLU B 566 8.36 -32.36 9.78
CA GLU B 566 7.53 -32.84 8.68
C GLU B 566 7.75 -32.01 7.42
N GLU B 567 7.89 -30.69 7.59
CA GLU B 567 8.17 -29.83 6.44
C GLU B 567 9.50 -30.18 5.79
N GLN B 568 10.52 -30.43 6.61
CA GLN B 568 11.80 -30.86 6.04
C GLN B 568 11.66 -32.17 5.28
N ALA B 569 10.91 -33.13 5.84
CA ALA B 569 10.72 -34.41 5.17
C ALA B 569 10.03 -34.24 3.82
N ARG B 570 8.94 -33.46 3.79
CA ARG B 570 8.22 -33.26 2.53
C ARG B 570 9.08 -32.49 1.53
N GLU B 571 9.85 -31.51 1.99
CA GLU B 571 10.75 -30.78 1.10
C GLU B 571 11.80 -31.71 0.50
N LEU B 572 12.37 -32.60 1.31
CA LEU B 572 13.33 -33.56 0.80
C LEU B 572 12.70 -34.49 -0.22
N TYR B 573 11.48 -34.96 0.06
CA TYR B 573 10.79 -35.83 -0.88
C TYR B 573 10.51 -35.12 -2.20
N ARG B 574 10.09 -33.85 -2.13
CA ARG B 574 9.85 -33.09 -3.36
C ARG B 574 11.15 -32.86 -4.13
N ARG B 575 12.24 -32.58 -3.41
CA ARG B 575 13.53 -32.39 -4.06
C ARG B 575 13.97 -33.65 -4.79
N LEU B 576 13.69 -34.81 -4.20
CA LEU B 576 14.00 -36.06 -4.88
C LEU B 576 13.19 -36.23 -6.15
N ARG B 577 11.92 -35.79 -6.14
CA ARG B 577 11.06 -35.87 -7.31
C ARG B 577 11.21 -34.70 -8.26
N GLU B 578 12.13 -33.77 -8.00
CA GLU B 578 12.36 -32.64 -8.89
C GLU B 578 13.57 -32.81 -9.80
N LYS B 579 14.53 -33.64 -9.40
CA LYS B 579 15.69 -33.89 -10.25
C LYS B 579 15.25 -34.55 -11.56
N PRO B 580 15.68 -34.05 -12.71
CA PRO B 580 15.28 -34.64 -13.98
C PRO B 580 15.82 -36.06 -14.14
N ARG B 581 15.39 -36.70 -15.24
CA ARG B 581 15.73 -38.09 -15.48
C ARG B 581 17.22 -38.31 -15.66
N ASP B 582 17.98 -37.27 -16.03
CA ASP B 582 19.42 -37.42 -16.18
C ASP B 582 20.16 -37.36 -14.86
N GLN B 583 19.54 -36.81 -13.81
CA GLN B 583 20.16 -36.74 -12.49
C GLN B 583 19.62 -37.78 -11.53
N ARG B 584 18.90 -38.78 -12.03
CA ARG B 584 18.29 -39.81 -11.17
C ARG B 584 19.36 -40.86 -10.85
N THR B 585 20.24 -40.49 -9.92
CA THR B 585 21.33 -41.35 -9.46
C THR B 585 21.02 -41.96 -8.11
N GLU B 586 21.73 -43.03 -7.79
CA GLU B 586 21.56 -43.75 -6.53
C GLU B 586 22.39 -43.10 -5.43
N GLY B 587 21.85 -43.12 -4.21
CA GLY B 587 22.55 -42.58 -3.06
C GLY B 587 22.05 -43.21 -1.78
N ASP B 588 22.57 -42.71 -0.66
CA ASP B 588 22.20 -43.19 0.66
C ASP B 588 21.08 -42.34 1.24
N SER B 589 20.52 -42.83 2.34
CA SER B 589 19.38 -42.19 3.00
C SER B 589 19.70 -41.83 4.44
N GLN B 590 20.88 -41.27 4.68
CA GLN B 590 21.28 -40.90 6.04
C GLN B 590 20.43 -39.78 6.59
N GLU B 591 20.19 -38.73 5.78
CA GLU B 591 19.52 -37.54 6.28
C GLU B 591 18.08 -37.83 6.70
N MET B 592 17.36 -38.62 5.91
CA MET B 592 15.97 -38.90 6.26
C MET B 592 15.87 -39.80 7.48
N VAL B 593 16.81 -40.74 7.64
CA VAL B 593 16.83 -41.56 8.85
C VAL B 593 17.12 -40.69 10.07
N ARG B 594 18.05 -39.74 9.93
CA ARG B 594 18.34 -38.80 11.02
C ARG B 594 17.09 -38.01 11.38
N LEU B 595 16.37 -37.52 10.37
CA LEU B 595 15.15 -36.75 10.62
C LEU B 595 14.11 -37.60 11.32
N LEU B 596 13.96 -38.86 10.90
CA LEU B 596 12.99 -39.75 11.53
C LEU B 596 13.33 -40.00 12.99
N LEU B 597 14.61 -40.25 13.29
CA LEU B 597 15.00 -40.48 14.68
C LEU B 597 14.78 -39.23 15.53
N GLN B 598 15.11 -38.06 14.99
CA GLN B 598 14.86 -36.81 15.71
C GLN B 598 13.37 -36.63 15.97
N ALA B 599 12.54 -36.94 14.98
CA ALA B 599 11.09 -36.81 15.15
C ALA B 599 10.58 -37.76 16.23
N ILE B 600 11.11 -38.99 16.25
CA ILE B 600 10.69 -39.96 17.27
C ILE B 600 11.05 -39.47 18.67
N GLN B 601 12.28 -38.96 18.82
CA GLN B 601 12.73 -38.49 20.12
C GLN B 601 11.89 -37.30 20.59
N SER B 602 11.63 -36.34 19.70
CA SER B 602 10.81 -35.19 20.07
C SER B 602 9.37 -35.60 20.35
N PHE B 603 8.86 -36.59 19.62
CA PHE B 603 7.50 -37.09 19.86
C PHE B 603 7.36 -37.65 21.26
N GLU B 604 8.29 -38.52 21.67
CA GLU B 604 8.20 -39.07 23.02
C GLU B 604 8.42 -37.98 24.07
N LYS B 605 9.31 -37.03 23.81
CA LYS B 605 9.55 -35.96 24.77
C LYS B 605 8.30 -35.11 24.98
N LYS B 606 7.54 -34.86 23.91
CA LYS B 606 6.30 -34.08 24.04
C LYS B 606 5.20 -34.90 24.68
N VAL B 607 5.10 -36.19 24.34
CA VAL B 607 4.06 -37.04 24.90
C VAL B 607 4.24 -37.19 26.40
N ARG B 608 5.50 -37.20 26.88
CA ARG B 608 5.74 -37.25 28.32
C ARG B 608 5.09 -36.08 29.03
N VAL B 609 5.26 -34.87 28.51
CA VAL B 609 4.65 -33.70 29.14
C VAL B 609 3.12 -33.76 29.02
N ILE B 610 2.62 -34.24 27.88
CA ILE B 610 1.18 -34.39 27.70
C ILE B 610 0.60 -35.27 28.80
N TYR B 611 1.23 -36.42 29.04
CA TYR B 611 0.69 -37.33 30.05
C TYR B 611 0.93 -36.82 31.47
N THR B 612 2.00 -36.07 31.70
CA THR B 612 2.18 -35.42 32.99
C THR B 612 1.00 -34.49 33.29
N GLN B 613 0.64 -33.64 32.32
CA GLN B 613 -0.50 -32.75 32.49
C GLN B 613 -1.80 -33.53 32.61
N LEU B 614 -1.92 -34.66 31.90
CA LEU B 614 -3.12 -35.48 32.00
C LEU B 614 -3.30 -36.04 33.41
N SER B 615 -2.22 -36.54 34.01
CA SER B 615 -2.29 -37.03 35.38
C SER B 615 -2.63 -35.88 36.34
N LYS B 616 -2.00 -34.72 36.13
CA LYS B 616 -2.30 -33.56 36.96
C LYS B 616 -3.78 -33.18 36.88
N THR B 617 -4.37 -33.34 35.69
CA THR B 617 -5.78 -33.00 35.52
C THR B 617 -6.69 -34.03 36.19
N VAL B 618 -6.40 -35.32 36.00
CA VAL B 618 -7.31 -36.35 36.51
C VAL B 618 -7.28 -36.40 38.03
N VAL B 619 -6.13 -36.17 38.65
CA VAL B 619 -6.08 -36.21 40.11
C VAL B 619 -6.95 -35.09 40.70
N CYS B 620 -6.89 -33.90 40.11
CA CYS B 620 -7.71 -32.79 40.60
C CYS B 620 -9.18 -33.00 40.29
N LYS B 621 -9.50 -33.62 39.16
CA LYS B 621 -10.90 -33.95 38.88
C LYS B 621 -11.45 -34.91 39.94
N GLN B 622 -10.66 -35.92 40.31
CA GLN B 622 -11.08 -36.85 41.36
C GLN B 622 -11.22 -36.13 42.70
N LYS B 623 -10.32 -35.19 42.99
CA LYS B 623 -10.41 -34.43 44.23
C LYS B 623 -11.68 -33.58 44.27
N ALA B 624 -12.04 -32.96 43.14
CA ALA B 624 -13.27 -32.18 43.08
C ALA B 624 -14.50 -33.07 43.29
N LEU B 625 -14.52 -34.24 42.64
CA LEU B 625 -15.63 -35.16 42.85
C LEU B 625 -15.66 -35.72 44.26
N GLU B 626 -14.51 -35.70 44.96
CA GLU B 626 -14.49 -36.10 46.36
C GLU B 626 -15.03 -35.00 47.27
N LEU B 627 -14.72 -33.74 46.96
CA LEU B 627 -15.18 -32.62 47.78
C LEU B 627 -16.62 -32.23 47.52
N LEU B 628 -17.22 -32.71 46.43
CA LEU B 628 -18.62 -32.40 46.16
C LEU B 628 -19.58 -32.91 47.24
N PRO B 629 -19.60 -34.21 47.59
CA PRO B 629 -20.60 -34.68 48.56
C PRO B 629 -20.39 -34.14 49.96
N LYS B 630 -19.17 -33.73 50.31
CA LYS B 630 -18.92 -33.08 51.59
C LYS B 630 -19.82 -31.86 51.75
N VAL B 631 -19.76 -30.95 50.78
CA VAL B 631 -20.57 -29.74 50.80
C VAL B 631 -22.04 -30.08 50.61
N GLU B 632 -22.35 -31.11 49.82
CA GLU B 632 -23.74 -31.52 49.66
C GLU B 632 -24.38 -31.85 51.02
N GLU B 633 -23.73 -32.73 51.79
CA GLU B 633 -24.26 -33.10 53.09
C GLU B 633 -24.24 -31.93 54.06
N VAL B 634 -23.21 -31.08 54.00
CA VAL B 634 -23.12 -29.94 54.91
C VAL B 634 -24.30 -29.00 54.71
N VAL B 635 -24.61 -28.68 53.45
CA VAL B 635 -25.73 -27.77 53.20
C VAL B 635 -27.06 -28.44 53.51
N SER B 636 -27.17 -29.75 53.23
CA SER B 636 -28.42 -30.45 53.57
C SER B 636 -28.66 -30.48 55.07
N LEU B 637 -27.60 -30.39 55.87
CA LEU B 637 -27.78 -30.30 57.32
C LEU B 637 -28.05 -28.86 57.77
N MET B 638 -27.36 -27.89 57.17
CA MET B 638 -27.55 -26.50 57.58
C MET B 638 -28.95 -26.00 57.22
N ASN B 639 -29.57 -26.57 56.19
CA ASN B 639 -30.94 -26.22 55.86
C ASN B 639 -31.89 -26.56 57.01
N GLU B 640 -31.80 -27.79 57.51
CA GLU B 640 -32.62 -28.19 58.64
C GLU B 640 -32.26 -27.42 59.90
N ASP B 641 -30.99 -27.05 60.05
CA ASP B 641 -30.60 -26.21 61.19
C ASP B 641 -31.32 -24.87 61.16
N GLU B 642 -31.36 -24.23 59.99
CA GLU B 642 -32.10 -22.98 59.82
C GLU B 642 -33.59 -23.18 60.09
N LYS B 643 -34.14 -24.30 59.61
CA LYS B 643 -35.54 -24.62 59.89
C LYS B 643 -35.80 -24.68 61.39
N THR B 644 -34.91 -25.34 62.14
CA THR B 644 -35.11 -25.47 63.58
C THR B 644 -34.99 -24.13 64.28
N VAL B 645 -34.07 -23.27 63.83
CA VAL B 645 -33.94 -21.95 64.43
C VAL B 645 -35.22 -21.15 64.26
N VAL B 646 -35.78 -21.16 63.04
CA VAL B 646 -37.02 -20.45 62.78
C VAL B 646 -38.15 -21.02 63.63
N ARG B 647 -38.21 -22.36 63.74
CA ARG B 647 -39.24 -22.99 64.56
C ARG B 647 -39.13 -22.57 66.02
N LEU B 648 -37.91 -22.49 66.54
CA LEU B 648 -37.72 -22.11 67.94
C LEU B 648 -38.17 -20.67 68.20
N GLN B 649 -37.82 -19.75 67.28
CA GLN B 649 -38.28 -18.37 67.44
C GLN B 649 -39.81 -18.30 67.40
N GLU B 650 -40.42 -19.02 66.45
CA GLU B 650 -41.87 -19.01 66.33
C GLU B 650 -42.51 -19.57 67.60
N LYS B 651 -41.93 -20.63 68.17
CA LYS B 651 -42.50 -21.22 69.37
C LYS B 651 -42.36 -20.29 70.57
N ARG B 652 -41.24 -19.57 70.69
CA ARG B 652 -41.13 -18.62 71.80
C ARG B 652 -42.19 -17.52 71.68
N GLN B 653 -42.38 -16.99 70.48
CA GLN B 653 -43.40 -15.95 70.31
C GLN B 653 -44.80 -16.50 70.57
N LYS B 654 -45.05 -17.75 70.14
CA LYS B 654 -46.32 -18.40 70.40
C LYS B 654 -46.56 -18.57 71.89
N GLU B 655 -45.53 -18.98 72.64
CA GLU B 655 -45.65 -19.14 74.08
C GLU B 655 -46.01 -17.82 74.74
N LEU B 656 -45.32 -16.74 74.34
CA LEU B 656 -45.58 -15.44 74.95
C LEU B 656 -47.00 -14.96 74.65
N TRP B 657 -47.43 -15.11 73.39
CA TRP B 657 -48.79 -14.70 73.02
C TRP B 657 -49.85 -15.54 73.74
N ASN B 658 -49.61 -16.84 73.88
CA ASN B 658 -50.56 -17.69 74.59
C ASN B 658 -50.66 -17.29 76.06
N LEU B 659 -49.53 -16.98 76.69
CA LEU B 659 -49.56 -16.53 78.08
C LEU B 659 -50.34 -15.23 78.21
N LEU B 660 -50.12 -14.29 77.29
CA LEU B 660 -50.87 -13.03 77.32
C LEU B 660 -52.37 -13.28 77.13
N LYS B 661 -52.73 -14.16 76.21
CA LYS B 661 -54.15 -14.45 75.96
C LYS B 661 -54.80 -15.09 77.18
N ILE B 662 -54.09 -16.02 77.84
CA ILE B 662 -54.64 -16.65 79.04
C ILE B 662 -54.79 -15.64 80.17
N ALA B 663 -53.78 -14.77 80.35
CA ALA B 663 -53.84 -13.78 81.41
C ALA B 663 -54.95 -12.77 81.19
N CYS B 664 -55.27 -12.46 79.92
CA CYS B 664 -56.34 -11.51 79.62
C CYS B 664 -57.72 -12.04 79.98
N SER B 665 -57.86 -13.34 80.26
CA SER B 665 -59.16 -13.88 80.63
C SER B 665 -59.61 -13.41 82.00
N LYS B 666 -58.68 -13.12 82.90
CA LYS B 666 -59.01 -12.67 84.24
C LYS B 666 -59.47 -11.21 84.23
N CYS C 14 6.00 69.77 -8.74
CA CYS C 14 5.64 70.96 -9.48
C CYS C 14 5.57 70.69 -10.98
N GLY C 15 6.17 69.56 -11.41
CA GLY C 15 6.15 69.20 -12.80
C GLY C 15 5.51 67.86 -13.08
N ALA C 16 6.26 66.94 -13.69
CA ALA C 16 5.74 65.61 -13.98
C ALA C 16 6.12 64.55 -12.95
N TRP C 17 7.31 64.66 -12.35
CA TRP C 17 7.74 63.67 -11.36
C TRP C 17 7.06 63.97 -10.03
N GLU C 18 6.21 63.04 -9.58
CA GLU C 18 5.52 63.17 -8.31
C GLU C 18 6.03 62.14 -7.32
N MET C 19 6.16 62.57 -6.06
CA MET C 19 6.65 61.69 -5.01
C MET C 19 5.64 60.61 -4.67
N LYS C 20 6.16 59.42 -4.41
CA LYS C 20 5.41 58.25 -3.98
C LYS C 20 5.85 57.90 -2.57
N GLU C 21 5.48 56.70 -2.12
CA GLU C 21 5.78 56.30 -0.75
C GLU C 21 7.30 56.31 -0.52
N ARG C 22 7.67 56.51 0.74
CA ARG C 22 9.08 56.56 1.12
C ARG C 22 9.78 55.23 0.88
N GLY C 29 12.73 60.15 6.53
CA GLY C 29 13.43 58.96 6.09
C GLY C 29 14.70 59.27 5.32
N ASN C 30 15.40 58.23 4.89
CA ASN C 30 16.65 58.39 4.14
C ASN C 30 16.38 58.56 2.65
N VAL C 31 15.69 57.60 2.04
CA VAL C 31 15.40 57.61 0.61
C VAL C 31 13.90 57.84 0.41
N ILE C 32 13.57 58.55 -0.66
CA ILE C 32 12.18 58.84 -1.00
C ILE C 32 11.97 58.44 -2.46
N ARG C 33 10.87 57.77 -2.74
CA ARG C 33 10.59 57.31 -4.09
C ARG C 33 9.71 58.31 -4.81
N TRP C 34 10.03 58.53 -6.08
CA TRP C 34 9.28 59.45 -6.92
C TRP C 34 8.93 58.68 -8.18
N HIS C 35 7.65 58.50 -8.42
CA HIS C 35 7.21 57.70 -9.56
C HIS C 35 6.56 58.61 -10.58
N ASN C 36 6.96 58.49 -11.84
CA ASN C 36 6.36 59.27 -12.91
C ASN C 36 5.20 58.47 -13.49
N GLN C 37 4.04 59.09 -13.55
CA GLN C 37 2.84 58.42 -14.05
C GLN C 37 2.63 58.66 -15.54
N GLU C 38 3.61 59.28 -16.21
CA GLU C 38 3.58 59.49 -17.65
C GLU C 38 4.75 58.82 -18.37
N THR C 39 5.96 58.92 -17.81
CA THR C 39 7.11 58.24 -18.37
C THR C 39 7.26 56.83 -17.82
N GLY C 40 6.98 56.63 -16.53
CA GLY C 40 7.02 55.33 -15.91
C GLY C 40 8.36 54.95 -15.30
N GLU C 41 9.05 55.93 -14.70
CA GLU C 41 10.34 55.72 -14.08
C GLU C 41 10.21 55.91 -12.57
N GLN C 42 10.51 54.87 -11.81
CA GLN C 42 10.46 54.92 -10.34
C GLN C 42 11.86 55.25 -9.84
N ILE C 43 12.10 56.54 -9.60
CA ILE C 43 13.40 57.03 -9.19
C ILE C 43 13.46 57.14 -7.67
N ALA C 44 14.53 56.61 -7.07
CA ALA C 44 14.75 56.69 -5.63
C ALA C 44 15.75 57.81 -5.39
N ILE C 45 15.30 58.89 -4.77
CA ILE C 45 16.12 60.07 -4.49
C ILE C 45 16.61 60.01 -3.06
N LYS C 46 17.89 60.27 -2.86
CA LYS C 46 18.49 60.38 -1.54
C LYS C 46 18.36 61.84 -1.10
N GLN C 47 17.57 62.06 -0.06
CA GLN C 47 17.28 63.40 0.42
C GLN C 47 18.41 63.93 1.30
N CYS C 48 18.57 65.25 1.30
CA CYS C 48 19.58 65.92 2.10
C CYS C 48 19.02 66.30 3.46
N ARG C 49 19.89 66.23 4.47
CA ARG C 49 19.48 66.59 5.82
C ARG C 49 19.19 68.10 5.88
N GLN C 50 18.53 68.51 6.96
CA GLN C 50 18.12 69.90 7.09
C GLN C 50 19.12 70.72 7.89
N GLU C 51 19.62 70.16 9.00
CA GLU C 51 20.68 70.77 9.78
C GLU C 51 21.99 70.12 9.36
N LEU C 52 22.76 70.80 8.52
CA LEU C 52 24.03 70.26 8.04
C LEU C 52 25.19 71.12 8.48
N SER C 53 26.27 70.45 8.92
CA SER C 53 27.54 71.10 9.22
C SER C 53 28.38 71.17 7.95
N PRO C 54 29.19 72.23 7.80
CA PRO C 54 29.98 72.35 6.56
C PRO C 54 30.88 71.15 6.27
N ARG C 55 31.63 70.70 7.27
CA ARG C 55 32.52 69.56 7.07
C ARG C 55 31.73 68.29 6.75
N ASN C 56 30.59 68.09 7.42
CA ASN C 56 29.74 66.95 7.10
C ASN C 56 29.10 67.11 5.72
N ARG C 57 28.83 68.35 5.30
CA ARG C 57 28.25 68.62 3.99
C ARG C 57 29.23 68.27 2.87
N GLU C 58 30.52 68.52 3.11
CA GLU C 58 31.53 68.19 2.12
C GLU C 58 31.56 66.70 1.83
N ARG C 59 31.31 65.87 2.86
CA ARG C 59 31.25 64.43 2.61
C ARG C 59 30.06 64.06 1.74
N TRP C 60 28.94 64.80 1.86
CA TRP C 60 27.82 64.58 0.96
C TRP C 60 28.19 64.91 -0.47
N CYS C 61 28.93 66.01 -0.66
CA CYS C 61 29.41 66.34 -2.00
C CYS C 61 30.34 65.25 -2.54
N LEU C 62 31.21 64.72 -1.68
CA LEU C 62 32.10 63.63 -2.08
C LEU C 62 31.31 62.41 -2.50
N GLU C 63 30.25 62.07 -1.76
CA GLU C 63 29.42 60.94 -2.13
C GLU C 63 28.71 61.20 -3.45
N ILE C 64 28.27 62.44 -3.68
CA ILE C 64 27.66 62.80 -4.96
C ILE C 64 28.63 62.51 -6.11
N GLN C 65 29.89 62.93 -5.95
CA GLN C 65 30.86 62.67 -7.02
C GLN C 65 31.15 61.19 -7.17
N ILE C 66 31.22 60.45 -6.05
CA ILE C 66 31.55 59.04 -6.11
C ILE C 66 30.44 58.24 -6.80
N MET C 67 29.18 58.60 -6.55
CA MET C 67 28.07 57.85 -7.11
C MET C 67 28.02 57.91 -8.64
N ARG C 68 28.41 59.03 -9.24
CA ARG C 68 28.36 59.15 -10.70
C ARG C 68 29.32 58.20 -11.40
N ARG C 69 30.39 57.76 -10.73
CA ARG C 69 31.37 56.88 -11.37
C ARG C 69 30.92 55.43 -11.36
N LEU C 70 30.40 54.95 -10.23
CA LEU C 70 30.07 53.53 -10.10
C LEU C 70 28.82 53.16 -10.88
N THR C 71 28.93 52.16 -11.75
CA THR C 71 27.80 51.68 -12.55
C THR C 71 27.80 50.15 -12.67
N HIS C 72 28.07 49.44 -11.56
CA HIS C 72 28.10 47.99 -11.64
C HIS C 72 26.68 47.43 -11.74
N PRO C 73 26.46 46.38 -12.54
CA PRO C 73 25.10 45.84 -12.69
C PRO C 73 24.55 45.17 -11.44
N ASN C 74 25.40 44.55 -10.61
CA ASN C 74 24.95 43.84 -9.42
C ASN C 74 24.79 44.75 -8.20
N VAL C 75 24.90 46.06 -8.39
CA VAL C 75 24.64 47.04 -7.35
C VAL C 75 23.74 48.12 -7.95
N VAL C 76 23.00 48.82 -7.09
CA VAL C 76 22.14 49.88 -7.58
C VAL C 76 22.99 50.95 -8.25
N ALA C 77 22.49 51.47 -9.37
CA ALA C 77 23.24 52.40 -10.20
C ALA C 77 22.70 53.81 -10.05
N ALA C 78 23.58 54.78 -10.30
CA ALA C 78 23.20 56.19 -10.25
C ALA C 78 22.58 56.58 -11.58
N ARG C 79 21.43 57.24 -11.53
CA ARG C 79 20.70 57.63 -12.72
C ARG C 79 20.68 59.14 -12.89
N ASP C 80 20.39 59.56 -14.11
CA ASP C 80 20.44 60.96 -14.49
C ASP C 80 19.39 61.77 -13.74
N VAL C 81 19.74 63.01 -13.41
CA VAL C 81 18.75 63.90 -12.80
C VAL C 81 17.70 64.24 -13.86
N PRO C 82 16.41 64.11 -13.54
CA PRO C 82 15.38 64.38 -14.54
C PRO C 82 15.33 65.84 -14.96
N GLU C 83 14.91 66.07 -16.20
CA GLU C 83 14.72 67.43 -16.68
C GLU C 83 13.51 68.02 -15.97
N GLY C 84 13.70 69.16 -15.32
CA GLY C 84 12.64 69.74 -14.52
C GLY C 84 12.71 69.41 -13.06
N MET C 85 13.90 69.04 -12.55
CA MET C 85 14.07 68.68 -11.16
C MET C 85 14.64 69.81 -10.31
N GLN C 86 15.23 70.84 -10.91
CA GLN C 86 15.71 71.96 -10.11
C GLN C 86 14.60 72.88 -9.63
N ASN C 87 13.51 73.03 -10.41
CA ASN C 87 12.43 73.91 -9.99
C ASN C 87 11.65 73.33 -8.81
N LEU C 88 11.37 72.03 -8.84
CA LEU C 88 10.66 71.34 -7.77
C LEU C 88 11.62 70.69 -6.76
N ALA C 89 12.46 71.54 -6.19
CA ALA C 89 13.44 71.14 -5.19
C ALA C 89 13.32 72.07 -3.99
N PRO C 90 13.10 71.55 -2.78
CA PRO C 90 13.08 72.44 -1.61
C PRO C 90 14.47 72.94 -1.23
N ASN C 91 15.50 72.13 -1.45
CA ASN C 91 16.87 72.53 -1.19
C ASN C 91 17.59 72.76 -2.51
N ASP C 92 18.60 73.63 -2.48
CA ASP C 92 19.32 74.03 -3.68
C ASP C 92 20.41 73.05 -4.10
N LEU C 93 20.46 71.85 -3.49
CA LEU C 93 21.54 70.94 -3.82
C LEU C 93 21.01 69.75 -4.62
N PRO C 94 21.73 69.31 -5.64
CA PRO C 94 21.20 68.24 -6.51
C PRO C 94 21.26 66.89 -5.83
N LEU C 95 20.13 66.19 -5.85
CA LEU C 95 20.04 64.82 -5.38
C LEU C 95 20.32 63.86 -6.53
N LEU C 96 20.76 62.65 -6.18
CA LEU C 96 21.13 61.65 -7.17
C LEU C 96 20.13 60.50 -7.11
N ALA C 97 19.88 59.91 -8.27
CA ALA C 97 18.83 58.93 -8.45
C ALA C 97 19.34 57.50 -8.35
N MET C 98 18.41 56.60 -8.05
CA MET C 98 18.69 55.17 -7.98
C MET C 98 17.43 54.44 -8.43
N GLU C 99 17.51 53.12 -8.51
CA GLU C 99 16.42 52.28 -8.98
C GLU C 99 15.70 51.60 -7.83
N TYR C 100 14.36 51.62 -7.88
CA TYR C 100 13.53 50.93 -6.90
C TYR C 100 13.33 49.50 -7.35
N CYS C 101 13.49 48.56 -6.42
CA CYS C 101 13.39 47.13 -6.71
C CYS C 101 12.09 46.58 -6.13
N GLN C 102 11.30 45.92 -6.98
CA GLN C 102 10.01 45.39 -6.55
C GLN C 102 10.15 44.19 -5.63
N GLY C 103 11.30 43.51 -5.64
CA GLY C 103 11.50 42.32 -4.86
C GLY C 103 11.41 42.56 -3.36
N GLY C 104 12.31 43.38 -2.84
CA GLY C 104 12.35 43.68 -1.43
C GLY C 104 13.65 43.22 -0.78
N ASP C 105 13.81 43.64 0.47
CA ASP C 105 15.03 43.31 1.20
C ASP C 105 15.11 41.82 1.48
N LEU C 106 16.34 41.35 1.68
CA LEU C 106 16.57 39.95 2.00
C LEU C 106 16.05 39.60 3.40
N ARG C 107 15.89 40.59 4.27
CA ARG C 107 15.44 40.33 5.64
C ARG C 107 14.05 39.69 5.67
N LYS C 108 13.14 40.18 4.84
CA LYS C 108 11.79 39.60 4.82
C LYS C 108 11.82 38.16 4.34
N TYR C 109 12.64 37.85 3.33
CA TYR C 109 12.77 36.47 2.88
C TYR C 109 13.39 35.60 3.96
N LEU C 110 14.34 36.14 4.73
CA LEU C 110 14.94 35.36 5.80
C LEU C 110 13.96 35.13 6.94
N ASN C 111 13.04 36.05 7.16
CA ASN C 111 12.05 35.95 8.24
C ASN C 111 10.80 35.21 7.80
N GLN C 112 10.78 34.66 6.59
CA GLN C 112 9.63 33.91 6.12
C GLN C 112 9.52 32.58 6.87
N PHE C 113 8.29 32.08 6.95
CA PHE C 113 8.04 30.83 7.68
C PHE C 113 8.58 29.61 6.95
N GLU C 114 8.94 29.73 5.68
CA GLU C 114 9.50 28.60 4.93
C GLU C 114 11.02 28.62 4.90
N ASN C 115 11.64 29.80 5.01
CA ASN C 115 13.10 29.92 5.03
C ASN C 115 13.63 30.22 6.43
N CYS C 116 12.96 29.69 7.45
CA CYS C 116 13.41 29.91 8.82
C CYS C 116 14.74 29.21 9.11
N CYS C 117 15.02 28.12 8.41
CA CYS C 117 16.25 27.34 8.58
C CYS C 117 17.18 27.52 7.39
N GLY C 118 17.25 28.75 6.87
CA GLY C 118 18.10 29.05 5.73
C GLY C 118 17.34 28.98 4.41
N LEU C 119 17.98 29.50 3.38
CA LEU C 119 17.40 29.53 2.05
C LEU C 119 17.66 28.20 1.32
N ARG C 120 16.99 28.03 0.19
CA ARG C 120 17.24 26.86 -0.65
C ARG C 120 18.61 26.97 -1.32
N GLU C 121 19.06 25.84 -1.86
CA GLU C 121 20.41 25.76 -2.42
C GLU C 121 20.63 26.78 -3.53
N GLY C 122 19.69 26.85 -4.48
CA GLY C 122 19.85 27.78 -5.58
C GLY C 122 19.90 29.22 -5.14
N ALA C 123 19.09 29.58 -4.14
CA ALA C 123 19.08 30.94 -3.63
C ALA C 123 20.44 31.33 -3.06
N ILE C 124 21.05 30.43 -2.28
CA ILE C 124 22.36 30.71 -1.69
C ILE C 124 23.42 30.80 -2.79
N LEU C 125 23.37 29.90 -3.77
CA LEU C 125 24.34 29.97 -4.86
C LEU C 125 24.25 31.29 -5.62
N THR C 126 23.03 31.71 -5.94
CA THR C 126 22.85 32.99 -6.64
C THR C 126 23.28 34.16 -5.78
N LEU C 127 23.00 34.11 -4.47
CA LEU C 127 23.42 35.18 -3.58
C LEU C 127 24.94 35.32 -3.58
N LEU C 128 25.65 34.19 -3.46
CA LEU C 128 27.11 34.25 -3.46
C LEU C 128 27.63 34.78 -4.79
N SER C 129 27.13 34.23 -5.90
CA SER C 129 27.64 34.62 -7.22
C SER C 129 27.32 36.07 -7.55
N ASP C 130 26.26 36.62 -6.97
CA ASP C 130 25.88 38.00 -7.25
C ASP C 130 26.52 39.00 -6.30
N ILE C 131 26.87 38.57 -5.09
CA ILE C 131 27.51 39.48 -4.13
C ILE C 131 29.02 39.53 -4.32
N ALA C 132 29.66 38.39 -4.62
CA ALA C 132 31.12 38.40 -4.75
C ALA C 132 31.57 39.21 -5.96
N SER C 133 30.88 39.05 -7.09
CA SER C 133 31.27 39.73 -8.32
C SER C 133 31.03 41.23 -8.24
N ALA C 134 30.18 41.68 -7.33
CA ALA C 134 29.98 43.11 -7.11
C ALA C 134 30.93 43.66 -6.06
N LEU C 135 31.22 42.88 -5.02
CA LEU C 135 32.15 43.33 -4.00
C LEU C 135 33.58 43.42 -4.54
N ARG C 136 33.94 42.55 -5.49
CA ARG C 136 35.26 42.68 -6.10
C ARG C 136 35.39 44.00 -6.87
N TYR C 137 34.35 44.38 -7.61
CA TYR C 137 34.38 45.64 -8.33
C TYR C 137 34.35 46.83 -7.37
N LEU C 138 33.64 46.70 -6.24
CA LEU C 138 33.66 47.76 -5.24
C LEU C 138 35.05 47.93 -4.65
N HIS C 139 35.72 46.82 -4.35
CA HIS C 139 37.07 46.89 -3.80
C HIS C 139 38.11 47.33 -4.83
N GLU C 140 37.81 47.17 -6.13
CA GLU C 140 38.77 47.57 -7.15
C GLU C 140 38.87 49.09 -7.24
N ASN C 141 37.76 49.80 -7.04
CA ASN C 141 37.73 51.25 -7.14
C ASN C 141 38.05 51.95 -5.82
N ARG C 142 38.68 51.25 -4.89
CA ARG C 142 39.08 51.81 -3.59
C ARG C 142 37.86 52.32 -2.81
N ILE C 143 36.75 51.60 -2.90
CA ILE C 143 35.53 51.94 -2.18
C ILE C 143 35.16 50.78 -1.28
N ILE C 144 34.98 51.06 0.01
CA ILE C 144 34.63 50.06 1.00
C ILE C 144 33.28 50.43 1.60
N HIS C 145 32.38 49.44 1.66
CA HIS C 145 31.04 49.71 2.19
C HIS C 145 31.08 49.91 3.70
N ARG C 146 31.92 49.14 4.40
CA ARG C 146 32.18 49.26 5.84
C ARG C 146 30.99 48.79 6.66
N ASP C 147 29.85 48.59 5.99
CA ASP C 147 28.63 48.12 6.65
C ASP C 147 27.86 47.27 5.64
N LEU C 148 27.37 46.12 6.08
CA LEU C 148 26.60 45.26 5.20
C LEU C 148 25.64 44.42 6.03
N LYS C 149 24.37 44.50 5.71
CA LYS C 149 23.30 43.79 6.39
C LYS C 149 22.30 43.30 5.36
N PRO C 150 21.45 42.33 5.71
CA PRO C 150 20.43 41.87 4.75
C PRO C 150 19.45 42.96 4.33
N GLU C 151 19.35 44.05 5.09
CA GLU C 151 18.46 45.14 4.71
C GLU C 151 18.99 45.91 3.49
N ASN C 152 20.32 45.91 3.30
CA ASN C 152 20.90 46.58 2.15
C ASN C 152 20.81 45.76 0.87
N ILE C 153 20.57 44.46 0.98
CA ILE C 153 20.54 43.56 -0.17
C ILE C 153 19.10 43.37 -0.60
N VAL C 154 18.78 43.80 -1.82
CA VAL C 154 17.46 43.67 -2.40
C VAL C 154 17.50 42.64 -3.52
N LEU C 155 16.40 41.91 -3.67
CA LEU C 155 16.27 40.86 -4.68
C LEU C 155 15.49 41.42 -5.87
N GLN C 156 16.20 42.10 -6.76
CA GLN C 156 15.56 42.66 -7.94
C GLN C 156 15.19 41.54 -8.91
N GLN C 157 13.94 41.56 -9.38
CA GLN C 157 13.47 40.53 -10.29
C GLN C 157 14.07 40.75 -11.68
N GLY C 158 14.98 39.87 -12.07
CA GLY C 158 15.61 39.97 -13.36
C GLY C 158 14.79 39.32 -14.45
N GLU C 159 15.38 39.23 -15.64
CA GLU C 159 14.69 38.64 -16.78
C GLU C 159 14.49 37.15 -16.59
N GLN C 160 15.50 36.45 -16.08
CA GLN C 160 15.44 35.01 -15.87
C GLN C 160 15.56 34.64 -14.40
N ARG C 161 16.54 35.18 -13.68
CA ARG C 161 16.74 34.89 -12.27
C ARG C 161 16.82 36.18 -11.48
N LEU C 162 16.68 36.04 -10.16
CA LEU C 162 16.73 37.20 -9.26
C LEU C 162 18.17 37.67 -9.09
N ILE C 163 18.37 38.98 -9.15
CA ILE C 163 19.67 39.61 -9.02
C ILE C 163 19.77 40.29 -7.66
N HIS C 164 20.86 40.03 -6.94
CA HIS C 164 21.08 40.63 -5.63
C HIS C 164 21.77 41.98 -5.82
N LYS C 165 21.05 43.06 -5.59
CA LYS C 165 21.59 44.41 -5.66
C LYS C 165 21.71 45.01 -4.27
N ILE C 166 22.46 46.10 -4.17
CA ILE C 166 22.68 46.78 -2.90
C ILE C 166 22.22 48.22 -3.04
N ILE C 167 21.21 48.58 -2.28
CA ILE C 167 20.65 49.93 -2.27
C ILE C 167 21.05 50.63 -0.97
N ASP C 168 20.89 51.95 -0.94
CA ASP C 168 21.10 52.79 0.24
C ASP C 168 22.54 52.66 0.77
N LEU C 169 23.46 53.16 -0.04
CA LEU C 169 24.88 53.23 0.32
C LEU C 169 25.07 54.39 1.30
N GLY C 170 25.05 54.06 2.59
CA GLY C 170 25.09 55.08 3.63
C GLY C 170 26.43 55.73 3.92
N TYR C 171 27.37 54.95 4.46
CA TYR C 171 28.67 55.45 4.89
C TYR C 171 29.78 54.70 4.16
N ALA C 172 30.84 55.44 3.79
CA ALA C 172 32.00 54.84 3.14
C ALA C 172 33.13 55.86 3.12
N LYS C 173 34.33 55.38 3.46
CA LYS C 173 35.56 56.14 3.32
C LYS C 173 36.30 55.72 2.06
N GLU C 174 36.92 56.69 1.39
CA GLU C 174 37.70 56.44 0.20
C GLU C 174 39.15 56.19 0.58
N LEU C 175 39.77 55.20 -0.07
CA LEU C 175 41.13 54.79 0.22
C LEU C 175 42.12 55.37 -0.78
N GLU C 179 42.78 55.11 3.13
CA GLU C 179 42.74 56.06 4.24
C GLU C 179 42.36 55.34 5.53
N LEU C 180 42.65 55.97 6.66
CA LEU C 180 42.40 55.39 7.97
C LEU C 180 40.90 55.21 8.23
N VAL C 185 28.70 55.19 12.81
CA VAL C 185 27.37 55.28 13.41
C VAL C 185 26.37 54.50 12.57
N GLY C 186 25.24 54.14 13.17
CA GLY C 186 24.25 53.34 12.48
C GLY C 186 23.32 52.59 13.41
N THR C 187 23.25 51.27 13.24
CA THR C 187 22.37 50.41 14.03
C THR C 187 23.15 49.17 14.43
N LEU C 188 22.83 48.64 15.60
CA LEU C 188 23.59 47.54 16.18
C LEU C 188 22.97 46.19 15.84
N GLN C 189 23.08 45.82 14.55
CA GLN C 189 22.71 44.47 14.13
C GLN C 189 23.87 43.74 13.48
N TYR C 190 24.34 44.20 12.32
CA TYR C 190 25.49 43.61 11.64
C TYR C 190 26.70 44.52 11.79
N LEU C 191 27.33 44.45 12.94
CA LEU C 191 28.53 45.23 13.19
C LEU C 191 29.73 44.29 13.32
N ALA C 192 30.83 44.67 12.66
CA ALA C 192 32.06 43.90 12.71
C ALA C 192 32.84 44.24 13.98
N PRO C 193 33.69 43.32 14.45
CA PRO C 193 34.45 43.60 15.68
C PRO C 193 35.36 44.82 15.57
N GLU C 194 35.90 45.09 14.38
CA GLU C 194 36.76 46.25 14.21
C GLU C 194 35.99 47.57 14.29
N LEU C 195 34.69 47.55 14.00
CA LEU C 195 33.84 48.73 14.05
C LEU C 195 33.32 49.06 15.44
N LEU C 196 33.61 48.26 16.46
CA LEU C 196 33.02 48.53 17.77
C LEU C 196 33.73 49.66 18.51
N GLU C 197 34.99 49.46 18.89
CA GLU C 197 35.75 50.52 19.57
C GLU C 197 36.56 51.39 18.61
N GLN C 198 35.93 51.85 17.53
CA GLN C 198 36.50 52.81 16.57
C GLN C 198 37.96 52.53 16.23
N GLN C 199 38.25 51.28 15.87
CA GLN C 199 39.62 50.93 15.52
C GLN C 199 39.79 50.90 14.00
N LYS C 200 41.04 51.01 13.55
CA LYS C 200 41.34 51.05 12.12
C LYS C 200 41.10 49.70 11.47
N TYR C 201 40.08 49.64 10.61
CA TYR C 201 39.67 48.43 9.91
C TYR C 201 40.07 48.53 8.44
N THR C 202 40.55 47.41 7.89
CA THR C 202 40.79 47.31 6.46
C THR C 202 39.53 46.75 5.78
N VAL C 203 39.65 46.37 4.51
CA VAL C 203 38.48 45.91 3.76
C VAL C 203 37.89 44.61 4.32
N THR C 204 38.66 43.89 5.15
CA THR C 204 38.21 42.59 5.65
C THR C 204 36.93 42.69 6.46
N VAL C 205 36.58 43.86 6.99
CA VAL C 205 35.32 44.01 7.72
C VAL C 205 34.14 43.67 6.84
N ASP C 206 34.26 43.90 5.52
CA ASP C 206 33.20 43.46 4.63
C ASP C 206 33.13 41.94 4.60
N TYR C 207 34.28 41.28 4.49
CA TYR C 207 34.32 39.82 4.43
C TYR C 207 33.60 39.21 5.63
N TRP C 208 33.98 39.66 6.83
CA TRP C 208 33.28 39.23 8.05
C TRP C 208 31.78 39.50 7.94
N SER C 209 31.42 40.72 7.53
CA SER C 209 30.01 41.07 7.40
C SER C 209 29.32 40.16 6.40
N PHE C 210 30.07 39.62 5.44
CA PHE C 210 29.51 38.62 4.53
C PHE C 210 29.44 37.26 5.21
N GLY C 211 30.52 36.87 5.89
CA GLY C 211 30.59 35.53 6.46
C GLY C 211 29.45 35.23 7.42
N THR C 212 29.16 36.17 8.31
CA THR C 212 28.01 36.02 9.19
C THR C 212 26.71 35.92 8.39
N LEU C 213 26.54 36.83 7.42
CA LEU C 213 25.31 36.87 6.65
C LEU C 213 25.02 35.53 5.99
N ALA C 214 26.00 35.01 5.24
CA ALA C 214 25.83 33.72 4.58
C ALA C 214 25.43 32.63 5.58
N PHE C 215 25.96 32.71 6.80
CA PHE C 215 25.61 31.74 7.82
C PHE C 215 24.10 31.74 8.07
N GLU C 216 23.53 32.92 8.31
CA GLU C 216 22.09 33.00 8.52
C GLU C 216 21.33 32.66 7.25
N CYS C 217 21.98 32.71 6.09
CA CYS C 217 21.36 32.31 4.84
C CYS C 217 21.37 30.81 4.61
N ILE C 218 22.15 30.05 5.40
CA ILE C 218 22.29 28.62 5.21
C ILE C 218 21.65 27.83 6.36
N THR C 219 21.97 28.19 7.60
CA THR C 219 21.48 27.44 8.75
C THR C 219 20.21 28.04 9.34
N GLY C 220 20.11 29.36 9.39
CA GLY C 220 18.92 30.04 9.91
C GLY C 220 19.17 30.84 11.17
N PHE C 221 20.23 30.55 11.92
CA PHE C 221 20.52 31.24 13.17
C PHE C 221 21.84 32.01 13.04
N ARG C 222 22.01 32.97 13.95
CA ARG C 222 23.20 33.80 13.93
C ARG C 222 24.45 32.98 14.26
N PRO C 223 25.56 33.21 13.57
CA PRO C 223 26.76 32.38 13.82
C PRO C 223 27.37 32.67 15.19
N PHE C 224 27.55 33.95 15.51
CA PHE C 224 28.18 34.35 16.77
C PHE C 224 27.06 34.96 17.62
N LEU C 225 26.55 34.17 18.58
CA LEU C 225 25.58 34.58 19.59
C LEU C 225 24.27 35.02 18.96
N PRO C 226 23.13 34.50 19.41
CA PRO C 226 21.86 34.84 18.76
C PRO C 226 21.46 36.30 18.96
N ASN C 227 22.06 37.21 18.18
CA ASN C 227 21.75 38.63 18.24
C ASN C 227 21.98 39.19 19.64
N TRP C 228 23.13 38.83 20.22
CA TRP C 228 23.51 39.28 21.55
C TRP C 228 24.36 40.54 21.48
N GLN C 229 24.26 41.35 22.53
CA GLN C 229 24.91 42.64 22.57
C GLN C 229 26.43 42.48 22.44
N PRO C 230 27.10 43.46 21.81
CA PRO C 230 28.55 43.32 21.59
C PRO C 230 29.40 43.34 22.85
N VAL C 231 28.86 43.78 23.99
CA VAL C 231 29.67 43.92 25.20
C VAL C 231 30.26 42.57 25.59
N GLN C 232 29.40 41.58 25.86
CA GLN C 232 29.89 40.24 26.13
C GLN C 232 30.24 39.47 24.87
N TRP C 233 29.80 39.96 23.70
CA TRP C 233 30.09 39.27 22.44
C TRP C 233 31.56 39.37 22.08
N HIS C 234 32.18 40.55 22.27
CA HIS C 234 33.58 40.73 21.87
C HIS C 234 34.52 39.84 22.67
N SER C 235 34.24 39.64 23.96
CA SER C 235 35.15 38.88 24.82
C SER C 235 35.27 37.43 24.35
N LYS C 236 34.18 36.82 23.93
CA LYS C 236 34.21 35.42 23.51
C LYS C 236 34.82 35.21 22.13
N VAL C 237 35.01 36.26 21.33
CA VAL C 237 35.64 36.06 20.03
C VAL C 237 37.15 35.87 20.14
N ARG C 238 37.80 36.52 21.11
CA ARG C 238 39.24 36.30 21.27
C ARG C 238 39.52 34.88 21.75
N GLN C 239 38.58 34.28 22.48
CA GLN C 239 38.78 32.93 22.99
C GLN C 239 38.58 31.89 21.91
N LYS C 240 37.67 32.13 20.98
CA LYS C 240 37.34 31.13 19.96
C LYS C 240 38.49 30.99 18.96
N SER C 241 38.67 29.78 18.47
CA SER C 241 39.66 29.53 17.44
C SER C 241 39.13 29.92 16.06
N GLU C 242 40.05 30.12 15.11
CA GLU C 242 39.65 30.52 13.77
C GLU C 242 38.92 29.39 13.04
N VAL C 243 39.10 28.15 13.46
CA VAL C 243 38.44 27.03 12.80
C VAL C 243 36.99 26.90 13.29
N ASP C 244 36.73 27.23 14.55
CA ASP C 244 35.37 27.18 15.06
C ASP C 244 34.54 28.27 14.41
N ILE C 245 33.42 27.89 13.81
CA ILE C 245 32.57 28.82 13.09
C ILE C 245 31.32 29.18 13.87
N VAL C 246 30.73 28.24 14.60
CA VAL C 246 29.49 28.49 15.32
C VAL C 246 29.78 28.60 16.81
N VAL C 247 29.34 29.70 17.40
CA VAL C 247 29.53 30.00 18.82
C VAL C 247 28.13 30.16 19.43
N SER C 248 27.72 29.18 20.23
CA SER C 248 26.35 29.22 20.74
C SER C 248 26.26 28.49 22.08
N GLU C 249 25.20 28.78 22.81
CA GLU C 249 24.93 28.11 24.08
C GLU C 249 23.74 27.16 23.90
N ASP C 250 23.88 25.96 24.48
CA ASP C 250 22.86 24.93 24.36
C ASP C 250 21.71 25.19 25.34
N LEU C 251 20.85 24.20 25.53
CA LEU C 251 19.68 24.37 26.38
C LEU C 251 20.08 24.65 27.83
N ASN C 252 21.19 24.09 28.30
CA ASN C 252 21.62 24.32 29.67
C ASN C 252 22.16 25.73 29.85
N GLY C 253 22.93 26.22 28.88
CA GLY C 253 23.53 27.54 28.97
C GLY C 253 25.04 27.50 29.01
N THR C 254 25.62 26.50 28.35
CA THR C 254 27.07 26.35 28.29
C THR C 254 27.56 26.79 26.91
N VAL C 255 28.54 27.69 26.90
CA VAL C 255 29.09 28.18 25.64
C VAL C 255 29.79 27.04 24.90
N LYS C 256 29.62 27.00 23.58
CA LYS C 256 30.19 25.96 22.74
C LYS C 256 30.70 26.57 21.46
N PHE C 257 31.88 26.13 21.04
CA PHE C 257 32.53 26.57 19.80
C PHE C 257 32.70 25.36 18.90
N SER C 258 31.87 25.24 17.87
CA SER C 258 31.93 24.12 16.94
C SER C 258 32.48 24.58 15.61
N SER C 259 33.38 23.77 15.04
CA SER C 259 34.04 24.06 13.78
C SER C 259 33.27 23.58 12.57
N SER C 260 32.42 22.56 12.72
CA SER C 260 31.67 22.02 11.60
C SER C 260 30.39 22.82 11.38
N LEU C 261 29.86 22.72 10.17
CA LEU C 261 28.65 23.44 9.81
C LEU C 261 27.44 22.82 10.50
N PRO C 262 26.67 23.60 11.27
CA PRO C 262 25.57 23.02 12.04
C PRO C 262 24.43 22.54 11.15
N TYR C 263 23.58 21.72 11.74
CA TYR C 263 22.38 21.14 11.16
C TYR C 263 21.16 21.98 11.52
N PRO C 264 20.09 21.93 10.72
CA PRO C 264 19.95 21.30 9.40
C PRO C 264 20.19 22.31 8.27
N ASN C 265 21.25 22.16 7.47
CA ASN C 265 21.46 23.03 6.33
C ASN C 265 20.89 22.41 5.06
N ASN C 266 20.64 23.27 4.07
CA ASN C 266 20.08 22.85 2.79
C ASN C 266 21.14 22.58 1.73
N LEU C 267 22.37 22.30 2.15
CA LEU C 267 23.47 22.05 1.24
C LEU C 267 23.72 20.55 1.10
N ASN C 268 24.43 20.19 0.03
CA ASN C 268 24.85 18.82 -0.18
C ASN C 268 26.19 18.58 0.50
N SER C 269 26.85 17.46 0.20
CA SER C 269 28.08 17.09 0.90
C SER C 269 29.23 18.03 0.55
N VAL C 270 29.60 18.07 -0.73
CA VAL C 270 30.75 18.87 -1.13
C VAL C 270 30.49 20.35 -0.90
N LEU C 271 29.26 20.79 -1.12
CA LEU C 271 28.90 22.18 -0.83
C LEU C 271 29.12 22.50 0.64
N ALA C 272 28.61 21.65 1.53
CA ALA C 272 28.77 21.89 2.96
C ALA C 272 30.24 21.91 3.36
N GLU C 273 31.03 20.96 2.87
CA GLU C 273 32.44 20.89 3.26
C GLU C 273 33.23 22.10 2.77
N ARG C 274 33.08 22.42 1.48
CA ARG C 274 33.83 23.54 0.91
C ARG C 274 33.39 24.86 1.51
N LEU C 275 32.09 25.02 1.78
CA LEU C 275 31.64 26.25 2.39
C LEU C 275 32.02 26.33 3.86
N GLU C 276 32.17 25.19 4.53
CA GLU C 276 32.66 25.22 5.90
C GLU C 276 34.11 25.68 5.96
N LYS C 277 34.97 25.15 5.08
CA LYS C 277 36.35 25.63 5.05
C LYS C 277 36.40 27.10 4.62
N TRP C 278 35.55 27.50 3.67
CA TRP C 278 35.51 28.90 3.26
C TRP C 278 35.03 29.80 4.40
N LEU C 279 34.08 29.33 5.20
CA LEU C 279 33.64 30.09 6.37
C LEU C 279 34.76 30.22 7.39
N GLN C 280 35.54 29.15 7.58
CA GLN C 280 36.69 29.25 8.46
C GLN C 280 37.70 30.27 7.95
N LEU C 281 37.89 30.34 6.62
CA LEU C 281 38.80 31.35 6.08
C LEU C 281 38.21 32.75 6.13
N MET C 282 36.88 32.87 6.23
CA MET C 282 36.21 34.17 6.23
C MET C 282 35.89 34.68 7.62
N LEU C 283 35.81 33.80 8.61
CA LEU C 283 35.46 34.18 9.99
C LEU C 283 36.71 34.02 10.84
N MET C 284 37.53 35.06 10.88
CA MET C 284 38.72 35.09 11.70
C MET C 284 38.73 36.35 12.56
N TRP C 285 39.47 36.28 13.66
CA TRP C 285 39.50 37.39 14.62
C TRP C 285 40.47 38.47 14.18
N HIS C 286 41.68 38.08 13.78
CA HIS C 286 42.68 39.06 13.38
C HIS C 286 42.27 39.73 12.07
N PRO C 287 42.42 41.05 11.95
CA PRO C 287 41.97 41.73 10.72
C PRO C 287 42.78 41.35 9.49
N ARG C 288 44.10 41.27 9.60
CA ARG C 288 44.92 40.97 8.43
C ARG C 288 44.78 39.51 8.01
N GLN C 289 44.47 38.62 8.95
CA GLN C 289 44.30 37.21 8.62
C GLN C 289 42.92 36.92 8.06
N ARG C 290 41.97 37.84 8.22
CA ARG C 290 40.62 37.63 7.74
C ARG C 290 40.60 37.66 6.22
N GLY C 291 39.99 36.64 5.61
CA GLY C 291 39.95 36.52 4.17
C GLY C 291 41.21 35.96 3.56
N THR C 292 42.24 35.69 4.36
CA THR C 292 43.51 35.17 3.87
C THR C 292 43.34 33.69 3.54
N ASP C 293 43.25 33.39 2.26
CA ASP C 293 43.10 32.02 1.80
C ASP C 293 44.47 31.34 1.75
N PRO C 294 44.58 30.10 2.25
CA PRO C 294 45.86 29.40 2.24
C PRO C 294 46.27 28.86 0.88
N THR C 295 45.55 29.21 -0.19
CA THR C 295 45.88 28.79 -1.54
C THR C 295 46.03 29.97 -2.49
N TYR C 296 45.23 31.02 -2.33
CA TYR C 296 45.26 32.18 -3.22
C TYR C 296 45.76 33.43 -2.50
N GLY C 297 46.63 33.26 -1.50
CA GLY C 297 47.23 34.36 -0.81
C GLY C 297 46.26 35.15 0.07
N PRO C 298 46.66 36.34 0.48
CA PRO C 298 45.80 37.15 1.35
C PRO C 298 44.70 37.84 0.57
N ASN C 299 43.52 37.92 1.20
CA ASN C 299 42.34 38.54 0.59
C ASN C 299 42.00 37.91 -0.75
N GLY C 300 42.17 36.59 -0.83
CA GLY C 300 41.87 35.86 -2.05
C GLY C 300 40.62 35.02 -1.93
N CYS C 301 39.62 35.55 -1.24
CA CYS C 301 38.37 34.83 -1.06
C CYS C 301 37.53 34.81 -2.33
N PHE C 302 37.68 35.84 -3.17
CA PHE C 302 36.91 35.90 -4.41
C PHE C 302 37.19 34.70 -5.31
N LYS C 303 38.47 34.43 -5.57
CA LYS C 303 38.83 33.33 -6.46
C LYS C 303 38.59 31.97 -5.81
N ALA C 304 38.74 31.86 -4.48
CA ALA C 304 38.41 30.61 -3.82
C ALA C 304 36.92 30.32 -3.94
N LEU C 305 36.07 31.33 -3.74
CA LEU C 305 34.64 31.14 -3.92
C LEU C 305 34.29 30.86 -5.37
N ASP C 306 35.03 31.46 -6.31
CA ASP C 306 34.82 31.15 -7.72
C ASP C 306 35.14 29.69 -8.02
N ASP C 307 36.23 29.18 -7.43
CA ASP C 307 36.58 27.77 -7.58
C ASP C 307 35.51 26.87 -6.98
N ILE C 308 34.93 27.28 -5.85
CA ILE C 308 33.85 26.50 -5.24
C ILE C 308 32.61 26.51 -6.13
N LEU C 309 32.27 27.67 -6.69
CA LEU C 309 31.05 27.79 -7.50
C LEU C 309 31.18 27.07 -8.84
N ASN C 310 32.35 27.13 -9.47
CA ASN C 310 32.53 26.55 -10.79
C ASN C 310 32.49 25.01 -10.78
N LEU C 311 32.58 24.39 -9.60
CA LEU C 311 32.55 22.94 -9.52
C LEU C 311 31.19 22.42 -9.95
N LYS C 312 31.16 21.66 -11.04
CA LYS C 312 29.94 21.01 -11.50
C LYS C 312 29.63 19.83 -10.59
N LEU C 313 28.66 19.99 -9.70
CA LEU C 313 28.31 18.95 -8.74
C LEU C 313 27.19 18.08 -9.31
N VAL C 314 27.36 16.76 -9.17
CA VAL C 314 26.37 15.78 -9.63
C VAL C 314 25.91 14.98 -8.42
N HIS C 315 24.59 14.84 -8.28
CA HIS C 315 23.99 14.14 -7.15
C HIS C 315 23.51 12.77 -7.61
N ILE C 316 23.96 11.73 -6.90
CA ILE C 316 23.59 10.35 -7.19
C ILE C 316 22.90 9.77 -5.96
N LEU C 317 21.71 9.20 -6.16
CA LEU C 317 20.92 8.61 -5.09
C LEU C 317 21.06 7.10 -5.17
N ASN C 318 21.82 6.53 -4.24
CA ASN C 318 21.91 5.08 -4.09
C ASN C 318 20.63 4.56 -3.45
N MET C 319 19.87 3.76 -4.20
CA MET C 319 18.57 3.30 -3.74
C MET C 319 18.65 2.09 -2.81
N VAL C 320 19.75 1.34 -2.86
CA VAL C 320 19.91 0.21 -1.94
C VAL C 320 20.01 0.72 -0.51
N THR C 321 20.81 1.76 -0.29
CA THR C 321 20.90 2.42 1.00
C THR C 321 20.11 3.73 1.05
N GLY C 322 19.64 4.21 -0.09
CA GLY C 322 18.85 5.45 -0.11
C GLY C 322 19.63 6.67 0.33
N THR C 323 20.88 6.79 -0.10
CA THR C 323 21.76 7.87 0.33
C THR C 323 22.16 8.73 -0.86
N ILE C 324 22.29 10.04 -0.62
CA ILE C 324 22.65 11.00 -1.65
C ILE C 324 24.14 11.29 -1.57
N HIS C 325 24.85 11.13 -2.68
CA HIS C 325 26.27 11.38 -2.77
C HIS C 325 26.51 12.45 -3.82
N THR C 326 27.32 13.46 -3.47
CA THR C 326 27.64 14.56 -4.37
C THR C 326 29.07 14.41 -4.87
N TYR C 327 29.26 14.53 -6.19
CA TYR C 327 30.56 14.37 -6.80
C TYR C 327 30.92 15.58 -7.65
N PRO C 328 32.15 16.09 -7.53
CA PRO C 328 32.60 17.17 -8.42
C PRO C 328 33.17 16.64 -9.72
N VAL C 329 32.57 17.02 -10.85
CA VAL C 329 32.94 16.53 -12.17
C VAL C 329 33.52 17.68 -12.96
N THR C 330 34.68 17.46 -13.58
CA THR C 330 35.31 18.48 -14.41
C THR C 330 34.51 18.65 -15.71
N GLU C 331 34.98 19.58 -16.55
CA GLU C 331 34.23 19.89 -17.77
C GLU C 331 34.17 18.71 -18.72
N ASP C 332 35.19 17.85 -18.73
CA ASP C 332 35.24 16.73 -19.66
C ASP C 332 35.70 15.47 -18.93
N GLU C 333 35.10 15.18 -17.78
CA GLU C 333 35.42 13.98 -17.02
C GLU C 333 34.59 12.82 -17.57
N SER C 334 35.26 11.76 -17.98
CA SER C 334 34.59 10.64 -18.62
C SER C 334 33.63 9.96 -17.66
N LEU C 335 32.55 9.40 -18.21
CA LEU C 335 31.53 8.74 -17.40
C LEU C 335 32.10 7.53 -16.67
N GLN C 336 32.97 6.77 -17.34
CA GLN C 336 33.50 5.55 -16.73
C GLN C 336 34.38 5.85 -15.52
N SER C 337 35.14 6.95 -15.56
CA SER C 337 35.97 7.30 -14.40
C SER C 337 35.11 7.65 -13.18
N LEU C 338 34.06 8.43 -13.38
CA LEU C 338 33.17 8.75 -12.28
C LEU C 338 32.42 7.52 -11.80
N LYS C 339 32.08 6.60 -12.70
CA LYS C 339 31.48 5.34 -12.28
C LYS C 339 32.45 4.53 -11.43
N ALA C 340 33.74 4.57 -11.77
CA ALA C 340 34.74 3.91 -10.95
C ALA C 340 34.82 4.54 -9.57
N ARG C 341 34.75 5.88 -9.50
CA ARG C 341 34.74 6.53 -8.19
C ARG C 341 33.51 6.13 -7.38
N ILE C 342 32.34 6.05 -8.02
CA ILE C 342 31.13 5.63 -7.32
C ILE C 342 31.25 4.19 -6.85
N GLN C 343 31.86 3.33 -7.67
CA GLN C 343 32.10 1.95 -7.25
C GLN C 343 33.02 1.89 -6.04
N GLN C 344 34.05 2.74 -6.01
CA GLN C 344 34.94 2.78 -4.87
C GLN C 344 34.21 3.27 -3.62
N ASP C 345 33.32 4.24 -3.76
CA ASP C 345 32.60 4.78 -2.61
C ASP C 345 31.49 3.83 -2.15
N THR C 346 30.53 3.55 -3.02
CA THR C 346 29.39 2.72 -2.63
C THR C 346 29.80 1.26 -2.46
N GLY C 347 30.29 0.64 -3.53
CA GLY C 347 30.75 -0.73 -3.45
C GLY C 347 30.11 -1.64 -4.49
N ILE C 348 29.38 -1.05 -5.42
CA ILE C 348 28.74 -1.79 -6.52
C ILE C 348 29.59 -1.60 -7.77
N PRO C 349 29.99 -2.67 -8.45
CA PRO C 349 30.83 -2.52 -9.64
C PRO C 349 30.10 -1.82 -10.77
N GLU C 350 30.90 -1.33 -11.73
CA GLU C 350 30.34 -0.57 -12.84
C GLU C 350 29.40 -1.42 -13.69
N GLU C 351 29.65 -2.73 -13.78
CA GLU C 351 28.78 -3.60 -14.55
C GLU C 351 27.39 -3.71 -13.93
N ASP C 352 27.33 -3.81 -12.61
CA ASP C 352 26.05 -3.94 -11.91
C ASP C 352 25.42 -2.59 -11.59
N GLN C 353 26.05 -1.49 -12.00
CA GLN C 353 25.51 -0.15 -11.78
C GLN C 353 24.46 0.17 -12.83
N GLU C 354 23.32 0.69 -12.39
CA GLU C 354 22.25 1.12 -13.29
C GLU C 354 21.97 2.59 -12.99
N LEU C 355 22.44 3.47 -13.87
CA LEU C 355 22.25 4.90 -13.72
C LEU C 355 21.00 5.31 -14.50
N LEU C 356 20.03 5.90 -13.80
CA LEU C 356 18.75 6.24 -14.39
C LEU C 356 18.39 7.68 -14.09
N GLN C 357 17.63 8.27 -15.00
CA GLN C 357 17.14 9.64 -14.88
C GLN C 357 15.71 9.60 -14.37
N GLU C 358 15.04 10.76 -14.36
CA GLU C 358 13.69 10.83 -13.81
C GLU C 358 12.68 10.06 -14.65
N ALA C 359 12.98 9.80 -15.93
CA ALA C 359 12.05 9.10 -16.81
C ALA C 359 12.71 7.90 -17.47
N GLY C 360 13.69 7.30 -16.80
CA GLY C 360 14.33 6.11 -17.32
C GLY C 360 15.26 6.32 -18.50
N LEU C 361 16.00 7.43 -18.52
CA LEU C 361 16.93 7.73 -19.61
C LEU C 361 18.35 7.35 -19.20
N ALA C 362 19.01 6.55 -20.02
CA ALA C 362 20.38 6.15 -19.75
C ALA C 362 21.37 7.22 -20.20
N LEU C 363 22.43 7.40 -19.42
CA LEU C 363 23.49 8.34 -19.75
C LEU C 363 24.38 7.78 -20.86
N ILE C 364 24.70 8.63 -21.83
CA ILE C 364 25.42 8.18 -23.03
C ILE C 364 26.88 7.88 -22.68
N PRO C 365 27.35 6.66 -22.92
CA PRO C 365 28.74 6.30 -22.61
C PRO C 365 29.71 6.62 -23.73
N ASP C 366 30.70 7.47 -23.48
CA ASP C 366 31.12 7.97 -22.17
C ASP C 366 31.26 9.48 -22.19
N LYS C 367 30.21 10.14 -22.66
CA LYS C 367 30.19 11.60 -22.68
C LYS C 367 30.26 12.13 -21.25
N PRO C 368 30.97 13.23 -21.02
CA PRO C 368 31.17 13.73 -19.66
C PRO C 368 29.84 13.88 -18.91
N ALA C 369 29.91 13.79 -17.58
CA ALA C 369 28.72 13.71 -16.76
C ALA C 369 27.97 15.03 -16.64
N THR C 370 28.26 15.97 -17.53
CA THR C 370 27.50 17.21 -17.60
C THR C 370 26.18 17.04 -18.34
N GLN C 371 25.88 15.83 -18.81
CA GLN C 371 24.63 15.56 -19.51
C GLN C 371 23.40 15.63 -18.60
N CYS C 372 23.58 15.51 -17.29
CA CYS C 372 22.45 15.61 -16.37
C CYS C 372 21.96 17.05 -16.23
N ASN C 379 19.92 29.78 -13.33
CA ASN C 379 18.60 29.80 -12.71
C ASN C 379 18.67 29.38 -11.25
N GLU C 380 17.84 30.01 -10.42
CA GLU C 380 17.87 29.80 -8.97
C GLU C 380 16.90 28.72 -8.51
N GLY C 381 15.93 28.35 -9.34
CA GLY C 381 14.95 27.36 -8.93
C GLY C 381 15.36 25.94 -9.26
N HIS C 382 16.66 25.67 -9.26
CA HIS C 382 17.19 24.36 -9.59
C HIS C 382 17.44 23.59 -8.30
N THR C 383 16.36 23.05 -7.73
CA THR C 383 16.46 22.24 -6.54
C THR C 383 17.08 20.88 -6.87
N LEU C 384 17.48 20.16 -5.82
CA LEU C 384 18.11 18.86 -5.97
C LEU C 384 17.16 17.76 -6.47
N ASP C 385 15.92 18.06 -6.83
CA ASP C 385 15.00 17.05 -7.35
C ASP C 385 15.03 16.94 -8.86
N MET C 386 15.79 17.79 -9.56
CA MET C 386 15.90 17.74 -11.01
C MET C 386 17.26 17.25 -11.50
N ASP C 387 18.36 17.64 -10.84
CA ASP C 387 19.70 17.25 -11.25
C ASP C 387 20.17 15.96 -10.60
N LEU C 388 19.26 15.14 -10.09
CA LEU C 388 19.61 13.91 -9.41
C LEU C 388 19.57 12.72 -10.36
N VAL C 389 20.45 11.76 -10.14
CA VAL C 389 20.51 10.52 -10.93
C VAL C 389 20.38 9.35 -9.97
N PHE C 390 19.45 8.45 -10.24
CA PHE C 390 19.24 7.29 -9.38
C PHE C 390 20.18 6.15 -9.77
N LEU C 391 20.59 5.39 -8.76
CA LEU C 391 21.52 4.27 -8.95
C LEU C 391 20.88 3.00 -8.43
N PHE C 392 20.80 1.99 -9.28
CA PHE C 392 20.25 0.69 -8.92
C PHE C 392 21.31 -0.38 -9.12
N ASP C 393 21.07 -1.53 -8.48
CA ASP C 393 21.99 -2.65 -8.52
C ASP C 393 21.34 -3.83 -9.23
N ASN C 394 22.10 -4.49 -10.10
CA ASN C 394 21.61 -5.66 -10.83
C ASN C 394 21.79 -6.94 -10.05
N SER C 395 22.81 -7.01 -9.19
CA SER C 395 23.10 -8.23 -8.45
C SER C 395 21.98 -8.57 -7.48
N LYS C 396 21.54 -7.58 -6.69
CA LYS C 396 20.51 -7.83 -5.68
C LYS C 396 19.17 -8.06 -6.36
N ILE C 397 18.44 -9.06 -5.88
CA ILE C 397 17.14 -9.40 -6.46
C ILE C 397 16.00 -8.67 -5.75
N THR C 398 16.10 -8.52 -4.42
CA THR C 398 15.13 -7.80 -3.62
C THR C 398 15.86 -6.78 -2.76
N TYR C 399 15.18 -5.66 -2.48
CA TYR C 399 15.79 -4.57 -1.75
C TYR C 399 15.23 -4.49 -0.34
N GLU C 400 15.99 -3.83 0.53
CA GLU C 400 15.67 -3.69 1.93
C GLU C 400 14.63 -2.59 2.14
N THR C 401 13.91 -2.69 3.27
CA THR C 401 12.84 -1.74 3.54
C THR C 401 13.39 -0.39 3.99
N GLN C 402 14.10 -0.36 5.11
CA GLN C 402 14.60 0.89 5.67
C GLN C 402 16.10 0.77 5.94
N ILE C 403 16.86 1.75 5.45
CA ILE C 403 18.30 1.83 5.72
C ILE C 403 18.54 3.14 6.46
N SER C 404 18.42 3.10 7.79
CA SER C 404 18.77 4.14 8.76
C SER C 404 18.02 5.46 8.57
N PRO C 405 17.73 6.17 9.66
CA PRO C 405 17.10 7.49 9.56
C PRO C 405 18.13 8.59 9.36
N ARG C 406 17.69 9.85 9.39
CA ARG C 406 18.60 10.96 9.18
C ARG C 406 19.07 11.53 10.51
N PRO C 407 20.32 12.00 10.58
CA PRO C 407 20.83 12.54 11.84
C PRO C 407 20.11 13.81 12.26
N GLN C 408 20.11 14.07 13.55
CA GLN C 408 19.44 15.20 14.16
C GLN C 408 20.39 15.95 15.08
N PRO C 409 20.24 17.27 15.17
CA PRO C 409 21.14 18.07 16.01
C PRO C 409 21.00 17.74 17.49
N GLU C 410 21.90 18.32 18.27
CA GLU C 410 21.93 18.05 19.71
C GLU C 410 20.69 18.60 20.40
N SER C 411 20.25 19.80 20.02
CA SER C 411 19.09 20.40 20.66
C SER C 411 17.82 19.58 20.39
N VAL C 412 17.67 19.07 19.16
CA VAL C 412 16.50 18.27 18.83
C VAL C 412 16.47 16.98 19.66
N SER C 413 17.62 16.32 19.77
CA SER C 413 17.68 15.10 20.57
C SER C 413 17.41 15.39 22.05
N CYS C 414 17.97 16.49 22.56
CA CYS C 414 17.78 16.83 23.97
C CYS C 414 16.33 17.18 24.28
N ILE C 415 15.62 17.82 23.33
CA ILE C 415 14.21 18.11 23.55
C ILE C 415 13.34 16.88 23.28
N LEU C 416 13.83 15.91 22.52
CA LEU C 416 13.09 14.67 22.32
C LEU C 416 13.17 13.77 23.54
N GLN C 417 14.32 13.74 24.22
CA GLN C 417 14.44 12.93 25.42
C GLN C 417 13.50 13.42 26.52
N GLU C 418 13.13 14.69 26.50
CA GLU C 418 12.21 15.25 27.50
C GLU C 418 11.36 16.33 26.84
N PRO C 419 10.20 15.95 26.30
CA PRO C 419 9.34 16.95 25.64
C PRO C 419 8.70 17.93 26.62
N LYS C 420 8.70 17.63 27.91
CA LYS C 420 8.09 18.47 28.94
C LYS C 420 9.14 19.40 29.56
N ARG C 421 9.95 20.01 28.70
CA ARG C 421 10.97 20.97 29.12
C ARG C 421 10.47 22.37 28.78
N ASN C 422 10.11 23.14 29.80
CA ASN C 422 9.61 24.50 29.61
C ASN C 422 10.79 25.46 29.51
N LEU C 423 11.28 25.66 28.29
CA LEU C 423 12.39 26.56 28.02
C LEU C 423 11.90 27.90 27.48
N ALA C 424 12.84 28.84 27.38
CA ALA C 424 12.54 30.20 26.97
C ALA C 424 11.96 30.24 25.56
N PHE C 425 11.32 31.36 25.23
CA PHE C 425 10.65 31.52 23.95
C PHE C 425 11.65 31.45 22.78
N PHE C 426 12.80 32.11 22.91
CA PHE C 426 13.74 32.17 21.80
C PHE C 426 14.44 30.84 21.55
N GLN C 427 14.56 30.00 22.57
CA GLN C 427 15.07 28.64 22.36
C GLN C 427 14.01 27.73 21.75
N LEU C 428 12.76 27.89 22.20
CA LEU C 428 11.66 27.09 21.66
C LEU C 428 11.45 27.40 20.19
N ARG C 429 11.57 28.68 19.80
CA ARG C 429 11.46 29.05 18.39
C ARG C 429 12.46 28.25 17.55
N LYS C 430 13.73 28.25 17.97
CA LYS C 430 14.77 27.56 17.22
C LYS C 430 14.49 26.06 17.13
N VAL C 431 14.18 25.43 18.26
CA VAL C 431 14.04 23.98 18.25
C VAL C 431 12.79 23.56 17.46
N TRP C 432 11.70 24.33 17.58
CA TRP C 432 10.49 24.00 16.82
C TRP C 432 10.71 24.19 15.32
N GLY C 433 11.41 25.26 14.94
CA GLY C 433 11.75 25.42 13.54
C GLY C 433 12.61 24.29 13.00
N GLN C 434 13.57 23.84 13.80
CA GLN C 434 14.42 22.72 13.38
C GLN C 434 13.60 21.44 13.24
N VAL C 435 12.65 21.21 14.14
CA VAL C 435 11.80 20.02 14.04
C VAL C 435 10.95 20.07 12.78
N TRP C 436 10.36 21.23 12.49
CA TRP C 436 9.57 21.38 11.26
C TRP C 436 10.43 21.16 10.03
N HIS C 437 11.67 21.69 10.03
CA HIS C 437 12.56 21.49 8.90
C HIS C 437 12.92 20.01 8.73
N SER C 438 13.11 19.30 9.84
CA SER C 438 13.39 17.86 9.75
C SER C 438 12.21 17.10 9.15
N ILE C 439 10.99 17.47 9.56
CA ILE C 439 9.80 16.82 8.99
C ILE C 439 9.73 17.08 7.49
N GLN C 440 9.97 18.33 7.08
CA GLN C 440 9.94 18.66 5.65
C GLN C 440 11.02 17.90 4.89
N THR C 441 12.21 17.75 5.49
CA THR C 441 13.29 17.00 4.86
C THR C 441 12.90 15.54 4.68
N LEU C 442 12.25 14.94 5.68
CA LEU C 442 11.79 13.56 5.54
C LEU C 442 10.78 13.43 4.42
N LYS C 443 9.86 14.40 4.31
CA LYS C 443 8.90 14.39 3.21
C LYS C 443 9.61 14.46 1.86
N GLU C 444 10.62 15.32 1.76
CA GLU C 444 11.38 15.44 0.52
C GLU C 444 12.08 14.13 0.17
N ASP C 445 12.66 13.47 1.18
CA ASP C 445 13.32 12.19 0.93
C ASP C 445 12.34 11.14 0.45
N CYS C 446 11.14 11.09 1.04
CA CYS C 446 10.11 10.17 0.57
C CYS C 446 9.74 10.46 -0.87
N ASN C 447 9.60 11.74 -1.22
CA ASN C 447 9.29 12.09 -2.61
C ASN C 447 10.39 11.65 -3.56
N ARG C 448 11.65 11.82 -3.16
CA ARG C 448 12.77 11.39 -3.99
C ARG C 448 12.74 9.88 -4.23
N LEU C 449 12.50 9.11 -3.16
CA LEU C 449 12.45 7.66 -3.31
C LEU C 449 11.31 7.22 -4.22
N GLN C 450 10.14 7.84 -4.05
CA GLN C 450 9.01 7.50 -4.92
C GLN C 450 9.30 7.85 -6.38
N GLN C 451 9.95 8.98 -6.61
CA GLN C 451 10.31 9.37 -7.97
C GLN C 451 11.28 8.37 -8.58
N GLY C 452 12.25 7.91 -7.79
CA GLY C 452 13.17 6.90 -8.30
C GLY C 452 12.47 5.60 -8.67
N GLN C 453 11.55 5.15 -7.82
CA GLN C 453 10.80 3.93 -8.13
C GLN C 453 9.97 4.10 -9.40
N ARG C 454 9.33 5.27 -9.54
CA ARG C 454 8.53 5.52 -10.74
C ARG C 454 9.40 5.55 -11.99
N ALA C 455 10.61 6.12 -11.89
CA ALA C 455 11.52 6.12 -13.03
C ALA C 455 11.93 4.71 -13.43
N ALA C 456 12.20 3.86 -12.43
CA ALA C 456 12.49 2.46 -12.74
C ALA C 456 11.32 1.80 -13.45
N MET C 457 10.09 2.09 -13.00
CA MET C 457 8.92 1.53 -13.65
C MET C 457 8.80 2.03 -15.09
N MET C 458 9.13 3.30 -15.34
CA MET C 458 9.09 3.83 -16.69
C MET C 458 10.07 3.11 -17.60
N ASN C 459 11.29 2.88 -17.11
CA ASN C 459 12.27 2.13 -17.90
C ASN C 459 11.76 0.72 -18.21
N LEU C 460 11.15 0.08 -17.21
CA LEU C 460 10.59 -1.25 -17.43
C LEU C 460 9.49 -1.23 -18.48
N LEU C 461 8.65 -0.19 -18.46
CA LEU C 461 7.56 -0.10 -19.43
C LEU C 461 8.09 0.11 -20.85
N ARG C 462 9.15 0.92 -21.00
CA ARG C 462 9.77 1.07 -22.30
C ARG C 462 10.28 -0.27 -22.82
N ASN C 463 10.99 -1.02 -21.96
CA ASN C 463 11.49 -2.32 -22.36
C ASN C 463 10.36 -3.27 -22.71
N ASN C 464 9.24 -3.19 -21.98
CA ASN C 464 8.10 -4.05 -22.25
C ASN C 464 7.48 -3.75 -23.62
N SER C 465 7.33 -2.47 -23.96
CA SER C 465 6.79 -2.13 -25.27
C SER C 465 7.68 -2.65 -26.39
N CYS C 466 9.00 -2.43 -26.25
CA CYS C 466 9.92 -2.94 -27.27
C CYS C 466 9.85 -4.47 -27.37
N LEU C 467 9.74 -5.14 -26.23
CA LEU C 467 9.67 -6.60 -26.24
C LEU C 467 8.37 -7.10 -26.87
N SER C 468 7.27 -6.36 -26.70
CA SER C 468 6.03 -6.72 -27.39
C SER C 468 6.19 -6.59 -28.90
N LYS C 469 6.82 -5.51 -29.36
CA LYS C 469 7.06 -5.36 -30.79
C LYS C 469 7.94 -6.49 -31.32
N MET C 470 8.98 -6.85 -30.57
CA MET C 470 9.84 -7.96 -30.98
C MET C 470 9.09 -9.28 -30.98
N LYS C 471 8.17 -9.47 -30.02
CA LYS C 471 7.34 -10.68 -30.01
C LYS C 471 6.51 -10.79 -31.28
N ASN C 472 5.90 -9.67 -31.69
CA ASN C 472 5.13 -9.69 -32.94
C ASN C 472 6.01 -10.00 -34.14
N SER C 473 7.20 -9.39 -34.18
CA SER C 473 8.12 -9.66 -35.30
C SER C 473 8.53 -11.13 -35.34
N MET C 474 8.83 -11.70 -34.17
CA MET C 474 9.24 -13.11 -34.13
C MET C 474 8.09 -14.03 -34.51
N ALA C 475 6.86 -13.70 -34.10
CA ALA C 475 5.72 -14.50 -34.52
C ALA C 475 5.53 -14.47 -36.03
N SER C 476 5.67 -13.29 -36.63
CA SER C 476 5.58 -13.18 -38.09
C SER C 476 6.65 -14.03 -38.76
N MET C 477 7.89 -13.96 -38.26
CA MET C 477 8.97 -14.74 -38.86
C MET C 477 8.72 -16.23 -38.72
N SER C 478 8.22 -16.67 -37.56
CA SER C 478 7.96 -18.09 -37.35
C SER C 478 6.86 -18.58 -38.27
N GLN C 479 5.80 -17.80 -38.46
CA GLN C 479 4.74 -18.22 -39.36
C GLN C 479 5.21 -18.26 -40.81
N GLN C 480 6.06 -17.31 -41.20
CA GLN C 480 6.65 -17.37 -42.53
C GLN C 480 7.48 -18.63 -42.72
N LEU C 481 8.26 -18.98 -41.68
CA LEU C 481 9.05 -20.20 -41.74
C LEU C 481 8.17 -21.44 -41.86
N LYS C 482 7.06 -21.47 -41.10
CA LYS C 482 6.15 -22.60 -41.18
C LYS C 482 5.54 -22.74 -42.57
N ALA C 483 5.11 -21.62 -43.16
CA ALA C 483 4.55 -21.68 -44.51
C ALA C 483 5.59 -22.15 -45.51
N LYS C 484 6.82 -21.63 -45.42
CA LYS C 484 7.86 -22.05 -46.36
C LYS C 484 8.20 -23.52 -46.20
N LEU C 485 8.23 -24.02 -44.95
CA LEU C 485 8.50 -25.44 -44.74
C LEU C 485 7.39 -26.31 -45.31
N ASP C 486 6.13 -25.90 -45.13
CA ASP C 486 5.03 -26.67 -45.72
C ASP C 486 5.13 -26.70 -47.23
N PHE C 487 5.43 -25.55 -47.84
CA PHE C 487 5.57 -25.47 -49.29
C PHE C 487 6.72 -26.37 -49.76
N PHE C 488 7.85 -26.32 -49.07
CA PHE C 488 9.01 -27.12 -49.44
C PHE C 488 8.72 -28.60 -49.33
N LYS C 489 8.06 -29.02 -48.24
CA LYS C 489 7.76 -30.44 -48.08
C LYS C 489 6.77 -30.93 -49.13
N THR C 490 5.76 -30.11 -49.46
CA THR C 490 4.83 -30.48 -50.51
C THR C 490 5.55 -30.64 -51.84
N SER C 491 6.42 -29.68 -52.18
CA SER C 491 7.16 -29.75 -53.43
C SER C 491 8.05 -30.98 -53.49
N ILE C 492 8.77 -31.26 -52.40
CA ILE C 492 9.69 -32.40 -52.42
C ILE C 492 8.94 -33.72 -52.44
N GLN C 493 7.77 -33.80 -51.78
CA GLN C 493 7.01 -35.05 -51.84
C GLN C 493 6.44 -35.27 -53.22
N ILE C 494 5.99 -34.20 -53.89
CA ILE C 494 5.52 -34.35 -55.27
C ILE C 494 6.66 -34.76 -56.19
N ASP C 495 7.85 -34.21 -55.98
CA ASP C 495 9.01 -34.60 -56.79
C ASP C 495 9.39 -36.06 -56.56
N LEU C 496 9.40 -36.50 -55.30
CA LEU C 496 9.74 -37.88 -54.98
C LEU C 496 8.67 -38.87 -55.44
N GLU C 497 7.43 -38.42 -55.59
CA GLU C 497 6.40 -39.28 -56.15
C GLU C 497 6.75 -39.71 -57.57
N LYS C 498 7.28 -38.78 -58.37
CA LYS C 498 7.65 -39.09 -59.74
C LYS C 498 9.08 -39.61 -59.89
N TYR C 499 9.95 -39.34 -58.91
CA TYR C 499 11.32 -39.83 -59.00
C TYR C 499 11.38 -41.35 -58.96
N SER C 500 10.68 -41.96 -58.00
CA SER C 500 10.72 -43.41 -57.87
C SER C 500 9.91 -44.12 -58.96
N GLU C 501 9.00 -43.40 -59.61
CA GLU C 501 8.18 -44.01 -60.65
C GLU C 501 8.96 -44.26 -61.94
N GLN C 502 10.06 -43.54 -62.16
CA GLN C 502 10.84 -43.61 -63.39
C GLN C 502 12.18 -44.31 -63.20
N THR C 503 12.27 -45.20 -62.21
CA THR C 503 13.54 -45.90 -61.96
C THR C 503 13.92 -46.83 -63.11
N GLU C 504 12.93 -47.53 -63.69
CA GLU C 504 13.22 -48.58 -64.66
C GLU C 504 13.12 -48.14 -66.11
N PHE C 505 12.47 -47.01 -66.41
CA PHE C 505 12.59 -46.35 -67.70
C PHE C 505 13.16 -44.95 -67.54
N GLY C 506 14.18 -44.80 -66.72
CA GLY C 506 14.81 -43.51 -66.52
C GLY C 506 16.18 -43.65 -65.93
N ILE C 507 16.85 -42.50 -65.80
CA ILE C 507 18.20 -42.47 -65.26
C ILE C 507 18.12 -42.54 -63.74
N THR C 508 18.85 -43.50 -63.17
CA THR C 508 18.90 -43.69 -61.72
C THR C 508 20.35 -43.80 -61.27
N SER C 509 20.70 -43.04 -60.23
CA SER C 509 22.03 -43.07 -59.67
C SER C 509 21.96 -42.53 -58.24
N ASP C 510 23.04 -42.76 -57.50
CA ASP C 510 23.12 -42.30 -56.11
C ASP C 510 23.66 -40.88 -55.98
N LYS C 511 23.94 -40.21 -57.10
CA LYS C 511 24.35 -38.81 -57.03
C LYS C 511 23.23 -37.90 -56.52
N LEU C 512 21.97 -38.35 -56.62
CA LEU C 512 20.84 -37.58 -56.15
C LEU C 512 19.99 -38.31 -55.12
N LEU C 513 20.03 -39.65 -55.09
CA LEU C 513 19.24 -40.41 -54.13
C LEU C 513 19.65 -40.12 -52.68
N LEU C 514 20.84 -39.55 -52.47
CA LEU C 514 21.32 -39.28 -51.13
C LEU C 514 20.98 -37.87 -50.66
N ALA C 515 21.07 -36.88 -51.55
CA ALA C 515 20.85 -35.49 -51.15
C ALA C 515 19.38 -35.23 -50.80
N TRP C 516 18.45 -35.90 -51.48
CA TRP C 516 17.03 -35.65 -51.23
C TRP C 516 16.59 -36.19 -49.87
N ARG C 517 17.31 -37.17 -49.31
CA ARG C 517 16.98 -37.64 -47.97
C ARG C 517 17.39 -36.63 -46.91
N GLU C 518 18.43 -35.83 -47.18
CA GLU C 518 18.86 -34.81 -46.24
C GLU C 518 17.82 -33.72 -46.07
N MET C 519 17.03 -33.44 -47.11
CA MET C 519 15.99 -32.41 -47.04
C MET C 519 14.82 -32.83 -46.16
N GLU C 520 14.72 -34.10 -45.80
CA GLU C 520 13.61 -34.55 -44.97
C GLU C 520 13.76 -34.10 -43.52
N GLN C 521 15.00 -33.89 -43.06
CA GLN C 521 15.22 -33.42 -41.70
C GLN C 521 15.21 -31.91 -41.57
N ALA C 522 15.29 -31.18 -42.69
CA ALA C 522 15.34 -29.73 -42.63
C ALA C 522 13.98 -29.11 -42.33
N VAL C 523 12.91 -29.89 -42.44
CA VAL C 523 11.56 -29.36 -42.20
C VAL C 523 11.15 -29.68 -40.77
N GLU C 524 12.09 -30.20 -39.97
CA GLU C 524 11.87 -30.37 -38.54
C GLU C 524 12.88 -29.59 -37.71
N LEU C 525 14.17 -29.68 -38.05
CA LEU C 525 15.19 -28.94 -37.29
C LEU C 525 15.03 -27.44 -37.48
N CYS C 526 14.45 -27.01 -38.61
CA CYS C 526 14.18 -25.59 -38.82
C CYS C 526 12.90 -25.16 -38.12
N GLY C 527 11.89 -26.03 -38.10
CA GLY C 527 10.63 -25.74 -37.44
C GLY C 527 10.72 -25.88 -35.94
N ARG C 528 10.73 -24.75 -35.25
CA ARG C 528 10.88 -24.69 -33.80
C ARG C 528 9.60 -24.19 -33.13
N GLU C 529 8.45 -24.61 -33.67
CA GLU C 529 7.16 -24.14 -33.18
C GLU C 529 7.01 -24.30 -31.67
N ASN C 530 7.52 -25.41 -31.12
CA ASN C 530 7.40 -25.63 -29.68
C ASN C 530 8.22 -24.62 -28.89
N GLU C 531 9.44 -24.33 -29.34
CA GLU C 531 10.27 -23.32 -28.66
C GLU C 531 9.61 -21.94 -28.74
N VAL C 532 9.05 -21.60 -29.91
CA VAL C 532 8.34 -20.35 -30.07
C VAL C 532 7.15 -20.31 -29.13
N LYS C 533 6.43 -21.42 -29.00
CA LYS C 533 5.28 -21.50 -28.10
C LYS C 533 5.70 -21.25 -26.66
N LEU C 534 6.79 -21.87 -26.22
CA LEU C 534 7.30 -21.64 -24.88
C LEU C 534 7.65 -20.17 -24.67
N LEU C 535 8.37 -19.58 -25.62
CA LEU C 535 8.80 -18.20 -25.48
C LEU C 535 7.62 -17.23 -25.47
N VAL C 536 6.62 -17.47 -26.33
CA VAL C 536 5.46 -16.58 -26.35
C VAL C 536 4.66 -16.70 -25.07
N GLU C 537 4.51 -17.92 -24.53
CA GLU C 537 3.77 -18.06 -23.28
C GLU C 537 4.49 -17.38 -22.13
N ARG C 538 5.83 -17.51 -22.08
CA ARG C 538 6.59 -16.82 -21.05
C ARG C 538 6.48 -15.31 -21.20
N MET C 539 6.57 -14.81 -22.43
CA MET C 539 6.46 -13.38 -22.67
C MET C 539 5.07 -12.86 -22.29
N MET C 540 4.03 -13.64 -22.59
CA MET C 540 2.67 -13.23 -22.21
C MET C 540 2.49 -13.21 -20.70
N ALA C 541 3.02 -14.21 -20.00
CA ALA C 541 2.97 -14.19 -18.54
C ALA C 541 3.70 -12.98 -17.99
N LEU C 542 4.86 -12.66 -18.56
CA LEU C 542 5.61 -11.47 -18.13
C LEU C 542 4.80 -10.20 -18.38
N GLN C 543 4.13 -10.12 -19.53
CA GLN C 543 3.31 -8.94 -19.83
C GLN C 543 2.15 -8.81 -18.85
N THR C 544 1.52 -9.93 -18.49
CA THR C 544 0.43 -9.88 -17.52
C THR C 544 0.94 -9.42 -16.16
N ASP C 545 2.10 -9.91 -15.73
CA ASP C 545 2.66 -9.46 -14.46
C ASP C 545 3.05 -7.98 -14.53
N ILE C 546 3.53 -7.53 -15.69
CA ILE C 546 3.88 -6.12 -15.87
C ILE C 546 2.64 -5.24 -15.71
N VAL C 547 1.52 -5.63 -16.32
CA VAL C 547 0.35 -4.76 -16.20
C VAL C 547 -0.25 -4.89 -14.80
N ASP C 548 -0.05 -6.04 -14.14
CA ASP C 548 -0.49 -6.19 -12.75
C ASP C 548 0.27 -5.22 -11.85
N LEU C 549 1.57 -5.04 -12.11
CA LEU C 549 2.33 -4.10 -11.30
C LEU C 549 2.26 -2.68 -11.83
N GLN C 550 1.66 -2.51 -13.01
CA GLN C 550 1.32 -1.20 -13.53
C GLN C 550 0.09 -0.66 -12.82
N ARG C 551 -0.84 -1.56 -12.46
CA ARG C 551 -2.07 -1.13 -11.80
C ARG C 551 -1.89 -0.95 -10.29
N SER C 552 -0.65 -0.88 -9.79
CA SER C 552 -0.40 -0.61 -8.38
C SER C 552 -0.12 0.87 -8.09
N PRO C 553 0.87 1.52 -8.76
CA PRO C 553 1.24 2.88 -8.35
C PRO C 553 0.27 3.97 -8.79
N MET C 554 -0.18 3.92 -10.03
CA MET C 554 -0.97 4.99 -10.62
C MET C 554 -1.51 4.57 -11.98
N GLY C 559 -1.02 8.33 1.63
CA GLY C 559 0.06 9.07 1.01
C GLY C 559 0.09 10.54 1.41
N GLY C 560 -1.08 11.06 1.81
CA GLY C 560 -1.20 12.44 2.23
C GLY C 560 -1.09 12.69 3.72
N THR C 561 -1.01 11.62 4.53
CA THR C 561 -0.91 11.78 5.97
C THR C 561 0.38 12.51 6.36
N LEU C 562 1.50 12.17 5.72
CA LEU C 562 2.76 12.85 6.01
C LEU C 562 2.67 14.33 5.68
N ASP C 563 2.06 14.66 4.54
CA ASP C 563 1.90 16.06 4.17
C ASP C 563 0.99 16.79 5.15
N ASP C 564 -0.06 16.11 5.64
CA ASP C 564 -0.93 16.73 6.64
C ASP C 564 -0.17 16.99 7.94
N LEU C 565 0.67 16.05 8.36
CA LEU C 565 1.48 16.27 9.55
C LEU C 565 2.45 17.45 9.36
N GLU C 566 3.08 17.53 8.18
CA GLU C 566 3.96 18.67 7.91
C GLU C 566 3.20 20.00 7.94
N GLU C 567 2.00 20.01 7.36
CA GLU C 567 1.17 21.22 7.39
C GLU C 567 0.80 21.60 8.82
N GLN C 568 0.43 20.61 9.64
CA GLN C 568 0.14 20.88 11.04
C GLN C 568 1.36 21.45 11.75
N ALA C 569 2.54 20.90 11.48
CA ALA C 569 3.76 21.42 12.09
C ALA C 569 3.99 22.86 11.70
N ARG C 570 3.82 23.19 10.42
CA ARG C 570 4.01 24.57 9.96
C ARG C 570 2.98 25.49 10.60
N GLU C 571 1.73 25.05 10.70
CA GLU C 571 0.69 25.87 11.32
C GLU C 571 1.01 26.14 12.78
N LEU C 572 1.43 25.11 13.52
CA LEU C 572 1.79 25.29 14.92
C LEU C 572 2.98 26.22 15.06
N TYR C 573 3.97 26.08 14.18
CA TYR C 573 5.15 26.96 14.22
C TYR C 573 4.76 28.40 13.96
N ARG C 574 3.86 28.64 12.99
CA ARG C 574 3.42 30.00 12.72
C ARG C 574 2.61 30.56 13.88
N ARG C 575 1.76 29.72 14.49
CA ARG C 575 0.97 30.17 15.64
C ARG C 575 1.87 30.55 16.80
N LEU C 576 2.97 29.80 17.00
CA LEU C 576 3.94 30.17 18.02
C LEU C 576 4.58 31.52 17.71
N ARG C 577 4.79 31.82 16.42
CA ARG C 577 5.33 33.10 15.98
C ARG C 577 4.27 34.18 15.83
N GLU C 578 3.02 33.89 16.21
CA GLU C 578 1.94 34.87 16.11
C GLU C 578 1.63 35.56 17.41
N LYS C 579 1.91 34.95 18.54
CA LYS C 579 1.65 35.58 19.84
C LYS C 579 2.53 36.82 19.99
N PRO C 580 1.96 37.97 20.38
CA PRO C 580 2.75 39.19 20.54
C PRO C 580 3.77 39.10 21.66
N ARG C 581 4.59 40.13 21.80
CA ARG C 581 5.67 40.11 22.78
C ARG C 581 5.19 40.00 24.21
N ASP C 582 3.93 40.40 24.48
CA ASP C 582 3.39 40.29 25.84
C ASP C 582 2.90 38.89 26.16
N GLN C 583 2.65 38.04 25.16
CA GLN C 583 2.19 36.68 25.37
C GLN C 583 3.31 35.66 25.15
N ARG C 584 4.56 36.10 25.08
CA ARG C 584 5.69 35.22 24.81
C ARG C 584 6.09 34.51 26.11
N THR C 585 5.30 33.52 26.47
CA THR C 585 5.51 32.73 27.68
C THR C 585 6.13 31.38 27.33
N GLU C 586 6.74 30.75 28.33
CA GLU C 586 7.40 29.46 28.15
C GLU C 586 6.41 28.32 28.31
N GLY C 587 6.61 27.26 27.52
CA GLY C 587 5.75 26.09 27.58
C GLY C 587 6.49 24.85 27.12
N ASP C 588 5.74 23.75 27.04
CA ASP C 588 6.29 22.45 26.64
C ASP C 588 6.06 22.21 25.16
N SER C 589 6.72 21.16 24.66
CA SER C 589 6.64 20.80 23.24
C SER C 589 6.17 19.37 23.06
N GLN C 590 5.12 18.97 23.79
CA GLN C 590 4.62 17.61 23.69
C GLN C 590 4.02 17.34 22.32
N GLU C 591 3.19 18.27 21.82
CA GLU C 591 2.46 18.05 20.59
C GLU C 591 3.39 17.90 19.40
N MET C 592 4.43 18.74 19.31
CA MET C 592 5.32 18.68 18.16
C MET C 592 6.16 17.41 18.19
N VAL C 593 6.57 16.96 19.38
CA VAL C 593 7.29 15.69 19.48
C VAL C 593 6.40 14.54 19.06
N ARG C 594 5.14 14.55 19.49
CA ARG C 594 4.20 13.52 19.07
C ARG C 594 4.02 13.53 17.55
N LEU C 595 3.91 14.72 16.96
CA LEU C 595 3.77 14.82 15.51
C LEU C 595 5.00 14.28 14.80
N LEU C 596 6.19 14.58 15.33
CA LEU C 596 7.42 14.08 14.72
C LEU C 596 7.48 12.55 14.77
N LEU C 597 7.11 11.96 15.91
CA LEU C 597 7.12 10.50 16.01
C LEU C 597 6.10 9.88 15.06
N GLN C 598 4.91 10.47 14.97
CA GLN C 598 3.90 9.99 14.02
C GLN C 598 4.42 10.07 12.59
N ALA C 599 5.08 11.18 12.26
CA ALA C 599 5.62 11.36 10.91
C ALA C 599 6.69 10.32 10.61
N ILE C 600 7.55 10.02 11.59
CA ILE C 600 8.58 8.99 11.37
C ILE C 600 7.94 7.63 11.13
N GLN C 601 6.93 7.28 11.94
CA GLN C 601 6.27 5.99 11.76
C GLN C 601 5.60 5.89 10.39
N SER C 602 4.89 6.94 9.98
CA SER C 602 4.25 6.92 8.67
C SER C 602 5.28 6.91 7.55
N PHE C 603 6.41 7.59 7.74
CA PHE C 603 7.47 7.60 6.75
C PHE C 603 8.02 6.21 6.51
N GLU C 604 8.34 5.48 7.59
CA GLU C 604 8.85 4.12 7.40
C GLU C 604 7.78 3.21 6.83
N LYS C 605 6.52 3.40 7.23
CA LYS C 605 5.44 2.57 6.70
C LYS C 605 5.28 2.76 5.19
N LYS C 606 5.42 4.01 4.72
CA LYS C 606 5.31 4.25 3.28
C LYS C 606 6.55 3.76 2.54
N VAL C 607 7.72 3.95 3.14
CA VAL C 607 8.97 3.51 2.50
C VAL C 607 8.98 1.99 2.33
N ARG C 608 8.39 1.26 3.26
CA ARG C 608 8.30 -0.19 3.12
C ARG C 608 7.55 -0.58 1.85
N VAL C 609 6.40 0.07 1.59
CA VAL C 609 5.64 -0.21 0.37
C VAL C 609 6.41 0.23 -0.85
N ILE C 610 7.10 1.37 -0.76
CA ILE C 610 7.91 1.84 -1.89
C ILE C 610 8.94 0.79 -2.29
N TYR C 611 9.65 0.24 -1.30
CA TYR C 611 10.69 -0.74 -1.61
C TYR C 611 10.10 -2.09 -2.01
N THR C 612 8.91 -2.43 -1.49
CA THR C 612 8.22 -3.63 -1.97
C THR C 612 7.94 -3.51 -3.47
N GLN C 613 7.38 -2.37 -3.89
CA GLN C 613 7.12 -2.17 -5.32
C GLN C 613 8.41 -2.11 -6.12
N LEU C 614 9.47 -1.55 -5.53
CA LEU C 614 10.76 -1.51 -6.23
C LEU C 614 11.32 -2.91 -6.48
N SER C 615 11.23 -3.78 -5.47
CA SER C 615 11.67 -5.17 -5.66
C SER C 615 10.81 -5.88 -6.69
N LYS C 616 9.49 -5.68 -6.63
CA LYS C 616 8.60 -6.27 -7.63
C LYS C 616 8.96 -5.80 -9.03
N THR C 617 9.38 -4.54 -9.16
CA THR C 617 9.76 -4.01 -10.47
C THR C 617 11.10 -4.60 -10.95
N VAL C 618 12.09 -4.68 -10.06
CA VAL C 618 13.41 -5.14 -10.48
C VAL C 618 13.38 -6.62 -10.85
N VAL C 619 12.59 -7.43 -10.15
CA VAL C 619 12.57 -8.86 -10.48
C VAL C 619 12.04 -9.08 -11.90
N CYS C 620 10.97 -8.37 -12.28
CA CYS C 620 10.44 -8.51 -13.63
C CYS C 620 11.36 -7.85 -14.66
N LYS C 621 12.04 -6.77 -14.29
CA LYS C 621 13.03 -6.19 -15.21
C LYS C 621 14.13 -7.20 -15.52
N GLN C 622 14.62 -7.90 -14.49
CA GLN C 622 15.62 -8.94 -14.73
C GLN C 622 15.05 -10.09 -15.54
N LYS C 623 13.77 -10.43 -15.34
CA LYS C 623 13.15 -11.48 -16.15
C LYS C 623 13.09 -11.07 -17.62
N ALA C 624 12.77 -9.80 -17.89
CA ALA C 624 12.75 -9.32 -19.26
C ALA C 624 14.16 -9.35 -19.87
N LEU C 625 15.16 -8.92 -19.10
CA LEU C 625 16.53 -8.97 -19.61
C LEU C 625 17.03 -10.40 -19.78
N GLU C 626 16.40 -11.37 -19.10
CA GLU C 626 16.72 -12.77 -19.32
C GLU C 626 16.04 -13.32 -20.56
N LEU C 627 14.79 -12.90 -20.82
CA LEU C 627 14.06 -13.41 -21.97
C LEU C 627 14.46 -12.72 -23.28
N LEU C 628 15.15 -11.58 -23.21
CA LEU C 628 15.60 -10.91 -24.44
C LEU C 628 16.57 -11.76 -25.26
N PRO C 629 17.70 -12.23 -24.71
CA PRO C 629 18.64 -12.97 -25.56
C PRO C 629 18.12 -14.31 -26.04
N LYS C 630 17.16 -14.90 -25.33
CA LYS C 630 16.52 -16.12 -25.81
C LYS C 630 15.93 -15.91 -27.21
N VAL C 631 15.06 -14.92 -27.35
CA VAL C 631 14.45 -14.64 -28.65
C VAL C 631 15.48 -14.09 -29.62
N GLU C 632 16.47 -13.34 -29.13
CA GLU C 632 17.53 -12.86 -30.02
C GLU C 632 18.23 -14.02 -30.73
N GLU C 633 18.68 -15.01 -29.96
CA GLU C 633 19.37 -16.15 -30.56
C GLU C 633 18.40 -16.98 -31.40
N VAL C 634 17.15 -17.11 -30.95
CA VAL C 634 16.18 -17.90 -31.70
C VAL C 634 15.97 -17.31 -33.09
N VAL C 635 15.80 -15.98 -33.18
CA VAL C 635 15.57 -15.36 -34.49
C VAL C 635 16.85 -15.39 -35.32
N SER C 636 18.01 -15.21 -34.69
CA SER C 636 19.26 -15.27 -35.43
C SER C 636 19.50 -16.66 -36.00
N LEU C 637 18.93 -17.69 -35.36
CA LEU C 637 19.06 -19.03 -35.92
C LEU C 637 18.01 -19.31 -37.00
N MET C 638 16.76 -18.89 -36.79
CA MET C 638 15.74 -19.16 -37.81
C MET C 638 16.01 -18.38 -39.10
N ASN C 639 16.72 -17.25 -39.03
CA ASN C 639 17.11 -16.57 -40.27
C ASN C 639 17.96 -17.49 -41.14
N GLU C 640 18.99 -18.10 -40.55
CA GLU C 640 19.80 -19.05 -41.30
C GLU C 640 19.00 -20.30 -41.67
N ASP C 641 18.00 -20.66 -40.86
CA ASP C 641 17.13 -21.78 -41.21
C ASP C 641 16.39 -21.49 -42.51
N GLU C 642 15.81 -20.28 -42.63
CA GLU C 642 15.15 -19.87 -43.87
C GLU C 642 16.13 -19.85 -45.02
N LYS C 643 17.35 -19.36 -44.77
CA LYS C 643 18.39 -19.38 -45.80
C LYS C 643 18.63 -20.80 -46.29
N THR C 644 18.72 -21.76 -45.37
CA THR C 644 18.98 -23.15 -45.75
C THR C 644 17.81 -23.75 -46.52
N VAL C 645 16.58 -23.39 -46.16
CA VAL C 645 15.42 -23.88 -46.91
C VAL C 645 15.48 -23.38 -48.35
N VAL C 646 15.79 -22.09 -48.53
CA VAL C 646 15.93 -21.54 -49.88
C VAL C 646 17.07 -22.26 -50.61
N ARG C 647 18.18 -22.51 -49.91
CA ARG C 647 19.30 -23.24 -50.49
C ARG C 647 18.86 -24.60 -51.00
N LEU C 648 18.06 -25.31 -50.20
CA LEU C 648 17.65 -26.66 -50.56
C LEU C 648 16.72 -26.66 -51.77
N GLN C 649 15.79 -25.70 -51.83
CA GLN C 649 14.93 -25.60 -53.01
C GLN C 649 15.75 -25.30 -54.26
N GLU C 650 16.69 -24.36 -54.15
CA GLU C 650 17.54 -24.02 -55.28
C GLU C 650 18.37 -25.24 -55.71
N LYS C 651 18.88 -26.00 -54.74
CA LYS C 651 19.67 -27.18 -55.07
C LYS C 651 18.83 -28.25 -55.75
N ARG C 652 17.58 -28.44 -55.32
CA ARG C 652 16.72 -29.41 -55.99
C ARG C 652 16.45 -29.00 -57.43
N GLN C 653 16.17 -27.71 -57.66
CA GLN C 653 15.96 -27.25 -59.03
C GLN C 653 17.22 -27.42 -59.87
N LYS C 654 18.39 -27.10 -59.30
CA LYS C 654 19.65 -27.31 -60.01
C LYS C 654 19.85 -28.78 -60.34
N GLU C 655 19.55 -29.67 -59.40
CA GLU C 655 19.72 -31.10 -59.62
C GLU C 655 18.84 -31.59 -60.77
N LEU C 656 17.57 -31.16 -60.78
CA LEU C 656 16.67 -31.66 -61.82
C LEU C 656 17.03 -31.09 -63.19
N TRP C 657 17.43 -29.81 -63.26
CA TRP C 657 17.86 -29.26 -64.54
C TRP C 657 19.15 -29.92 -65.02
N ASN C 658 20.09 -30.19 -64.11
CA ASN C 658 21.32 -30.86 -64.49
C ASN C 658 21.06 -32.28 -64.98
N LEU C 659 20.13 -32.98 -64.33
CA LEU C 659 19.77 -34.33 -64.78
C LEU C 659 19.13 -34.30 -66.17
N LEU C 660 18.25 -33.33 -66.42
CA LEU C 660 17.67 -33.19 -67.75
C LEU C 660 18.75 -32.91 -68.79
N LYS C 661 19.69 -32.01 -68.47
CA LYS C 661 20.76 -31.69 -69.41
C LYS C 661 21.65 -32.90 -69.69
N ILE C 662 21.95 -33.67 -68.65
CA ILE C 662 22.78 -34.86 -68.82
C ILE C 662 22.05 -35.90 -69.67
N ALA C 663 20.75 -36.10 -69.41
CA ALA C 663 19.98 -37.06 -70.19
C ALA C 663 19.85 -36.63 -71.65
N CYS C 664 19.85 -35.32 -71.92
CA CYS C 664 19.78 -34.86 -73.30
C CYS C 664 21.04 -35.19 -74.10
N SER C 665 22.15 -35.51 -73.43
CA SER C 665 23.39 -35.82 -74.14
C SER C 665 23.36 -37.18 -74.81
N LYS C 666 22.65 -38.15 -74.23
CA LYS C 666 22.59 -39.49 -74.80
C LYS C 666 21.81 -39.50 -76.11
N SER D 8 -27.07 -14.33 45.57
CA SER D 8 -27.40 -15.48 46.39
C SER D 8 -28.83 -15.96 46.12
N LEU D 9 -28.97 -17.26 45.88
CA LEU D 9 -30.27 -17.86 45.65
C LEU D 9 -30.22 -19.33 46.05
N THR D 10 -31.40 -19.89 46.30
CA THR D 10 -31.52 -21.30 46.65
C THR D 10 -31.56 -22.13 45.37
N THR D 11 -30.42 -22.12 44.67
CA THR D 11 -30.27 -22.85 43.41
C THR D 11 -30.12 -24.33 43.72
N GLN D 12 -31.25 -25.03 43.78
CA GLN D 12 -31.26 -26.46 44.07
C GLN D 12 -30.77 -27.24 42.86
N THR D 13 -29.45 -27.38 42.75
CA THR D 13 -28.85 -28.07 41.61
C THR D 13 -29.16 -29.56 41.69
N CYS D 14 -29.97 -30.04 40.75
CA CYS D 14 -30.34 -31.45 40.69
C CYS D 14 -29.19 -32.26 40.10
N GLY D 15 -28.11 -32.36 40.86
CA GLY D 15 -26.98 -33.10 40.36
C GLY D 15 -26.15 -32.25 39.41
N ALA D 16 -26.16 -32.65 38.15
CA ALA D 16 -25.46 -31.92 37.09
C ALA D 16 -26.34 -30.86 36.42
N TRP D 17 -27.66 -31.02 36.45
CA TRP D 17 -28.55 -30.06 35.81
C TRP D 17 -28.60 -28.78 36.60
N GLU D 18 -28.18 -27.67 35.98
CA GLU D 18 -28.16 -26.35 36.59
C GLU D 18 -29.23 -25.48 35.94
N MET D 19 -29.89 -24.66 36.77
CA MET D 19 -30.93 -23.78 36.26
C MET D 19 -30.32 -22.66 35.42
N LYS D 20 -30.99 -22.33 34.33
CA LYS D 20 -30.58 -21.26 33.43
C LYS D 20 -31.67 -20.18 33.41
N GLU D 21 -31.57 -19.29 32.41
CA GLU D 21 -32.46 -18.15 32.30
C GLU D 21 -33.93 -18.58 32.21
N ARG D 22 -34.82 -17.60 32.36
CA ARG D 22 -36.25 -17.82 32.29
C ARG D 22 -36.69 -18.22 30.90
N GLY D 27 -45.96 -13.53 37.17
CA GLY D 27 -45.93 -14.00 38.55
C GLY D 27 -44.64 -14.71 38.90
N PHE D 28 -44.53 -15.98 38.53
CA PHE D 28 -43.36 -16.79 38.83
C PHE D 28 -42.71 -17.44 37.62
N GLY D 29 -43.40 -17.56 36.48
CA GLY D 29 -42.75 -18.08 35.29
C GLY D 29 -43.45 -19.32 34.72
N ASN D 30 -43.72 -19.27 33.42
CA ASN D 30 -44.31 -20.40 32.71
C ASN D 30 -43.25 -21.37 32.21
N VAL D 31 -42.26 -20.88 31.46
CA VAL D 31 -41.21 -21.74 30.91
C VAL D 31 -39.90 -21.45 31.64
N ILE D 32 -39.14 -22.51 31.92
CA ILE D 32 -37.86 -22.40 32.60
C ILE D 32 -36.85 -23.27 31.86
N ARG D 33 -35.62 -22.78 31.69
CA ARG D 33 -34.58 -23.54 31.02
C ARG D 33 -33.68 -24.20 32.04
N TRP D 34 -33.29 -25.46 31.77
CA TRP D 34 -32.38 -26.21 32.63
C TRP D 34 -31.30 -26.83 31.75
N HIS D 35 -30.04 -26.44 32.00
CA HIS D 35 -28.92 -26.90 31.18
C HIS D 35 -28.02 -27.82 31.99
N ASN D 36 -27.61 -28.93 31.38
CA ASN D 36 -26.67 -29.84 32.04
C ASN D 36 -25.25 -29.38 31.70
N GLN D 37 -24.43 -29.21 32.74
CA GLN D 37 -23.08 -28.69 32.58
C GLN D 37 -22.03 -29.77 32.37
N GLU D 38 -22.45 -31.03 32.23
CA GLU D 38 -21.52 -32.12 31.94
C GLU D 38 -21.84 -32.82 30.63
N THR D 39 -23.12 -33.04 30.33
CA THR D 39 -23.51 -33.63 29.05
C THR D 39 -23.67 -32.57 27.97
N GLY D 40 -24.21 -31.40 28.32
CA GLY D 40 -24.38 -30.31 27.39
C GLY D 40 -25.71 -30.32 26.66
N GLU D 41 -26.77 -30.69 27.36
CA GLU D 41 -28.12 -30.75 26.80
C GLU D 41 -28.96 -29.67 27.48
N GLN D 42 -29.47 -28.72 26.70
CA GLN D 42 -30.31 -27.64 27.21
C GLN D 42 -31.77 -28.04 27.09
N ILE D 43 -32.33 -28.59 28.16
CA ILE D 43 -33.71 -29.03 28.17
C ILE D 43 -34.57 -27.91 28.74
N ALA D 44 -35.68 -27.59 28.05
CA ALA D 44 -36.57 -26.53 28.50
C ALA D 44 -37.77 -27.17 29.19
N ILE D 45 -37.90 -26.96 30.49
CA ILE D 45 -38.97 -27.54 31.26
C ILE D 45 -40.09 -26.52 31.39
N LYS D 46 -41.30 -26.90 31.01
CA LYS D 46 -42.46 -26.05 31.24
C LYS D 46 -43.06 -26.44 32.58
N GLN D 47 -42.95 -25.53 33.54
CA GLN D 47 -43.45 -25.80 34.88
C GLN D 47 -44.95 -25.52 34.93
N CYS D 48 -45.63 -26.25 35.80
CA CYS D 48 -47.06 -26.11 35.99
C CYS D 48 -47.31 -25.04 37.04
N ARG D 49 -48.43 -24.35 36.93
CA ARG D 49 -48.70 -23.26 37.85
C ARG D 49 -48.83 -23.78 39.28
N GLN D 50 -48.81 -22.85 40.23
CA GLN D 50 -48.66 -23.20 41.63
C GLN D 50 -50.00 -23.38 42.35
N GLU D 51 -50.98 -22.53 42.04
CA GLU D 51 -52.32 -22.68 42.59
C GLU D 51 -53.12 -23.48 41.57
N LEU D 52 -53.31 -24.77 41.85
CA LEU D 52 -53.98 -25.67 40.93
C LEU D 52 -55.29 -26.20 41.49
N SER D 53 -56.35 -26.20 40.63
CA SER D 53 -57.72 -26.71 40.63
C SER D 53 -57.76 -28.12 40.06
N PRO D 54 -58.67 -28.97 40.55
CA PRO D 54 -58.75 -30.34 40.02
C PRO D 54 -58.97 -30.41 38.51
N ARG D 55 -59.92 -29.63 38.00
CA ARG D 55 -60.18 -29.62 36.56
C ARG D 55 -58.98 -29.11 35.78
N ASN D 56 -58.31 -28.08 36.31
CA ASN D 56 -57.08 -27.61 35.67
C ASN D 56 -56.00 -28.68 35.72
N ARG D 57 -55.99 -29.50 36.77
CA ARG D 57 -55.03 -30.59 36.85
C ARG D 57 -55.31 -31.63 35.77
N GLU D 58 -56.58 -31.95 35.55
CA GLU D 58 -56.93 -32.89 34.49
C GLU D 58 -56.56 -32.33 33.12
N ARG D 59 -56.77 -31.03 32.90
CA ARG D 59 -56.42 -30.44 31.62
C ARG D 59 -54.90 -30.42 31.41
N TRP D 60 -54.15 -30.20 32.49
CA TRP D 60 -52.69 -30.24 32.39
C TRP D 60 -52.21 -31.65 32.08
N CYS D 61 -52.81 -32.67 32.72
CA CYS D 61 -52.48 -34.04 32.40
C CYS D 61 -52.82 -34.38 30.96
N LEU D 62 -53.96 -33.88 30.47
CA LEU D 62 -54.33 -34.11 29.08
C LEU D 62 -53.29 -33.51 28.12
N GLU D 63 -52.83 -32.29 28.42
CA GLU D 63 -51.81 -31.68 27.57
C GLU D 63 -50.49 -32.46 27.64
N ILE D 64 -50.13 -32.95 28.83
CA ILE D 64 -48.92 -33.76 28.99
C ILE D 64 -49.01 -35.01 28.11
N GLN D 65 -50.16 -35.69 28.15
CA GLN D 65 -50.31 -36.90 27.34
C GLN D 65 -50.34 -36.59 25.85
N ILE D 66 -50.95 -35.47 25.47
CA ILE D 66 -51.06 -35.11 24.06
C ILE D 66 -49.68 -34.80 23.49
N MET D 67 -48.80 -34.19 24.29
CA MET D 67 -47.49 -33.82 23.77
C MET D 67 -46.65 -35.03 23.38
N ARG D 68 -46.80 -36.16 24.07
CA ARG D 68 -46.01 -37.34 23.71
C ARG D 68 -46.38 -37.88 22.33
N ARG D 69 -47.60 -37.61 21.85
CA ARG D 69 -48.00 -38.13 20.56
C ARG D 69 -47.43 -37.30 19.41
N LEU D 70 -47.45 -35.97 19.54
CA LEU D 70 -46.99 -35.12 18.46
C LEU D 70 -45.47 -35.13 18.39
N THR D 71 -44.92 -35.44 17.22
CA THR D 71 -43.48 -35.47 17.00
C THR D 71 -43.13 -34.90 15.63
N HIS D 72 -43.78 -33.80 15.25
CA HIS D 72 -43.53 -33.18 13.95
C HIS D 72 -42.21 -32.41 14.00
N PRO D 73 -41.42 -32.42 12.93
CA PRO D 73 -40.14 -31.69 12.97
C PRO D 73 -40.31 -30.19 13.08
N ASN D 74 -41.38 -29.63 12.51
CA ASN D 74 -41.65 -28.19 12.56
C ASN D 74 -42.40 -27.78 13.81
N VAL D 75 -42.55 -28.69 14.78
CA VAL D 75 -43.17 -28.41 16.06
C VAL D 75 -42.25 -28.93 17.16
N VAL D 76 -42.32 -28.29 18.33
CA VAL D 76 -41.50 -28.72 19.46
C VAL D 76 -41.88 -30.13 19.88
N ALA D 77 -40.86 -30.94 20.18
CA ALA D 77 -41.05 -32.35 20.54
C ALA D 77 -40.80 -32.56 22.02
N ALA D 78 -41.44 -33.59 22.57
CA ALA D 78 -41.28 -33.95 23.98
C ALA D 78 -40.06 -34.86 24.16
N ARG D 79 -39.65 -35.02 25.42
CA ARG D 79 -38.52 -35.88 25.75
C ARG D 79 -38.61 -36.27 27.21
N ASP D 80 -37.86 -37.31 27.57
CA ASP D 80 -37.96 -37.90 28.89
C ASP D 80 -37.51 -36.92 29.98
N VAL D 81 -38.22 -36.97 31.11
CA VAL D 81 -37.83 -36.18 32.30
C VAL D 81 -36.57 -36.79 32.91
N PRO D 82 -35.58 -35.97 33.29
CA PRO D 82 -34.36 -36.53 33.88
C PRO D 82 -34.65 -37.22 35.21
N GLU D 83 -33.84 -38.23 35.51
CA GLU D 83 -34.02 -38.97 36.76
C GLU D 83 -33.63 -38.10 37.96
N GLY D 84 -34.56 -37.98 38.90
CA GLY D 84 -34.38 -37.19 40.09
C GLY D 84 -34.90 -35.78 40.02
N MET D 85 -35.74 -35.45 39.03
CA MET D 85 -36.32 -34.12 38.95
C MET D 85 -37.76 -34.09 39.45
N GLN D 86 -38.43 -35.26 39.49
CA GLN D 86 -39.73 -35.33 40.14
C GLN D 86 -39.60 -35.30 41.64
N ASN D 87 -38.46 -35.77 42.16
CA ASN D 87 -38.22 -35.76 43.60
C ASN D 87 -38.08 -34.34 44.11
N LEU D 88 -37.39 -33.48 43.36
CA LEU D 88 -37.20 -32.08 43.72
C LEU D 88 -38.29 -31.22 43.07
N ALA D 89 -39.53 -31.52 43.43
CA ALA D 89 -40.70 -30.84 42.89
C ALA D 89 -41.59 -30.37 44.02
N PRO D 90 -41.95 -29.08 44.07
CA PRO D 90 -42.88 -28.62 45.10
C PRO D 90 -44.30 -29.11 44.86
N ASN D 91 -44.70 -29.29 43.61
CA ASN D 91 -46.03 -29.78 43.27
C ASN D 91 -45.94 -31.24 42.81
N ASP D 92 -47.04 -31.96 43.00
CA ASP D 92 -47.10 -33.40 42.72
C ASP D 92 -47.32 -33.71 41.25
N LEU D 93 -47.21 -32.73 40.35
CA LEU D 93 -47.48 -33.00 38.95
C LEU D 93 -46.19 -32.98 38.13
N PRO D 94 -46.02 -33.92 37.21
CA PRO D 94 -44.77 -33.95 36.43
C PRO D 94 -44.75 -32.84 35.39
N LEU D 95 -43.63 -32.13 35.33
CA LEU D 95 -43.42 -31.11 34.32
C LEU D 95 -42.84 -31.75 33.06
N LEU D 96 -43.05 -31.09 31.93
CA LEU D 96 -42.70 -31.67 30.64
C LEU D 96 -41.54 -30.92 29.99
N ALA D 97 -40.73 -31.69 29.25
CA ALA D 97 -39.50 -31.21 28.64
C ALA D 97 -39.72 -30.81 27.19
N MET D 98 -38.81 -29.95 26.70
CA MET D 98 -38.83 -29.44 25.35
C MET D 98 -37.41 -29.14 24.93
N GLU D 99 -37.24 -28.72 23.68
CA GLU D 99 -35.95 -28.37 23.11
C GLU D 99 -35.82 -26.85 23.08
N TYR D 100 -34.64 -26.37 23.49
CA TYR D 100 -34.38 -24.93 23.51
C TYR D 100 -33.83 -24.49 22.15
N CYS D 101 -34.38 -23.39 21.63
CA CYS D 101 -34.01 -22.85 20.34
C CYS D 101 -33.22 -21.56 20.53
N GLN D 102 -32.03 -21.50 19.95
CA GLN D 102 -31.16 -20.34 20.11
C GLN D 102 -31.65 -19.12 19.33
N GLY D 103 -32.49 -19.32 18.32
CA GLY D 103 -32.90 -18.24 17.45
C GLY D 103 -33.67 -17.12 18.11
N GLY D 104 -34.84 -17.43 18.65
CA GLY D 104 -35.69 -16.45 19.29
C GLY D 104 -37.01 -16.27 18.58
N ASP D 105 -37.90 -15.53 19.24
CA ASP D 105 -39.24 -15.32 18.71
C ASP D 105 -39.22 -14.48 17.44
N LEU D 106 -40.28 -14.63 16.64
CA LEU D 106 -40.44 -13.86 15.42
C LEU D 106 -40.69 -12.38 15.69
N ARG D 107 -41.18 -12.04 16.89
CA ARG D 107 -41.49 -10.66 17.21
C ARG D 107 -40.22 -9.79 17.16
N LYS D 108 -39.11 -10.32 17.67
CA LYS D 108 -37.85 -9.57 17.63
C LYS D 108 -37.40 -9.33 16.20
N TYR D 109 -37.57 -10.33 15.32
CA TYR D 109 -37.23 -10.16 13.93
C TYR D 109 -38.13 -9.12 13.25
N LEU D 110 -39.42 -9.09 13.62
CA LEU D 110 -40.33 -8.12 13.03
C LEU D 110 -40.05 -6.70 13.50
N ASN D 111 -39.54 -6.54 14.72
CA ASN D 111 -39.30 -5.22 15.29
C ASN D 111 -37.91 -4.68 14.95
N GLN D 112 -37.15 -5.37 14.10
CA GLN D 112 -35.84 -4.89 13.70
C GLN D 112 -35.95 -3.66 12.82
N PHE D 113 -34.91 -2.83 12.83
CA PHE D 113 -34.93 -1.58 12.08
C PHE D 113 -34.83 -1.82 10.58
N GLU D 114 -34.44 -3.01 10.15
CA GLU D 114 -34.35 -3.32 8.72
C GLU D 114 -35.61 -4.00 8.18
N ASN D 115 -36.34 -4.71 9.03
CA ASN D 115 -37.59 -5.37 8.64
C ASN D 115 -38.81 -4.62 9.18
N CYS D 116 -38.71 -3.30 9.28
CA CYS D 116 -39.83 -2.50 9.78
C CYS D 116 -41.00 -2.51 8.80
N CYS D 117 -40.74 -2.69 7.51
CA CYS D 117 -41.77 -2.72 6.48
C CYS D 117 -41.97 -4.14 5.94
N GLY D 118 -41.94 -5.12 6.84
CA GLY D 118 -42.10 -6.51 6.47
C GLY D 118 -40.77 -7.20 6.23
N LEU D 119 -40.85 -8.52 6.14
CA LEU D 119 -39.65 -9.33 5.93
C LEU D 119 -39.32 -9.41 4.44
N ARG D 120 -38.13 -9.94 4.15
CA ARG D 120 -37.72 -10.16 2.78
C ARG D 120 -38.48 -11.35 2.19
N GLU D 121 -38.38 -11.47 0.87
CA GLU D 121 -39.17 -12.45 0.12
C GLU D 121 -38.91 -13.87 0.61
N GLY D 122 -37.63 -14.25 0.72
CA GLY D 122 -37.29 -15.60 1.14
C GLY D 122 -37.79 -15.92 2.54
N ALA D 123 -37.72 -14.95 3.45
CA ALA D 123 -38.19 -15.17 4.81
C ALA D 123 -39.68 -15.47 4.84
N ILE D 124 -40.48 -14.72 4.07
CA ILE D 124 -41.92 -14.95 4.05
C ILE D 124 -42.23 -16.30 3.42
N LEU D 125 -41.54 -16.64 2.34
CA LEU D 125 -41.78 -17.94 1.70
C LEU D 125 -41.46 -19.09 2.67
N THR D 126 -40.33 -19.00 3.36
CA THR D 126 -39.97 -20.04 4.32
C THR D 126 -40.95 -20.10 5.47
N LEU D 127 -41.40 -18.95 5.96
CA LEU D 127 -42.39 -18.94 7.04
C LEU D 127 -43.66 -19.66 6.62
N LEU D 128 -44.18 -19.35 5.43
CA LEU D 128 -45.39 -20.00 4.97
C LEU D 128 -45.17 -21.50 4.81
N SER D 129 -44.07 -21.90 4.16
CA SER D 129 -43.83 -23.30 3.89
C SER D 129 -43.57 -24.10 5.16
N ASP D 130 -43.08 -23.44 6.22
CA ASP D 130 -42.79 -24.13 7.47
C ASP D 130 -43.97 -24.15 8.42
N ILE D 131 -44.87 -23.17 8.32
CA ILE D 131 -46.03 -23.14 9.19
C ILE D 131 -47.18 -23.98 8.62
N ALA D 132 -47.39 -23.95 7.31
CA ALA D 132 -48.52 -24.69 6.74
C ALA D 132 -48.34 -26.19 6.87
N SER D 133 -47.12 -26.69 6.61
CA SER D 133 -46.88 -28.13 6.65
C SER D 133 -46.94 -28.69 8.06
N ALA D 134 -46.77 -27.84 9.07
CA ALA D 134 -46.94 -28.26 10.46
C ALA D 134 -48.38 -28.11 10.93
N LEU D 135 -49.07 -27.07 10.46
CA LEU D 135 -50.47 -26.88 10.83
C LEU D 135 -51.36 -27.96 10.21
N ARG D 136 -50.99 -28.47 9.03
CA ARG D 136 -51.73 -29.58 8.45
C ARG D 136 -51.62 -30.82 9.33
N TYR D 137 -50.42 -31.11 9.83
CA TYR D 137 -50.24 -32.25 10.72
C TYR D 137 -50.95 -32.04 12.04
N LEU D 138 -50.99 -30.79 12.53
CA LEU D 138 -51.74 -30.50 13.76
C LEU D 138 -53.23 -30.75 13.55
N HIS D 139 -53.77 -30.31 12.41
CA HIS D 139 -55.19 -30.50 12.12
C HIS D 139 -55.52 -31.95 11.79
N GLU D 140 -54.52 -32.75 11.38
CA GLU D 140 -54.80 -34.14 11.06
C GLU D 140 -55.11 -34.95 12.30
N ASN D 141 -54.48 -34.64 13.44
CA ASN D 141 -54.67 -35.36 14.68
C ASN D 141 -55.80 -34.78 15.54
N ARG D 142 -56.68 -33.96 14.94
CA ARG D 142 -57.81 -33.36 15.64
C ARG D 142 -57.32 -32.51 16.83
N ILE D 143 -56.21 -31.81 16.63
CA ILE D 143 -55.64 -30.93 17.64
C ILE D 143 -55.61 -29.52 17.06
N ILE D 144 -56.18 -28.58 17.80
CA ILE D 144 -56.27 -27.19 17.38
C ILE D 144 -55.49 -26.34 18.38
N HIS D 145 -54.62 -25.47 17.87
CA HIS D 145 -53.81 -24.62 18.75
C HIS D 145 -54.67 -23.54 19.40
N ARG D 146 -55.64 -23.00 18.65
CA ARG D 146 -56.61 -22.03 19.16
C ARG D 146 -55.96 -20.69 19.46
N ASP D 147 -54.63 -20.65 19.44
CA ASP D 147 -53.87 -19.43 19.73
C ASP D 147 -52.62 -19.42 18.89
N LEU D 148 -52.33 -18.28 18.26
CA LEU D 148 -51.13 -18.16 17.44
C LEU D 148 -50.71 -16.70 17.38
N LYS D 149 -49.48 -16.43 17.78
CA LYS D 149 -48.89 -15.10 17.78
C LYS D 149 -47.46 -15.21 17.32
N PRO D 150 -46.82 -14.11 16.92
CA PRO D 150 -45.40 -14.17 16.57
C PRO D 150 -44.51 -14.60 17.72
N GLU D 151 -44.99 -14.50 18.96
CA GLU D 151 -44.20 -14.92 20.11
C GLU D 151 -44.11 -16.45 20.20
N ASN D 152 -45.08 -17.17 19.65
CA ASN D 152 -45.01 -18.63 19.67
C ASN D 152 -44.10 -19.19 18.59
N ILE D 153 -43.76 -18.40 17.58
CA ILE D 153 -42.96 -18.86 16.45
C ILE D 153 -41.50 -18.49 16.70
N VAL D 154 -40.65 -19.49 16.82
CA VAL D 154 -39.22 -19.32 17.03
C VAL D 154 -38.49 -19.76 15.76
N LEU D 155 -37.39 -19.07 15.47
CA LEU D 155 -36.59 -19.33 14.26
C LEU D 155 -35.37 -20.16 14.64
N GLN D 156 -35.57 -21.47 14.70
CA GLN D 156 -34.47 -22.37 15.02
C GLN D 156 -33.52 -22.48 13.83
N GLN D 157 -32.23 -22.33 14.08
CA GLN D 157 -31.22 -22.38 13.02
C GLN D 157 -31.03 -23.82 12.55
N GLY D 158 -31.48 -24.11 11.33
CA GLY D 158 -31.35 -25.43 10.77
C GLY D 158 -29.99 -25.61 10.10
N GLU D 159 -29.85 -26.76 9.43
CA GLU D 159 -28.59 -27.06 8.77
C GLU D 159 -28.35 -26.14 7.58
N GLN D 160 -29.39 -25.87 6.80
CA GLN D 160 -29.28 -25.03 5.61
C GLN D 160 -30.09 -23.75 5.74
N ARG D 161 -31.36 -23.86 6.13
CA ARG D 161 -32.23 -22.71 6.27
C ARG D 161 -32.88 -22.72 7.65
N LEU D 162 -33.42 -21.57 8.03
CA LEU D 162 -34.08 -21.42 9.32
C LEU D 162 -35.44 -22.12 9.33
N ILE D 163 -35.71 -22.84 10.41
CA ILE D 163 -36.94 -23.60 10.57
C ILE D 163 -37.84 -22.89 11.58
N HIS D 164 -39.10 -22.69 11.22
CA HIS D 164 -40.07 -22.04 12.09
C HIS D 164 -40.72 -23.10 12.98
N LYS D 165 -40.38 -23.09 14.27
CA LYS D 165 -40.97 -23.99 15.24
C LYS D 165 -41.93 -23.24 16.16
N ILE D 166 -42.76 -23.99 16.87
CA ILE D 166 -43.80 -23.43 17.72
C ILE D 166 -43.62 -23.96 19.14
N ILE D 167 -43.44 -23.05 20.10
CA ILE D 167 -43.29 -23.40 21.49
C ILE D 167 -44.57 -23.05 22.24
N ASP D 168 -44.71 -23.59 23.45
CA ASP D 168 -45.74 -23.20 24.42
C ASP D 168 -47.15 -23.45 23.87
N LEU D 169 -47.47 -24.73 23.69
CA LEU D 169 -48.81 -25.16 23.33
C LEU D 169 -49.70 -25.20 24.58
N GLY D 170 -49.88 -24.03 25.18
CA GLY D 170 -50.58 -23.94 26.45
C GLY D 170 -52.08 -24.14 26.35
N TYR D 171 -52.70 -23.70 25.26
CA TYR D 171 -54.15 -23.76 25.11
C TYR D 171 -54.50 -24.67 23.94
N ALA D 172 -55.26 -25.74 24.22
CA ALA D 172 -55.77 -26.62 23.19
C ALA D 172 -56.75 -27.64 23.76
N LYS D 173 -57.90 -27.82 23.13
CA LYS D 173 -58.80 -28.92 23.44
C LYS D 173 -58.70 -29.99 22.36
N GLU D 174 -58.61 -31.25 22.77
CA GLU D 174 -58.65 -32.38 21.85
C GLU D 174 -60.06 -32.92 21.79
N LEU D 175 -60.51 -33.28 20.59
CA LEU D 175 -61.87 -33.78 20.42
C LEU D 175 -61.87 -35.30 20.26
N PHE D 184 -61.63 -19.09 27.89
CA PHE D 184 -61.21 -17.70 28.13
C PHE D 184 -59.95 -17.69 29.00
N VAL D 185 -58.81 -17.98 28.37
CA VAL D 185 -57.50 -17.92 29.02
C VAL D 185 -56.50 -17.35 28.02
N GLY D 186 -55.65 -16.44 28.50
CA GLY D 186 -54.63 -15.86 27.66
C GLY D 186 -54.59 -14.35 27.69
N THR D 187 -53.49 -13.76 27.22
CA THR D 187 -53.29 -12.31 27.20
C THR D 187 -52.65 -11.92 25.85
N LEU D 188 -53.49 -11.65 24.86
CA LEU D 188 -53.02 -11.39 23.51
C LEU D 188 -53.79 -10.24 22.87
N GLN D 189 -53.22 -9.73 21.78
CA GLN D 189 -53.82 -8.76 20.87
C GLN D 189 -54.36 -9.41 19.60
N TYR D 190 -53.68 -10.44 19.09
CA TYR D 190 -54.06 -11.13 17.85
C TYR D 190 -55.06 -12.24 18.18
N LEU D 191 -56.32 -11.83 18.31
CA LEU D 191 -57.43 -12.74 18.59
C LEU D 191 -58.35 -12.84 17.39
N ALA D 192 -58.81 -14.06 17.11
CA ALA D 192 -59.74 -14.32 16.03
C ALA D 192 -61.16 -13.93 16.44
N PRO D 193 -62.03 -13.60 15.47
CA PRO D 193 -63.39 -13.17 15.83
C PRO D 193 -64.20 -14.22 16.58
N GLU D 194 -64.01 -15.51 16.26
CA GLU D 194 -64.76 -16.54 16.96
C GLU D 194 -64.30 -16.70 18.41
N LEU D 195 -63.08 -16.27 18.72
CA LEU D 195 -62.58 -16.34 20.09
C LEU D 195 -63.11 -15.22 20.97
N LEU D 196 -63.59 -14.13 20.36
CA LEU D 196 -64.11 -13.00 21.13
C LEU D 196 -65.55 -13.24 21.57
N GLU D 197 -66.37 -13.84 20.70
CA GLU D 197 -67.76 -14.10 21.05
C GLU D 197 -67.93 -15.40 21.84
N GLN D 198 -66.81 -16.03 22.24
CA GLN D 198 -66.79 -17.23 23.06
C GLN D 198 -67.83 -18.25 22.63
N GLN D 199 -67.97 -18.45 21.32
CA GLN D 199 -68.90 -19.42 20.75
C GLN D 199 -68.10 -20.59 20.20
N LYS D 200 -68.81 -21.67 19.86
CA LYS D 200 -68.12 -22.86 19.35
C LYS D 200 -67.45 -22.59 18.02
N TYR D 201 -66.11 -22.60 18.06
CA TYR D 201 -65.24 -22.28 16.93
C TYR D 201 -64.67 -23.55 16.31
N THR D 202 -64.57 -23.56 14.98
CA THR D 202 -63.89 -24.64 14.28
C THR D 202 -62.42 -24.29 14.11
N VAL D 203 -61.70 -25.09 13.30
CA VAL D 203 -60.27 -24.89 13.12
C VAL D 203 -59.93 -23.57 12.44
N THR D 204 -60.92 -22.92 11.79
CA THR D 204 -60.66 -21.71 11.03
C THR D 204 -60.11 -20.58 11.90
N VAL D 205 -60.29 -20.63 13.22
CA VAL D 205 -59.73 -19.62 14.09
C VAL D 205 -58.21 -19.58 13.97
N ASP D 206 -57.59 -20.73 13.67
CA ASP D 206 -56.16 -20.71 13.39
C ASP D 206 -55.88 -19.98 12.09
N TYR D 207 -56.68 -20.26 11.05
CA TYR D 207 -56.46 -19.64 9.75
C TYR D 207 -56.43 -18.12 9.87
N TRP D 208 -57.46 -17.56 10.51
CA TRP D 208 -57.49 -16.12 10.78
C TRP D 208 -56.23 -15.69 11.53
N SER D 209 -55.88 -16.41 12.60
CA SER D 209 -54.70 -16.06 13.37
C SER D 209 -53.44 -16.12 12.51
N PHE D 210 -53.45 -16.94 11.46
CA PHE D 210 -52.35 -16.94 10.50
C PHE D 210 -52.45 -15.76 9.56
N GLY D 211 -53.66 -15.50 9.04
CA GLY D 211 -53.83 -14.47 8.02
C GLY D 211 -53.34 -13.10 8.49
N THR D 212 -53.73 -12.71 9.71
CA THR D 212 -53.23 -11.47 10.27
C THR D 212 -51.71 -11.51 10.40
N LEU D 213 -51.18 -12.62 10.94
CA LEU D 213 -49.74 -12.73 11.18
C LEU D 213 -48.96 -12.49 9.90
N ALA D 214 -49.28 -13.24 8.84
CA ALA D 214 -48.60 -13.08 7.56
C ALA D 214 -48.66 -11.65 7.08
N PHE D 215 -49.77 -10.95 7.36
CA PHE D 215 -49.88 -9.56 6.94
C PHE D 215 -48.76 -8.72 7.53
N GLU D 216 -48.54 -8.83 8.84
CA GLU D 216 -47.46 -8.07 9.46
C GLU D 216 -46.09 -8.53 8.98
N CYS D 217 -46.01 -9.72 8.38
CA CYS D 217 -44.77 -10.22 7.81
C CYS D 217 -44.49 -9.64 6.43
N ILE D 218 -45.47 -9.00 5.80
CA ILE D 218 -45.35 -8.48 4.45
C ILE D 218 -45.32 -6.97 4.42
N THR D 219 -46.26 -6.33 5.13
CA THR D 219 -46.36 -4.88 5.14
C THR D 219 -45.61 -4.26 6.32
N GLY D 220 -45.67 -4.90 7.49
CA GLY D 220 -44.99 -4.45 8.68
C GLY D 220 -45.91 -4.03 9.81
N PHE D 221 -47.14 -3.65 9.51
CA PHE D 221 -48.11 -3.23 10.51
C PHE D 221 -49.29 -4.19 10.55
N ARG D 222 -50.03 -4.12 11.64
CA ARG D 222 -51.20 -4.97 11.79
C ARG D 222 -52.26 -4.60 10.75
N PRO D 223 -52.94 -5.59 10.17
CA PRO D 223 -53.91 -5.26 9.11
C PRO D 223 -55.13 -4.54 9.63
N PHE D 224 -55.68 -4.98 10.75
CA PHE D 224 -56.94 -4.49 11.30
C PHE D 224 -56.66 -3.63 12.53
N LEU D 225 -56.85 -2.31 12.42
CA LEU D 225 -56.80 -1.45 13.60
C LEU D 225 -55.43 -1.49 14.26
N PRO D 226 -54.45 -0.76 13.74
CA PRO D 226 -53.06 -0.92 14.21
C PRO D 226 -52.89 -0.66 15.70
N ASN D 227 -52.64 -1.76 16.41
CA ASN D 227 -52.41 -1.78 17.85
C ASN D 227 -53.57 -1.18 18.63
N TRP D 228 -54.80 -1.43 18.16
CA TRP D 228 -56.00 -1.04 18.89
C TRP D 228 -56.55 -2.29 19.56
N GLN D 229 -57.12 -2.11 20.75
CA GLN D 229 -57.59 -3.24 21.53
C GLN D 229 -58.70 -3.98 20.80
N PRO D 230 -58.82 -5.29 20.99
CA PRO D 230 -59.88 -6.06 20.31
C PRO D 230 -61.28 -5.67 20.74
N VAL D 231 -61.42 -4.95 21.86
CA VAL D 231 -62.75 -4.59 22.37
C VAL D 231 -63.49 -3.74 21.35
N GLN D 232 -62.91 -2.59 20.98
CA GLN D 232 -63.50 -1.75 19.94
C GLN D 232 -63.22 -2.31 18.54
N TRP D 233 -62.26 -3.23 18.43
CA TRP D 233 -61.94 -3.85 17.15
C TRP D 233 -63.06 -4.74 16.66
N HIS D 234 -63.69 -5.48 17.58
CA HIS D 234 -64.73 -6.43 17.22
C HIS D 234 -65.92 -5.75 16.55
N SER D 235 -66.32 -4.58 17.05
CA SER D 235 -67.46 -3.89 16.47
C SER D 235 -67.17 -3.42 15.05
N LYS D 236 -65.97 -2.87 14.82
CA LYS D 236 -65.63 -2.32 13.51
C LYS D 236 -65.21 -3.37 12.48
N VAL D 237 -64.86 -4.58 12.91
CA VAL D 237 -64.54 -5.62 11.93
C VAL D 237 -65.80 -6.24 11.33
N ARG D 238 -66.90 -6.28 12.07
CA ARG D 238 -68.13 -6.88 11.53
C ARG D 238 -68.66 -6.12 10.33
N GLN D 239 -68.34 -4.82 10.23
CA GLN D 239 -68.88 -3.99 9.15
C GLN D 239 -68.17 -4.23 7.81
N LYS D 240 -66.88 -4.56 7.83
CA LYS D 240 -66.13 -4.67 6.59
C LYS D 240 -66.56 -5.89 5.78
N SER D 241 -66.42 -5.78 4.46
CA SER D 241 -66.71 -6.89 3.58
C SER D 241 -65.57 -7.91 3.59
N GLU D 242 -65.87 -9.12 3.13
CA GLU D 242 -64.90 -10.21 3.14
C GLU D 242 -63.77 -9.99 2.14
N VAL D 243 -63.97 -9.15 1.12
CA VAL D 243 -62.91 -8.94 0.13
C VAL D 243 -61.87 -7.96 0.64
N ASP D 244 -62.28 -6.96 1.42
CA ASP D 244 -61.33 -5.99 1.96
C ASP D 244 -60.43 -6.67 2.98
N ILE D 245 -59.12 -6.53 2.80
CA ILE D 245 -58.15 -7.18 3.67
C ILE D 245 -57.52 -6.22 4.66
N VAL D 246 -57.26 -4.97 4.26
CA VAL D 246 -56.60 -4.02 5.14
C VAL D 246 -57.61 -2.98 5.60
N VAL D 247 -57.72 -2.81 6.92
CA VAL D 247 -58.63 -1.86 7.55
C VAL D 247 -57.77 -0.93 8.39
N SER D 248 -57.63 0.32 7.96
CA SER D 248 -56.70 1.22 8.63
C SER D 248 -57.16 2.66 8.51
N GLU D 249 -56.65 3.49 9.41
CA GLU D 249 -56.92 4.92 9.40
C GLU D 249 -55.68 5.70 8.98
N ASP D 250 -55.90 6.71 8.14
CA ASP D 250 -54.81 7.53 7.62
C ASP D 250 -54.39 8.58 8.65
N LEU D 251 -53.63 9.57 8.21
CA LEU D 251 -53.11 10.58 9.12
C LEU D 251 -54.22 11.38 9.78
N ASN D 252 -55.33 11.62 9.06
CA ASN D 252 -56.44 12.37 9.64
C ASN D 252 -57.20 11.55 10.67
N GLY D 253 -57.41 10.26 10.39
CA GLY D 253 -58.18 9.41 11.28
C GLY D 253 -59.44 8.90 10.63
N THR D 254 -59.41 8.72 9.31
CA THR D 254 -60.54 8.24 8.55
C THR D 254 -60.37 6.77 8.24
N VAL D 255 -61.36 5.95 8.59
CA VAL D 255 -61.29 4.52 8.37
C VAL D 255 -61.31 4.23 6.86
N LYS D 256 -60.52 3.24 6.45
CA LYS D 256 -60.41 2.84 5.05
C LYS D 256 -60.31 1.33 4.98
N PHE D 257 -61.04 0.76 4.02
CA PHE D 257 -61.07 -0.68 3.77
C PHE D 257 -60.55 -0.90 2.36
N SER D 258 -59.31 -1.38 2.24
CA SER D 258 -58.71 -1.63 0.94
C SER D 258 -58.59 -3.13 0.70
N SER D 259 -58.91 -3.54 -0.53
CA SER D 259 -58.89 -4.94 -0.94
C SER D 259 -57.53 -5.38 -1.45
N SER D 260 -56.72 -4.46 -1.97
CA SER D 260 -55.41 -4.79 -2.50
C SER D 260 -54.37 -4.79 -1.39
N LEU D 261 -53.27 -5.49 -1.65
CA LEU D 261 -52.19 -5.60 -0.66
C LEU D 261 -51.45 -4.27 -0.58
N PRO D 262 -51.35 -3.66 0.59
CA PRO D 262 -50.72 -2.33 0.69
C PRO D 262 -49.23 -2.36 0.44
N TYR D 263 -48.68 -1.18 0.18
CA TYR D 263 -47.27 -0.91 -0.02
C TYR D 263 -46.67 -0.38 1.28
N PRO D 264 -45.35 -0.50 1.47
CA PRO D 264 -44.34 -1.18 0.64
C PRO D 264 -44.09 -2.63 1.03
N ASN D 265 -44.49 -3.57 0.18
CA ASN D 265 -44.18 -4.98 0.38
C ASN D 265 -42.94 -5.37 -0.40
N ASN D 266 -42.29 -6.46 0.04
CA ASN D 266 -41.08 -6.97 -0.58
C ASN D 266 -41.37 -8.07 -1.60
N LEU D 267 -42.59 -8.13 -2.11
CA LEU D 267 -42.99 -9.18 -3.04
C LEU D 267 -42.94 -8.69 -4.48
N ASN D 268 -42.91 -9.64 -5.40
CA ASN D 268 -42.98 -9.36 -6.83
C ASN D 268 -44.44 -9.33 -7.26
N SER D 269 -44.69 -9.35 -8.56
CA SER D 269 -46.06 -9.19 -9.07
C SER D 269 -46.92 -10.41 -8.74
N VAL D 270 -46.55 -11.58 -9.25
CA VAL D 270 -47.38 -12.77 -9.08
C VAL D 270 -47.46 -13.16 -7.61
N LEU D 271 -46.37 -13.00 -6.87
CA LEU D 271 -46.40 -13.28 -5.44
C LEU D 271 -47.43 -12.42 -4.74
N ALA D 272 -47.40 -11.10 -5.00
CA ALA D 272 -48.35 -10.19 -4.37
C ALA D 272 -49.78 -10.54 -4.75
N GLU D 273 -50.03 -10.84 -6.02
CA GLU D 273 -51.39 -11.13 -6.47
C GLU D 273 -51.93 -12.41 -5.84
N ARG D 274 -51.16 -13.49 -5.91
CA ARG D 274 -51.62 -14.77 -5.37
C ARG D 274 -51.76 -14.71 -3.85
N LEU D 275 -50.85 -14.01 -3.18
CA LEU D 275 -50.98 -13.91 -1.73
C LEU D 275 -52.12 -12.98 -1.34
N GLU D 276 -52.46 -12.00 -2.18
CA GLU D 276 -53.62 -11.16 -1.91
C GLU D 276 -54.91 -11.97 -2.03
N LYS D 277 -55.04 -12.78 -3.09
CA LYS D 277 -56.25 -13.61 -3.19
C LYS D 277 -56.31 -14.63 -2.06
N TRP D 278 -55.15 -15.21 -1.68
CA TRP D 278 -55.14 -16.15 -0.56
C TRP D 278 -55.52 -15.45 0.75
N LEU D 279 -55.06 -14.21 0.95
CA LEU D 279 -55.44 -13.46 2.14
C LEU D 279 -56.93 -13.15 2.16
N GLN D 280 -57.50 -12.82 1.00
CA GLN D 280 -58.96 -12.67 0.93
C GLN D 280 -59.65 -13.98 1.29
N LEU D 281 -59.07 -15.11 0.90
CA LEU D 281 -59.63 -16.39 1.28
C LEU D 281 -59.44 -16.71 2.75
N MET D 282 -58.47 -16.07 3.42
CA MET D 282 -58.20 -16.36 4.82
C MET D 282 -58.82 -15.39 5.81
N LEU D 283 -59.16 -14.17 5.39
CA LEU D 283 -59.70 -13.17 6.32
C LEU D 283 -61.16 -12.90 5.97
N MET D 284 -62.04 -13.74 6.51
CA MET D 284 -63.49 -13.55 6.42
C MET D 284 -64.09 -13.75 7.80
N TRP D 285 -65.30 -13.22 7.98
CA TRP D 285 -65.93 -13.25 9.30
C TRP D 285 -66.58 -14.59 9.61
N HIS D 286 -67.32 -15.15 8.65
CA HIS D 286 -68.07 -16.38 8.93
C HIS D 286 -67.11 -17.54 9.16
N PRO D 287 -67.33 -18.37 10.20
CA PRO D 287 -66.38 -19.46 10.48
C PRO D 287 -66.41 -20.56 9.44
N ARG D 288 -67.60 -20.97 8.97
CA ARG D 288 -67.69 -22.09 8.05
C ARG D 288 -67.19 -21.74 6.67
N GLN D 289 -67.27 -20.47 6.29
CA GLN D 289 -66.78 -20.06 4.98
C GLN D 289 -65.27 -19.82 4.97
N ARG D 290 -64.65 -19.64 6.13
CA ARG D 290 -63.22 -19.37 6.19
C ARG D 290 -62.41 -20.60 5.78
N GLY D 291 -61.46 -20.39 4.88
CA GLY D 291 -60.64 -21.47 4.36
C GLY D 291 -61.28 -22.27 3.25
N THR D 292 -62.53 -22.00 2.89
CA THR D 292 -63.22 -22.74 1.85
C THR D 292 -62.70 -22.27 0.50
N ASP D 293 -61.83 -23.06 -0.11
CA ASP D 293 -61.29 -22.72 -1.42
C ASP D 293 -62.24 -23.17 -2.52
N PRO D 294 -62.49 -22.32 -3.53
CA PRO D 294 -63.42 -22.71 -4.60
C PRO D 294 -62.82 -23.72 -5.58
N THR D 295 -61.65 -24.25 -5.25
CA THR D 295 -61.02 -25.27 -6.08
C THR D 295 -60.71 -26.54 -5.32
N TYR D 296 -60.30 -26.44 -4.05
CA TYR D 296 -59.94 -27.59 -3.24
C TYR D 296 -60.93 -27.83 -2.10
N GLY D 297 -62.20 -27.47 -2.31
CA GLY D 297 -63.24 -27.72 -1.34
C GLY D 297 -63.08 -26.89 -0.09
N PRO D 298 -63.79 -27.27 0.98
CA PRO D 298 -63.72 -26.50 2.22
C PRO D 298 -62.44 -26.82 3.00
N ASN D 299 -61.90 -25.79 3.65
CA ASN D 299 -60.67 -25.91 4.43
C ASN D 299 -59.53 -26.50 3.59
N GLY D 300 -59.45 -26.05 2.33
CA GLY D 300 -58.43 -26.52 1.42
C GLY D 300 -57.35 -25.48 1.18
N CYS D 301 -56.98 -24.75 2.24
CA CYS D 301 -55.96 -23.73 2.12
C CYS D 301 -54.57 -24.33 1.99
N PHE D 302 -54.36 -25.53 2.54
CA PHE D 302 -53.06 -26.18 2.44
C PHE D 302 -52.67 -26.40 0.98
N LYS D 303 -53.58 -26.97 0.19
CA LYS D 303 -53.28 -27.27 -1.20
C LYS D 303 -53.17 -26.00 -2.04
N ALA D 304 -53.96 -24.98 -1.71
CA ALA D 304 -53.85 -23.70 -2.42
C ALA D 304 -52.49 -23.06 -2.17
N LEU D 305 -52.03 -23.06 -0.91
CA LEU D 305 -50.71 -22.51 -0.63
C LEU D 305 -49.61 -23.35 -1.24
N ASP D 306 -49.78 -24.67 -1.30
CA ASP D 306 -48.81 -25.52 -1.98
C ASP D 306 -48.74 -25.20 -3.47
N ASP D 307 -49.89 -24.97 -4.10
CA ASP D 307 -49.91 -24.57 -5.50
C ASP D 307 -49.24 -23.22 -5.71
N ILE D 308 -49.45 -22.29 -4.77
CA ILE D 308 -48.80 -20.98 -4.89
C ILE D 308 -47.29 -21.11 -4.75
N LEU D 309 -46.82 -21.91 -3.79
CA LEU D 309 -45.39 -22.01 -3.54
C LEU D 309 -44.66 -22.75 -4.65
N ASN D 310 -45.28 -23.81 -5.20
CA ASN D 310 -44.62 -24.62 -6.21
C ASN D 310 -44.43 -23.91 -7.54
N LEU D 311 -45.07 -22.76 -7.75
CA LEU D 311 -44.95 -22.03 -9.01
C LEU D 311 -43.52 -21.53 -9.19
N LYS D 312 -42.85 -22.00 -10.24
CA LYS D 312 -41.51 -21.55 -10.58
C LYS D 312 -41.59 -20.16 -11.20
N LEU D 313 -41.24 -19.14 -10.44
CA LEU D 313 -41.28 -17.76 -10.91
C LEU D 313 -39.93 -17.35 -11.49
N VAL D 314 -39.98 -16.70 -12.65
CA VAL D 314 -38.77 -16.21 -13.32
C VAL D 314 -38.89 -14.70 -13.46
N HIS D 315 -37.82 -13.99 -13.10
CA HIS D 315 -37.78 -12.54 -13.12
C HIS D 315 -36.99 -12.05 -14.33
N ILE D 316 -37.61 -11.18 -15.12
CA ILE D 316 -37.00 -10.62 -16.31
C ILE D 316 -36.98 -9.10 -16.15
N LEU D 317 -35.80 -8.51 -16.34
CA LEU D 317 -35.62 -7.06 -16.22
C LEU D 317 -35.53 -6.47 -17.62
N ASN D 318 -36.59 -5.80 -18.05
CA ASN D 318 -36.58 -5.06 -19.31
C ASN D 318 -35.81 -3.77 -19.12
N MET D 319 -34.69 -3.63 -19.84
CA MET D 319 -33.81 -2.49 -19.67
C MET D 319 -34.26 -1.26 -20.44
N VAL D 320 -35.08 -1.44 -21.48
CA VAL D 320 -35.59 -0.29 -22.23
C VAL D 320 -36.50 0.56 -21.35
N THR D 321 -37.39 -0.09 -20.61
CA THR D 321 -38.23 0.59 -19.63
C THR D 321 -37.74 0.40 -18.20
N GLY D 322 -36.78 -0.49 -17.99
CA GLY D 322 -36.24 -0.72 -16.65
C GLY D 322 -37.25 -1.31 -15.68
N THR D 323 -38.07 -2.25 -16.14
CA THR D 323 -39.14 -2.81 -15.32
C THR D 323 -38.93 -4.30 -15.11
N ILE D 324 -39.32 -4.76 -13.92
CA ILE D 324 -39.19 -6.17 -13.53
C ILE D 324 -40.52 -6.86 -13.76
N HIS D 325 -40.50 -7.96 -14.51
CA HIS D 325 -41.68 -8.75 -14.81
C HIS D 325 -41.47 -10.17 -14.29
N THR D 326 -42.47 -10.69 -13.58
CA THR D 326 -42.41 -12.04 -13.02
C THR D 326 -43.33 -12.94 -13.82
N TYR D 327 -42.81 -14.10 -14.23
CA TYR D 327 -43.56 -15.04 -15.05
C TYR D 327 -43.61 -16.41 -14.40
N PRO D 328 -44.78 -17.05 -14.39
CA PRO D 328 -44.86 -18.43 -13.90
C PRO D 328 -44.55 -19.43 -15.01
N VAL D 329 -43.53 -20.25 -14.81
CA VAL D 329 -43.06 -21.19 -15.83
C VAL D 329 -43.35 -22.61 -15.33
N THR D 330 -43.96 -23.41 -16.20
CA THR D 330 -44.27 -24.80 -15.87
C THR D 330 -42.97 -25.63 -15.84
N GLU D 331 -43.11 -26.91 -15.53
CA GLU D 331 -41.95 -27.77 -15.37
C GLU D 331 -41.19 -27.93 -16.68
N ASP D 332 -41.88 -27.89 -17.81
CA ASP D 332 -41.26 -28.10 -19.12
C ASP D 332 -41.79 -27.06 -20.12
N GLU D 333 -41.77 -25.79 -19.72
CA GLU D 333 -42.23 -24.71 -20.58
C GLU D 333 -41.12 -24.30 -21.54
N SER D 334 -41.41 -24.35 -22.84
CA SER D 334 -40.42 -24.08 -23.86
C SER D 334 -39.96 -22.62 -23.78
N LEU D 335 -38.69 -22.40 -24.16
CA LEU D 335 -38.12 -21.06 -24.12
C LEU D 335 -38.84 -20.13 -25.08
N GLN D 336 -39.18 -20.62 -26.28
CA GLN D 336 -39.81 -19.76 -27.28
C GLN D 336 -41.20 -19.33 -26.86
N SER D 337 -41.96 -20.19 -26.17
CA SER D 337 -43.29 -19.80 -25.72
C SER D 337 -43.23 -18.67 -24.69
N LEU D 338 -42.31 -18.76 -23.73
CA LEU D 338 -42.16 -17.69 -22.76
C LEU D 338 -41.61 -16.43 -23.42
N LYS D 339 -40.75 -16.57 -24.43
CA LYS D 339 -40.29 -15.40 -25.17
C LYS D 339 -41.46 -14.74 -25.91
N ALA D 340 -42.39 -15.55 -26.42
CA ALA D 340 -43.60 -14.99 -27.04
C ALA D 340 -44.45 -14.24 -26.02
N ARG D 341 -44.57 -14.80 -24.82
CA ARG D 341 -45.30 -14.09 -23.76
C ARG D 341 -44.64 -12.77 -23.42
N ILE D 342 -43.31 -12.75 -23.33
CA ILE D 342 -42.58 -11.52 -23.04
C ILE D 342 -42.76 -10.52 -24.19
N GLN D 343 -42.76 -11.00 -25.43
CA GLN D 343 -43.00 -10.14 -26.56
C GLN D 343 -44.39 -9.52 -26.51
N GLN D 344 -45.39 -10.31 -26.10
CA GLN D 344 -46.74 -9.79 -25.96
C GLN D 344 -46.81 -8.74 -24.85
N ASP D 345 -46.10 -8.97 -23.75
CA ASP D 345 -46.14 -8.02 -22.64
C ASP D 345 -45.29 -6.78 -22.93
N THR D 346 -44.00 -6.97 -23.17
CA THR D 346 -43.10 -5.82 -23.38
C THR D 346 -43.35 -5.18 -24.73
N GLY D 347 -43.14 -5.93 -25.81
CA GLY D 347 -43.38 -5.41 -27.14
C GLY D 347 -42.20 -5.56 -28.08
N ILE D 348 -41.18 -6.29 -27.65
CA ILE D 348 -40.00 -6.56 -28.46
C ILE D 348 -40.11 -7.97 -29.03
N PRO D 349 -39.95 -8.15 -30.33
CA PRO D 349 -40.10 -9.49 -30.91
C PRO D 349 -39.01 -10.44 -30.44
N GLU D 350 -39.27 -11.74 -30.63
CA GLU D 350 -38.35 -12.77 -30.16
C GLU D 350 -36.99 -12.68 -30.84
N GLU D 351 -36.96 -12.25 -32.11
CA GLU D 351 -35.70 -12.13 -32.82
C GLU D 351 -34.83 -11.03 -32.23
N ASP D 352 -35.43 -9.90 -31.86
CA ASP D 352 -34.71 -8.78 -31.30
C ASP D 352 -34.51 -8.90 -29.80
N GLN D 353 -34.95 -9.99 -29.18
CA GLN D 353 -34.78 -10.19 -27.75
C GLN D 353 -33.38 -10.69 -27.46
N GLU D 354 -32.73 -10.09 -26.47
CA GLU D 354 -31.39 -10.50 -26.02
C GLU D 354 -31.51 -10.82 -24.53
N LEU D 355 -31.51 -12.11 -24.21
CA LEU D 355 -31.60 -12.57 -22.83
C LEU D 355 -30.20 -12.80 -22.29
N LEU D 356 -29.86 -12.11 -21.22
CA LEU D 356 -28.51 -12.15 -20.67
C LEU D 356 -28.54 -12.47 -19.19
N GLN D 357 -27.47 -13.12 -18.74
CA GLN D 357 -27.30 -13.53 -17.35
C GLN D 357 -26.40 -12.53 -16.62
N GLU D 358 -26.00 -12.86 -15.39
CA GLU D 358 -25.25 -11.94 -14.55
C GLU D 358 -23.85 -11.67 -15.09
N ALA D 359 -23.30 -12.57 -15.92
CA ALA D 359 -21.95 -12.44 -16.43
C ALA D 359 -21.92 -12.50 -17.96
N GLY D 360 -22.99 -12.04 -18.60
CA GLY D 360 -23.04 -12.03 -20.06
C GLY D 360 -23.19 -13.38 -20.70
N LEU D 361 -23.98 -14.28 -20.10
CA LEU D 361 -24.20 -15.61 -20.63
C LEU D 361 -25.52 -15.64 -21.40
N ALA D 362 -25.46 -16.13 -22.64
CA ALA D 362 -26.65 -16.25 -23.47
C ALA D 362 -27.44 -17.49 -23.08
N LEU D 363 -28.77 -17.37 -23.15
CA LEU D 363 -29.63 -18.49 -22.80
C LEU D 363 -29.59 -19.56 -23.89
N ILE D 364 -29.34 -20.81 -23.48
CA ILE D 364 -29.15 -21.90 -24.42
C ILE D 364 -30.49 -22.41 -24.96
N PRO D 365 -30.70 -22.38 -26.28
CA PRO D 365 -31.93 -22.91 -26.87
C PRO D 365 -31.79 -24.41 -27.17
N ASP D 366 -32.75 -25.22 -26.77
CA ASP D 366 -34.09 -24.86 -26.30
C ASP D 366 -34.46 -25.55 -25.00
N LYS D 367 -33.57 -25.47 -24.02
CA LYS D 367 -33.87 -26.04 -22.71
C LYS D 367 -35.04 -25.30 -22.06
N PRO D 368 -35.95 -26.01 -21.39
CA PRO D 368 -37.14 -25.37 -20.83
C PRO D 368 -36.77 -24.17 -19.96
N ALA D 369 -37.71 -23.23 -19.84
CA ALA D 369 -37.34 -21.97 -19.19
C ALA D 369 -37.17 -22.08 -17.68
N THR D 370 -37.07 -23.29 -17.12
CA THR D 370 -36.70 -23.45 -15.72
C THR D 370 -35.20 -23.38 -15.52
N GLN D 371 -34.44 -23.19 -16.60
CA GLN D 371 -32.98 -23.08 -16.53
C GLN D 371 -32.52 -21.77 -15.89
N CYS D 372 -33.37 -20.76 -15.83
CA CYS D 372 -32.97 -19.50 -15.22
C CYS D 372 -32.89 -19.61 -13.70
N ILE D 373 -33.90 -20.22 -13.08
CA ILE D 373 -33.92 -20.31 -11.62
C ILE D 373 -32.87 -21.30 -11.15
N SER D 374 -32.05 -20.87 -10.18
CA SER D 374 -30.83 -21.58 -9.82
C SER D 374 -31.09 -22.98 -9.24
N ASP D 375 -31.72 -23.05 -8.07
CA ASP D 375 -31.88 -24.32 -7.37
C ASP D 375 -32.83 -24.13 -6.21
N GLY D 376 -33.37 -25.25 -5.72
CA GLY D 376 -34.27 -25.24 -4.59
C GLY D 376 -34.24 -26.52 -3.79
N GLY D 381 -29.79 -18.26 1.68
CA GLY D 381 -30.55 -17.07 1.35
C GLY D 381 -30.75 -16.90 -0.15
N HIS D 382 -31.80 -16.18 -0.52
CA HIS D 382 -32.11 -15.95 -1.92
C HIS D 382 -32.65 -14.53 -2.11
N THR D 383 -32.19 -13.87 -3.16
CA THR D 383 -32.57 -12.52 -3.53
C THR D 383 -32.95 -12.52 -4.99
N LEU D 384 -34.01 -11.78 -5.34
CA LEU D 384 -34.50 -11.77 -6.72
C LEU D 384 -33.49 -11.14 -7.70
N ASP D 385 -32.30 -10.78 -7.23
CA ASP D 385 -31.24 -10.26 -8.08
C ASP D 385 -30.29 -11.36 -8.57
N MET D 386 -30.52 -12.62 -8.20
CA MET D 386 -29.68 -13.73 -8.62
C MET D 386 -30.34 -14.59 -9.70
N ASP D 387 -31.64 -14.85 -9.60
CA ASP D 387 -32.36 -15.61 -10.59
C ASP D 387 -32.97 -14.72 -11.68
N LEU D 388 -32.45 -13.49 -11.82
CA LEU D 388 -32.98 -12.52 -12.76
C LEU D 388 -32.25 -12.60 -14.10
N VAL D 389 -32.98 -12.32 -15.17
CA VAL D 389 -32.44 -12.32 -16.52
C VAL D 389 -32.70 -10.95 -17.14
N PHE D 390 -31.66 -10.33 -17.69
CA PHE D 390 -31.82 -9.02 -18.30
C PHE D 390 -32.24 -9.18 -19.75
N LEU D 391 -33.05 -8.24 -20.24
CA LEU D 391 -33.58 -8.27 -21.59
C LEU D 391 -33.16 -7.00 -22.32
N PHE D 392 -32.49 -7.17 -23.45
CA PHE D 392 -32.05 -6.07 -24.28
C PHE D 392 -32.67 -6.17 -25.67
N ASP D 393 -32.64 -5.06 -26.39
CA ASP D 393 -33.22 -4.96 -27.73
C ASP D 393 -32.12 -4.71 -28.75
N ASN D 394 -32.22 -5.39 -29.89
CA ASN D 394 -31.22 -5.22 -30.95
C ASN D 394 -31.55 -4.02 -31.84
N SER D 395 -32.82 -3.68 -31.98
CA SER D 395 -33.23 -2.59 -32.86
C SER D 395 -32.72 -1.25 -32.36
N LYS D 396 -32.94 -0.96 -31.08
CA LYS D 396 -32.60 0.35 -30.53
C LYS D 396 -31.09 0.52 -30.42
N ILE D 397 -30.61 1.68 -30.87
CA ILE D 397 -29.19 2.01 -30.83
C ILE D 397 -28.81 2.82 -29.60
N THR D 398 -29.70 3.72 -29.17
CA THR D 398 -29.46 4.57 -28.00
C THR D 398 -30.63 4.42 -27.03
N TYR D 399 -30.34 4.61 -25.76
CA TYR D 399 -31.29 4.37 -24.68
C TYR D 399 -31.80 5.68 -24.09
N GLU D 400 -32.93 5.56 -23.39
CA GLU D 400 -33.69 6.68 -22.84
C GLU D 400 -33.07 7.22 -21.56
N THR D 401 -33.38 8.47 -21.27
CA THR D 401 -32.89 9.18 -20.09
C THR D 401 -33.62 8.75 -18.84
N SER D 404 -38.48 7.03 -15.03
CA SER D 404 -39.65 7.26 -14.17
C SER D 404 -39.43 6.68 -12.79
N PRO D 405 -40.03 7.29 -11.77
CA PRO D 405 -39.89 6.80 -10.40
C PRO D 405 -40.90 5.68 -10.11
N ARG D 406 -40.90 5.25 -8.85
CA ARG D 406 -41.68 4.17 -8.27
C ARG D 406 -42.88 4.73 -7.50
N PRO D 407 -44.02 4.03 -7.50
CA PRO D 407 -45.19 4.54 -6.78
C PRO D 407 -44.99 4.54 -5.27
N GLN D 408 -45.71 5.44 -4.61
CA GLN D 408 -45.63 5.63 -3.17
C GLN D 408 -47.02 5.62 -2.55
N PRO D 409 -47.15 5.10 -1.33
CA PRO D 409 -48.46 5.02 -0.68
C PRO D 409 -49.05 6.39 -0.40
N GLU D 410 -50.31 6.36 0.06
CA GLU D 410 -51.05 7.60 0.32
C GLU D 410 -50.44 8.38 1.48
N SER D 411 -50.01 7.69 2.53
CA SER D 411 -49.43 8.40 3.68
C SER D 411 -48.15 9.13 3.29
N VAL D 412 -47.32 8.50 2.46
CA VAL D 412 -46.09 9.14 2.01
C VAL D 412 -46.39 10.39 1.20
N SER D 413 -47.38 10.31 0.30
CA SER D 413 -47.75 11.47 -0.48
C SER D 413 -48.30 12.59 0.40
N CYS D 414 -49.12 12.22 1.39
CA CYS D 414 -49.71 13.23 2.27
C CYS D 414 -48.65 13.91 3.13
N ILE D 415 -47.63 13.17 3.56
CA ILE D 415 -46.57 13.81 4.34
C ILE D 415 -45.57 14.55 3.45
N LEU D 416 -45.49 14.20 2.16
CA LEU D 416 -44.64 14.95 1.23
C LEU D 416 -45.29 16.27 0.84
N GLN D 417 -46.61 16.29 0.71
CA GLN D 417 -47.31 17.52 0.37
C GLN D 417 -47.13 18.58 1.46
N GLU D 418 -46.88 18.16 2.69
CA GLU D 418 -46.69 19.08 3.81
C GLU D 418 -45.62 18.52 4.74
N PRO D 419 -44.35 18.87 4.52
CA PRO D 419 -43.28 18.37 5.40
C PRO D 419 -43.32 18.97 6.79
N LYS D 420 -44.07 20.06 7.00
CA LYS D 420 -44.18 20.73 8.29
C LYS D 420 -45.41 20.30 9.05
N ARG D 421 -45.75 19.01 8.99
CA ARG D 421 -46.92 18.46 9.67
C ARG D 421 -46.45 17.76 10.94
N ASN D 422 -46.75 18.36 12.10
CA ASN D 422 -46.38 17.81 13.39
C ASN D 422 -47.41 16.75 13.77
N LEU D 423 -47.14 15.52 13.37
CA LEU D 423 -48.04 14.39 13.65
C LEU D 423 -47.53 13.60 14.85
N ALA D 424 -48.38 12.69 15.32
CA ALA D 424 -48.07 11.90 16.50
C ALA D 424 -46.83 11.04 16.27
N PHE D 425 -46.24 10.59 17.37
CA PHE D 425 -45.01 9.80 17.30
C PHE D 425 -45.22 8.49 16.55
N PHE D 426 -46.32 7.80 16.83
CA PHE D 426 -46.53 6.49 16.22
C PHE D 426 -46.89 6.59 14.74
N GLN D 427 -47.45 7.72 14.31
CA GLN D 427 -47.67 7.94 12.88
C GLN D 427 -46.37 8.34 12.18
N LEU D 428 -45.55 9.15 12.86
CA LEU D 428 -44.27 9.55 12.30
C LEU D 428 -43.36 8.35 12.13
N ARG D 429 -43.38 7.42 13.09
CA ARG D 429 -42.60 6.18 12.94
C ARG D 429 -42.96 5.46 11.65
N LYS D 430 -44.26 5.27 11.40
CA LYS D 430 -44.72 4.56 10.22
C LYS D 430 -44.28 5.28 8.94
N VAL D 431 -44.52 6.59 8.86
CA VAL D 431 -44.23 7.29 7.62
C VAL D 431 -42.73 7.37 7.36
N TRP D 432 -41.94 7.57 8.43
CA TRP D 432 -40.49 7.63 8.26
C TRP D 432 -39.92 6.27 7.86
N GLY D 433 -40.44 5.18 8.45
CA GLY D 433 -40.03 3.85 8.01
C GLY D 433 -40.36 3.59 6.55
N GLN D 434 -41.55 4.01 6.12
CA GLN D 434 -41.93 3.83 4.72
C GLN D 434 -41.02 4.62 3.79
N VAL D 435 -40.67 5.85 4.18
CA VAL D 435 -39.76 6.66 3.37
C VAL D 435 -38.39 6.00 3.27
N TRP D 436 -37.87 5.51 4.40
CA TRP D 436 -36.58 4.82 4.38
C TRP D 436 -36.62 3.58 3.50
N HIS D 437 -37.72 2.83 3.57
CA HIS D 437 -37.86 1.64 2.72
C HIS D 437 -37.89 2.02 1.24
N SER D 438 -38.56 3.12 0.91
CA SER D 438 -38.57 3.58 -0.48
C SER D 438 -37.19 3.98 -0.95
N ILE D 439 -36.42 4.65 -0.09
CA ILE D 439 -35.06 5.02 -0.44
C ILE D 439 -34.20 3.77 -0.69
N GLN D 440 -34.34 2.78 0.18
CA GLN D 440 -33.59 1.54 0.01
C GLN D 440 -33.99 0.82 -1.27
N THR D 441 -35.29 0.84 -1.60
CA THR D 441 -35.75 0.22 -2.84
C THR D 441 -35.16 0.93 -4.07
N LEU D 442 -35.10 2.27 -4.03
CA LEU D 442 -34.48 2.99 -5.14
C LEU D 442 -33.01 2.62 -5.29
N LYS D 443 -32.31 2.50 -4.16
CA LYS D 443 -30.90 2.08 -4.21
C LYS D 443 -30.76 0.69 -4.83
N GLU D 444 -31.65 -0.23 -4.44
CA GLU D 444 -31.61 -1.58 -4.99
C GLU D 444 -31.86 -1.56 -6.50
N ASP D 445 -32.81 -0.75 -6.95
CA ASP D 445 -33.10 -0.66 -8.38
C ASP D 445 -31.90 -0.11 -9.15
N CYS D 446 -31.23 0.91 -8.59
CA CYS D 446 -30.03 1.43 -9.23
C CYS D 446 -28.96 0.35 -9.33
N ASN D 447 -28.78 -0.44 -8.28
CA ASN D 447 -27.81 -1.52 -8.32
C ASN D 447 -28.16 -2.54 -9.40
N ARG D 448 -29.45 -2.88 -9.52
CA ARG D 448 -29.87 -3.83 -10.54
C ARG D 448 -29.56 -3.31 -11.94
N LEU D 449 -29.86 -2.03 -12.20
CA LEU D 449 -29.58 -1.47 -13.52
C LEU D 449 -28.09 -1.46 -13.82
N GLN D 450 -27.27 -1.11 -12.82
CA GLN D 450 -25.83 -1.11 -13.01
C GLN D 450 -25.31 -2.52 -13.31
N GLN D 451 -25.85 -3.53 -12.61
CA GLN D 451 -25.44 -4.91 -12.86
C GLN D 451 -25.80 -5.34 -14.27
N GLY D 452 -26.99 -4.94 -14.74
CA GLY D 452 -27.37 -5.26 -16.11
C GLY D 452 -26.43 -4.66 -17.14
N GLN D 453 -26.07 -3.39 -16.94
CA GLN D 453 -25.12 -2.74 -17.85
C GLN D 453 -23.77 -3.44 -17.83
N ARG D 454 -23.30 -3.82 -16.64
CA ARG D 454 -22.03 -4.52 -16.54
C ARG D 454 -22.08 -5.88 -17.24
N ALA D 455 -23.21 -6.58 -17.13
CA ALA D 455 -23.36 -7.86 -17.85
C ALA D 455 -23.29 -7.66 -19.36
N ALA D 456 -23.95 -6.62 -19.86
CA ALA D 456 -23.84 -6.32 -21.30
C ALA D 456 -22.39 -6.05 -21.68
N MET D 457 -21.66 -5.32 -20.84
CA MET D 457 -20.25 -5.05 -21.11
C MET D 457 -19.44 -6.35 -21.11
N MET D 458 -19.77 -7.28 -20.22
CA MET D 458 -19.07 -8.57 -20.20
C MET D 458 -19.29 -9.33 -21.51
N ASN D 459 -20.54 -9.35 -22.00
CA ASN D 459 -20.80 -10.01 -23.28
C ASN D 459 -20.00 -9.37 -24.41
N LEU D 460 -19.95 -8.04 -24.42
CA LEU D 460 -19.17 -7.34 -25.44
C LEU D 460 -17.69 -7.69 -25.33
N LEU D 461 -17.18 -7.81 -24.10
CA LEU D 461 -15.77 -8.16 -23.91
C LEU D 461 -15.47 -9.56 -24.41
N ARG D 462 -16.40 -10.50 -24.18
CA ARG D 462 -16.23 -11.85 -24.73
C ARG D 462 -16.12 -11.81 -26.25
N ASN D 463 -17.05 -11.08 -26.89
CA ASN D 463 -16.99 -10.97 -28.35
C ASN D 463 -15.70 -10.29 -28.80
N ASN D 464 -15.22 -9.31 -28.03
CA ASN D 464 -13.99 -8.62 -28.38
C ASN D 464 -12.79 -9.56 -28.32
N SER D 465 -12.74 -10.42 -27.30
CA SER D 465 -11.65 -11.40 -27.21
C SER D 465 -11.70 -12.36 -28.40
N CYS D 466 -12.90 -12.82 -28.76
CA CYS D 466 -13.03 -13.70 -29.92
C CYS D 466 -12.54 -13.00 -31.19
N LEU D 467 -12.90 -11.73 -31.35
CA LEU D 467 -12.49 -10.99 -32.54
C LEU D 467 -10.98 -10.75 -32.57
N SER D 468 -10.36 -10.54 -31.41
CA SER D 468 -8.91 -10.40 -31.38
C SER D 468 -8.22 -11.71 -31.79
N LYS D 469 -8.73 -12.84 -31.30
CA LYS D 469 -8.17 -14.12 -31.73
C LYS D 469 -8.34 -14.33 -33.24
N MET D 470 -9.51 -13.96 -33.77
CA MET D 470 -9.71 -14.08 -35.22
C MET D 470 -8.78 -13.15 -36.00
N LYS D 471 -8.50 -11.96 -35.46
CA LYS D 471 -7.56 -11.06 -36.09
C LYS D 471 -6.17 -11.68 -36.17
N ASN D 472 -5.73 -12.31 -35.07
CA ASN D 472 -4.43 -12.98 -35.08
C ASN D 472 -4.41 -14.12 -36.09
N SER D 473 -5.50 -14.90 -36.16
CA SER D 473 -5.56 -15.99 -37.13
C SER D 473 -5.47 -15.47 -38.56
N MET D 474 -6.19 -14.38 -38.86
CA MET D 474 -6.16 -13.82 -40.21
C MET D 474 -4.77 -13.27 -40.54
N ALA D 475 -4.10 -12.65 -39.57
CA ALA D 475 -2.74 -12.17 -39.80
C ALA D 475 -1.80 -13.34 -40.10
N SER D 476 -1.95 -14.44 -39.36
CA SER D 476 -1.14 -15.62 -39.63
C SER D 476 -1.37 -16.14 -41.04
N MET D 477 -2.63 -16.21 -41.46
CA MET D 477 -2.93 -16.70 -42.80
C MET D 477 -2.33 -15.79 -43.87
N SER D 478 -2.43 -14.47 -43.66
CA SER D 478 -1.89 -13.53 -44.64
C SER D 478 -0.38 -13.65 -44.74
N GLN D 479 0.30 -13.81 -43.60
CA GLN D 479 1.76 -13.95 -43.64
C GLN D 479 2.17 -15.26 -44.30
N GLN D 480 1.42 -16.34 -44.06
CA GLN D 480 1.69 -17.60 -44.73
C GLN D 480 1.51 -17.45 -46.24
N LEU D 481 0.47 -16.75 -46.67
CA LEU D 481 0.26 -16.52 -48.09
C LEU D 481 1.41 -15.71 -48.69
N LYS D 482 1.87 -14.70 -47.97
CA LYS D 482 3.00 -13.90 -48.46
C LYS D 482 4.25 -14.75 -48.62
N ALA D 483 4.55 -15.58 -47.62
CA ALA D 483 5.73 -16.44 -47.70
C ALA D 483 5.63 -17.42 -48.86
N LYS D 484 4.45 -18.03 -49.03
CA LYS D 484 4.27 -18.99 -50.13
C LYS D 484 4.40 -18.31 -51.48
N LEU D 485 3.85 -17.10 -51.62
CA LEU D 485 3.98 -16.37 -52.89
C LEU D 485 5.43 -16.02 -53.17
N ASP D 486 6.18 -15.60 -52.14
CA ASP D 486 7.60 -15.30 -52.32
C ASP D 486 8.37 -16.53 -52.79
N PHE D 487 8.14 -17.67 -52.13
CA PHE D 487 8.85 -18.88 -52.51
C PHE D 487 8.46 -19.34 -53.92
N PHE D 488 7.17 -19.24 -54.25
CA PHE D 488 6.72 -19.61 -55.59
C PHE D 488 7.35 -18.74 -56.66
N LYS D 489 7.41 -17.42 -56.43
CA LYS D 489 8.03 -16.54 -57.41
C LYS D 489 9.52 -16.83 -57.56
N THR D 490 10.21 -17.10 -56.44
CA THR D 490 11.64 -17.43 -56.53
C THR D 490 11.84 -18.71 -57.33
N SER D 491 11.02 -19.74 -57.07
CA SER D 491 11.17 -21.01 -57.78
C SER D 491 10.89 -20.84 -59.27
N ILE D 492 9.83 -20.11 -59.61
CA ILE D 492 9.51 -19.92 -61.03
C ILE D 492 10.54 -19.04 -61.72
N GLN D 493 11.15 -18.10 -60.98
CA GLN D 493 12.20 -17.28 -61.56
C GLN D 493 13.42 -18.13 -61.90
N ILE D 494 13.82 -19.02 -60.99
CA ILE D 494 14.95 -19.90 -61.27
C ILE D 494 14.62 -20.84 -62.42
N ASP D 495 13.40 -21.36 -62.45
CA ASP D 495 12.98 -22.24 -63.55
C ASP D 495 13.04 -21.51 -64.89
N LEU D 496 12.56 -20.27 -64.94
CA LEU D 496 12.61 -19.50 -66.18
C LEU D 496 14.05 -19.19 -66.58
N GLU D 497 14.91 -18.90 -65.59
CA GLU D 497 16.32 -18.65 -65.91
C GLU D 497 16.97 -19.86 -66.54
N LYS D 498 16.65 -21.05 -66.04
CA LYS D 498 17.24 -22.27 -66.59
C LYS D 498 16.51 -22.75 -67.84
N TYR D 499 15.31 -22.23 -68.12
CA TYR D 499 14.55 -22.66 -69.30
C TYR D 499 15.22 -22.25 -70.61
N SER D 500 16.06 -21.21 -70.58
CA SER D 500 16.55 -20.60 -71.81
C SER D 500 17.55 -21.48 -72.59
N GLU D 501 17.83 -22.73 -72.24
CA GLU D 501 18.81 -23.51 -72.99
C GLU D 501 18.38 -24.94 -73.28
N GLN D 502 17.14 -25.34 -72.96
CA GLN D 502 16.72 -26.72 -73.15
C GLN D 502 15.78 -26.91 -74.33
N THR D 503 15.00 -25.90 -74.71
CA THR D 503 14.13 -26.00 -75.87
C THR D 503 14.87 -25.76 -77.19
N GLU D 504 16.20 -25.76 -77.16
CA GLU D 504 17.02 -25.53 -78.35
C GLU D 504 17.89 -26.72 -78.71
N PHE D 505 17.68 -27.88 -78.09
CA PHE D 505 18.43 -29.10 -78.37
C PHE D 505 17.48 -30.26 -78.61
N GLY D 506 16.47 -30.04 -79.42
CA GLY D 506 15.52 -31.09 -79.77
C GLY D 506 14.27 -30.53 -80.39
N ILE D 507 13.48 -31.43 -80.97
CA ILE D 507 12.21 -31.06 -81.59
C ILE D 507 11.15 -30.98 -80.50
N THR D 508 10.94 -29.79 -79.95
CA THR D 508 10.04 -29.59 -78.84
C THR D 508 8.98 -28.55 -79.18
N SER D 509 7.76 -28.77 -78.71
CA SER D 509 6.67 -27.84 -78.96
C SER D 509 6.86 -26.56 -78.16
N ASP D 510 6.24 -25.49 -78.64
CA ASP D 510 6.35 -24.16 -78.04
C ASP D 510 5.00 -23.76 -77.45
N LYS D 511 4.78 -24.15 -76.19
CA LYS D 511 3.62 -23.72 -75.43
C LYS D 511 3.95 -23.19 -74.05
N LEU D 512 5.08 -23.58 -73.46
CA LEU D 512 5.46 -23.06 -72.15
C LEU D 512 5.96 -21.62 -72.21
N LEU D 513 6.43 -21.18 -73.38
CA LEU D 513 6.97 -19.83 -73.52
C LEU D 513 5.94 -18.76 -73.22
N LEU D 514 4.66 -19.09 -73.25
CA LEU D 514 3.60 -18.19 -72.80
C LEU D 514 2.87 -18.71 -71.57
N ALA D 515 2.76 -20.02 -71.41
CA ALA D 515 2.07 -20.59 -70.26
C ALA D 515 2.77 -20.25 -68.96
N TRP D 516 4.11 -20.32 -68.94
CA TRP D 516 4.85 -19.99 -67.72
C TRP D 516 4.69 -18.53 -67.36
N ARG D 517 4.71 -17.64 -68.35
CA ARG D 517 4.49 -16.21 -68.07
C ARG D 517 3.09 -15.98 -67.55
N GLU D 518 2.09 -16.66 -68.13
CA GLU D 518 0.72 -16.51 -67.63
C GLU D 518 0.58 -17.00 -66.20
N MET D 519 1.20 -18.13 -65.87
CA MET D 519 1.12 -18.65 -64.51
C MET D 519 1.88 -17.77 -63.53
N GLU D 520 2.95 -17.12 -63.98
CA GLU D 520 3.68 -16.22 -63.09
C GLU D 520 2.92 -14.91 -62.88
N GLN D 521 2.20 -14.44 -63.90
CA GLN D 521 1.48 -13.18 -63.80
C GLN D 521 0.08 -13.32 -63.21
N ALA D 522 -0.45 -14.54 -63.12
CA ALA D 522 -1.79 -14.72 -62.57
C ALA D 522 -1.84 -14.43 -61.08
N VAL D 523 -0.72 -14.60 -60.37
CA VAL D 523 -0.71 -14.44 -58.91
C VAL D 523 -0.53 -12.99 -58.48
N GLU D 524 -0.39 -12.06 -59.42
CA GLU D 524 -0.30 -10.65 -59.04
C GLU D 524 -1.62 -10.11 -58.53
N LEU D 525 -2.74 -10.66 -59.01
CA LEU D 525 -4.04 -10.26 -58.50
C LEU D 525 -4.24 -10.75 -57.06
N CYS D 526 -3.58 -11.84 -56.69
CA CYS D 526 -3.64 -12.33 -55.31
C CYS D 526 -2.85 -11.40 -54.39
N GLY D 527 -3.18 -11.50 -53.10
CA GLY D 527 -2.53 -10.67 -52.09
C GLY D 527 -3.39 -9.46 -51.79
N ARG D 528 -4.06 -9.49 -50.64
CA ARG D 528 -5.01 -8.45 -50.24
C ARG D 528 -4.49 -7.66 -49.03
N GLU D 529 -3.18 -7.42 -49.00
CA GLU D 529 -2.54 -6.76 -47.86
C GLU D 529 -3.23 -5.46 -47.47
N ASN D 530 -3.67 -4.67 -48.46
CA ASN D 530 -4.32 -3.40 -48.15
C ASN D 530 -5.65 -3.61 -47.42
N GLU D 531 -6.46 -4.56 -47.88
CA GLU D 531 -7.72 -4.86 -47.20
C GLU D 531 -7.46 -5.36 -45.78
N VAL D 532 -6.44 -6.21 -45.62
CA VAL D 532 -6.07 -6.71 -44.30
C VAL D 532 -5.68 -5.55 -43.39
N LYS D 533 -4.89 -4.61 -43.91
CA LYS D 533 -4.48 -3.44 -43.11
C LYS D 533 -5.69 -2.62 -42.69
N LEU D 534 -6.62 -2.38 -43.63
CA LEU D 534 -7.83 -1.64 -43.29
C LEU D 534 -8.62 -2.32 -42.18
N LEU D 535 -8.84 -3.64 -42.33
CA LEU D 535 -9.63 -4.36 -41.33
C LEU D 535 -8.91 -4.39 -39.98
N VAL D 536 -7.60 -4.55 -39.98
CA VAL D 536 -6.85 -4.60 -38.72
C VAL D 536 -6.90 -3.26 -38.01
N GLU D 537 -6.74 -2.15 -38.76
CA GLU D 537 -6.81 -0.84 -38.12
C GLU D 537 -8.21 -0.53 -37.61
N ARG D 538 -9.25 -0.92 -38.35
CA ARG D 538 -10.61 -0.75 -37.86
C ARG D 538 -10.85 -1.55 -36.59
N MET D 539 -10.37 -2.80 -36.57
CA MET D 539 -10.51 -3.63 -35.38
C MET D 539 -9.76 -3.04 -34.20
N MET D 540 -8.58 -2.47 -34.45
CA MET D 540 -7.82 -1.83 -33.38
C MET D 540 -8.54 -0.62 -32.84
N ALA D 541 -9.13 0.19 -33.71
CA ALA D 541 -9.92 1.33 -33.24
C ALA D 541 -11.10 0.86 -32.39
N LEU D 542 -11.78 -0.21 -32.82
CA LEU D 542 -12.87 -0.76 -32.04
C LEU D 542 -12.40 -1.26 -30.67
N GLN D 543 -11.26 -1.95 -30.64
CA GLN D 543 -10.72 -2.46 -29.38
C GLN D 543 -10.35 -1.32 -28.44
N THR D 544 -9.75 -0.25 -28.99
CA THR D 544 -9.41 0.91 -28.15
C THR D 544 -10.67 1.56 -27.59
N ASP D 545 -11.72 1.66 -28.41
CA ASP D 545 -12.97 2.22 -27.91
C ASP D 545 -13.58 1.34 -26.82
N ILE D 546 -13.46 0.01 -26.96
CA ILE D 546 -13.97 -0.90 -25.94
C ILE D 546 -13.21 -0.72 -24.63
N VAL D 547 -11.88 -0.67 -24.70
CA VAL D 547 -11.09 -0.57 -23.47
C VAL D 547 -11.17 0.82 -22.86
N ASP D 548 -11.54 1.83 -23.65
CA ASP D 548 -11.69 3.18 -23.09
C ASP D 548 -12.80 3.21 -22.05
N LEU D 549 -13.94 2.58 -22.35
CA LEU D 549 -15.08 2.54 -21.45
C LEU D 549 -15.17 1.26 -20.65
N GLN D 550 -14.21 0.35 -20.77
CA GLN D 550 -14.23 -0.85 -19.95
C GLN D 550 -13.90 -0.56 -18.49
N ARG D 551 -12.96 0.35 -18.23
CA ARG D 551 -12.53 0.63 -16.86
C ARG D 551 -12.47 2.13 -16.53
N SER D 552 -13.20 2.97 -17.27
CA SER D 552 -13.28 4.40 -16.95
C SER D 552 -14.68 4.84 -16.52
N PRO D 553 -15.23 4.28 -15.41
CA PRO D 553 -16.47 4.86 -14.88
C PRO D 553 -16.23 5.84 -13.73
N MET D 554 -14.99 5.89 -13.23
CA MET D 554 -14.66 6.72 -12.07
C MET D 554 -13.58 7.74 -12.40
N GLY D 559 -22.77 6.54 -6.80
CA GLY D 559 -23.11 5.29 -6.14
C GLY D 559 -22.90 5.34 -4.63
N GLY D 560 -21.71 5.81 -4.23
CA GLY D 560 -21.42 5.94 -2.82
C GLY D 560 -22.29 7.00 -2.15
N THR D 561 -22.60 8.07 -2.87
CA THR D 561 -23.45 9.12 -2.31
C THR D 561 -24.86 8.60 -2.04
N LEU D 562 -25.42 7.80 -2.95
CA LEU D 562 -26.75 7.24 -2.73
C LEU D 562 -26.78 6.33 -1.51
N ASP D 563 -25.76 5.48 -1.36
CA ASP D 563 -25.68 4.62 -0.19
C ASP D 563 -25.52 5.45 1.08
N ASP D 564 -24.76 6.54 1.00
CA ASP D 564 -24.62 7.44 2.15
C ASP D 564 -25.97 8.06 2.52
N LEU D 565 -26.76 8.47 1.52
CA LEU D 565 -28.09 8.99 1.79
C LEU D 565 -28.99 7.94 2.45
N GLU D 566 -28.93 6.71 1.96
CA GLU D 566 -29.71 5.63 2.59
C GLU D 566 -29.26 5.42 4.03
N GLU D 567 -27.95 5.47 4.27
CA GLU D 567 -27.43 5.34 5.63
C GLU D 567 -27.93 6.48 6.52
N GLN D 568 -27.94 7.70 6.00
CA GLN D 568 -28.48 8.83 6.75
C GLN D 568 -29.94 8.60 7.10
N ALA D 569 -30.72 8.11 6.13
CA ALA D 569 -32.13 7.83 6.39
C ALA D 569 -32.29 6.79 7.49
N ARG D 570 -31.51 5.70 7.43
CA ARG D 570 -31.61 4.66 8.44
C ARG D 570 -31.17 5.17 9.80
N GLU D 571 -30.11 5.98 9.85
CA GLU D 571 -29.64 6.54 11.11
C GLU D 571 -30.69 7.46 11.73
N LEU D 572 -31.28 8.33 10.92
CA LEU D 572 -32.33 9.23 11.42
C LEU D 572 -33.52 8.43 11.92
N TYR D 573 -33.93 7.40 11.18
CA TYR D 573 -35.05 6.57 11.58
C TYR D 573 -34.76 5.84 12.88
N ARG D 574 -33.55 5.32 13.05
CA ARG D 574 -33.20 4.63 14.28
C ARG D 574 -33.12 5.59 15.45
N ARG D 575 -32.56 6.79 15.23
CA ARG D 575 -32.47 7.78 16.31
C ARG D 575 -33.86 8.23 16.72
N LEU D 576 -34.79 8.33 15.78
CA LEU D 576 -36.17 8.63 16.14
C LEU D 576 -36.75 7.53 17.03
N ARG D 577 -36.34 6.29 16.77
CA ARG D 577 -36.73 5.14 17.60
C ARG D 577 -35.81 4.96 18.80
N GLU D 578 -34.87 5.89 19.00
CA GLU D 578 -33.95 5.84 20.13
C GLU D 578 -34.34 6.76 21.28
N LYS D 579 -35.10 7.82 21.00
CA LYS D 579 -35.55 8.70 22.06
C LYS D 579 -36.46 7.95 23.02
N PRO D 580 -36.21 8.03 24.33
CA PRO D 580 -37.06 7.32 25.29
C PRO D 580 -38.50 7.84 25.31
N ARG D 581 -39.36 7.18 26.08
CA ARG D 581 -40.77 7.53 26.09
C ARG D 581 -41.01 8.95 26.58
N ASP D 582 -40.08 9.52 27.35
CA ASP D 582 -40.23 10.89 27.83
C ASP D 582 -39.86 11.92 26.78
N GLN D 583 -39.08 11.55 25.76
CA GLN D 583 -38.69 12.45 24.69
C GLN D 583 -39.49 12.21 23.42
N ARG D 584 -40.57 11.42 23.48
CA ARG D 584 -41.37 11.10 22.32
C ARG D 584 -42.32 12.27 22.05
N THR D 585 -41.76 13.33 21.48
CA THR D 585 -42.52 14.53 21.15
C THR D 585 -42.81 14.56 19.66
N GLU D 586 -43.83 15.34 19.30
CA GLU D 586 -44.22 15.47 17.90
C GLU D 586 -43.40 16.56 17.23
N GLY D 587 -43.08 16.33 15.96
CA GLY D 587 -42.31 17.28 15.19
C GLY D 587 -42.55 17.17 13.70
N ASP D 588 -41.79 17.94 12.92
CA ASP D 588 -41.95 17.92 11.47
C ASP D 588 -40.95 16.95 10.84
N SER D 589 -41.14 16.70 9.55
CA SER D 589 -40.32 15.73 8.83
C SER D 589 -39.63 16.40 7.64
N GLN D 590 -39.07 17.58 7.87
CA GLN D 590 -38.42 18.31 6.80
C GLN D 590 -37.17 17.60 6.30
N GLU D 591 -36.34 17.11 7.22
CA GLU D 591 -35.05 16.55 6.85
C GLU D 591 -35.20 15.30 6.00
N MET D 592 -36.13 14.41 6.37
CA MET D 592 -36.28 13.18 5.60
C MET D 592 -36.87 13.44 4.23
N VAL D 593 -37.78 14.41 4.10
CA VAL D 593 -38.31 14.78 2.79
C VAL D 593 -37.20 15.35 1.92
N ARG D 594 -36.34 16.20 2.51
CA ARG D 594 -35.20 16.73 1.77
C ARG D 594 -34.28 15.61 1.31
N LEU D 595 -34.02 14.64 2.18
CA LEU D 595 -33.17 13.51 1.81
C LEU D 595 -33.79 12.69 0.69
N LEU D 596 -35.11 12.50 0.74
CA LEU D 596 -35.79 11.75 -0.31
C LEU D 596 -35.69 12.47 -1.66
N LEU D 597 -35.87 13.80 -1.66
CA LEU D 597 -35.76 14.55 -2.90
C LEU D 597 -34.33 14.50 -3.44
N GLN D 598 -33.35 14.63 -2.56
CA GLN D 598 -31.95 14.50 -2.97
C GLN D 598 -31.67 13.13 -3.56
N ALA D 599 -32.21 12.08 -2.94
CA ALA D 599 -32.02 10.73 -3.42
C ALA D 599 -32.64 10.54 -4.80
N ILE D 600 -33.82 11.11 -5.02
CA ILE D 600 -34.45 11.00 -6.35
C ILE D 600 -33.60 11.71 -7.40
N GLN D 601 -33.11 12.90 -7.08
CA GLN D 601 -32.28 13.64 -8.02
C GLN D 601 -31.00 12.86 -8.35
N SER D 602 -30.34 12.32 -7.33
CA SER D 602 -29.13 11.55 -7.57
C SER D 602 -29.43 10.26 -8.34
N PHE D 603 -30.59 9.65 -8.09
CA PHE D 603 -30.99 8.45 -8.82
C PHE D 603 -31.11 8.72 -10.31
N GLU D 604 -31.84 9.78 -10.68
CA GLU D 604 -31.97 10.09 -12.10
C GLU D 604 -30.63 10.51 -12.70
N LYS D 605 -29.83 11.24 -11.93
CA LYS D 605 -28.51 11.66 -12.42
C LYS D 605 -27.62 10.46 -12.72
N LYS D 606 -27.68 9.43 -11.88
CA LYS D 606 -26.88 8.24 -12.11
C LYS D 606 -27.45 7.40 -13.24
N VAL D 607 -28.78 7.32 -13.34
CA VAL D 607 -29.42 6.54 -14.39
C VAL D 607 -29.08 7.09 -15.77
N ARG D 608 -28.95 8.43 -15.87
CA ARG D 608 -28.57 9.03 -17.15
C ARG D 608 -27.21 8.49 -17.62
N VAL D 609 -26.22 8.47 -16.73
CA VAL D 609 -24.90 7.97 -17.08
C VAL D 609 -24.94 6.48 -17.38
N ILE D 610 -25.73 5.73 -16.60
CA ILE D 610 -25.85 4.29 -16.83
C ILE D 610 -26.34 4.03 -18.26
N TYR D 611 -27.39 4.72 -18.68
CA TYR D 611 -27.93 4.47 -20.01
C TYR D 611 -27.03 5.04 -21.10
N THR D 612 -26.30 6.12 -20.82
CA THR D 612 -25.30 6.60 -21.77
C THR D 612 -24.26 5.52 -22.04
N GLN D 613 -23.71 4.92 -20.98
CA GLN D 613 -22.73 3.86 -21.17
C GLN D 613 -23.35 2.63 -21.83
N LEU D 614 -24.62 2.34 -21.55
CA LEU D 614 -25.28 1.21 -22.19
C LEU D 614 -25.39 1.42 -23.70
N SER D 615 -25.75 2.63 -24.13
CA SER D 615 -25.79 2.93 -25.56
C SER D 615 -24.40 2.84 -26.18
N LYS D 616 -23.40 3.37 -25.47
CA LYS D 616 -22.02 3.27 -25.96
C LYS D 616 -21.59 1.82 -26.13
N THR D 617 -22.07 0.93 -25.24
CA THR D 617 -21.71 -0.48 -25.35
C THR D 617 -22.43 -1.14 -26.53
N VAL D 618 -23.72 -0.87 -26.71
CA VAL D 618 -24.47 -1.56 -27.75
C VAL D 618 -24.02 -1.12 -29.13
N VAL D 619 -23.65 0.15 -29.30
CA VAL D 619 -23.18 0.60 -30.60
C VAL D 619 -21.89 -0.12 -30.98
N CYS D 620 -20.98 -0.31 -30.02
CA CYS D 620 -19.75 -1.01 -30.32
C CYS D 620 -19.98 -2.50 -30.56
N LYS D 621 -20.96 -3.09 -29.86
CA LYS D 621 -21.33 -4.47 -30.17
C LYS D 621 -21.82 -4.61 -31.60
N GLN D 622 -22.65 -3.66 -32.05
CA GLN D 622 -23.12 -3.69 -33.43
C GLN D 622 -21.96 -3.48 -34.42
N LYS D 623 -21.01 -2.62 -34.06
CA LYS D 623 -19.84 -2.41 -34.92
C LYS D 623 -19.01 -3.69 -35.04
N ALA D 624 -18.84 -4.42 -33.95
CA ALA D 624 -18.11 -5.69 -34.01
C ALA D 624 -18.84 -6.71 -34.88
N LEU D 625 -20.17 -6.80 -34.71
CA LEU D 625 -20.93 -7.72 -35.56
C LEU D 625 -20.94 -7.28 -37.02
N GLU D 626 -20.68 -6.00 -37.29
CA GLU D 626 -20.55 -5.53 -38.66
C GLU D 626 -19.18 -5.87 -39.24
N LEU D 627 -18.14 -5.78 -38.43
CA LEU D 627 -16.79 -6.06 -38.91
C LEU D 627 -16.47 -7.55 -39.00
N LEU D 628 -17.28 -8.41 -38.37
CA LEU D 628 -17.04 -9.85 -38.45
C LEU D 628 -17.12 -10.41 -39.89
N PRO D 629 -18.20 -10.22 -40.65
CA PRO D 629 -18.28 -10.87 -41.97
C PRO D 629 -17.27 -10.36 -42.98
N LYS D 630 -16.78 -9.13 -42.82
CA LYS D 630 -15.71 -8.65 -43.69
C LYS D 630 -14.51 -9.59 -43.64
N VAL D 631 -14.00 -9.85 -42.43
CA VAL D 631 -12.87 -10.74 -42.28
C VAL D 631 -13.25 -12.17 -42.63
N GLU D 632 -14.50 -12.57 -42.36
CA GLU D 632 -14.94 -13.90 -42.74
C GLU D 632 -14.77 -14.12 -44.26
N GLU D 633 -15.29 -13.19 -45.07
CA GLU D 633 -15.18 -13.32 -46.51
C GLU D 633 -13.73 -13.19 -46.97
N VAL D 634 -12.96 -12.32 -46.32
CA VAL D 634 -11.56 -12.13 -46.71
C VAL D 634 -10.78 -13.44 -46.55
N VAL D 635 -10.95 -14.10 -45.41
CA VAL D 635 -10.22 -15.35 -45.18
C VAL D 635 -10.77 -16.47 -46.08
N SER D 636 -12.09 -16.48 -46.30
CA SER D 636 -12.66 -17.49 -47.19
C SER D 636 -12.14 -17.34 -48.62
N LEU D 637 -11.75 -16.13 -49.02
CA LEU D 637 -11.16 -15.95 -50.33
C LEU D 637 -9.66 -16.29 -50.33
N MET D 638 -8.95 -15.90 -49.27
CA MET D 638 -7.51 -16.18 -49.21
C MET D 638 -7.23 -17.67 -49.13
N ASN D 639 -8.15 -18.45 -48.55
CA ASN D 639 -7.97 -19.90 -48.54
C ASN D 639 -7.91 -20.47 -49.96
N GLU D 640 -8.87 -20.09 -50.80
CA GLU D 640 -8.86 -20.53 -52.19
C GLU D 640 -7.68 -19.95 -52.96
N ASP D 641 -7.24 -18.74 -52.59
CA ASP D 641 -6.03 -18.19 -53.22
C ASP D 641 -4.82 -19.09 -52.94
N GLU D 642 -4.67 -19.53 -51.68
CA GLU D 642 -3.61 -20.46 -51.33
C GLU D 642 -3.75 -21.77 -52.10
N LYS D 643 -4.98 -22.26 -52.21
CA LYS D 643 -5.23 -23.47 -53.00
C LYS D 643 -4.75 -23.31 -54.44
N THR D 644 -5.06 -22.17 -55.05
CA THR D 644 -4.66 -21.94 -56.43
C THR D 644 -3.14 -21.85 -56.58
N VAL D 645 -2.46 -21.24 -55.60
CA VAL D 645 -1.01 -21.18 -55.64
C VAL D 645 -0.41 -22.59 -55.60
N VAL D 646 -0.95 -23.44 -54.71
CA VAL D 646 -0.47 -24.82 -54.64
C VAL D 646 -0.74 -25.54 -55.96
N ARG D 647 -1.92 -25.30 -56.55
CA ARG D 647 -2.25 -25.92 -57.83
C ARG D 647 -1.25 -25.52 -58.91
N LEU D 648 -0.90 -24.24 -58.97
CA LEU D 648 0.04 -23.77 -59.98
C LEU D 648 1.41 -24.41 -59.80
N GLN D 649 1.89 -24.49 -58.56
CA GLN D 649 3.18 -25.13 -58.31
C GLN D 649 3.16 -26.60 -58.74
N GLU D 650 2.08 -27.31 -58.37
CA GLU D 650 1.97 -28.72 -58.74
C GLU D 650 1.94 -28.89 -60.25
N LYS D 651 1.23 -28.01 -60.96
CA LYS D 651 1.15 -28.11 -62.41
C LYS D 651 2.51 -27.86 -63.05
N ARG D 652 3.27 -26.89 -62.53
CA ARG D 652 4.60 -26.64 -63.09
C ARG D 652 5.50 -27.86 -62.91
N GLN D 653 5.49 -28.46 -61.71
CA GLN D 653 6.31 -29.65 -61.49
C GLN D 653 5.86 -30.80 -62.38
N LYS D 654 4.55 -30.96 -62.56
CA LYS D 654 4.02 -32.01 -63.42
C LYS D 654 4.51 -31.83 -64.85
N GLU D 655 4.43 -30.61 -65.38
CA GLU D 655 4.92 -30.36 -66.73
C GLU D 655 6.40 -30.66 -66.85
N LEU D 656 7.19 -30.16 -65.90
CA LEU D 656 8.63 -30.34 -65.96
C LEU D 656 8.99 -31.82 -66.01
N TRP D 657 8.41 -32.62 -65.11
CA TRP D 657 8.77 -34.03 -65.08
C TRP D 657 8.18 -34.81 -66.25
N ASN D 658 7.00 -34.39 -66.76
CA ASN D 658 6.43 -35.07 -67.92
C ASN D 658 7.31 -34.90 -69.15
N LEU D 659 7.71 -33.66 -69.45
CA LEU D 659 8.61 -33.47 -70.59
C LEU D 659 10.01 -34.04 -70.34
N LEU D 660 10.47 -34.08 -69.08
CA LEU D 660 11.73 -34.76 -68.81
C LEU D 660 11.63 -36.25 -69.15
N LYS D 661 10.55 -36.90 -68.73
CA LYS D 661 10.37 -38.31 -69.02
C LYS D 661 10.23 -38.55 -70.53
N ILE D 662 9.53 -37.64 -71.22
CA ILE D 662 9.38 -37.79 -72.67
C ILE D 662 10.73 -37.65 -73.36
N ALA D 663 11.54 -36.68 -72.93
CA ALA D 663 12.86 -36.50 -73.53
C ALA D 663 13.79 -37.68 -73.23
N CYS D 664 13.61 -38.33 -72.08
CA CYS D 664 14.43 -39.49 -71.74
C CYS D 664 14.20 -40.67 -72.67
N SER D 665 13.13 -40.66 -73.46
CA SER D 665 12.84 -41.78 -74.35
C SER D 665 13.77 -41.82 -75.56
N LYS D 666 14.41 -40.70 -75.90
CA LYS D 666 15.29 -40.65 -77.06
C LYS D 666 16.63 -41.33 -76.83
N VAL D 667 16.87 -41.88 -75.64
CA VAL D 667 18.10 -42.58 -75.33
C VAL D 667 18.14 -43.93 -76.02
N THR E 11 9.01 -3.65 -39.08
CA THR E 11 8.80 -5.08 -39.25
C THR E 11 9.95 -5.87 -38.65
N GLN E 12 11.15 -5.32 -38.71
CA GLN E 12 12.36 -5.95 -38.17
C GLN E 12 13.07 -4.93 -37.27
N THR E 13 12.93 -5.10 -35.96
CA THR E 13 13.58 -4.25 -34.97
C THR E 13 14.47 -5.13 -34.10
N CYS E 14 15.76 -4.80 -34.06
CA CYS E 14 16.74 -5.60 -33.31
C CYS E 14 17.37 -4.77 -32.21
N GLY E 15 17.77 -5.48 -31.15
CA GLY E 15 18.44 -4.88 -30.01
C GLY E 15 17.71 -3.72 -29.36
N ALA E 16 18.36 -2.56 -29.30
CA ALA E 16 17.75 -1.36 -28.73
C ALA E 16 17.14 -0.43 -29.78
N TRP E 17 17.70 -0.39 -30.98
CA TRP E 17 17.19 0.48 -32.03
C TRP E 17 15.93 -0.13 -32.63
N GLU E 18 14.83 0.61 -32.54
CA GLU E 18 13.54 0.18 -33.07
C GLU E 18 13.21 0.98 -34.32
N MET E 19 12.66 0.28 -35.31
CA MET E 19 12.29 0.92 -36.57
C MET E 19 11.05 1.79 -36.40
N LYS E 20 11.08 2.95 -37.05
CA LYS E 20 9.96 3.88 -37.07
C LYS E 20 9.59 4.12 -38.53
N GLU E 21 9.03 5.29 -38.85
CA GLU E 21 8.53 5.56 -40.19
C GLU E 21 9.65 6.04 -41.10
N GLY E 29 11.37 5.38 -49.60
CA GLY E 29 11.68 6.80 -49.57
C GLY E 29 13.16 7.09 -49.70
N ASN E 30 13.64 8.08 -48.96
CA ASN E 30 15.05 8.44 -48.95
C ASN E 30 15.70 8.19 -47.61
N VAL E 31 15.17 8.77 -46.54
CA VAL E 31 15.72 8.66 -45.20
C VAL E 31 14.75 7.85 -44.35
N ILE E 32 15.29 7.04 -43.44
CA ILE E 32 14.48 6.24 -42.52
C ILE E 32 14.99 6.49 -41.11
N ARG E 33 14.07 6.67 -40.17
CA ARG E 33 14.43 6.99 -38.80
C ARG E 33 14.41 5.74 -37.90
N TRP E 34 15.38 5.68 -36.99
CA TRP E 34 15.53 4.61 -36.03
C TRP E 34 15.62 5.21 -34.65
N HIS E 35 14.78 4.74 -33.72
CA HIS E 35 14.68 5.34 -32.40
C HIS E 35 15.32 4.43 -31.34
N ASN E 36 16.11 5.05 -30.46
CA ASN E 36 16.77 4.34 -29.37
C ASN E 36 15.85 4.31 -28.15
N GLN E 37 15.69 3.13 -27.57
CA GLN E 37 14.78 2.93 -26.44
C GLN E 37 15.40 3.17 -25.07
N GLU E 38 16.65 3.64 -25.01
CA GLU E 38 17.25 4.01 -23.74
C GLU E 38 17.65 5.47 -23.67
N THR E 39 18.24 6.01 -24.73
CA THR E 39 18.62 7.41 -24.78
C THR E 39 17.48 8.31 -25.26
N GLY E 40 16.68 7.85 -26.22
CA GLY E 40 15.58 8.65 -26.71
C GLY E 40 16.02 9.50 -27.88
N GLU E 41 16.85 8.93 -28.75
CA GLU E 41 17.41 9.64 -29.89
C GLU E 41 16.80 9.08 -31.17
N GLN E 42 16.14 9.94 -31.93
CA GLN E 42 15.55 9.57 -33.22
C GLN E 42 16.58 9.91 -34.28
N ILE E 43 17.39 8.94 -34.67
CA ILE E 43 18.44 9.18 -35.65
C ILE E 43 17.91 8.86 -37.03
N ALA E 44 18.13 9.76 -37.99
CA ALA E 44 17.66 9.58 -39.36
C ALA E 44 18.82 9.10 -40.20
N ILE E 45 18.76 7.84 -40.63
CA ILE E 45 19.80 7.24 -41.46
C ILE E 45 19.31 7.30 -42.90
N LYS E 46 20.16 7.82 -43.80
CA LYS E 46 19.84 7.85 -45.22
C LYS E 46 20.35 6.58 -45.87
N GLN E 47 19.43 5.74 -46.31
CA GLN E 47 19.78 4.48 -46.94
C GLN E 47 20.11 4.68 -48.42
N CYS E 48 20.99 3.85 -48.93
CA CYS E 48 21.37 3.89 -50.33
C CYS E 48 20.49 2.91 -51.10
N ARG E 49 20.19 3.27 -52.35
CA ARG E 49 19.32 2.46 -53.18
C ARG E 49 19.94 1.09 -53.45
N GLN E 50 19.14 0.23 -54.07
CA GLN E 50 19.48 -1.18 -54.23
C GLN E 50 20.32 -1.40 -55.49
N GLU E 51 19.98 -0.69 -56.57
CA GLU E 51 20.74 -0.69 -57.81
C GLU E 51 21.69 0.50 -57.80
N LEU E 52 22.99 0.23 -57.64
CA LEU E 52 23.98 1.28 -57.64
C LEU E 52 24.81 1.18 -58.92
N SER E 53 25.05 2.33 -59.55
CA SER E 53 25.88 2.44 -60.74
C SER E 53 27.35 2.61 -60.38
N PRO E 54 28.25 2.06 -61.20
CA PRO E 54 29.68 2.19 -60.89
C PRO E 54 30.16 3.63 -60.76
N ARG E 55 29.83 4.49 -61.72
CA ARG E 55 30.25 5.88 -61.65
C ARG E 55 29.62 6.61 -60.47
N ASN E 56 28.33 6.36 -60.23
CA ASN E 56 27.62 6.95 -59.10
C ASN E 56 28.12 6.45 -57.75
N ARG E 57 28.67 5.25 -57.70
CA ARG E 57 29.04 4.63 -56.43
C ARG E 57 30.15 5.39 -55.69
N GLU E 58 31.14 5.91 -56.42
CA GLU E 58 32.24 6.63 -55.77
C GLU E 58 31.75 7.89 -55.04
N ARG E 59 30.80 8.61 -55.64
CA ARG E 59 30.30 9.83 -55.04
C ARG E 59 29.54 9.56 -53.74
N TRP E 60 28.94 8.39 -53.58
CA TRP E 60 28.28 8.09 -52.31
C TRP E 60 29.29 8.01 -51.17
N CYS E 61 30.43 7.37 -51.39
CA CYS E 61 31.49 7.37 -50.38
C CYS E 61 32.03 8.78 -50.16
N LEU E 62 32.17 9.55 -51.25
CA LEU E 62 32.63 10.93 -51.09
C LEU E 62 31.67 11.73 -50.22
N GLU E 63 30.37 11.56 -50.43
CA GLU E 63 29.36 12.24 -49.61
C GLU E 63 29.41 11.77 -48.16
N ILE E 64 29.64 10.48 -47.95
CA ILE E 64 29.78 9.97 -46.58
C ILE E 64 30.93 10.69 -45.88
N GLN E 65 32.06 10.84 -46.57
CA GLN E 65 33.19 11.54 -45.95
C GLN E 65 32.89 13.03 -45.76
N ILE E 66 32.16 13.62 -46.70
CA ILE E 66 31.85 15.05 -46.64
C ILE E 66 30.94 15.36 -45.46
N MET E 67 30.00 14.46 -45.14
CA MET E 67 29.04 14.73 -44.07
C MET E 67 29.72 14.87 -42.71
N ARG E 68 30.82 14.17 -42.48
CA ARG E 68 31.50 14.26 -41.18
C ARG E 68 32.10 15.65 -40.94
N ARG E 69 32.37 16.42 -42.00
CA ARG E 69 32.97 17.73 -41.84
C ARG E 69 31.96 18.80 -41.47
N LEU E 70 30.79 18.81 -42.14
CA LEU E 70 29.82 19.87 -41.94
C LEU E 70 29.10 19.73 -40.60
N THR E 71 29.14 20.79 -39.79
CA THR E 71 28.46 20.81 -38.50
C THR E 71 27.85 22.18 -38.24
N HIS E 72 27.22 22.79 -39.25
CA HIS E 72 26.65 24.12 -39.05
C HIS E 72 25.35 24.02 -38.24
N PRO E 73 25.11 24.98 -37.32
CA PRO E 73 23.90 24.90 -36.49
C PRO E 73 22.60 25.09 -37.25
N ASN E 74 22.58 25.87 -38.33
CA ASN E 74 21.35 26.14 -39.06
C ASN E 74 21.03 25.06 -40.11
N VAL E 75 21.78 23.97 -40.13
CA VAL E 75 21.46 22.81 -40.96
C VAL E 75 21.63 21.58 -40.09
N VAL E 76 20.90 20.51 -40.45
CA VAL E 76 21.03 19.27 -39.71
C VAL E 76 22.45 18.74 -39.84
N ALA E 77 22.99 18.23 -38.75
CA ALA E 77 24.37 17.79 -38.70
C ALA E 77 24.44 16.27 -38.74
N ALA E 78 25.56 15.76 -39.25
CA ALA E 78 25.78 14.32 -39.35
C ALA E 78 26.32 13.80 -38.03
N ARG E 79 25.42 13.43 -37.14
CA ARG E 79 25.81 12.88 -35.85
C ARG E 79 26.41 11.49 -36.04
N ASP E 80 27.10 11.01 -35.01
CA ASP E 80 27.89 9.80 -35.17
C ASP E 80 27.02 8.60 -35.50
N VAL E 81 27.50 7.76 -36.41
CA VAL E 81 26.81 6.51 -36.76
C VAL E 81 26.99 5.52 -35.61
N PRO E 82 25.92 4.88 -35.14
CA PRO E 82 26.07 3.91 -34.05
C PRO E 82 26.84 2.68 -34.49
N GLU E 83 27.59 2.12 -33.55
CA GLU E 83 28.33 0.88 -33.80
C GLU E 83 27.36 -0.30 -33.80
N GLY E 84 27.42 -1.12 -34.84
CA GLY E 84 26.56 -2.27 -34.95
C GLY E 84 25.32 -2.11 -35.81
N MET E 85 25.27 -1.12 -36.69
CA MET E 85 24.14 -0.94 -37.59
C MET E 85 24.42 -1.48 -38.99
N GLN E 86 25.67 -1.82 -39.29
CA GLN E 86 26.03 -2.43 -40.56
C GLN E 86 25.52 -3.87 -40.66
N ASN E 87 25.27 -4.52 -39.53
CA ASN E 87 24.80 -5.90 -39.58
C ASN E 87 23.42 -5.99 -40.22
N LEU E 88 22.53 -5.06 -39.91
CA LEU E 88 21.19 -5.02 -40.51
C LEU E 88 21.19 -4.10 -41.73
N ALA E 89 21.98 -4.47 -42.73
CA ALA E 89 22.09 -3.69 -43.96
C ALA E 89 21.89 -4.61 -45.15
N PRO E 90 20.94 -4.32 -46.04
CA PRO E 90 20.80 -5.15 -47.25
C PRO E 90 21.91 -4.93 -48.26
N ASN E 91 22.47 -3.72 -48.32
CA ASN E 91 23.54 -3.40 -49.24
C ASN E 91 24.85 -3.30 -48.45
N ASP E 92 25.97 -3.57 -49.14
CA ASP E 92 27.28 -3.66 -48.47
C ASP E 92 27.91 -2.30 -48.18
N LEU E 93 27.19 -1.19 -48.34
CA LEU E 93 27.82 0.10 -48.12
C LEU E 93 27.27 0.75 -46.85
N PRO E 94 28.13 1.41 -46.06
CA PRO E 94 27.67 1.95 -44.77
C PRO E 94 26.81 3.19 -44.98
N LEU E 95 25.65 3.19 -44.32
CA LEU E 95 24.76 4.33 -44.31
C LEU E 95 25.08 5.27 -43.14
N LEU E 96 24.73 6.54 -43.30
CA LEU E 96 25.06 7.57 -42.33
C LEU E 96 23.81 8.10 -41.64
N ALA E 97 23.95 8.46 -40.37
CA ALA E 97 22.84 8.87 -39.51
C ALA E 97 22.74 10.40 -39.44
N MET E 98 21.56 10.87 -39.03
CA MET E 98 21.28 12.30 -38.92
C MET E 98 20.31 12.52 -37.77
N GLU E 99 19.97 13.79 -37.53
CA GLU E 99 19.09 14.18 -36.45
C GLU E 99 17.69 14.45 -36.99
N TYR E 100 16.68 13.92 -36.30
CA TYR E 100 15.28 14.10 -36.67
C TYR E 100 14.72 15.36 -36.01
N CYS E 101 14.00 16.16 -36.80
CA CYS E 101 13.38 17.40 -36.33
C CYS E 101 11.88 17.22 -36.24
N GLN E 102 11.33 17.51 -35.06
CA GLN E 102 9.90 17.30 -34.83
C GLN E 102 9.02 18.34 -35.54
N GLY E 103 9.59 19.47 -35.95
CA GLY E 103 8.81 20.54 -36.55
C GLY E 103 8.10 20.15 -37.84
N GLY E 104 8.86 19.81 -38.85
CA GLY E 104 8.31 19.43 -40.14
C GLY E 104 8.73 20.38 -41.26
N ASP E 105 8.42 19.95 -42.48
CA ASP E 105 8.82 20.70 -43.66
C ASP E 105 8.08 22.02 -43.77
N LEU E 106 8.69 22.96 -44.50
CA LEU E 106 8.07 24.25 -44.75
C LEU E 106 6.86 24.15 -45.67
N ARG E 107 6.77 23.07 -46.46
CA ARG E 107 5.66 22.93 -47.40
C ARG E 107 4.32 22.87 -46.68
N LYS E 108 4.25 22.14 -45.57
CA LYS E 108 3.00 22.09 -44.82
C LYS E 108 2.63 23.45 -44.24
N TYR E 109 3.63 24.20 -43.77
CA TYR E 109 3.36 25.55 -43.28
C TYR E 109 2.84 26.44 -44.39
N LEU E 110 3.37 26.27 -45.61
CA LEU E 110 2.90 27.07 -46.73
C LEU E 110 1.50 26.67 -47.18
N ASN E 111 1.15 25.39 -47.02
CA ASN E 111 -0.14 24.88 -47.46
C ASN E 111 -1.22 24.99 -46.39
N GLN E 112 -0.94 25.62 -45.26
CA GLN E 112 -1.94 25.79 -44.21
C GLN E 112 -2.98 26.81 -44.65
N PHE E 113 -4.19 26.67 -44.09
CA PHE E 113 -5.30 27.54 -44.46
C PHE E 113 -5.13 28.97 -43.95
N GLU E 114 -4.21 29.21 -43.02
CA GLU E 114 -3.96 30.55 -42.51
C GLU E 114 -2.80 31.26 -43.20
N ASN E 115 -1.83 30.51 -43.72
CA ASN E 115 -0.70 31.07 -44.44
C ASN E 115 -0.81 30.87 -45.95
N CYS E 116 -2.03 30.89 -46.49
CA CYS E 116 -2.22 30.71 -47.92
C CYS E 116 -1.66 31.88 -48.72
N CYS E 117 -1.61 33.08 -48.12
CA CYS E 117 -1.10 34.27 -48.78
C CYS E 117 0.26 34.69 -48.21
N GLY E 118 1.11 33.71 -47.93
CA GLY E 118 2.43 33.96 -47.40
C GLY E 118 2.47 33.89 -45.88
N LEU E 119 3.69 33.86 -45.36
CA LEU E 119 3.92 33.78 -43.92
C LEU E 119 3.87 35.17 -43.30
N ARG E 120 3.87 35.20 -41.97
CA ARG E 120 3.91 36.45 -41.23
C ARG E 120 5.31 37.08 -41.35
N GLU E 121 5.40 38.36 -40.97
CA GLU E 121 6.63 39.11 -41.14
C GLU E 121 7.79 38.45 -40.37
N GLY E 122 7.55 38.09 -39.10
CA GLY E 122 8.61 37.48 -38.31
C GLY E 122 9.09 36.17 -38.91
N ALA E 123 8.15 35.38 -39.46
CA ALA E 123 8.54 34.11 -40.07
C ALA E 123 9.46 34.33 -41.26
N ILE E 124 9.15 35.31 -42.10
CA ILE E 124 10.00 35.59 -43.26
C ILE E 124 11.37 36.11 -42.82
N LEU E 125 11.39 36.99 -41.81
CA LEU E 125 12.67 37.50 -41.31
C LEU E 125 13.54 36.37 -40.78
N THR E 126 12.94 35.48 -39.99
CA THR E 126 13.69 34.34 -39.44
C THR E 126 14.15 33.41 -40.55
N LEU E 127 13.31 33.19 -41.55
CA LEU E 127 13.70 32.34 -42.68
C LEU E 127 14.91 32.90 -43.39
N LEU E 128 14.90 34.20 -43.70
CA LEU E 128 16.04 34.80 -44.37
C LEU E 128 17.30 34.72 -43.51
N SER E 129 17.17 35.10 -42.23
CA SER E 129 18.34 35.15 -41.35
C SER E 129 18.90 33.75 -41.08
N ASP E 130 18.08 32.72 -41.17
CA ASP E 130 18.54 31.35 -40.90
C ASP E 130 19.04 30.66 -42.16
N ILE E 131 18.54 31.03 -43.33
CA ILE E 131 18.99 30.39 -44.56
C ILE E 131 20.25 31.05 -45.11
N ALA E 132 20.36 32.38 -45.03
CA ALA E 132 21.54 33.04 -45.58
C ALA E 132 22.81 32.68 -44.81
N SER E 133 22.72 32.64 -43.47
CA SER E 133 23.89 32.35 -42.65
C SER E 133 24.34 30.90 -42.79
N ALA E 134 23.46 30.01 -43.25
CA ALA E 134 23.85 28.63 -43.52
C ALA E 134 24.36 28.45 -44.94
N LEU E 135 23.75 29.17 -45.90
CA LEU E 135 24.22 29.07 -47.28
C LEU E 135 25.60 29.68 -47.44
N ARG E 136 25.93 30.71 -46.65
CA ARG E 136 27.29 31.25 -46.70
C ARG E 136 28.31 30.22 -46.25
N TYR E 137 28.01 29.48 -45.17
CA TYR E 137 28.92 28.44 -44.71
C TYR E 137 28.99 27.28 -45.69
N LEU E 138 27.88 26.96 -46.36
CA LEU E 138 27.91 25.93 -47.39
C LEU E 138 28.81 26.35 -48.55
N HIS E 139 28.71 27.61 -48.97
CA HIS E 139 29.55 28.11 -50.06
C HIS E 139 31.01 28.29 -49.65
N GLU E 140 31.29 28.42 -48.35
CA GLU E 140 32.67 28.58 -47.91
C GLU E 140 33.47 27.30 -48.07
N ASN E 141 32.84 26.14 -47.85
CA ASN E 141 33.52 24.86 -47.91
C ASN E 141 33.49 24.21 -49.30
N ARG E 142 33.24 25.00 -50.35
CA ARG E 142 33.21 24.50 -51.73
C ARG E 142 32.19 23.38 -51.89
N ILE E 143 31.06 23.50 -51.21
CA ILE E 143 29.98 22.53 -51.28
C ILE E 143 28.72 23.24 -51.77
N ILE E 144 28.10 22.70 -52.82
CA ILE E 144 26.90 23.26 -53.41
C ILE E 144 25.77 22.25 -53.28
N HIS E 145 24.61 22.71 -52.80
CA HIS E 145 23.47 21.81 -52.63
C HIS E 145 22.87 21.42 -53.97
N ARG E 146 22.83 22.36 -54.93
CA ARG E 146 22.38 22.16 -56.30
C ARG E 146 20.88 21.93 -56.38
N ASP E 147 20.23 21.72 -55.23
CA ASP E 147 18.80 21.52 -55.16
C ASP E 147 18.29 22.10 -53.85
N LEU E 148 17.20 22.86 -53.91
CA LEU E 148 16.63 23.44 -52.71
C LEU E 148 15.15 23.65 -52.92
N LYS E 149 14.34 23.08 -52.04
CA LYS E 149 12.89 23.17 -52.09
C LYS E 149 12.38 23.32 -50.67
N PRO E 150 11.13 23.77 -50.50
CA PRO E 150 10.57 23.87 -49.15
C PRO E 150 10.49 22.54 -48.41
N GLU E 151 10.56 21.41 -49.12
CA GLU E 151 10.53 20.12 -48.46
C GLU E 151 11.83 19.83 -47.71
N ASN E 152 12.95 20.41 -48.16
CA ASN E 152 14.22 20.21 -47.48
C ASN E 152 14.38 21.08 -46.24
N ILE E 153 13.58 22.14 -46.11
CA ILE E 153 13.70 23.08 -45.00
C ILE E 153 12.69 22.69 -43.93
N VAL E 154 13.19 22.35 -42.74
CA VAL E 154 12.37 21.98 -41.60
C VAL E 154 12.46 23.08 -40.55
N LEU E 155 11.34 23.28 -39.85
CA LEU E 155 11.22 24.32 -38.83
C LEU E 155 11.40 23.67 -37.45
N GLN E 156 12.66 23.52 -37.06
CA GLN E 156 12.95 22.94 -35.74
C GLN E 156 12.64 23.97 -34.66
N GLN E 157 11.91 23.53 -33.63
CA GLN E 157 11.52 24.42 -32.55
C GLN E 157 12.73 24.72 -31.67
N GLY E 158 13.22 25.96 -31.74
CA GLY E 158 14.38 26.38 -30.97
C GLY E 158 14.02 26.80 -29.57
N GLU E 159 15.02 27.36 -28.88
CA GLU E 159 14.82 27.78 -27.50
C GLU E 159 13.87 28.96 -27.42
N GLN E 160 14.02 29.94 -28.31
CA GLN E 160 13.17 31.13 -28.35
C GLN E 160 12.38 31.24 -29.63
N ARG E 161 13.03 31.08 -30.78
CA ARG E 161 12.37 31.18 -32.07
C ARG E 161 12.69 29.94 -32.90
N LEU E 162 11.91 29.76 -33.97
CA LEU E 162 12.06 28.60 -34.83
C LEU E 162 13.31 28.72 -35.70
N ILE E 163 14.04 27.62 -35.82
CA ILE E 163 15.28 27.56 -36.59
C ILE E 163 15.02 26.76 -37.86
N HIS E 164 15.44 27.33 -39.00
CA HIS E 164 15.28 26.69 -40.30
C HIS E 164 16.49 25.80 -40.56
N LYS E 165 16.30 24.49 -40.52
CA LYS E 165 17.36 23.54 -40.80
C LYS E 165 17.11 22.86 -42.15
N ILE E 166 18.14 22.21 -42.67
CA ILE E 166 18.09 21.58 -43.99
C ILE E 166 18.44 20.10 -43.84
N ILE E 167 17.51 19.24 -44.24
CA ILE E 167 17.72 17.81 -44.19
C ILE E 167 17.96 17.28 -45.62
N ASP E 168 18.44 16.04 -45.70
CA ASP E 168 18.46 15.24 -46.93
C ASP E 168 19.27 15.94 -48.04
N LEU E 169 20.58 15.97 -47.82
CA LEU E 169 21.50 16.41 -48.88
C LEU E 169 21.53 15.35 -49.98
N GLY E 170 20.69 15.51 -51.00
CA GLY E 170 20.54 14.51 -52.03
C GLY E 170 21.62 14.47 -53.09
N TYR E 171 21.73 15.53 -53.90
CA TYR E 171 22.72 15.58 -54.97
C TYR E 171 23.69 16.71 -54.71
N ALA E 172 24.98 16.44 -54.90
CA ALA E 172 26.02 17.47 -54.80
C ALA E 172 27.36 16.93 -55.28
N LYS E 173 28.06 17.69 -56.13
CA LYS E 173 29.46 17.40 -56.44
C LYS E 173 30.36 18.43 -55.77
N GLU E 174 31.44 17.95 -55.15
CA GLU E 174 32.47 18.82 -54.59
C GLU E 174 33.67 18.85 -55.54
N LEU E 175 34.28 20.02 -55.69
CA LEU E 175 35.41 20.17 -56.58
C LEU E 175 36.71 20.19 -55.78
N GLU E 179 34.66 21.47 -66.37
CA GLU E 179 33.81 20.41 -65.85
C GLU E 179 33.77 19.22 -66.81
N LEU E 180 34.45 18.14 -66.44
CA LEU E 180 34.52 16.93 -67.25
C LEU E 180 33.48 15.90 -66.83
N CYS E 181 32.40 16.33 -66.17
CA CYS E 181 31.36 15.41 -65.73
C CYS E 181 30.02 16.12 -65.80
N THR E 182 29.07 15.51 -66.50
CA THR E 182 27.70 16.04 -66.63
C THR E 182 26.72 14.90 -66.39
N GLU E 183 26.32 14.73 -65.14
CA GLU E 183 25.35 13.71 -64.74
C GLU E 183 24.03 14.40 -64.36
N PHE E 184 22.92 13.81 -64.80
CA PHE E 184 21.59 14.41 -64.66
C PHE E 184 20.68 13.45 -63.91
N VAL E 185 20.31 13.81 -62.69
CA VAL E 185 19.31 13.11 -61.88
C VAL E 185 18.77 14.10 -60.86
N GLY E 186 17.45 14.24 -60.79
CA GLY E 186 16.87 15.27 -59.96
C GLY E 186 15.51 15.01 -59.37
N THR E 187 14.58 15.95 -59.58
CA THR E 187 13.23 15.91 -59.03
C THR E 187 12.26 16.38 -60.11
N LEU E 188 11.05 16.75 -59.71
CA LEU E 188 9.99 17.06 -60.67
C LEU E 188 9.18 18.32 -60.36
N GLN E 189 9.49 19.05 -59.29
CA GLN E 189 8.75 20.28 -59.00
C GLN E 189 9.47 21.53 -59.52
N TYR E 190 10.64 21.85 -58.97
CA TYR E 190 11.40 23.03 -59.37
C TYR E 190 12.52 22.66 -60.33
N LEU E 191 12.65 23.43 -61.41
CA LEU E 191 13.76 23.28 -62.35
C LEU E 191 14.62 24.54 -62.31
N ALA E 192 15.97 24.36 -62.21
CA ALA E 192 16.83 25.53 -62.27
C ALA E 192 17.15 25.87 -63.72
N PRO E 193 17.41 27.15 -64.03
CA PRO E 193 17.76 27.49 -65.42
C PRO E 193 19.05 26.84 -65.90
N GLU E 194 20.05 26.70 -65.02
CA GLU E 194 21.30 26.08 -65.42
C GLU E 194 21.19 24.57 -65.59
N LEU E 195 20.22 23.92 -64.93
CA LEU E 195 20.05 22.49 -65.09
C LEU E 195 19.28 22.14 -66.35
N LEU E 196 18.53 23.08 -66.93
CA LEU E 196 17.77 22.78 -68.13
C LEU E 196 18.64 22.87 -69.37
N GLU E 197 19.46 23.92 -69.47
CA GLU E 197 20.37 24.08 -70.59
C GLU E 197 21.72 23.41 -70.36
N GLN E 198 21.83 22.56 -69.34
CA GLN E 198 23.05 21.80 -69.06
C GLN E 198 24.31 22.66 -69.11
N GLN E 199 24.31 23.72 -68.32
CA GLN E 199 25.43 24.66 -68.25
C GLN E 199 26.34 24.31 -67.08
N LYS E 200 27.54 24.89 -67.10
CA LYS E 200 28.51 24.67 -66.04
C LYS E 200 27.96 25.24 -64.74
N TYR E 201 27.74 24.37 -63.76
CA TYR E 201 27.04 24.78 -62.55
C TYR E 201 28.01 25.48 -61.59
N THR E 202 27.74 26.74 -61.32
CA THR E 202 28.40 27.49 -60.26
C THR E 202 27.48 27.50 -59.05
N VAL E 203 27.83 28.27 -58.02
CA VAL E 203 27.01 28.33 -56.83
C VAL E 203 25.67 29.01 -57.10
N THR E 204 25.57 29.77 -58.19
CA THR E 204 24.38 30.56 -58.49
C THR E 204 23.13 29.71 -58.64
N VAL E 205 23.29 28.41 -58.94
CA VAL E 205 22.13 27.54 -59.08
C VAL E 205 21.31 27.50 -57.79
N ASP E 206 21.97 27.66 -56.64
CA ASP E 206 21.22 27.76 -55.39
C ASP E 206 20.45 29.08 -55.30
N TYR E 207 21.11 30.19 -55.65
CA TYR E 207 20.51 31.52 -55.47
C TYR E 207 19.17 31.63 -56.17
N TRP E 208 19.10 31.24 -57.44
CA TRP E 208 17.82 31.23 -58.14
C TRP E 208 16.79 30.42 -57.38
N SER E 209 17.15 29.19 -56.98
CA SER E 209 16.23 28.35 -56.23
C SER E 209 15.81 29.00 -54.92
N PHE E 210 16.65 29.88 -54.38
CA PHE E 210 16.26 30.63 -53.20
C PHE E 210 15.28 31.74 -53.55
N GLY E 211 15.55 32.48 -54.64
CA GLY E 211 14.75 33.64 -54.98
C GLY E 211 13.28 33.29 -55.14
N THR E 212 12.99 32.20 -55.84
CA THR E 212 11.61 31.74 -55.97
C THR E 212 11.03 31.39 -54.61
N LEU E 213 11.79 30.64 -53.80
CA LEU E 213 11.27 30.17 -52.51
C LEU E 213 10.79 31.32 -51.64
N ALA E 214 11.65 32.32 -51.43
CA ALA E 214 11.28 33.46 -50.61
C ALA E 214 10.00 34.11 -51.14
N PHE E 215 9.84 34.15 -52.46
CA PHE E 215 8.63 34.73 -53.04
C PHE E 215 7.39 33.99 -52.54
N GLU E 216 7.40 32.66 -52.63
CA GLU E 216 6.25 31.90 -52.16
C GLU E 216 6.10 31.99 -50.65
N CYS E 217 7.14 32.42 -49.93
CA CYS E 217 7.03 32.63 -48.50
C CYS E 217 6.41 33.98 -48.14
N ILE E 218 6.28 34.89 -49.10
CA ILE E 218 5.76 36.23 -48.84
C ILE E 218 4.39 36.43 -49.48
N THR E 219 4.25 36.07 -50.75
CA THR E 219 2.99 36.26 -51.47
C THR E 219 2.10 35.03 -51.43
N GLY E 220 2.69 33.84 -51.51
CA GLY E 220 1.97 32.58 -51.45
C GLY E 220 2.05 31.76 -52.72
N PHE E 221 2.33 32.38 -53.86
CA PHE E 221 2.43 31.67 -55.13
C PHE E 221 3.84 31.79 -55.68
N ARG E 222 4.17 30.87 -56.58
CA ARG E 222 5.49 30.85 -57.19
C ARG E 222 5.68 32.08 -58.09
N PRO E 223 6.87 32.68 -58.08
CA PRO E 223 7.05 33.91 -58.87
C PRO E 223 7.03 33.68 -60.37
N PHE E 224 7.72 32.65 -60.85
CA PHE E 224 7.87 32.39 -62.28
C PHE E 224 6.99 31.21 -62.64
N LEU E 225 5.84 31.48 -63.27
CA LEU E 225 5.02 30.43 -63.85
C LEU E 225 4.60 29.41 -62.80
N PRO E 226 3.61 29.72 -61.97
CA PRO E 226 3.28 28.85 -60.83
C PRO E 226 2.90 27.44 -61.23
N ASN E 227 3.79 26.50 -60.92
CA ASN E 227 3.60 25.07 -61.21
C ASN E 227 3.41 24.83 -62.71
N TRP E 228 4.15 25.56 -63.52
CA TRP E 228 4.15 25.40 -64.96
C TRP E 228 5.37 24.61 -65.42
N GLN E 229 5.20 23.89 -66.51
CA GLN E 229 6.26 23.05 -67.04
C GLN E 229 7.48 23.91 -67.42
N PRO E 230 8.69 23.37 -67.29
CA PRO E 230 9.89 24.17 -67.61
C PRO E 230 10.03 24.52 -69.08
N VAL E 231 9.32 23.81 -69.97
CA VAL E 231 9.46 24.02 -71.41
C VAL E 231 9.10 25.46 -71.77
N GLN E 232 7.88 25.87 -71.42
CA GLN E 232 7.49 27.26 -71.62
C GLN E 232 8.08 28.18 -70.55
N TRP E 233 8.61 27.62 -69.47
CA TRP E 233 9.21 28.44 -68.41
C TRP E 233 10.48 29.13 -68.89
N HIS E 234 11.32 28.42 -69.64
CA HIS E 234 12.57 29.01 -70.10
C HIS E 234 12.34 30.20 -71.03
N SER E 235 11.32 30.10 -71.89
CA SER E 235 11.05 31.16 -72.86
C SER E 235 10.68 32.48 -72.19
N LYS E 236 9.88 32.42 -71.12
CA LYS E 236 9.47 33.64 -70.45
C LYS E 236 10.58 34.22 -69.59
N VAL E 237 11.59 33.43 -69.25
CA VAL E 237 12.75 33.97 -68.56
C VAL E 237 13.71 34.63 -69.54
N ARG E 238 13.82 34.10 -70.77
CA ARG E 238 14.73 34.72 -71.73
C ARG E 238 14.28 36.12 -72.15
N GLN E 239 12.97 36.35 -72.24
CA GLN E 239 12.48 37.65 -72.70
C GLN E 239 12.45 38.71 -71.59
N LYS E 240 12.18 38.31 -70.35
CA LYS E 240 11.97 39.28 -69.28
C LYS E 240 13.25 40.02 -68.92
N SER E 241 13.08 41.26 -68.46
CA SER E 241 14.18 42.07 -67.97
C SER E 241 14.55 41.65 -66.55
N GLU E 242 15.76 42.05 -66.14
CA GLU E 242 16.26 41.67 -64.82
C GLU E 242 15.52 42.36 -63.68
N VAL E 243 14.83 43.47 -63.95
CA VAL E 243 14.12 44.17 -62.89
C VAL E 243 12.79 43.50 -62.58
N ASP E 244 12.12 42.92 -63.58
CA ASP E 244 10.86 42.24 -63.35
C ASP E 244 11.10 40.99 -62.50
N ILE E 245 10.36 40.88 -61.39
CA ILE E 245 10.53 39.77 -60.47
C ILE E 245 9.38 38.77 -60.59
N VAL E 246 8.16 39.22 -60.81
CA VAL E 246 7.00 38.33 -60.88
C VAL E 246 6.56 38.17 -62.32
N VAL E 247 6.46 36.93 -62.77
CA VAL E 247 6.07 36.57 -64.14
C VAL E 247 4.84 35.69 -64.03
N SER E 248 3.68 36.21 -64.41
CA SER E 248 2.45 35.45 -64.22
C SER E 248 1.42 35.83 -65.26
N GLU E 249 0.46 34.93 -65.48
CA GLU E 249 -0.66 35.15 -66.38
C GLU E 249 -1.95 35.28 -65.59
N ASP E 250 -2.79 36.23 -65.98
CA ASP E 250 -4.04 36.47 -65.29
C ASP E 250 -5.09 35.44 -65.73
N LEU E 251 -6.35 35.70 -65.37
CA LEU E 251 -7.41 34.75 -65.69
C LEU E 251 -7.62 34.60 -67.19
N ASN E 252 -7.40 35.68 -67.96
CA ASN E 252 -7.56 35.58 -69.41
C ASN E 252 -6.45 34.74 -70.04
N GLY E 253 -5.21 34.90 -69.57
CA GLY E 253 -4.10 34.18 -70.13
C GLY E 253 -3.07 35.07 -70.79
N THR E 254 -2.92 36.29 -70.29
CA THR E 254 -1.97 37.25 -70.81
C THR E 254 -0.76 37.31 -69.88
N VAL E 255 0.44 37.12 -70.45
CA VAL E 255 1.66 37.15 -69.67
C VAL E 255 1.91 38.56 -69.14
N LYS E 256 2.41 38.65 -67.91
CA LYS E 256 2.70 39.93 -67.27
C LYS E 256 3.99 39.79 -66.48
N PHE E 257 4.84 40.81 -66.61
CA PHE E 257 6.14 40.89 -65.92
C PHE E 257 6.11 42.14 -65.06
N SER E 258 5.95 41.97 -63.74
CA SER E 258 5.92 43.09 -62.83
C SER E 258 7.19 43.13 -62.00
N SER E 259 7.73 44.34 -61.83
CA SER E 259 8.96 44.59 -61.10
C SER E 259 8.73 44.81 -59.60
N SER E 260 7.55 45.30 -59.22
CA SER E 260 7.26 45.54 -57.82
C SER E 260 6.74 44.27 -57.16
N LEU E 261 6.87 44.22 -55.83
CA LEU E 261 6.43 43.05 -55.08
C LEU E 261 4.91 43.02 -55.04
N PRO E 262 4.27 41.94 -55.51
CA PRO E 262 2.81 41.91 -55.59
C PRO E 262 2.15 41.87 -54.23
N TYR E 263 0.86 42.20 -54.23
CA TYR E 263 -0.04 42.19 -53.09
C TYR E 263 -0.83 40.90 -53.05
N PRO E 264 -1.34 40.49 -51.87
CA PRO E 264 -1.17 41.08 -50.54
C PRO E 264 -0.03 40.44 -49.76
N ASN E 265 1.04 41.18 -49.50
CA ASN E 265 2.12 40.68 -48.67
C ASN E 265 1.95 41.14 -47.23
N ASN E 266 2.59 40.42 -46.32
CA ASN E 266 2.52 40.71 -44.89
C ASN E 266 3.70 41.58 -44.42
N LEU E 267 4.33 42.30 -45.33
CA LEU E 267 5.48 43.14 -45.04
C LEU E 267 5.07 44.59 -44.89
N ASN E 268 5.94 45.37 -44.27
CA ASN E 268 5.75 46.81 -44.14
C ASN E 268 6.36 47.49 -45.36
N SER E 269 6.50 48.82 -45.30
CA SER E 269 6.96 49.58 -46.46
C SER E 269 8.43 49.29 -46.77
N VAL E 270 9.32 49.59 -45.82
CA VAL E 270 10.76 49.47 -46.07
C VAL E 270 11.12 48.02 -46.31
N LEU E 271 10.49 47.10 -45.58
CA LEU E 271 10.75 45.68 -45.81
C LEU E 271 10.40 45.28 -47.24
N ALA E 272 9.21 45.68 -47.71
CA ALA E 272 8.79 45.30 -49.05
C ALA E 272 9.73 45.88 -50.12
N GLU E 273 10.08 47.17 -49.99
CA GLU E 273 10.91 47.78 -51.03
C GLU E 273 12.32 47.18 -51.02
N ARG E 274 12.94 47.06 -49.84
CA ARG E 274 14.31 46.54 -49.78
C ARG E 274 14.35 45.07 -50.21
N LEU E 275 13.33 44.28 -49.87
CA LEU E 275 13.33 42.89 -50.29
C LEU E 275 13.04 42.76 -51.78
N GLU E 276 12.29 43.70 -52.35
CA GLU E 276 12.13 43.71 -53.81
C GLU E 276 13.46 44.01 -54.49
N LYS E 277 14.21 44.97 -53.95
CA LYS E 277 15.54 45.26 -54.51
C LYS E 277 16.46 44.05 -54.36
N TRP E 278 16.40 43.36 -53.22
CA TRP E 278 17.22 42.18 -53.03
C TRP E 278 16.83 41.06 -53.98
N LEU E 279 15.53 40.90 -54.24
CA LEU E 279 15.09 39.89 -55.20
C LEU E 279 15.58 40.22 -56.60
N GLN E 280 15.56 41.50 -56.97
CA GLN E 280 16.16 41.90 -58.25
C GLN E 280 17.65 41.60 -58.26
N LEU E 281 18.32 41.78 -57.12
CA LEU E 281 19.75 41.50 -57.03
C LEU E 281 20.06 40.01 -57.04
N MET E 282 19.09 39.15 -56.73
CA MET E 282 19.31 37.72 -56.67
C MET E 282 18.93 36.97 -57.94
N LEU E 283 18.10 37.56 -58.80
CA LEU E 283 17.59 36.89 -59.99
C LEU E 283 18.19 37.54 -61.25
N MET E 284 19.34 37.04 -61.66
CA MET E 284 19.98 37.45 -62.91
C MET E 284 20.31 36.21 -63.73
N TRP E 285 20.41 36.41 -65.04
CA TRP E 285 20.67 35.30 -65.96
C TRP E 285 22.16 34.99 -66.09
N HIS E 286 22.97 36.03 -66.29
CA HIS E 286 24.40 35.82 -66.48
C HIS E 286 25.04 35.31 -65.18
N PRO E 287 25.94 34.33 -65.25
CA PRO E 287 26.50 33.78 -64.01
C PRO E 287 27.38 34.76 -63.26
N ARG E 288 28.24 35.50 -63.96
CA ARG E 288 29.15 36.41 -63.26
C ARG E 288 28.41 37.64 -62.75
N GLN E 289 27.33 38.05 -63.42
CA GLN E 289 26.57 39.21 -62.99
C GLN E 289 25.57 38.89 -61.89
N ARG E 290 25.23 37.62 -61.69
CA ARG E 290 24.27 37.25 -60.67
C ARG E 290 24.86 37.45 -59.28
N GLY E 291 24.12 38.14 -58.41
CA GLY E 291 24.59 38.41 -57.07
C GLY E 291 25.54 39.57 -56.96
N THR E 292 25.94 40.18 -58.07
CA THR E 292 26.89 41.29 -58.06
C THR E 292 26.20 42.54 -57.54
N ASP E 293 26.46 42.87 -56.28
CA ASP E 293 25.89 44.06 -55.66
C ASP E 293 26.73 45.28 -56.00
N PRO E 294 26.10 46.41 -56.35
CA PRO E 294 26.87 47.60 -56.71
C PRO E 294 27.48 48.32 -55.51
N THR E 295 27.41 47.70 -54.34
CA THR E 295 28.00 48.26 -53.13
C THR E 295 28.99 47.33 -52.45
N TYR E 296 28.73 46.01 -52.46
CA TYR E 296 29.59 45.03 -51.80
C TYR E 296 30.28 44.13 -52.80
N GLY E 297 30.56 44.63 -54.00
CA GLY E 297 31.28 43.88 -55.00
C GLY E 297 30.49 42.71 -55.54
N PRO E 298 31.16 41.78 -56.22
CA PRO E 298 30.47 40.62 -56.79
C PRO E 298 30.17 39.57 -55.73
N ASN E 299 29.01 38.92 -55.89
CA ASN E 299 28.54 37.87 -54.97
C ASN E 299 28.48 38.37 -53.54
N GLY E 300 28.03 39.61 -53.35
CA GLY E 300 27.91 40.19 -52.03
C GLY E 300 26.47 40.31 -51.56
N CYS E 301 25.65 39.32 -51.90
CA CYS E 301 24.24 39.36 -51.49
C CYS E 301 24.06 39.06 -50.02
N PHE E 302 24.97 38.27 -49.43
CA PHE E 302 24.87 37.94 -48.01
C PHE E 302 24.92 39.20 -47.16
N LYS E 303 25.92 40.05 -47.40
CA LYS E 303 26.08 41.26 -46.59
C LYS E 303 24.99 42.29 -46.90
N ALA E 304 24.49 42.33 -48.14
CA ALA E 304 23.36 43.21 -48.44
C ALA E 304 22.11 42.78 -47.67
N LEU E 305 21.84 41.47 -47.62
CA LEU E 305 20.71 40.99 -46.85
C LEU E 305 20.92 41.21 -45.36
N ASP E 306 22.16 41.12 -44.89
CA ASP E 306 22.45 41.42 -43.49
C ASP E 306 22.18 42.89 -43.19
N ASP E 307 22.55 43.78 -44.11
CA ASP E 307 22.25 45.20 -43.94
C ASP E 307 20.75 45.44 -43.92
N ILE E 308 20.00 44.69 -44.73
CA ILE E 308 18.54 44.82 -44.71
C ILE E 308 17.99 44.34 -43.37
N LEU E 309 18.52 43.23 -42.85
CA LEU E 309 18.01 42.67 -41.60
C LEU E 309 18.36 43.55 -40.39
N ASN E 310 19.57 44.12 -40.38
CA ASN E 310 20.02 44.91 -39.24
C ASN E 310 19.26 46.23 -39.08
N LEU E 311 18.47 46.62 -40.07
CA LEU E 311 17.74 47.89 -40.00
C LEU E 311 16.70 47.83 -38.89
N LYS E 312 16.86 48.71 -37.90
CA LYS E 312 15.88 48.86 -36.82
C LYS E 312 14.66 49.58 -37.36
N LEU E 313 13.57 48.83 -37.57
CA LEU E 313 12.36 49.39 -38.15
C LEU E 313 11.42 49.88 -37.04
N VAL E 314 10.88 51.08 -37.22
CA VAL E 314 9.94 51.68 -36.27
C VAL E 314 8.64 51.92 -37.01
N HIS E 315 7.54 51.45 -36.43
CA HIS E 315 6.21 51.58 -37.03
C HIS E 315 5.42 52.65 -36.29
N ILE E 316 4.92 53.64 -37.03
CA ILE E 316 4.13 54.73 -36.49
C ILE E 316 2.78 54.74 -37.18
N LEU E 317 1.71 54.72 -36.39
CA LEU E 317 0.35 54.73 -36.89
C LEU E 317 -0.22 56.13 -36.73
N ASN E 318 -0.34 56.86 -37.84
CA ASN E 318 -0.99 58.15 -37.84
C ASN E 318 -2.50 57.93 -37.78
N MET E 319 -3.12 58.39 -36.68
CA MET E 319 -4.53 58.14 -36.46
C MET E 319 -5.43 59.13 -37.18
N VAL E 320 -4.91 60.30 -37.55
CA VAL E 320 -5.70 61.26 -38.31
C VAL E 320 -6.04 60.70 -39.68
N THR E 321 -5.05 60.10 -40.35
CA THR E 321 -5.26 59.39 -41.60
C THR E 321 -5.31 57.89 -41.42
N GLY E 322 -4.93 57.37 -40.25
CA GLY E 322 -4.95 55.94 -40.01
C GLY E 322 -4.00 55.16 -40.88
N THR E 323 -2.80 55.68 -41.09
CA THR E 323 -1.82 55.06 -41.98
C THR E 323 -0.58 54.64 -41.21
N ILE E 324 0.01 53.52 -41.62
CA ILE E 324 1.19 52.96 -40.98
C ILE E 324 2.42 53.38 -41.78
N HIS E 325 3.39 53.99 -41.10
CA HIS E 325 4.64 54.44 -41.70
C HIS E 325 5.80 53.74 -41.02
N THR E 326 6.71 53.18 -41.82
CA THR E 326 7.88 52.47 -41.32
C THR E 326 9.12 53.32 -41.55
N TYR E 327 9.94 53.46 -40.50
CA TYR E 327 11.14 54.29 -40.57
C TYR E 327 12.36 53.48 -40.15
N PRO E 328 13.47 53.58 -40.88
CA PRO E 328 14.71 52.94 -40.45
C PRO E 328 15.49 53.85 -39.51
N VAL E 329 15.70 53.42 -38.27
CA VAL E 329 16.34 54.21 -37.23
C VAL E 329 17.65 53.55 -36.84
N THR E 330 18.73 54.34 -36.80
CA THR E 330 20.01 53.81 -36.38
C THR E 330 19.97 53.49 -34.88
N GLU E 331 21.08 52.95 -34.36
CA GLU E 331 21.08 52.50 -32.97
C GLU E 331 20.91 53.65 -31.99
N ASP E 332 21.37 54.85 -32.35
CA ASP E 332 21.32 56.01 -31.44
C ASP E 332 20.83 57.24 -32.19
N GLU E 333 19.74 57.11 -32.93
CA GLU E 333 19.15 58.23 -33.64
C GLU E 333 18.25 59.01 -32.69
N SER E 334 18.50 60.32 -32.58
CA SER E 334 17.79 61.14 -31.60
C SER E 334 16.29 61.17 -31.91
N LEU E 335 15.50 61.29 -30.84
CA LEU E 335 14.05 61.30 -30.99
C LEU E 335 13.58 62.50 -31.78
N GLN E 336 14.19 63.67 -31.57
CA GLN E 336 13.75 64.88 -32.25
C GLN E 336 13.98 64.80 -33.75
N SER E 337 15.06 64.17 -34.20
CA SER E 337 15.30 64.05 -35.64
C SER E 337 14.24 63.17 -36.30
N LEU E 338 13.89 62.05 -35.68
CA LEU E 338 12.84 61.21 -36.23
C LEU E 338 11.48 61.90 -36.16
N LYS E 339 11.25 62.69 -35.11
CA LYS E 339 10.02 63.48 -35.05
C LYS E 339 9.96 64.50 -36.17
N ALA E 340 11.11 65.09 -36.50
CA ALA E 340 11.17 66.01 -37.65
C ALA E 340 10.87 65.27 -38.95
N ARG E 341 11.39 64.06 -39.10
CA ARG E 341 11.08 63.28 -40.30
C ARG E 341 9.59 62.96 -40.39
N ILE E 342 8.97 62.62 -39.26
CA ILE E 342 7.53 62.35 -39.25
C ILE E 342 6.75 63.62 -39.57
N GLN E 343 7.21 64.76 -39.06
CA GLN E 343 6.57 66.03 -39.37
C GLN E 343 6.65 66.33 -40.86
N GLN E 344 7.81 66.05 -41.48
CA GLN E 344 7.95 66.25 -42.91
C GLN E 344 7.04 65.32 -43.70
N ASP E 345 6.90 64.07 -43.25
CA ASP E 345 6.06 63.12 -43.96
C ASP E 345 4.57 63.38 -43.74
N THR E 346 4.13 63.33 -42.48
CA THR E 346 2.71 63.50 -42.19
C THR E 346 2.28 64.95 -42.38
N GLY E 347 2.86 65.87 -41.61
CA GLY E 347 2.55 67.27 -41.74
C GLY E 347 2.14 67.92 -40.43
N ILE E 348 2.31 67.20 -39.33
CA ILE E 348 2.00 67.71 -38.00
C ILE E 348 3.31 68.11 -37.32
N PRO E 349 3.42 69.33 -36.79
CA PRO E 349 4.67 69.75 -36.18
C PRO E 349 4.99 68.96 -34.92
N GLU E 350 6.26 69.05 -34.51
CA GLU E 350 6.72 68.27 -33.35
C GLU E 350 5.99 68.68 -32.07
N GLU E 351 5.61 69.94 -31.95
CA GLU E 351 4.90 70.39 -30.76
C GLU E 351 3.53 69.75 -30.65
N ASP E 352 2.81 69.63 -31.76
CA ASP E 352 1.47 69.06 -31.77
C ASP E 352 1.48 67.54 -31.91
N GLN E 353 2.66 66.92 -31.97
CA GLN E 353 2.76 65.48 -32.09
C GLN E 353 2.58 64.83 -30.72
N GLU E 354 1.76 63.80 -30.65
CA GLU E 354 1.54 63.03 -29.43
C GLU E 354 1.88 61.58 -29.74
N LEU E 355 3.05 61.14 -29.29
CA LEU E 355 3.50 59.77 -29.50
C LEU E 355 3.11 58.92 -28.30
N LEU E 356 2.33 57.87 -28.54
CA LEU E 356 1.80 57.02 -27.48
C LEU E 356 2.10 55.57 -27.80
N GLN E 357 2.23 54.77 -26.75
CA GLN E 357 2.49 53.34 -26.91
C GLN E 357 1.17 52.58 -26.75
N GLU E 358 1.27 51.25 -26.70
CA GLU E 358 0.09 50.40 -26.66
C GLU E 358 -0.70 50.55 -25.36
N ALA E 359 -0.06 51.06 -24.30
CA ALA E 359 -0.71 51.17 -23.00
C ALA E 359 -0.67 52.60 -22.48
N GLY E 360 -0.67 53.58 -23.38
CA GLY E 360 -0.70 54.97 -22.97
C GLY E 360 0.57 55.50 -22.35
N LEU E 361 1.73 55.08 -22.86
CA LEU E 361 3.01 55.52 -22.33
C LEU E 361 3.58 56.64 -23.18
N ALA E 362 3.96 57.74 -22.54
CA ALA E 362 4.58 58.88 -23.21
C ALA E 362 6.05 58.58 -23.48
N LEU E 363 6.57 59.12 -24.58
CA LEU E 363 7.95 58.89 -24.94
C LEU E 363 8.87 59.65 -23.98
N ILE E 364 9.86 58.93 -23.43
CA ILE E 364 10.71 59.47 -22.38
C ILE E 364 11.76 60.43 -22.94
N PRO E 365 11.79 61.68 -22.49
CA PRO E 365 12.81 62.63 -22.94
C PRO E 365 14.08 62.54 -22.09
N ASP E 366 15.22 62.20 -22.69
CA ASP E 366 15.51 62.19 -24.11
C ASP E 366 16.15 60.87 -24.52
N LYS E 367 15.52 59.77 -24.11
CA LYS E 367 16.02 58.45 -24.47
C LYS E 367 15.94 58.24 -25.98
N PRO E 368 16.97 57.64 -26.58
CA PRO E 368 16.97 57.44 -28.03
C PRO E 368 15.74 56.67 -28.50
N ALA E 369 15.38 56.89 -29.77
CA ALA E 369 14.13 56.34 -30.29
C ALA E 369 14.15 54.83 -30.45
N THR E 370 15.32 54.19 -30.32
CA THR E 370 15.32 52.73 -30.40
C THR E 370 14.69 52.10 -29.17
N GLN E 371 14.22 52.92 -28.23
CA GLN E 371 13.44 52.41 -27.11
C GLN E 371 12.09 51.93 -27.59
N CYS E 372 11.65 52.36 -28.77
CA CYS E 372 10.38 51.91 -29.33
C CYS E 372 10.45 50.49 -29.89
N ILE E 373 11.63 49.86 -29.90
CA ILE E 373 11.84 48.58 -30.56
C ILE E 373 12.27 47.57 -29.50
N SER E 374 11.66 46.38 -29.55
CA SER E 374 12.09 45.27 -28.70
C SER E 374 12.48 44.05 -29.55
N THR E 383 5.12 40.06 -34.87
CA THR E 383 3.87 40.77 -35.12
C THR E 383 4.03 42.27 -34.86
N LEU E 384 3.57 43.07 -35.82
CA LEU E 384 3.64 44.54 -35.78
C LEU E 384 2.71 45.17 -34.74
N ASP E 385 2.04 44.37 -33.91
CA ASP E 385 1.13 44.88 -32.90
C ASP E 385 1.81 45.13 -31.55
N MET E 386 3.10 44.86 -31.42
CA MET E 386 3.80 45.09 -30.16
C MET E 386 4.74 46.28 -30.19
N ASP E 387 5.49 46.47 -31.27
CA ASP E 387 6.44 47.57 -31.40
C ASP E 387 5.85 48.80 -32.10
N LEU E 388 4.53 48.95 -32.13
CA LEU E 388 3.90 50.06 -32.84
C LEU E 388 3.68 51.25 -31.91
N VAL E 389 3.79 52.46 -32.49
CA VAL E 389 3.56 53.70 -31.76
C VAL E 389 2.49 54.51 -32.47
N PHE E 390 1.47 54.92 -31.72
CA PHE E 390 0.38 55.73 -32.27
C PHE E 390 0.73 57.22 -32.22
N LEU E 391 0.24 57.96 -33.20
CA LEU E 391 0.52 59.39 -33.32
C LEU E 391 -0.80 60.15 -33.35
N PHE E 392 -0.95 61.12 -32.44
CA PHE E 392 -2.14 61.96 -32.37
C PHE E 392 -1.77 63.42 -32.55
N ASP E 393 -2.77 64.23 -32.90
CA ASP E 393 -2.60 65.66 -33.15
C ASP E 393 -3.43 66.44 -32.14
N ASN E 394 -2.84 67.51 -31.60
CA ASN E 394 -3.49 68.34 -30.58
C ASN E 394 -4.35 69.47 -31.14
N SER E 395 -4.04 70.01 -32.32
CA SER E 395 -4.73 71.22 -32.77
C SER E 395 -6.21 70.99 -33.02
N LYS E 396 -6.56 69.98 -33.80
CA LYS E 396 -7.97 69.74 -34.12
C LYS E 396 -8.69 69.13 -32.93
N ILE E 397 -9.93 69.58 -32.71
CA ILE E 397 -10.71 69.08 -31.58
C ILE E 397 -11.50 67.83 -31.98
N THR E 398 -12.05 67.80 -33.19
CA THR E 398 -12.73 66.61 -33.69
C THR E 398 -12.13 66.23 -35.04
N TYR E 399 -11.99 64.92 -35.26
CA TYR E 399 -11.37 64.36 -36.44
C TYR E 399 -12.41 63.60 -37.26
N GLU E 400 -12.05 63.31 -38.51
CA GLU E 400 -13.00 62.66 -39.40
C GLU E 400 -13.16 61.19 -39.05
N THR E 401 -14.37 60.68 -39.29
CA THR E 401 -14.73 59.31 -38.96
C THR E 401 -14.28 58.29 -40.02
N GLN E 402 -13.69 58.74 -41.13
CA GLN E 402 -13.30 57.85 -42.21
C GLN E 402 -11.85 58.11 -42.61
N ILE E 403 -11.12 57.05 -42.92
CA ILE E 403 -9.70 57.15 -43.23
C ILE E 403 -9.38 56.46 -44.55
N SER E 404 -10.32 56.46 -45.49
CA SER E 404 -10.15 55.98 -46.86
C SER E 404 -10.05 54.45 -46.90
N PRO E 405 -10.46 53.81 -47.99
CA PRO E 405 -10.40 52.36 -48.08
C PRO E 405 -9.00 51.89 -48.48
N ARG E 406 -8.87 50.57 -48.65
CA ARG E 406 -7.65 49.82 -48.92
C ARG E 406 -7.56 49.41 -50.39
N PRO E 407 -6.35 49.40 -50.94
CA PRO E 407 -6.16 48.98 -52.33
C PRO E 407 -6.42 47.49 -52.51
N GLN E 408 -6.76 47.11 -53.75
CA GLN E 408 -7.08 45.73 -54.04
C GLN E 408 -6.27 45.24 -55.24
N PRO E 409 -5.86 43.98 -55.24
CA PRO E 409 -5.06 43.44 -56.35
C PRO E 409 -5.85 43.41 -57.65
N GLU E 410 -5.13 43.10 -58.73
CA GLU E 410 -5.75 43.09 -60.05
C GLU E 410 -6.77 41.96 -60.18
N SER E 411 -6.42 40.77 -59.70
CA SER E 411 -7.34 39.64 -59.79
C SER E 411 -8.59 39.87 -58.96
N VAL E 412 -8.44 40.43 -57.75
CA VAL E 412 -9.59 40.69 -56.89
C VAL E 412 -10.53 41.70 -57.54
N SER E 413 -9.98 42.77 -58.12
CA SER E 413 -10.81 43.76 -58.80
C SER E 413 -11.51 43.15 -60.01
N CYS E 414 -10.77 42.33 -60.78
CA CYS E 414 -11.36 41.73 -61.97
C CYS E 414 -12.48 40.75 -61.63
N ILE E 415 -12.34 40.02 -60.52
CA ILE E 415 -13.40 39.11 -60.11
C ILE E 415 -14.54 39.85 -59.41
N LEU E 416 -14.28 41.05 -58.87
CA LEU E 416 -15.35 41.85 -58.28
C LEU E 416 -16.21 42.50 -59.35
N GLN E 417 -15.60 42.92 -60.46
CA GLN E 417 -16.38 43.52 -61.54
C GLN E 417 -17.37 42.54 -62.17
N GLU E 418 -17.10 41.23 -62.07
CA GLU E 418 -18.00 40.22 -62.62
C GLU E 418 -17.97 38.99 -61.73
N PRO E 419 -18.86 38.94 -60.72
CA PRO E 419 -18.89 37.79 -59.81
C PRO E 419 -19.39 36.50 -60.43
N LYS E 420 -20.02 36.55 -61.61
CA LYS E 420 -20.59 35.35 -62.24
C LYS E 420 -19.66 34.77 -63.30
N ARG E 421 -18.35 34.78 -63.07
CA ARG E 421 -17.39 34.21 -64.01
C ARG E 421 -16.94 32.85 -63.47
N ASN E 422 -17.33 31.79 -64.16
CA ASN E 422 -16.98 30.42 -63.78
C ASN E 422 -15.57 30.13 -64.26
N LEU E 423 -14.59 30.41 -63.40
CA LEU E 423 -13.18 30.22 -63.73
C LEU E 423 -12.69 28.89 -63.14
N ALA E 424 -11.49 28.51 -63.56
CA ALA E 424 -10.91 27.23 -63.16
C ALA E 424 -10.73 27.17 -61.64
N PHE E 425 -10.59 25.94 -61.14
CA PHE E 425 -10.47 25.73 -59.70
C PHE E 425 -9.22 26.38 -59.14
N PHE E 426 -8.09 26.25 -59.83
CA PHE E 426 -6.84 26.77 -59.29
C PHE E 426 -6.78 28.29 -59.34
N GLN E 427 -7.52 28.93 -60.25
CA GLN E 427 -7.63 30.38 -60.24
C GLN E 427 -8.59 30.84 -59.15
N LEU E 428 -9.69 30.10 -58.97
CA LEU E 428 -10.66 30.43 -57.93
C LEU E 428 -10.02 30.31 -56.56
N ARG E 429 -9.19 29.30 -56.35
CA ARG E 429 -8.47 29.18 -55.08
C ARG E 429 -7.66 30.43 -54.79
N LYS E 430 -6.89 30.90 -55.77
CA LYS E 430 -6.04 32.07 -55.57
C LYS E 430 -6.89 33.31 -55.25
N VAL E 431 -7.93 33.56 -56.04
CA VAL E 431 -8.69 34.79 -55.85
C VAL E 431 -9.48 34.75 -54.54
N TRP E 432 -10.03 33.59 -54.19
CA TRP E 432 -10.76 33.45 -52.93
C TRP E 432 -9.84 33.60 -51.73
N GLY E 433 -8.65 33.00 -51.80
CA GLY E 433 -7.67 33.19 -50.74
C GLY E 433 -7.27 34.64 -50.58
N GLN E 434 -7.08 35.36 -51.70
CA GLN E 434 -6.74 36.77 -51.62
C GLN E 434 -7.86 37.58 -51.00
N VAL E 435 -9.12 37.26 -51.34
CA VAL E 435 -10.26 37.96 -50.75
C VAL E 435 -10.31 37.72 -49.24
N TRP E 436 -10.11 36.46 -48.83
CA TRP E 436 -10.09 36.15 -47.40
C TRP E 436 -8.97 36.89 -46.69
N HIS E 437 -7.79 36.95 -47.33
CA HIS E 437 -6.67 37.69 -46.73
C HIS E 437 -7.00 39.17 -46.61
N SER E 438 -7.69 39.74 -47.60
CA SER E 438 -8.09 41.15 -47.50
C SER E 438 -9.07 41.36 -46.35
N ILE E 439 -10.02 40.44 -46.17
CA ILE E 439 -10.95 40.56 -45.05
C ILE E 439 -10.20 40.49 -43.72
N GLN E 440 -9.26 39.55 -43.62
CA GLN E 440 -8.46 39.44 -42.39
C GLN E 440 -7.62 40.69 -42.15
N THR E 441 -7.09 41.28 -43.22
CA THR E 441 -6.33 42.51 -43.10
C THR E 441 -7.21 43.65 -42.59
N LEU E 442 -8.44 43.74 -43.09
CA LEU E 442 -9.36 44.76 -42.60
C LEU E 442 -9.66 44.54 -41.12
N LYS E 443 -9.83 43.29 -40.71
CA LYS E 443 -10.05 42.99 -39.29
C LYS E 443 -8.85 43.41 -38.45
N GLU E 444 -7.64 43.13 -38.95
CA GLU E 444 -6.43 43.53 -38.22
C GLU E 444 -6.33 45.05 -38.10
N ASP E 445 -6.66 45.77 -39.17
CA ASP E 445 -6.62 47.23 -39.12
C ASP E 445 -7.64 47.78 -38.11
N CYS E 446 -8.83 47.19 -38.08
CA CYS E 446 -9.82 47.59 -37.09
C CYS E 446 -9.30 47.35 -35.68
N ASN E 447 -8.65 46.20 -35.45
CA ASN E 447 -8.08 45.92 -34.14
C ASN E 447 -7.01 46.94 -33.77
N ARG E 448 -6.16 47.32 -34.73
CA ARG E 448 -5.13 48.33 -34.47
C ARG E 448 -5.74 49.66 -34.09
N LEU E 449 -6.78 50.10 -34.81
CA LEU E 449 -7.42 51.37 -34.48
C LEU E 449 -8.06 51.32 -33.11
N GLN E 450 -8.72 50.21 -32.77
CA GLN E 450 -9.33 50.08 -31.45
C GLN E 450 -8.28 50.11 -30.35
N GLN E 451 -7.13 49.46 -30.59
CA GLN E 451 -6.05 49.46 -29.61
C GLN E 451 -5.50 50.88 -29.42
N GLY E 452 -5.36 51.64 -30.51
CA GLY E 452 -4.92 53.01 -30.38
C GLY E 452 -5.89 53.86 -29.57
N GLN E 453 -7.19 53.71 -29.83
CA GLN E 453 -8.18 54.45 -29.05
C GLN E 453 -8.12 54.07 -27.58
N ARG E 454 -7.96 52.77 -27.29
CA ARG E 454 -7.85 52.33 -25.90
C ARG E 454 -6.60 52.90 -25.24
N ALA E 455 -5.49 52.99 -25.97
CA ALA E 455 -4.28 53.58 -25.42
C ALA E 455 -4.48 55.05 -25.08
N ALA E 456 -5.16 55.79 -25.97
CA ALA E 456 -5.47 57.18 -25.66
C ALA E 456 -6.33 57.29 -24.41
N MET E 457 -7.32 56.39 -24.27
CA MET E 457 -8.15 56.38 -23.08
C MET E 457 -7.34 56.09 -21.82
N MET E 458 -6.37 55.18 -21.93
CA MET E 458 -5.50 54.87 -20.79
C MET E 458 -4.68 56.09 -20.37
N ASN E 459 -4.12 56.81 -21.35
CA ASN E 459 -3.39 58.03 -21.01
C ASN E 459 -4.28 59.04 -20.31
N LEU E 460 -5.51 59.20 -20.82
CA LEU E 460 -6.44 60.12 -20.17
C LEU E 460 -6.75 59.67 -18.75
N LEU E 461 -6.88 58.36 -18.53
CA LEU E 461 -7.16 57.85 -17.19
C LEU E 461 -6.00 58.11 -16.24
N ARG E 462 -4.76 57.97 -16.73
CA ARG E 462 -3.60 58.31 -15.91
C ARG E 462 -3.64 59.77 -15.49
N ASN E 463 -3.90 60.66 -16.45
CA ASN E 463 -3.99 62.08 -16.11
C ASN E 463 -5.13 62.35 -15.13
N ASN E 464 -6.24 61.63 -15.27
CA ASN E 464 -7.37 61.80 -14.36
C ASN E 464 -7.02 61.37 -12.94
N SER E 465 -6.29 60.26 -12.79
CA SER E 465 -5.85 59.84 -11.47
C SER E 465 -4.92 60.87 -10.84
N CYS E 466 -3.98 61.39 -11.62
CA CYS E 466 -3.10 62.43 -11.10
C CYS E 466 -3.89 63.66 -10.67
N LEU E 467 -4.90 64.04 -11.46
CA LEU E 467 -5.71 65.20 -11.12
C LEU E 467 -6.56 64.97 -9.88
N SER E 468 -7.04 63.73 -9.67
CA SER E 468 -7.79 63.43 -8.45
C SER E 468 -6.89 63.53 -7.22
N LYS E 469 -5.66 63.01 -7.31
CA LYS E 469 -4.74 63.14 -6.19
C LYS E 469 -4.43 64.61 -5.90
N MET E 470 -4.21 65.41 -6.96
CA MET E 470 -3.98 66.83 -6.76
C MET E 470 -5.21 67.53 -6.19
N LYS E 471 -6.40 67.09 -6.57
CA LYS E 471 -7.62 67.64 -5.99
C LYS E 471 -7.67 67.41 -4.49
N ASN E 472 -7.32 66.19 -4.06
CA ASN E 472 -7.29 65.91 -2.63
C ASN E 472 -6.26 66.77 -1.91
N SER E 473 -5.07 66.92 -2.52
CA SER E 473 -4.04 67.76 -1.90
C SER E 473 -4.50 69.21 -1.78
N MET E 474 -5.11 69.74 -2.84
CA MET E 474 -5.58 71.12 -2.83
C MET E 474 -6.70 71.32 -1.82
N ALA E 475 -7.58 70.31 -1.69
CA ALA E 475 -8.63 70.39 -0.68
C ALA E 475 -8.02 70.44 0.72
N SER E 476 -6.97 69.63 0.96
CA SER E 476 -6.28 69.69 2.24
C SER E 476 -5.70 71.08 2.49
N MET E 477 -5.04 71.64 1.48
CA MET E 477 -4.43 72.96 1.64
C MET E 477 -5.48 74.03 1.91
N SER E 478 -6.60 73.98 1.20
CA SER E 478 -7.67 74.95 1.41
C SER E 478 -8.29 74.80 2.79
N GLN E 479 -8.48 73.56 3.26
CA GLN E 479 -9.08 73.32 4.56
C GLN E 479 -8.18 73.81 5.68
N GLN E 480 -6.86 73.66 5.54
CA GLN E 480 -5.95 74.19 6.54
C GLN E 480 -6.08 75.71 6.64
N LEU E 481 -6.23 76.39 5.51
CA LEU E 481 -6.41 77.85 5.49
C LEU E 481 -7.68 78.25 6.24
N CYS E 526 -7.16 86.06 0.75
CA CYS E 526 -6.70 84.67 0.83
C CYS E 526 -7.85 83.69 0.73
N GLY E 527 -9.04 84.12 1.19
CA GLY E 527 -10.20 83.27 1.13
C GLY E 527 -10.73 83.09 -0.28
N ARG E 528 -10.50 81.90 -0.84
CA ARG E 528 -10.90 81.59 -2.21
C ARG E 528 -11.99 80.53 -2.27
N GLU E 529 -12.91 80.53 -1.30
CA GLU E 529 -13.92 79.48 -1.23
C GLU E 529 -14.69 79.34 -2.54
N ASN E 530 -15.09 80.46 -3.13
CA ASN E 530 -15.84 80.40 -4.39
C ASN E 530 -14.96 79.93 -5.55
N GLU E 531 -13.74 80.48 -5.65
CA GLU E 531 -12.83 80.07 -6.72
C GLU E 531 -12.42 78.61 -6.60
N VAL E 532 -12.09 78.19 -5.38
CA VAL E 532 -11.73 76.79 -5.14
C VAL E 532 -12.92 75.89 -5.46
N LYS E 533 -14.12 76.30 -5.05
CA LYS E 533 -15.32 75.51 -5.34
C LYS E 533 -15.55 75.39 -6.84
N LEU E 534 -15.35 76.49 -7.58
CA LEU E 534 -15.49 76.44 -9.03
C LEU E 534 -14.52 75.42 -9.64
N LEU E 535 -13.25 75.48 -9.23
CA LEU E 535 -12.28 74.53 -9.79
C LEU E 535 -12.61 73.10 -9.41
N VAL E 536 -13.06 72.87 -8.18
CA VAL E 536 -13.41 71.52 -7.73
C VAL E 536 -14.62 71.00 -8.50
N GLU E 537 -15.62 71.84 -8.71
CA GLU E 537 -16.80 71.40 -9.44
C GLU E 537 -16.47 71.10 -10.90
N ARG E 538 -15.60 71.91 -11.52
CA ARG E 538 -15.18 71.62 -12.88
C ARG E 538 -14.43 70.30 -12.95
N MET E 539 -13.53 70.05 -11.98
CA MET E 539 -12.80 68.78 -11.97
C MET E 539 -13.74 67.59 -11.76
N MET E 540 -14.74 67.75 -10.89
CA MET E 540 -15.69 66.67 -10.67
C MET E 540 -16.52 66.39 -11.91
N ALA E 541 -16.98 67.44 -12.59
CA ALA E 541 -17.72 67.25 -13.85
C ALA E 541 -16.85 66.55 -14.88
N LEU E 542 -15.57 66.93 -14.96
CA LEU E 542 -14.66 66.26 -15.88
C LEU E 542 -14.51 64.79 -15.54
N GLN E 543 -14.39 64.46 -14.26
CA GLN E 543 -14.25 63.06 -13.86
C GLN E 543 -15.49 62.24 -14.22
N THR E 544 -16.69 62.80 -13.98
CA THR E 544 -17.90 62.09 -14.35
C THR E 544 -18.00 61.91 -15.86
N ASP E 545 -17.64 62.95 -16.62
CA ASP E 545 -17.66 62.83 -18.08
C ASP E 545 -16.67 61.78 -18.56
N ILE E 546 -15.52 61.67 -17.90
CA ILE E 546 -14.54 60.65 -18.27
C ILE E 546 -15.10 59.25 -18.00
N VAL E 547 -15.69 59.04 -16.83
CA VAL E 547 -16.11 57.69 -16.47
C VAL E 547 -17.42 57.24 -17.12
N ASP E 548 -18.30 58.14 -17.55
CA ASP E 548 -19.58 57.70 -18.09
C ASP E 548 -19.42 56.90 -19.39
N LEU E 549 -18.59 57.38 -20.30
CA LEU E 549 -18.42 56.75 -21.62
C LEU E 549 -17.18 55.88 -21.73
N GLN E 550 -16.45 55.64 -20.65
CA GLN E 550 -15.27 54.76 -20.75
C GLN E 550 -15.66 53.30 -20.97
N ARG E 551 -16.75 52.85 -20.35
CA ARG E 551 -17.23 51.48 -20.52
C ARG E 551 -18.72 51.53 -20.83
N SER E 552 -19.04 51.66 -22.11
CA SER E 552 -20.43 51.68 -22.56
C SER E 552 -20.54 51.24 -24.02
N GLY E 560 -18.49 41.88 -32.96
CA GLY E 560 -18.16 40.52 -33.34
C GLY E 560 -18.61 40.16 -34.74
N THR E 561 -19.37 41.07 -35.36
CA THR E 561 -19.87 40.82 -36.72
C THR E 561 -18.73 40.69 -37.73
N LEU E 562 -17.72 41.57 -37.63
CA LEU E 562 -16.60 41.48 -38.55
C LEU E 562 -15.85 40.17 -38.39
N ASP E 563 -15.63 39.73 -37.15
CA ASP E 563 -14.97 38.45 -36.92
C ASP E 563 -15.82 37.29 -37.45
N ASP E 564 -17.14 37.40 -37.31
CA ASP E 564 -18.02 36.37 -37.86
C ASP E 564 -17.92 36.31 -39.38
N LEU E 565 -17.85 37.48 -40.04
CA LEU E 565 -17.68 37.51 -41.49
C LEU E 565 -16.35 36.88 -41.90
N GLU E 566 -15.28 37.20 -41.16
CA GLU E 566 -13.97 36.60 -41.45
C GLU E 566 -14.02 35.08 -41.27
N GLU E 567 -14.70 34.61 -40.21
CA GLU E 567 -14.84 33.18 -40.00
C GLU E 567 -15.62 32.52 -41.13
N GLN E 568 -16.71 33.17 -41.58
CA GLN E 568 -17.47 32.64 -42.72
C GLN E 568 -16.59 32.55 -43.96
N ALA E 569 -15.78 33.58 -44.21
CA ALA E 569 -14.88 33.55 -45.36
C ALA E 569 -13.91 32.40 -45.25
N ARG E 570 -13.31 32.20 -44.07
CA ARG E 570 -12.36 31.11 -43.88
C ARG E 570 -13.04 29.75 -44.05
N GLU E 571 -14.26 29.61 -43.54
CA GLU E 571 -15.00 28.36 -43.71
C GLU E 571 -15.29 28.08 -45.19
N LEU E 572 -15.70 29.11 -45.93
CA LEU E 572 -15.94 28.94 -47.35
C LEU E 572 -14.65 28.54 -48.08
N TYR E 573 -13.54 29.18 -47.72
CA TYR E 573 -12.24 28.83 -48.31
C TYR E 573 -11.85 27.39 -47.99
N ARG E 574 -12.09 26.96 -46.76
CA ARG E 574 -11.77 25.60 -46.34
C ARG E 574 -12.64 24.58 -47.07
N ARG E 575 -13.91 24.92 -47.33
CA ARG E 575 -14.80 24.03 -48.04
C ARG E 575 -14.26 23.68 -49.42
N LEU E 576 -13.56 24.61 -50.07
CA LEU E 576 -12.91 24.27 -51.33
C LEU E 576 -11.89 23.15 -51.14
N ARG E 577 -11.24 23.11 -49.99
CA ARG E 577 -10.34 22.01 -49.65
C ARG E 577 -11.08 20.83 -49.04
N GLU E 578 -12.41 20.89 -48.94
CA GLU E 578 -13.19 19.78 -48.44
C GLU E 578 -13.82 18.95 -49.55
N LYS E 579 -14.12 19.58 -50.69
CA LYS E 579 -14.54 18.83 -51.86
C LYS E 579 -13.35 18.01 -52.33
N PRO E 580 -13.51 16.72 -52.58
CA PRO E 580 -12.37 15.90 -53.00
C PRO E 580 -11.82 16.36 -54.34
N ARG E 581 -10.67 15.80 -54.71
CA ARG E 581 -9.97 16.22 -55.92
C ARG E 581 -10.75 15.91 -57.19
N ASP E 582 -11.67 14.93 -57.15
CA ASP E 582 -12.47 14.59 -58.30
C ASP E 582 -13.67 15.50 -58.49
N GLN E 583 -14.07 16.24 -57.45
CA GLN E 583 -15.20 17.15 -57.51
C GLN E 583 -14.78 18.61 -57.67
N ARG E 584 -13.53 18.86 -58.03
CA ARG E 584 -13.01 20.22 -58.16
C ARG E 584 -13.50 20.81 -59.47
N THR E 585 -14.76 21.24 -59.47
CA THR E 585 -15.43 21.81 -60.63
C THR E 585 -15.47 23.32 -60.53
N GLU E 586 -15.70 23.96 -61.68
CA GLU E 586 -15.73 25.42 -61.76
C GLU E 586 -17.10 25.97 -61.40
N GLY E 587 -17.11 27.13 -60.75
CA GLY E 587 -18.33 27.80 -60.35
C GLY E 587 -18.13 29.29 -60.22
N ASP E 588 -19.18 29.98 -59.77
CA ASP E 588 -19.16 31.43 -59.61
C ASP E 588 -18.80 31.82 -58.16
N SER E 589 -18.54 33.11 -57.97
CA SER E 589 -18.11 33.63 -56.67
C SER E 589 -19.02 34.73 -56.13
N GLN E 590 -20.34 34.52 -56.19
CA GLN E 590 -21.29 35.54 -55.75
C GLN E 590 -21.21 35.76 -54.24
N GLU E 591 -21.18 34.67 -53.47
CA GLU E 591 -21.28 34.76 -52.02
C GLU E 591 -20.10 35.51 -51.41
N MET E 592 -18.89 35.24 -51.91
CA MET E 592 -17.72 35.90 -51.32
C MET E 592 -17.69 37.39 -51.64
N VAL E 593 -18.16 37.79 -52.82
CA VAL E 593 -18.25 39.21 -53.14
C VAL E 593 -19.28 39.88 -52.22
N ARG E 594 -20.41 39.22 -52.00
CA ARG E 594 -21.40 39.77 -51.06
C ARG E 594 -20.81 39.91 -49.66
N LEU E 595 -20.07 38.90 -49.20
CA LEU E 595 -19.45 38.95 -47.88
C LEU E 595 -18.43 40.09 -47.79
N LEU E 596 -17.64 40.28 -48.85
CA LEU E 596 -16.65 41.35 -48.84
C LEU E 596 -17.33 42.73 -48.76
N LEU E 597 -18.41 42.92 -49.51
CA LEU E 597 -19.12 44.20 -49.45
C LEU E 597 -19.72 44.42 -48.06
N GLN E 598 -20.30 43.37 -47.47
CA GLN E 598 -20.83 43.47 -46.12
C GLN E 598 -19.72 43.83 -45.13
N ALA E 599 -18.56 43.21 -45.28
CA ALA E 599 -17.43 43.49 -44.39
C ALA E 599 -16.97 44.93 -44.52
N ILE E 600 -16.92 45.46 -45.75
CA ILE E 600 -16.50 46.85 -45.94
C ILE E 600 -17.50 47.80 -45.27
N GLN E 601 -18.80 47.54 -45.47
CA GLN E 601 -19.81 48.41 -44.88
C GLN E 601 -19.74 48.39 -43.34
N SER E 602 -19.60 47.18 -42.76
CA SER E 602 -19.50 47.09 -41.31
C SER E 602 -18.20 47.72 -40.81
N PHE E 603 -17.12 47.61 -41.58
CA PHE E 603 -15.85 48.22 -41.19
C PHE E 603 -15.99 49.74 -41.08
N GLU E 604 -16.56 50.38 -42.10
CA GLU E 604 -16.72 51.83 -42.03
C GLU E 604 -17.70 52.22 -40.93
N LYS E 605 -18.76 51.43 -40.75
CA LYS E 605 -19.74 51.73 -39.70
C LYS E 605 -19.11 51.67 -38.31
N LYS E 606 -18.21 50.70 -38.09
CA LYS E 606 -17.54 50.60 -36.79
C LYS E 606 -16.47 51.68 -36.63
N VAL E 607 -15.75 52.01 -37.70
CA VAL E 607 -14.72 53.04 -37.63
C VAL E 607 -15.32 54.39 -37.30
N ARG E 608 -16.55 54.64 -37.77
CA ARG E 608 -17.22 55.89 -37.42
C ARG E 608 -17.37 56.03 -35.90
N VAL E 609 -17.84 54.98 -35.23
CA VAL E 609 -17.99 55.01 -33.78
C VAL E 609 -16.64 55.10 -33.09
N ILE E 610 -15.64 54.40 -33.64
CA ILE E 610 -14.30 54.44 -33.06
C ILE E 610 -13.79 55.89 -33.02
N TYR E 611 -13.92 56.60 -34.14
CA TYR E 611 -13.43 57.97 -34.18
C TYR E 611 -14.31 58.93 -33.39
N THR E 612 -15.62 58.64 -33.28
CA THR E 612 -16.46 59.44 -32.40
C THR E 612 -15.96 59.35 -30.95
N GLN E 613 -15.69 58.13 -30.48
CA GLN E 613 -15.17 57.97 -29.12
C GLN E 613 -13.78 58.58 -28.99
N LEU E 614 -12.96 58.51 -30.04
CA LEU E 614 -11.64 59.14 -29.98
C LEU E 614 -11.74 60.65 -29.82
N SER E 615 -12.66 61.28 -30.55
CA SER E 615 -12.88 62.72 -30.38
C SER E 615 -13.39 63.03 -28.97
N LYS E 616 -14.32 62.22 -28.47
CA LYS E 616 -14.81 62.42 -27.11
C LYS E 616 -13.69 62.32 -26.09
N THR E 617 -12.71 61.43 -26.34
CA THR E 617 -11.59 61.30 -25.42
C THR E 617 -10.64 62.48 -25.51
N VAL E 618 -10.32 62.92 -26.73
CA VAL E 618 -9.32 63.98 -26.90
C VAL E 618 -9.84 65.31 -26.35
N VAL E 619 -11.15 65.57 -26.52
CA VAL E 619 -11.69 66.84 -25.99
C VAL E 619 -11.57 66.88 -24.47
N CYS E 620 -11.84 65.75 -23.80
CA CYS E 620 -11.71 65.72 -22.34
C CYS E 620 -10.25 65.77 -21.90
N LYS E 621 -9.35 65.18 -22.69
CA LYS E 621 -7.92 65.31 -22.39
C LYS E 621 -7.49 66.77 -22.46
N GLN E 622 -7.96 67.49 -23.48
CA GLN E 622 -7.64 68.91 -23.59
C GLN E 622 -8.26 69.69 -22.44
N LYS E 623 -9.47 69.31 -22.02
CA LYS E 623 -10.08 69.99 -20.88
C LYS E 623 -9.27 69.79 -19.60
N ALA E 624 -8.76 68.58 -19.40
CA ALA E 624 -7.90 68.33 -18.23
C ALA E 624 -6.62 69.15 -18.31
N LEU E 625 -6.00 69.20 -19.49
CA LEU E 625 -4.79 70.01 -19.66
C LEU E 625 -5.08 71.49 -19.53
N GLU E 626 -6.34 71.91 -19.73
CA GLU E 626 -6.73 73.29 -19.49
C GLU E 626 -6.93 73.57 -18.01
N LEU E 627 -7.50 72.61 -17.28
CA LEU E 627 -7.76 72.82 -15.86
C LEU E 627 -6.52 72.64 -14.99
N LEU E 628 -5.47 72.02 -15.54
CA LEU E 628 -4.22 71.87 -14.77
C LEU E 628 -3.58 73.21 -14.42
N PRO E 629 -3.26 74.09 -15.38
CA PRO E 629 -2.57 75.34 -15.00
C PRO E 629 -3.44 76.31 -14.21
N LYS E 630 -4.77 76.20 -14.33
CA LYS E 630 -5.65 77.01 -13.49
C LYS E 630 -5.34 76.77 -12.01
N VAL E 631 -5.37 75.50 -11.60
CA VAL E 631 -5.07 75.17 -10.21
C VAL E 631 -3.60 75.43 -9.89
N GLU E 632 -2.71 75.23 -10.87
CA GLU E 632 -1.30 75.55 -10.64
C GLU E 632 -1.11 77.01 -10.24
N GLU E 633 -1.68 77.93 -11.02
CA GLU E 633 -1.55 79.34 -10.69
C GLU E 633 -2.31 79.69 -9.41
N VAL E 634 -3.45 79.04 -9.18
CA VAL E 634 -4.23 79.32 -7.97
C VAL E 634 -3.42 78.99 -6.73
N VAL E 635 -2.77 77.82 -6.72
CA VAL E 635 -1.97 77.44 -5.55
C VAL E 635 -0.71 78.29 -5.47
N SER E 636 -0.11 78.63 -6.62
CA SER E 636 1.07 79.49 -6.60
C SER E 636 0.76 80.87 -6.03
N LEU E 637 -0.49 81.31 -6.16
CA LEU E 637 -0.91 82.57 -5.54
C LEU E 637 -1.26 82.38 -4.07
N MET E 638 -1.94 81.27 -3.76
CA MET E 638 -2.34 81.00 -2.37
C MET E 638 -1.13 80.79 -1.47
N ASN E 639 -0.01 80.31 -2.02
CA ASN E 639 1.19 80.19 -1.20
C ASN E 639 1.65 81.54 -0.68
N GLU E 640 1.76 82.54 -1.57
CA GLU E 640 2.13 83.88 -1.13
C GLU E 640 1.03 84.51 -0.28
N ASP E 641 -0.23 84.17 -0.54
CA ASP E 641 -1.32 84.66 0.32
C ASP E 641 -1.15 84.15 1.74
N GLU E 642 -0.84 82.86 1.90
CA GLU E 642 -0.57 82.29 3.21
C GLU E 642 0.64 82.95 3.85
N LYS E 643 1.68 83.21 3.06
CA LYS E 643 2.86 83.91 3.58
C LYS E 643 2.48 85.28 4.13
N THR E 644 1.65 86.03 3.42
CA THR E 644 1.27 87.37 3.86
C THR E 644 0.44 87.31 5.15
N VAL E 645 -0.44 86.32 5.28
CA VAL E 645 -1.25 86.17 6.49
C VAL E 645 -0.35 85.91 7.69
#